data_1U89
#
_entry.id   1U89
#
_entity_poly.entity_id   1
_entity_poly.type   'polypeptide(L)'
_entity_poly.pdbx_seq_one_letter_code
;GSHMQAATEDGQLLRGVGAAATAVTQALNELLQHVKAHATGAGPAGRYDQATDTILTVTENIFSSMGDAGEMVRQARILA
QATSDLVNAIKADAEGESDLENSRKLLSAAKILADATAKMVEAAKGAAAHPDSEEQQQR
;
_entity_poly.pdbx_strand_id   A
#
# COMPACT_ATOMS: atom_id res chain seq x y z
N GLY A 1 -15.31 -6.31 4.79
CA GLY A 1 -16.22 -6.18 5.97
C GLY A 1 -15.74 -7.01 7.15
N SER A 2 -15.81 -6.43 8.34
CA SER A 2 -15.36 -7.10 9.55
C SER A 2 -16.49 -7.94 10.15
N HIS A 3 -16.15 -9.14 10.60
CA HIS A 3 -17.12 -10.04 11.20
C HIS A 3 -17.38 -9.68 12.66
N MET A 4 -16.75 -10.41 13.55
CA MET A 4 -16.89 -10.21 14.99
C MET A 4 -15.76 -10.91 15.71
N GLN A 5 -14.57 -10.37 15.59
CA GLN A 5 -13.38 -11.02 16.13
C GLN A 5 -12.89 -10.30 17.38
N ALA A 6 -11.83 -9.50 17.23
CA ALA A 6 -11.21 -8.85 18.38
C ALA A 6 -11.38 -7.33 18.31
N ALA A 7 -11.56 -6.72 19.46
CA ALA A 7 -11.69 -5.28 19.55
C ALA A 7 -10.49 -4.70 20.29
N THR A 8 -9.56 -4.13 19.56
CA THR A 8 -8.35 -3.58 20.15
C THR A 8 -8.69 -2.36 21.01
N GLU A 9 -8.54 -2.53 22.32
CA GLU A 9 -8.89 -1.48 23.28
C GLU A 9 -7.98 -0.28 23.13
N ASP A 10 -6.72 -0.54 22.81
CA ASP A 10 -5.72 0.50 22.65
C ASP A 10 -5.73 1.05 21.22
N GLY A 11 -6.63 0.53 20.39
CA GLY A 11 -6.76 1.00 19.03
C GLY A 11 -5.59 0.57 18.15
N GLN A 12 -4.98 -0.56 18.47
CA GLN A 12 -3.85 -1.08 17.70
C GLN A 12 -4.22 -1.30 16.24
N LEU A 13 -5.51 -1.61 16.00
CA LEU A 13 -5.99 -1.83 14.64
C LEU A 13 -5.79 -0.58 13.78
N LEU A 14 -5.99 0.59 14.39
CA LEU A 14 -5.83 1.84 13.68
C LEU A 14 -4.40 2.35 13.82
N ARG A 15 -3.83 2.18 15.01
CA ARG A 15 -2.47 2.64 15.29
C ARG A 15 -1.46 1.96 14.36
N GLY A 16 -1.66 0.67 14.13
CA GLY A 16 -0.78 -0.06 13.26
C GLY A 16 -1.28 -0.09 11.83
N VAL A 17 -2.39 -0.79 11.62
CA VAL A 17 -2.92 -1.00 10.27
C VAL A 17 -3.40 0.31 9.65
N GLY A 18 -4.15 1.09 10.42
CA GLY A 18 -4.66 2.35 9.92
C GLY A 18 -3.56 3.26 9.43
N ALA A 19 -2.50 3.39 10.22
CA ALA A 19 -1.36 4.21 9.85
C ALA A 19 -0.61 3.65 8.65
N ALA A 20 -0.40 2.33 8.66
CA ALA A 20 0.30 1.67 7.57
C ALA A 20 -0.47 1.77 6.26
N ALA A 21 -1.79 1.56 6.35
CA ALA A 21 -2.66 1.64 5.19
C ALA A 21 -2.66 3.07 4.64
N THR A 22 -2.75 4.05 5.54
CA THR A 22 -2.75 5.45 5.15
C THR A 22 -1.50 5.81 4.36
N ALA A 23 -0.36 5.26 4.77
CA ALA A 23 0.90 5.49 4.09
C ALA A 23 0.81 5.05 2.63
N VAL A 24 0.13 3.94 2.39
CA VAL A 24 -0.07 3.43 1.04
C VAL A 24 -1.01 4.31 0.25
N THR A 25 -2.16 4.66 0.84
CA THR A 25 -3.12 5.54 0.20
C THR A 25 -2.47 6.87 -0.21
N GLN A 26 -1.61 7.37 0.66
CA GLN A 26 -0.91 8.61 0.39
C GLN A 26 0.13 8.42 -0.70
N ALA A 27 0.98 7.40 -0.55
CA ALA A 27 2.03 7.12 -1.51
C ALA A 27 1.46 6.89 -2.91
N LEU A 28 0.36 6.15 -2.97
CA LEU A 28 -0.32 5.88 -4.23
C LEU A 28 -0.74 7.18 -4.90
N ASN A 29 -1.37 8.06 -4.14
CA ASN A 29 -1.86 9.33 -4.68
C ASN A 29 -0.69 10.22 -5.07
N GLU A 30 0.36 10.21 -4.26
CA GLU A 30 1.58 10.97 -4.53
C GLU A 30 2.16 10.58 -5.88
N LEU A 31 2.38 9.29 -6.04
CA LEU A 31 2.96 8.74 -7.25
C LEU A 31 2.04 8.95 -8.44
N LEU A 32 0.75 8.72 -8.23
CA LEU A 32 -0.24 8.82 -9.31
C LEU A 32 -0.20 10.17 -10.00
N GLN A 33 -0.32 11.24 -9.23
CA GLN A 33 -0.31 12.58 -9.81
C GLN A 33 1.07 12.92 -10.36
N HIS A 34 2.10 12.33 -9.77
CA HIS A 34 3.47 12.56 -10.21
C HIS A 34 3.73 11.88 -11.56
N VAL A 35 3.25 10.65 -11.72
CA VAL A 35 3.44 9.90 -12.96
C VAL A 35 2.53 10.45 -14.05
N LYS A 36 1.27 10.71 -13.71
CA LYS A 36 0.26 11.15 -14.68
C LYS A 36 0.59 12.54 -15.23
N ALA A 37 1.58 13.21 -14.65
CA ALA A 37 1.99 14.52 -15.13
C ALA A 37 3.44 14.49 -15.60
N HIS A 38 3.99 13.29 -15.74
CA HIS A 38 5.40 13.14 -16.11
C HIS A 38 5.61 11.92 -16.99
N ALA A 39 6.88 11.53 -17.13
CA ALA A 39 7.28 10.35 -17.89
C ALA A 39 7.05 10.54 -19.37
N THR A 40 7.61 9.65 -20.17
CA THR A 40 7.43 9.70 -21.60
C THR A 40 6.40 8.65 -22.04
N GLY A 41 5.26 9.12 -22.53
CA GLY A 41 4.20 8.23 -22.94
C GLY A 41 4.58 7.38 -24.13
N ALA A 42 5.14 6.21 -23.85
CA ALA A 42 5.55 5.28 -24.87
C ALA A 42 5.25 3.84 -24.43
N GLY A 43 3.98 3.50 -24.41
CA GLY A 43 3.57 2.18 -23.93
C GLY A 43 3.21 2.23 -22.47
N PRO A 44 3.71 1.29 -21.65
CA PRO A 44 3.47 1.25 -20.22
C PRO A 44 4.31 2.29 -19.47
N ALA A 45 4.18 3.54 -19.90
CA ALA A 45 4.96 4.63 -19.34
C ALA A 45 4.15 5.91 -19.40
N GLY A 46 4.16 6.68 -18.32
CA GLY A 46 3.37 7.88 -18.26
C GLY A 46 2.17 7.74 -17.35
N ARG A 47 1.68 6.52 -17.17
CA ARG A 47 0.56 6.26 -16.28
C ARG A 47 0.33 4.76 -16.11
N TYR A 48 -0.11 4.39 -14.91
CA TYR A 48 -0.48 3.01 -14.60
C TYR A 48 -1.79 3.02 -13.80
N ASP A 49 -2.82 3.60 -14.41
CA ASP A 49 -4.06 3.89 -13.71
C ASP A 49 -4.70 2.65 -13.11
N GLN A 50 -4.71 1.56 -13.88
CA GLN A 50 -5.32 0.31 -13.43
C GLN A 50 -4.58 -0.26 -12.22
N ALA A 51 -3.26 -0.18 -12.25
CA ALA A 51 -2.44 -0.71 -11.17
C ALA A 51 -2.72 0.04 -9.87
N THR A 52 -2.72 1.36 -9.94
CA THR A 52 -2.93 2.19 -8.77
C THR A 52 -4.36 2.05 -8.27
N ASP A 53 -5.31 1.98 -9.20
CA ASP A 53 -6.72 1.82 -8.87
C ASP A 53 -6.95 0.52 -8.10
N THR A 54 -6.30 -0.55 -8.57
CA THR A 54 -6.41 -1.86 -7.92
C THR A 54 -5.86 -1.82 -6.49
N ILE A 55 -4.74 -1.13 -6.31
CA ILE A 55 -4.11 -1.01 -5.00
C ILE A 55 -5.01 -0.28 -4.00
N LEU A 56 -5.37 0.95 -4.34
CA LEU A 56 -6.18 1.80 -3.46
C LEU A 56 -7.44 1.05 -2.99
N THR A 57 -8.12 0.39 -3.92
CA THR A 57 -9.32 -0.37 -3.57
C THR A 57 -9.01 -1.42 -2.51
N VAL A 58 -7.85 -2.03 -2.61
CA VAL A 58 -7.43 -3.06 -1.65
C VAL A 58 -7.15 -2.43 -0.29
N THR A 59 -6.38 -1.35 -0.27
CA THR A 59 -6.05 -0.67 0.98
C THR A 59 -7.32 -0.17 1.67
N GLU A 60 -8.22 0.40 0.89
CA GLU A 60 -9.47 0.91 1.41
C GLU A 60 -10.36 -0.22 1.91
N ASN A 61 -10.24 -1.39 1.28
CA ASN A 61 -10.99 -2.58 1.72
C ASN A 61 -10.54 -3.00 3.11
N ILE A 62 -9.24 -2.88 3.36
CA ILE A 62 -8.67 -3.21 4.66
C ILE A 62 -9.21 -2.25 5.72
N PHE A 63 -9.43 -1.01 5.32
CA PHE A 63 -10.01 -0.01 6.21
C PHE A 63 -11.43 -0.42 6.62
N SER A 64 -12.20 -0.91 5.66
CA SER A 64 -13.55 -1.36 5.92
C SER A 64 -13.56 -2.62 6.77
N SER A 65 -12.56 -3.48 6.57
CA SER A 65 -12.49 -4.75 7.27
C SER A 65 -11.48 -4.70 8.41
N MET A 66 -11.29 -3.51 8.98
CA MET A 66 -10.35 -3.32 10.07
C MET A 66 -10.83 -4.01 11.34
N GLY A 67 -10.33 -5.21 11.57
CA GLY A 67 -10.73 -5.97 12.73
C GLY A 67 -11.14 -7.38 12.40
N ASP A 68 -11.28 -7.68 11.10
CA ASP A 68 -11.65 -9.01 10.66
C ASP A 68 -10.45 -9.93 10.63
N ALA A 69 -9.29 -9.31 10.55
CA ALA A 69 -7.99 -10.01 10.51
C ALA A 69 -7.81 -10.78 9.21
N GLY A 70 -8.62 -11.81 9.01
CA GLY A 70 -8.48 -12.67 7.85
C GLY A 70 -8.63 -11.93 6.54
N GLU A 71 -9.73 -11.18 6.40
CA GLU A 71 -9.96 -10.39 5.19
C GLU A 71 -8.85 -9.36 4.99
N MET A 72 -8.31 -8.87 6.10
CA MET A 72 -7.24 -7.88 6.06
C MET A 72 -5.99 -8.48 5.43
N VAL A 73 -5.57 -9.64 5.93
CA VAL A 73 -4.39 -10.31 5.41
C VAL A 73 -4.60 -10.73 3.96
N ARG A 74 -5.81 -11.17 3.64
CA ARG A 74 -6.15 -11.57 2.28
C ARG A 74 -5.90 -10.41 1.31
N GLN A 75 -6.50 -9.27 1.61
CA GLN A 75 -6.33 -8.09 0.77
C GLN A 75 -4.88 -7.61 0.80
N ALA A 76 -4.25 -7.69 1.96
CA ALA A 76 -2.86 -7.27 2.11
C ALA A 76 -1.94 -8.09 1.21
N ARG A 77 -2.26 -9.35 1.02
CA ARG A 77 -1.48 -10.23 0.15
C ARG A 77 -1.65 -9.83 -1.31
N ILE A 78 -2.84 -9.33 -1.64
CA ILE A 78 -3.11 -8.81 -2.98
C ILE A 78 -2.40 -7.46 -3.14
N LEU A 79 -2.42 -6.67 -2.07
CA LEU A 79 -1.75 -5.39 -2.03
C LEU A 79 -0.27 -5.54 -2.40
N ALA A 80 0.38 -6.51 -1.78
CA ALA A 80 1.80 -6.77 -2.04
C ALA A 80 2.05 -7.04 -3.52
N GLN A 81 1.18 -7.84 -4.13
CA GLN A 81 1.32 -8.20 -5.53
C GLN A 81 1.10 -6.97 -6.42
N ALA A 82 0.04 -6.24 -6.13
CA ALA A 82 -0.34 -5.08 -6.94
C ALA A 82 0.73 -3.99 -6.90
N THR A 83 1.19 -3.64 -5.71
CA THR A 83 2.18 -2.57 -5.57
C THR A 83 3.53 -2.96 -6.18
N SER A 84 3.94 -4.21 -5.98
CA SER A 84 5.23 -4.66 -6.51
C SER A 84 5.25 -4.57 -8.03
N ASP A 85 4.11 -4.84 -8.65
CA ASP A 85 3.98 -4.73 -10.09
C ASP A 85 4.04 -3.27 -10.53
N LEU A 86 3.37 -2.42 -9.76
CA LEU A 86 3.37 -0.98 -10.01
C LEU A 86 4.79 -0.43 -9.93
N VAL A 87 5.47 -0.73 -8.83
CA VAL A 87 6.82 -0.25 -8.59
C VAL A 87 7.77 -0.73 -9.69
N ASN A 88 7.64 -2.00 -10.07
CA ASN A 88 8.47 -2.58 -11.10
C ASN A 88 8.27 -1.86 -12.44
N ALA A 89 7.03 -1.49 -12.72
CA ALA A 89 6.71 -0.77 -13.95
C ALA A 89 7.40 0.60 -13.95
N ILE A 90 7.34 1.28 -12.82
CA ILE A 90 7.99 2.58 -12.67
C ILE A 90 9.49 2.46 -12.82
N LYS A 91 10.04 1.37 -12.30
CA LYS A 91 11.47 1.10 -12.39
C LYS A 91 11.93 1.09 -13.85
N ALA A 92 11.11 0.51 -14.71
CA ALA A 92 11.42 0.44 -16.13
C ALA A 92 11.18 1.79 -16.81
N ASP A 93 10.10 2.46 -16.42
CA ASP A 93 9.74 3.77 -16.97
C ASP A 93 10.87 4.77 -16.73
N ALA A 94 11.35 4.81 -15.49
CA ALA A 94 12.38 5.75 -15.08
C ALA A 94 13.71 5.51 -15.81
N GLU A 95 13.88 4.29 -16.34
CA GLU A 95 15.11 3.95 -17.04
C GLU A 95 15.21 4.70 -18.36
N GLY A 96 14.07 4.93 -19.00
CA GLY A 96 14.05 5.60 -20.27
C GLY A 96 13.25 6.88 -20.24
N GLU A 97 13.34 7.60 -19.14
CA GLU A 97 12.63 8.86 -18.99
C GLU A 97 13.44 10.01 -19.59
N SER A 98 12.75 11.02 -20.06
CA SER A 98 13.38 12.19 -20.65
C SER A 98 13.83 13.17 -19.57
N ASP A 99 13.22 13.09 -18.40
CA ASP A 99 13.62 13.90 -17.26
C ASP A 99 14.25 13.01 -16.20
N LEU A 100 15.58 13.05 -16.12
CA LEU A 100 16.32 12.18 -15.23
C LEU A 100 16.18 12.61 -13.78
N GLU A 101 15.63 13.80 -13.54
CA GLU A 101 15.28 14.21 -12.20
C GLU A 101 13.96 13.54 -11.83
N ASN A 102 13.00 13.61 -12.73
CA ASN A 102 11.69 13.01 -12.53
C ASN A 102 11.80 11.51 -12.32
N SER A 103 12.67 10.88 -13.10
CA SER A 103 12.89 9.45 -12.99
C SER A 103 13.42 9.10 -11.60
N ARG A 104 14.32 9.93 -11.10
CA ARG A 104 14.85 9.75 -9.75
C ARG A 104 13.73 9.86 -8.73
N LYS A 105 12.90 10.89 -8.88
CA LYS A 105 11.72 11.08 -8.04
C LYS A 105 10.83 9.84 -8.10
N LEU A 106 10.67 9.36 -9.32
CA LEU A 106 9.84 8.20 -9.61
C LEU A 106 10.20 7.01 -8.74
N LEU A 107 11.49 6.71 -8.71
CA LEU A 107 11.98 5.56 -7.98
C LEU A 107 12.01 5.81 -6.48
N SER A 108 12.03 7.09 -6.10
CA SER A 108 11.92 7.45 -4.69
C SER A 108 10.48 7.22 -4.22
N ALA A 109 9.53 7.68 -5.02
CA ALA A 109 8.12 7.49 -4.72
C ALA A 109 7.74 6.01 -4.78
N ALA A 110 8.30 5.32 -5.77
CA ALA A 110 8.08 3.88 -5.92
C ALA A 110 8.59 3.12 -4.71
N LYS A 111 9.66 3.63 -4.10
CA LYS A 111 10.19 3.05 -2.89
C LYS A 111 9.16 3.11 -1.77
N ILE A 112 8.59 4.30 -1.57
CA ILE A 112 7.56 4.50 -0.56
C ILE A 112 6.37 3.58 -0.83
N LEU A 113 6.01 3.43 -2.09
CA LEU A 113 4.92 2.56 -2.50
C LEU A 113 5.11 1.15 -1.94
N ALA A 114 6.25 0.55 -2.26
CA ALA A 114 6.54 -0.82 -1.83
C ALA A 114 6.82 -0.87 -0.33
N ASP A 115 7.51 0.16 0.17
CA ASP A 115 7.89 0.24 1.57
C ASP A 115 6.67 0.26 2.47
N ALA A 116 5.69 1.09 2.10
CA ALA A 116 4.45 1.19 2.86
C ALA A 116 3.62 -0.07 2.72
N THR A 117 3.71 -0.71 1.55
CA THR A 117 2.99 -1.96 1.32
C THR A 117 3.52 -3.06 2.23
N ALA A 118 4.83 -3.09 2.43
CA ALA A 118 5.44 -4.04 3.35
C ALA A 118 4.97 -3.77 4.77
N LYS A 119 4.87 -2.49 5.11
CA LYS A 119 4.40 -2.08 6.43
C LYS A 119 2.91 -2.42 6.58
N MET A 120 2.18 -2.34 5.48
CA MET A 120 0.77 -2.67 5.46
C MET A 120 0.57 -4.15 5.70
N VAL A 121 1.30 -4.97 4.94
CA VAL A 121 1.25 -6.41 5.12
C VAL A 121 1.77 -6.79 6.52
N GLU A 122 2.69 -5.97 7.01
CA GLU A 122 3.26 -6.13 8.34
C GLU A 122 2.19 -5.89 9.41
N ALA A 123 1.49 -4.77 9.26
CA ALA A 123 0.46 -4.36 10.22
C ALA A 123 -0.74 -5.29 10.18
N ALA A 124 -1.18 -5.63 8.97
CA ALA A 124 -2.34 -6.49 8.79
C ALA A 124 -2.12 -7.85 9.45
N LYS A 125 -0.90 -8.35 9.37
CA LYS A 125 -0.56 -9.63 9.99
C LYS A 125 -0.38 -9.46 11.49
N GLY A 126 0.27 -8.38 11.89
CA GLY A 126 0.56 -8.14 13.29
C GLY A 126 -0.69 -7.89 14.12
N ALA A 127 -1.67 -7.23 13.53
CA ALA A 127 -2.90 -6.89 14.24
C ALA A 127 -4.03 -7.85 13.85
N ALA A 128 -3.68 -9.07 13.49
CA ALA A 128 -4.67 -10.08 13.12
C ALA A 128 -5.21 -10.79 14.36
N ALA A 129 -5.62 -9.99 15.35
CA ALA A 129 -6.16 -10.50 16.61
C ALA A 129 -5.15 -11.43 17.29
N HIS A 130 -5.41 -12.74 17.24
CA HIS A 130 -4.48 -13.72 17.77
C HIS A 130 -3.97 -14.60 16.65
N PRO A 131 -2.71 -14.38 16.22
CA PRO A 131 -2.13 -15.05 15.06
C PRO A 131 -1.70 -16.49 15.34
N ASP A 132 -2.60 -17.28 15.93
CA ASP A 132 -2.35 -18.70 16.13
C ASP A 132 -2.86 -19.47 14.92
N SER A 133 -2.07 -19.48 13.87
CA SER A 133 -2.44 -20.16 12.64
C SER A 133 -1.54 -21.36 12.39
N GLU A 134 -0.41 -21.41 13.09
CA GLU A 134 0.56 -22.48 12.91
C GLU A 134 0.89 -23.14 14.24
N GLU A 135 -0.14 -23.39 15.04
CA GLU A 135 0.00 -24.00 16.37
C GLU A 135 1.00 -23.20 17.20
N GLN A 136 0.62 -21.99 17.55
CA GLN A 136 1.50 -21.06 18.24
C GLN A 136 1.58 -21.35 19.74
N GLN A 137 2.17 -22.50 20.06
CA GLN A 137 2.38 -22.92 21.45
C GLN A 137 1.09 -22.93 22.24
N GLN A 138 0.21 -23.86 21.91
CA GLN A 138 -1.03 -24.04 22.66
C GLN A 138 -0.75 -24.79 23.95
N ARG A 139 -1.46 -24.43 25.00
CA ARG A 139 -1.26 -25.07 26.29
C ARG A 139 -2.59 -25.60 26.82
N GLY A 1 -0.20 17.37 22.38
CA GLY A 1 0.22 18.17 21.21
C GLY A 1 -0.59 17.80 19.98
N SER A 2 -0.06 18.10 18.81
CA SER A 2 -0.75 17.79 17.56
C SER A 2 -0.62 16.31 17.22
N HIS A 3 -1.43 15.49 17.89
CA HIS A 3 -1.44 14.06 17.64
C HIS A 3 -2.18 13.76 16.34
N MET A 4 -1.47 13.91 15.22
CA MET A 4 -2.07 13.75 13.91
C MET A 4 -2.33 12.30 13.57
N GLN A 5 -3.45 11.80 14.04
CA GLN A 5 -3.87 10.43 13.77
C GLN A 5 -5.34 10.40 13.36
N ALA A 6 -5.76 11.47 12.69
CA ALA A 6 -7.16 11.66 12.30
C ALA A 6 -8.04 11.79 13.53
N ALA A 7 -8.58 10.67 13.99
CA ALA A 7 -9.37 10.63 15.22
C ALA A 7 -9.12 9.31 15.94
N THR A 8 -7.97 8.72 15.69
CA THR A 8 -7.66 7.41 16.24
C THR A 8 -6.51 7.49 17.25
N GLU A 9 -6.87 7.61 18.52
CA GLU A 9 -5.88 7.63 19.59
C GLU A 9 -5.84 6.27 20.29
N ASP A 10 -6.85 5.46 20.04
CA ASP A 10 -6.94 4.15 20.66
C ASP A 10 -7.26 3.09 19.62
N GLY A 11 -7.17 1.83 20.02
CA GLY A 11 -7.40 0.74 19.11
C GLY A 11 -6.13 0.32 18.40
N GLN A 12 -5.53 -0.77 18.84
CA GLN A 12 -4.27 -1.25 18.27
C GLN A 12 -4.45 -1.57 16.79
N LEU A 13 -5.62 -2.12 16.45
CA LEU A 13 -5.94 -2.47 15.08
C LEU A 13 -5.89 -1.24 14.19
N LEU A 14 -6.63 -0.22 14.56
CA LEU A 14 -6.72 1.00 13.77
C LEU A 14 -5.45 1.83 13.85
N ARG A 15 -4.77 1.78 14.98
CA ARG A 15 -3.54 2.53 15.17
C ARG A 15 -2.44 2.01 14.24
N GLY A 16 -2.24 0.70 14.24
CA GLY A 16 -1.20 0.11 13.42
C GLY A 16 -1.58 0.05 11.95
N VAL A 17 -2.69 -0.62 11.66
CA VAL A 17 -3.11 -0.86 10.28
C VAL A 17 -3.63 0.42 9.65
N GLY A 18 -4.41 1.19 10.41
CA GLY A 18 -5.00 2.41 9.88
C GLY A 18 -3.95 3.42 9.44
N ALA A 19 -2.96 3.65 10.29
CA ALA A 19 -1.90 4.60 9.99
C ALA A 19 -1.04 4.10 8.83
N ALA A 20 -0.81 2.78 8.79
CA ALA A 20 -0.02 2.18 7.73
C ALA A 20 -0.77 2.24 6.40
N ALA A 21 -2.07 1.99 6.46
CA ALA A 21 -2.92 2.05 5.28
C ALA A 21 -2.94 3.46 4.70
N THR A 22 -3.11 4.46 5.56
CA THR A 22 -3.15 5.85 5.14
C THR A 22 -1.81 6.27 4.49
N ALA A 23 -0.73 5.63 4.91
CA ALA A 23 0.58 5.89 4.31
C ALA A 23 0.59 5.46 2.85
N VAL A 24 -0.04 4.32 2.57
CA VAL A 24 -0.14 3.82 1.20
C VAL A 24 -1.00 4.76 0.36
N THR A 25 -2.10 5.21 0.95
CA THR A 25 -2.99 6.18 0.28
C THR A 25 -2.22 7.42 -0.17
N GLN A 26 -1.38 7.92 0.72
CA GLN A 26 -0.58 9.11 0.44
C GLN A 26 0.48 8.82 -0.61
N ALA A 27 1.17 7.71 -0.47
CA ALA A 27 2.23 7.32 -1.39
C ALA A 27 1.68 7.10 -2.80
N LEU A 28 0.51 6.47 -2.88
CA LEU A 28 -0.14 6.23 -4.17
C LEU A 28 -0.51 7.55 -4.83
N ASN A 29 -1.08 8.45 -4.05
CA ASN A 29 -1.47 9.77 -4.55
C ASN A 29 -0.24 10.52 -5.05
N GLU A 30 0.85 10.42 -4.30
CA GLU A 30 2.10 11.09 -4.66
C GLU A 30 2.58 10.63 -6.03
N LEU A 31 2.61 9.33 -6.24
CA LEU A 31 3.05 8.76 -7.49
C LEU A 31 2.10 9.14 -8.63
N LEU A 32 0.80 9.02 -8.36
CA LEU A 32 -0.20 9.36 -9.36
C LEU A 32 -0.08 10.82 -9.77
N GLN A 33 0.11 11.69 -8.80
CA GLN A 33 0.32 13.11 -9.03
C GLN A 33 1.59 13.32 -9.86
N HIS A 34 2.62 12.57 -9.50
CA HIS A 34 3.93 12.67 -10.14
C HIS A 34 3.89 12.17 -11.59
N VAL A 35 3.24 11.04 -11.81
CA VAL A 35 3.14 10.45 -13.15
C VAL A 35 2.18 11.27 -14.03
N LYS A 36 1.27 12.00 -13.41
CA LYS A 36 0.32 12.82 -14.15
C LYS A 36 1.02 13.97 -14.88
N ALA A 37 2.26 14.26 -14.52
CA ALA A 37 3.00 15.34 -15.15
C ALA A 37 4.32 14.85 -15.77
N HIS A 38 4.71 13.63 -15.43
CA HIS A 38 5.98 13.07 -15.91
C HIS A 38 5.79 11.60 -16.27
N ALA A 39 6.73 11.04 -17.03
CA ALA A 39 6.63 9.67 -17.53
C ALA A 39 5.45 9.57 -18.52
N THR A 40 4.25 9.36 -18.00
CA THR A 40 3.06 9.34 -18.83
C THR A 40 2.64 10.76 -19.16
N GLY A 41 3.24 11.31 -20.21
CA GLY A 41 3.03 12.70 -20.56
C GLY A 41 4.35 13.42 -20.74
N ALA A 42 5.44 12.66 -20.76
CA ALA A 42 6.77 13.22 -20.93
C ALA A 42 7.69 12.18 -21.59
N GLY A 43 7.76 11.00 -20.99
CA GLY A 43 8.63 9.96 -21.51
C GLY A 43 7.86 8.89 -22.26
N PRO A 44 8.07 7.61 -21.91
CA PRO A 44 7.44 6.47 -22.60
C PRO A 44 5.94 6.38 -22.33
N ALA A 45 5.52 6.98 -21.24
CA ALA A 45 4.10 7.03 -20.85
C ALA A 45 3.51 5.63 -20.67
N GLY A 46 4.01 4.89 -19.69
CA GLY A 46 3.40 3.63 -19.35
C GLY A 46 2.11 3.86 -18.59
N ARG A 47 1.22 2.88 -18.58
CA ARG A 47 -0.06 3.04 -17.92
C ARG A 47 -0.18 2.12 -16.72
N TYR A 48 -0.25 2.72 -15.54
CA TYR A 48 -0.38 1.96 -14.30
C TYR A 48 -1.50 2.56 -13.44
N ASP A 49 -2.50 3.14 -14.10
CA ASP A 49 -3.62 3.77 -13.41
C ASP A 49 -4.54 2.74 -12.78
N GLN A 50 -4.63 1.58 -13.40
CA GLN A 50 -5.44 0.49 -12.87
C GLN A 50 -4.71 -0.19 -11.73
N ALA A 51 -3.40 -0.33 -11.88
CA ALA A 51 -2.56 -0.94 -10.86
C ALA A 51 -2.63 -0.13 -9.57
N THR A 52 -2.53 1.19 -9.70
CA THR A 52 -2.62 2.07 -8.54
C THR A 52 -4.02 1.98 -7.93
N ASP A 53 -5.03 1.97 -8.80
CA ASP A 53 -6.41 1.86 -8.36
C ASP A 53 -6.64 0.58 -7.58
N THR A 54 -6.10 -0.53 -8.07
CA THR A 54 -6.23 -1.81 -7.41
C THR A 54 -5.64 -1.75 -6.00
N ILE A 55 -4.45 -1.16 -5.89
CA ILE A 55 -3.81 -0.98 -4.59
C ILE A 55 -4.71 -0.21 -3.63
N LEU A 56 -5.09 1.00 -4.04
CA LEU A 56 -5.92 1.86 -3.21
C LEU A 56 -7.26 1.21 -2.87
N THR A 57 -7.78 0.42 -3.80
CA THR A 57 -9.01 -0.31 -3.55
C THR A 57 -8.80 -1.34 -2.44
N VAL A 58 -7.65 -2.01 -2.49
CA VAL A 58 -7.29 -3.00 -1.49
C VAL A 58 -7.12 -2.35 -0.11
N THR A 59 -6.44 -1.21 -0.08
CA THR A 59 -6.25 -0.47 1.17
C THR A 59 -7.59 -0.04 1.74
N GLU A 60 -8.47 0.40 0.86
CA GLU A 60 -9.83 0.77 1.22
C GLU A 60 -10.57 -0.44 1.79
N ASN A 61 -10.40 -1.58 1.13
CA ASN A 61 -11.03 -2.82 1.59
C ASN A 61 -10.59 -3.17 3.00
N ILE A 62 -9.30 -2.98 3.28
CA ILE A 62 -8.74 -3.25 4.59
C ILE A 62 -9.38 -2.32 5.64
N PHE A 63 -9.60 -1.07 5.25
CA PHE A 63 -10.26 -0.10 6.12
C PHE A 63 -11.66 -0.59 6.50
N SER A 64 -12.38 -1.07 5.51
CA SER A 64 -13.73 -1.59 5.73
C SER A 64 -13.71 -2.88 6.54
N SER A 65 -12.81 -3.79 6.17
CA SER A 65 -12.74 -5.11 6.80
C SER A 65 -11.84 -5.08 8.03
N MET A 66 -11.60 -3.90 8.58
CA MET A 66 -10.80 -3.75 9.79
C MET A 66 -11.45 -4.51 10.94
N GLY A 67 -10.86 -5.65 11.29
CA GLY A 67 -11.43 -6.51 12.29
C GLY A 67 -11.38 -7.95 11.84
N ASP A 68 -11.63 -8.15 10.55
CA ASP A 68 -11.53 -9.47 9.95
C ASP A 68 -10.10 -9.71 9.50
N ALA A 69 -9.28 -10.18 10.43
CA ALA A 69 -7.85 -10.37 10.17
C ALA A 69 -7.61 -11.25 8.96
N GLY A 70 -8.44 -12.26 8.78
CA GLY A 70 -8.31 -13.15 7.65
C GLY A 70 -8.42 -12.42 6.32
N GLU A 71 -9.49 -11.64 6.18
CA GLU A 71 -9.72 -10.87 4.95
C GLU A 71 -8.68 -9.76 4.84
N MET A 72 -8.33 -9.17 5.98
CA MET A 72 -7.32 -8.12 6.02
C MET A 72 -5.99 -8.62 5.49
N VAL A 73 -5.55 -9.77 6.00
CA VAL A 73 -4.30 -10.38 5.55
C VAL A 73 -4.40 -10.79 4.08
N ARG A 74 -5.57 -11.32 3.71
CA ARG A 74 -5.81 -11.72 2.32
C ARG A 74 -5.63 -10.53 1.39
N GLN A 75 -6.31 -9.43 1.70
CA GLN A 75 -6.20 -8.21 0.90
C GLN A 75 -4.77 -7.68 0.93
N ALA A 76 -4.15 -7.71 2.10
CA ALA A 76 -2.78 -7.23 2.28
C ALA A 76 -1.82 -8.00 1.37
N ARG A 77 -2.09 -9.28 1.16
CA ARG A 77 -1.28 -10.10 0.26
C ARG A 77 -1.40 -9.62 -1.18
N ILE A 78 -2.63 -9.30 -1.58
CA ILE A 78 -2.89 -8.76 -2.90
C ILE A 78 -2.27 -7.38 -3.03
N LEU A 79 -2.30 -6.63 -1.94
CA LEU A 79 -1.68 -5.31 -1.86
C LEU A 79 -0.19 -5.42 -2.17
N ALA A 80 0.47 -6.37 -1.50
CA ALA A 80 1.90 -6.58 -1.71
C ALA A 80 2.20 -6.97 -3.15
N GLN A 81 1.28 -7.71 -3.76
CA GLN A 81 1.44 -8.12 -5.15
C GLN A 81 1.23 -6.94 -6.09
N ALA A 82 0.14 -6.21 -5.88
CA ALA A 82 -0.22 -5.10 -6.74
C ALA A 82 0.87 -4.02 -6.76
N THR A 83 1.36 -3.65 -5.58
CA THR A 83 2.40 -2.64 -5.49
C THR A 83 3.70 -3.10 -6.14
N SER A 84 3.99 -4.39 -6.03
CA SER A 84 5.19 -4.95 -6.64
C SER A 84 5.14 -4.80 -8.16
N ASP A 85 3.96 -5.04 -8.73
CA ASP A 85 3.75 -4.87 -10.16
C ASP A 85 3.85 -3.39 -10.53
N LEU A 86 3.30 -2.55 -9.67
CA LEU A 86 3.35 -1.11 -9.87
C LEU A 86 4.79 -0.60 -9.88
N VAL A 87 5.54 -0.97 -8.85
CA VAL A 87 6.92 -0.53 -8.70
C VAL A 87 7.78 -1.06 -9.85
N ASN A 88 7.56 -2.31 -10.24
CA ASN A 88 8.28 -2.91 -11.36
C ASN A 88 8.00 -2.16 -12.65
N ALA A 89 6.72 -1.86 -12.89
CA ALA A 89 6.32 -1.12 -14.08
C ALA A 89 7.02 0.23 -14.14
N ILE A 90 7.09 0.92 -13.01
CA ILE A 90 7.77 2.20 -12.92
C ILE A 90 9.27 2.04 -13.09
N LYS A 91 9.82 0.98 -12.49
CA LYS A 91 11.25 0.70 -12.60
C LYS A 91 11.66 0.56 -14.06
N ALA A 92 10.80 -0.08 -14.84
CA ALA A 92 11.05 -0.26 -16.27
C ALA A 92 10.77 1.03 -17.04
N ASP A 93 9.68 1.70 -16.69
CA ASP A 93 9.24 2.90 -17.41
C ASP A 93 10.21 4.06 -17.19
N ALA A 94 10.58 4.30 -15.94
CA ALA A 94 11.45 5.42 -15.58
C ALA A 94 12.81 5.31 -16.25
N GLU A 95 13.21 4.10 -16.58
CA GLU A 95 14.49 3.87 -17.24
C GLU A 95 14.47 4.45 -18.66
N GLY A 96 13.31 4.44 -19.27
CA GLY A 96 13.16 4.99 -20.61
C GLY A 96 12.87 6.47 -20.58
N GLU A 97 12.69 7.01 -19.40
CA GLU A 97 12.43 8.43 -19.23
C GLU A 97 13.73 9.21 -19.42
N SER A 98 13.68 10.21 -20.27
CA SER A 98 14.84 11.02 -20.59
C SER A 98 15.19 11.94 -19.44
N ASP A 99 14.18 12.30 -18.65
CA ASP A 99 14.38 13.15 -17.49
C ASP A 99 14.96 12.33 -16.34
N LEU A 100 16.27 12.39 -16.19
CA LEU A 100 16.96 11.61 -15.17
C LEU A 100 16.52 12.01 -13.76
N GLU A 101 16.35 13.30 -13.54
CA GLU A 101 15.93 13.80 -12.24
C GLU A 101 14.55 13.27 -11.88
N ASN A 102 13.61 13.40 -12.82
CA ASN A 102 12.25 12.90 -12.62
C ASN A 102 12.26 11.38 -12.48
N SER A 103 13.15 10.73 -13.22
CA SER A 103 13.34 9.29 -13.13
C SER A 103 13.68 8.91 -11.68
N ARG A 104 14.62 9.63 -11.10
CA ARG A 104 15.02 9.39 -9.71
C ARG A 104 13.84 9.59 -8.78
N LYS A 105 13.06 10.63 -9.01
CA LYS A 105 11.86 10.90 -8.22
C LYS A 105 10.89 9.74 -8.36
N LEU A 106 10.78 9.24 -9.57
CA LEU A 106 9.87 8.16 -9.91
C LEU A 106 10.15 6.91 -9.10
N LEU A 107 11.41 6.53 -9.09
CA LEU A 107 11.84 5.33 -8.40
C LEU A 107 11.89 5.55 -6.89
N SER A 108 12.08 6.80 -6.48
CA SER A 108 12.03 7.14 -5.07
C SER A 108 10.60 7.04 -4.55
N ALA A 109 9.65 7.52 -5.35
CA ALA A 109 8.24 7.42 -5.00
C ALA A 109 7.80 5.97 -4.98
N ALA A 110 8.23 5.20 -5.98
CA ALA A 110 7.94 3.78 -6.05
C ALA A 110 8.50 3.06 -4.83
N LYS A 111 9.64 3.54 -4.33
CA LYS A 111 10.26 2.97 -3.13
C LYS A 111 9.37 3.22 -1.91
N ILE A 112 8.67 4.35 -1.90
CA ILE A 112 7.71 4.64 -0.83
C ILE A 112 6.49 3.74 -0.96
N LEU A 113 6.08 3.51 -2.21
CA LEU A 113 4.97 2.62 -2.51
C LEU A 113 5.20 1.26 -1.86
N ALA A 114 6.35 0.67 -2.15
CA ALA A 114 6.72 -0.63 -1.58
C ALA A 114 6.90 -0.54 -0.07
N ASP A 115 7.50 0.56 0.38
CA ASP A 115 7.74 0.79 1.80
C ASP A 115 6.42 0.75 2.58
N ALA A 116 5.48 1.59 2.18
CA ALA A 116 4.19 1.66 2.85
C ALA A 116 3.44 0.34 2.73
N THR A 117 3.61 -0.34 1.61
CA THR A 117 2.98 -1.63 1.39
C THR A 117 3.51 -2.68 2.37
N ALA A 118 4.82 -2.70 2.58
CA ALA A 118 5.42 -3.63 3.54
C ALA A 118 4.95 -3.30 4.95
N LYS A 119 4.82 -2.02 5.25
CA LYS A 119 4.33 -1.58 6.54
C LYS A 119 2.88 -2.02 6.72
N MET A 120 2.12 -1.90 5.64
CA MET A 120 0.72 -2.31 5.63
C MET A 120 0.59 -3.81 5.81
N VAL A 121 1.36 -4.56 5.04
CA VAL A 121 1.32 -6.02 5.10
C VAL A 121 1.81 -6.52 6.46
N GLU A 122 2.77 -5.81 7.04
CA GLU A 122 3.31 -6.18 8.33
C GLU A 122 2.34 -5.79 9.45
N ALA A 123 1.65 -4.67 9.27
CA ALA A 123 0.67 -4.22 10.25
C ALA A 123 -0.54 -5.15 10.27
N ALA A 124 -1.08 -5.44 9.09
CA ALA A 124 -2.24 -6.30 8.96
C ALA A 124 -1.96 -7.69 9.52
N LYS A 125 -0.78 -8.22 9.24
CA LYS A 125 -0.38 -9.52 9.72
C LYS A 125 -0.16 -9.52 11.23
N GLY A 126 0.44 -8.44 11.73
CA GLY A 126 0.70 -8.33 13.15
C GLY A 126 -0.57 -8.15 13.96
N ALA A 127 -1.54 -7.48 13.38
CA ALA A 127 -2.81 -7.23 14.06
C ALA A 127 -3.79 -8.38 13.82
N ALA A 128 -3.36 -9.38 13.06
CA ALA A 128 -4.19 -10.53 12.75
C ALA A 128 -4.39 -11.40 13.98
N ALA A 129 -5.62 -11.44 14.48
CA ALA A 129 -5.94 -12.25 15.65
C ALA A 129 -5.90 -13.74 15.32
N HIS A 130 -6.87 -14.18 14.54
CA HIS A 130 -7.00 -15.60 14.21
C HIS A 130 -7.47 -15.75 12.76
N PRO A 131 -6.53 -15.72 11.82
CA PRO A 131 -6.78 -15.94 10.40
C PRO A 131 -6.31 -17.32 9.93
N ASP A 132 -6.44 -17.54 8.61
CA ASP A 132 -5.87 -18.72 7.92
C ASP A 132 -6.64 -20.00 8.21
N SER A 133 -7.01 -20.21 9.46
CA SER A 133 -7.73 -21.41 9.86
C SER A 133 -9.09 -21.48 9.17
N GLU A 134 -9.80 -20.35 9.19
CA GLU A 134 -11.17 -20.27 8.67
C GLU A 134 -12.03 -21.35 9.32
N GLU A 135 -11.98 -21.38 10.65
CA GLU A 135 -12.65 -22.40 11.43
C GLU A 135 -12.63 -22.02 12.91
N GLN A 136 -12.54 -23.04 13.77
CA GLN A 136 -12.51 -22.88 15.22
C GLN A 136 -13.87 -22.46 15.76
N GLN A 137 -14.89 -22.57 14.92
CA GLN A 137 -16.25 -22.19 15.30
C GLN A 137 -17.23 -22.46 14.16
N GLN A 138 -17.74 -23.69 14.11
CA GLN A 138 -18.73 -24.05 13.10
C GLN A 138 -20.13 -23.90 13.67
N ARG A 139 -20.22 -24.00 14.99
CA ARG A 139 -21.49 -23.86 15.68
C ARG A 139 -21.62 -22.46 16.27
N GLY A 1 -22.05 -4.11 26.08
CA GLY A 1 -23.48 -3.95 25.72
C GLY A 1 -24.37 -4.84 26.58
N SER A 2 -25.58 -5.09 26.11
CA SER A 2 -26.51 -5.93 26.83
C SER A 2 -26.21 -7.40 26.60
N HIS A 3 -26.52 -7.87 25.40
CA HIS A 3 -26.30 -9.26 25.04
C HIS A 3 -26.33 -9.42 23.52
N MET A 4 -25.39 -8.75 22.85
CA MET A 4 -25.34 -8.78 21.40
C MET A 4 -23.94 -8.46 20.90
N GLN A 5 -23.28 -9.47 20.35
CA GLN A 5 -21.99 -9.30 19.66
C GLN A 5 -20.91 -8.76 20.60
N ALA A 6 -20.67 -9.47 21.69
CA ALA A 6 -19.59 -9.13 22.60
C ALA A 6 -18.34 -9.90 22.21
N ALA A 7 -17.73 -9.49 21.10
CA ALA A 7 -16.60 -10.22 20.55
C ALA A 7 -15.29 -9.80 21.21
N THR A 8 -14.24 -10.56 20.91
CA THR A 8 -12.91 -10.25 21.42
C THR A 8 -12.27 -9.12 20.62
N GLU A 9 -12.80 -7.92 20.78
CA GLU A 9 -12.34 -6.76 20.03
C GLU A 9 -11.12 -6.13 20.68
N ASP A 10 -10.05 -6.91 20.78
CA ASP A 10 -8.80 -6.44 21.34
C ASP A 10 -7.69 -6.60 20.31
N GLY A 11 -6.97 -5.53 20.04
CA GLY A 11 -5.88 -5.58 19.09
C GLY A 11 -5.50 -4.23 18.57
N GLN A 12 -4.37 -4.17 17.88
CA GLN A 12 -3.87 -2.92 17.30
C GLN A 12 -4.43 -2.73 15.90
N LEU A 13 -5.75 -2.88 15.79
CA LEU A 13 -6.44 -2.86 14.51
C LEU A 13 -6.36 -1.49 13.84
N LEU A 14 -6.96 -0.49 14.47
CA LEU A 14 -7.00 0.84 13.87
C LEU A 14 -5.72 1.61 14.18
N ARG A 15 -5.03 1.21 15.24
CA ARG A 15 -3.80 1.87 15.63
C ARG A 15 -2.66 1.57 14.65
N GLY A 16 -2.46 0.28 14.37
CA GLY A 16 -1.37 -0.11 13.50
C GLY A 16 -1.77 -0.11 12.04
N VAL A 17 -2.80 -0.88 11.73
CA VAL A 17 -3.25 -1.04 10.35
C VAL A 17 -3.76 0.27 9.78
N GLY A 18 -4.49 1.03 10.58
CA GLY A 18 -5.02 2.31 10.13
C GLY A 18 -3.93 3.27 9.71
N ALA A 19 -2.90 3.40 10.55
CA ALA A 19 -1.79 4.30 10.26
C ALA A 19 -0.99 3.82 9.05
N ALA A 20 -0.81 2.51 8.95
CA ALA A 20 -0.06 1.91 7.84
C ALA A 20 -0.82 2.06 6.52
N ALA A 21 -2.11 1.70 6.54
CA ALA A 21 -2.95 1.78 5.35
C ALA A 21 -3.02 3.20 4.83
N THR A 22 -3.16 4.16 5.75
CA THR A 22 -3.22 5.57 5.38
C THR A 22 -1.94 6.00 4.66
N ALA A 23 -0.79 5.50 5.14
CA ALA A 23 0.50 5.82 4.55
C ALA A 23 0.57 5.35 3.10
N VAL A 24 0.17 4.11 2.87
CA VAL A 24 0.20 3.53 1.53
C VAL A 24 -0.68 4.32 0.57
N THR A 25 -1.90 4.61 1.01
CA THR A 25 -2.85 5.36 0.21
C THR A 25 -2.28 6.72 -0.21
N GLN A 26 -1.64 7.40 0.72
CA GLN A 26 -1.09 8.72 0.46
C GLN A 26 0.22 8.63 -0.31
N ALA A 27 0.94 7.53 -0.14
CA ALA A 27 2.16 7.30 -0.91
C ALA A 27 1.79 7.05 -2.37
N LEU A 28 0.74 6.27 -2.58
CA LEU A 28 0.22 6.01 -3.92
C LEU A 28 -0.30 7.31 -4.53
N ASN A 29 -1.03 8.08 -3.73
CA ASN A 29 -1.55 9.38 -4.15
C ASN A 29 -0.40 10.28 -4.58
N GLU A 30 0.65 10.30 -3.76
CA GLU A 30 1.83 11.12 -4.04
C GLU A 30 2.44 10.73 -5.38
N LEU A 31 2.57 9.44 -5.61
CA LEU A 31 3.13 8.94 -6.86
C LEU A 31 2.25 9.34 -8.03
N LEU A 32 0.96 9.10 -7.91
CA LEU A 32 0.01 9.43 -8.97
C LEU A 32 0.06 10.92 -9.29
N GLN A 33 0.07 11.74 -8.24
CA GLN A 33 0.17 13.19 -8.38
C GLN A 33 1.46 13.57 -9.12
N HIS A 34 2.56 12.95 -8.70
CA HIS A 34 3.87 13.24 -9.27
C HIS A 34 3.96 12.79 -10.73
N VAL A 35 3.48 11.59 -11.01
CA VAL A 35 3.56 11.03 -12.36
C VAL A 35 2.66 11.78 -13.33
N LYS A 36 1.45 12.06 -12.89
CA LYS A 36 0.44 12.72 -13.73
C LYS A 36 0.94 14.04 -14.29
N ALA A 37 1.71 14.77 -13.49
CA ALA A 37 2.18 16.09 -13.89
C ALA A 37 3.66 16.08 -14.28
N HIS A 38 4.18 14.93 -14.66
CA HIS A 38 5.60 14.84 -15.00
C HIS A 38 5.88 13.88 -16.15
N ALA A 39 4.90 13.08 -16.55
CA ALA A 39 5.09 12.18 -17.67
C ALA A 39 5.44 12.96 -18.94
N THR A 40 6.25 12.38 -19.80
CA THR A 40 6.69 13.08 -20.99
C THR A 40 6.04 12.53 -22.26
N GLY A 41 5.33 13.41 -22.97
CA GLY A 41 4.68 13.02 -24.21
C GLY A 41 3.61 11.98 -24.00
N ALA A 42 3.42 11.13 -25.00
CA ALA A 42 2.47 10.03 -24.89
C ALA A 42 3.21 8.70 -24.84
N GLY A 43 4.53 8.77 -24.91
CA GLY A 43 5.35 7.58 -24.80
C GLY A 43 5.47 7.12 -23.37
N PRO A 44 6.45 7.64 -22.61
CA PRO A 44 6.54 7.40 -21.18
C PRO A 44 5.49 8.20 -20.41
N ALA A 45 4.24 7.86 -20.64
CA ALA A 45 3.12 8.55 -20.01
C ALA A 45 2.22 7.54 -19.32
N GLY A 46 2.79 6.40 -18.94
CA GLY A 46 2.04 5.40 -18.22
C GLY A 46 1.63 5.88 -16.84
N ARG A 47 0.33 5.95 -16.60
CA ARG A 47 -0.17 6.41 -15.32
C ARG A 47 -0.32 5.26 -14.34
N TYR A 48 -0.02 4.05 -14.81
CA TYR A 48 -0.08 2.84 -13.99
C TYR A 48 -1.44 2.72 -13.31
N ASP A 49 -2.49 2.97 -14.08
CA ASP A 49 -3.83 3.10 -13.53
C ASP A 49 -4.32 1.80 -12.90
N GLN A 50 -4.14 0.68 -13.58
CA GLN A 50 -4.61 -0.59 -13.07
C GLN A 50 -3.89 -0.95 -11.77
N ALA A 51 -2.58 -0.76 -11.75
CA ALA A 51 -1.79 -1.06 -10.57
C ALA A 51 -2.21 -0.19 -9.39
N THR A 52 -2.29 1.12 -9.62
CA THR A 52 -2.67 2.05 -8.59
C THR A 52 -4.10 1.79 -8.12
N ASP A 53 -4.97 1.47 -9.07
CA ASP A 53 -6.36 1.11 -8.78
C ASP A 53 -6.41 -0.08 -7.82
N THR A 54 -5.64 -1.11 -8.13
CA THR A 54 -5.61 -2.31 -7.31
C THR A 54 -5.16 -1.99 -5.88
N ILE A 55 -4.11 -1.19 -5.76
CA ILE A 55 -3.62 -0.79 -4.45
C ILE A 55 -4.68 -0.02 -3.68
N LEU A 56 -5.25 1.01 -4.30
CA LEU A 56 -6.28 1.83 -3.65
C LEU A 56 -7.45 0.97 -3.23
N THR A 57 -7.99 0.19 -4.16
CA THR A 57 -9.14 -0.64 -3.87
C THR A 57 -8.83 -1.61 -2.74
N VAL A 58 -7.65 -2.22 -2.77
CA VAL A 58 -7.25 -3.17 -1.76
C VAL A 58 -7.09 -2.49 -0.39
N THR A 59 -6.35 -1.38 -0.36
CA THR A 59 -6.12 -0.65 0.88
C THR A 59 -7.42 -0.05 1.41
N GLU A 60 -8.23 0.46 0.51
CA GLU A 60 -9.53 1.01 0.87
C GLU A 60 -10.45 -0.09 1.38
N ASN A 61 -10.25 -1.30 0.87
CA ASN A 61 -10.99 -2.48 1.33
C ASN A 61 -10.60 -2.83 2.75
N ILE A 62 -9.34 -2.61 3.09
CA ILE A 62 -8.85 -2.92 4.43
C ILE A 62 -9.51 -2.02 5.47
N PHE A 63 -9.83 -0.80 5.07
CA PHE A 63 -10.51 0.14 5.96
C PHE A 63 -11.92 -0.36 6.29
N SER A 64 -12.51 -1.10 5.36
CA SER A 64 -13.84 -1.67 5.56
C SER A 64 -13.74 -3.03 6.26
N SER A 65 -12.71 -3.79 5.90
CA SER A 65 -12.54 -5.15 6.43
C SER A 65 -11.98 -5.11 7.85
N MET A 66 -11.62 -3.91 8.32
CA MET A 66 -11.10 -3.73 9.67
C MET A 66 -12.00 -4.41 10.69
N GLY A 67 -11.47 -5.45 11.31
CA GLY A 67 -12.24 -6.27 12.22
C GLY A 67 -12.15 -7.74 11.85
N ASP A 68 -12.07 -8.00 10.55
CA ASP A 68 -11.88 -9.34 10.05
C ASP A 68 -10.44 -9.50 9.57
N ALA A 69 -9.61 -10.03 10.45
CA ALA A 69 -8.19 -10.17 10.20
C ALA A 69 -7.91 -11.00 8.94
N GLY A 70 -8.71 -12.04 8.73
CA GLY A 70 -8.53 -12.90 7.58
C GLY A 70 -8.62 -12.15 6.26
N GLU A 71 -9.67 -11.36 6.10
CA GLU A 71 -9.87 -10.58 4.88
C GLU A 71 -8.83 -9.48 4.77
N MET A 72 -8.47 -8.91 5.92
CA MET A 72 -7.46 -7.86 5.97
C MET A 72 -6.12 -8.40 5.46
N VAL A 73 -5.74 -9.59 5.93
CA VAL A 73 -4.53 -10.25 5.48
C VAL A 73 -4.64 -10.59 4.00
N ARG A 74 -5.82 -11.04 3.58
CA ARG A 74 -6.09 -11.34 2.17
C ARG A 74 -5.76 -10.12 1.31
N GLN A 75 -6.38 -8.98 1.62
CA GLN A 75 -6.15 -7.76 0.87
C GLN A 75 -4.69 -7.31 0.99
N ALA A 76 -4.13 -7.41 2.19
CA ALA A 76 -2.73 -7.04 2.41
C ALA A 76 -1.81 -7.83 1.50
N ARG A 77 -2.14 -9.10 1.29
CA ARG A 77 -1.38 -9.96 0.41
C ARG A 77 -1.44 -9.46 -1.04
N ILE A 78 -2.65 -9.06 -1.45
CA ILE A 78 -2.85 -8.51 -2.79
C ILE A 78 -2.17 -7.15 -2.92
N LEU A 79 -2.16 -6.40 -1.82
CA LEU A 79 -1.47 -5.12 -1.77
C LEU A 79 0.00 -5.29 -2.12
N ALA A 80 0.64 -6.26 -1.48
CA ALA A 80 2.03 -6.57 -1.74
C ALA A 80 2.23 -6.92 -3.21
N GLN A 81 1.30 -7.68 -3.76
CA GLN A 81 1.34 -8.09 -5.16
C GLN A 81 1.20 -6.88 -6.09
N ALA A 82 0.26 -6.01 -5.75
CA ALA A 82 -0.04 -4.84 -6.57
C ALA A 82 1.13 -3.86 -6.59
N THR A 83 1.68 -3.55 -5.41
CA THR A 83 2.78 -2.61 -5.31
C THR A 83 4.03 -3.14 -6.00
N SER A 84 4.26 -4.46 -5.92
CA SER A 84 5.41 -5.07 -6.58
C SER A 84 5.29 -4.92 -8.10
N ASP A 85 4.05 -4.83 -8.56
CA ASP A 85 3.79 -4.61 -9.98
C ASP A 85 3.94 -3.13 -10.31
N LEU A 86 3.36 -2.27 -9.47
CA LEU A 86 3.42 -0.83 -9.66
C LEU A 86 4.86 -0.33 -9.70
N VAL A 87 5.63 -0.70 -8.68
CA VAL A 87 7.01 -0.25 -8.58
C VAL A 87 7.85 -0.76 -9.75
N ASN A 88 7.61 -2.01 -10.14
CA ASN A 88 8.34 -2.59 -11.27
C ASN A 88 7.95 -1.92 -12.57
N ALA A 89 6.67 -1.58 -12.70
CA ALA A 89 6.17 -0.87 -13.88
C ALA A 89 6.90 0.44 -14.06
N ILE A 90 6.94 1.23 -12.99
CA ILE A 90 7.63 2.51 -13.01
C ILE A 90 9.12 2.32 -13.22
N LYS A 91 9.68 1.29 -12.59
CA LYS A 91 11.10 0.98 -12.74
C LYS A 91 11.46 0.76 -14.20
N ALA A 92 10.67 -0.07 -14.88
CA ALA A 92 10.92 -0.37 -16.28
C ALA A 92 10.60 0.83 -17.18
N ASP A 93 9.55 1.55 -16.84
CA ASP A 93 9.12 2.72 -17.61
C ASP A 93 10.14 3.84 -17.52
N ALA A 94 10.67 4.04 -16.32
CA ALA A 94 11.66 5.09 -16.07
C ALA A 94 12.98 4.77 -16.76
N GLU A 95 13.21 3.48 -17.01
CA GLU A 95 14.41 3.02 -17.69
C GLU A 95 14.30 3.30 -19.20
N GLY A 96 14.08 4.56 -19.53
CA GLY A 96 13.92 4.98 -20.90
C GLY A 96 12.97 6.14 -21.04
N GLU A 97 13.04 7.07 -20.09
CA GLU A 97 12.18 8.24 -20.07
C GLU A 97 12.79 9.35 -20.93
N SER A 98 11.97 10.32 -21.29
CA SER A 98 12.43 11.47 -22.03
C SER A 98 12.83 12.56 -21.05
N ASP A 99 12.34 12.42 -19.82
CA ASP A 99 12.79 13.25 -18.71
C ASP A 99 13.51 12.38 -17.69
N LEU A 100 14.83 12.35 -17.76
CA LEU A 100 15.62 11.49 -16.91
C LEU A 100 15.72 12.06 -15.50
N GLU A 101 15.25 13.29 -15.33
CA GLU A 101 15.14 13.87 -14.01
C GLU A 101 13.89 13.31 -13.34
N ASN A 102 12.78 13.35 -14.06
CA ASN A 102 11.51 12.82 -13.57
C ASN A 102 11.61 11.34 -13.24
N SER A 103 12.22 10.58 -14.15
CA SER A 103 12.36 9.14 -13.99
C SER A 103 13.10 8.80 -12.70
N ARG A 104 14.13 9.58 -12.39
CA ARG A 104 14.89 9.39 -11.17
C ARG A 104 13.98 9.59 -9.95
N LYS A 105 13.11 10.59 -10.04
CA LYS A 105 12.17 10.90 -8.97
C LYS A 105 11.08 9.83 -8.88
N LEU A 106 10.72 9.27 -10.03
CA LEU A 106 9.71 8.24 -10.12
C LEU A 106 10.08 7.05 -9.25
N LEU A 107 11.35 6.70 -9.29
CA LEU A 107 11.85 5.53 -8.58
C LEU A 107 11.97 5.80 -7.08
N SER A 108 12.20 7.06 -6.70
CA SER A 108 12.24 7.43 -5.29
C SER A 108 10.84 7.39 -4.70
N ALA A 109 9.85 7.78 -5.49
CA ALA A 109 8.46 7.72 -5.07
C ALA A 109 8.00 6.28 -4.94
N ALA A 110 8.42 5.45 -5.89
CA ALA A 110 8.09 4.03 -5.87
C ALA A 110 8.70 3.35 -4.66
N LYS A 111 9.81 3.89 -4.17
CA LYS A 111 10.47 3.38 -2.97
C LYS A 111 9.53 3.47 -1.78
N ILE A 112 8.85 4.61 -1.63
CA ILE A 112 7.91 4.80 -0.54
C ILE A 112 6.72 3.87 -0.69
N LEU A 113 6.31 3.65 -1.94
CA LEU A 113 5.22 2.73 -2.24
C LEU A 113 5.51 1.36 -1.66
N ALA A 114 6.70 0.84 -1.96
CA ALA A 114 7.10 -0.48 -1.50
C ALA A 114 7.25 -0.51 0.02
N ASP A 115 7.91 0.51 0.57
CA ASP A 115 8.17 0.58 2.01
C ASP A 115 6.87 0.63 2.80
N ALA A 116 5.95 1.48 2.37
CA ALA A 116 4.66 1.63 3.03
C ALA A 116 3.85 0.34 2.92
N THR A 117 3.95 -0.32 1.77
CA THR A 117 3.24 -1.58 1.56
C THR A 117 3.75 -2.66 2.50
N ALA A 118 5.07 -2.70 2.71
CA ALA A 118 5.64 -3.65 3.65
C ALA A 118 5.14 -3.37 5.06
N LYS A 119 5.04 -2.09 5.39
CA LYS A 119 4.52 -1.67 6.68
C LYS A 119 3.06 -2.08 6.82
N MET A 120 2.32 -1.92 5.73
CA MET A 120 0.90 -2.29 5.70
C MET A 120 0.74 -3.80 5.89
N VAL A 121 1.48 -4.57 5.10
CA VAL A 121 1.42 -6.02 5.20
C VAL A 121 1.88 -6.47 6.59
N GLU A 122 2.87 -5.77 7.14
CA GLU A 122 3.39 -6.07 8.45
C GLU A 122 2.35 -5.79 9.53
N ALA A 123 1.69 -4.63 9.41
CA ALA A 123 0.68 -4.22 10.37
C ALA A 123 -0.55 -5.11 10.31
N ALA A 124 -1.04 -5.35 9.11
CA ALA A 124 -2.25 -6.15 8.92
C ALA A 124 -2.07 -7.57 9.43
N LYS A 125 -0.92 -8.17 9.12
CA LYS A 125 -0.65 -9.53 9.56
C LYS A 125 -0.31 -9.56 11.04
N GLY A 126 0.35 -8.52 11.51
CA GLY A 126 0.73 -8.45 12.92
C GLY A 126 -0.48 -8.30 13.82
N ALA A 127 -1.39 -7.41 13.45
CA ALA A 127 -2.60 -7.16 14.25
C ALA A 127 -3.59 -8.31 14.12
N ALA A 128 -3.29 -9.24 13.21
CA ALA A 128 -4.16 -10.38 12.97
C ALA A 128 -3.86 -11.53 13.93
N ALA A 129 -2.70 -11.47 14.57
CA ALA A 129 -2.27 -12.55 15.45
C ALA A 129 -1.76 -12.03 16.80
N HIS A 130 -0.92 -11.00 16.74
CA HIS A 130 -0.29 -10.48 17.95
C HIS A 130 -1.06 -9.30 18.52
N PRO A 131 -1.42 -9.37 19.82
CA PRO A 131 -2.05 -8.26 20.53
C PRO A 131 -1.04 -7.17 20.87
N ASP A 132 -1.53 -5.99 21.27
CA ASP A 132 -0.65 -4.91 21.69
C ASP A 132 -0.18 -5.16 23.12
N SER A 133 -0.93 -6.01 23.81
CA SER A 133 -0.61 -6.41 25.17
C SER A 133 0.86 -6.86 25.27
N GLU A 134 1.54 -6.41 26.32
CA GLU A 134 2.96 -6.67 26.50
C GLU A 134 3.21 -8.04 27.12
N GLU A 135 3.11 -9.07 26.29
CA GLU A 135 3.33 -10.45 26.72
C GLU A 135 2.35 -10.84 27.84
N GLN A 136 2.90 -11.07 29.03
CA GLN A 136 2.11 -11.48 30.19
C GLN A 136 1.39 -12.81 29.91
N GLN A 137 2.09 -13.71 29.23
CA GLN A 137 1.55 -15.01 28.89
C GLN A 137 2.04 -16.05 29.88
N GLN A 138 2.24 -15.62 31.13
CA GLN A 138 2.73 -16.50 32.18
C GLN A 138 1.57 -17.23 32.86
N ARG A 139 1.18 -18.36 32.29
CA ARG A 139 0.14 -19.18 32.88
C ARG A 139 0.75 -20.31 33.68
N GLY A 1 -10.54 -11.16 21.72
CA GLY A 1 -11.12 -12.44 22.18
C GLY A 1 -12.53 -12.27 22.66
N SER A 2 -13.29 -13.36 22.66
CA SER A 2 -14.70 -13.32 23.03
C SER A 2 -14.88 -12.88 24.49
N HIS A 3 -13.97 -13.29 25.35
CA HIS A 3 -14.07 -13.00 26.77
C HIS A 3 -13.03 -11.97 27.20
N MET A 4 -12.27 -11.45 26.24
CA MET A 4 -11.21 -10.51 26.55
C MET A 4 -10.76 -9.77 25.30
N GLN A 5 -10.98 -8.47 25.28
CA GLN A 5 -10.50 -7.61 24.21
C GLN A 5 -9.60 -6.53 24.79
N ALA A 6 -9.27 -6.72 26.08
CA ALA A 6 -8.48 -5.76 26.86
C ALA A 6 -9.27 -4.48 27.12
N ALA A 7 -9.52 -3.74 26.06
CA ALA A 7 -10.25 -2.48 26.13
C ALA A 7 -10.50 -1.96 24.72
N THR A 8 -10.41 -0.66 24.55
CA THR A 8 -10.54 -0.06 23.22
C THR A 8 -9.19 0.38 22.70
N GLU A 9 -8.99 0.26 21.40
CA GLU A 9 -7.73 0.63 20.73
C GLU A 9 -6.59 -0.29 21.17
N ASP A 10 -6.91 -1.57 21.31
CA ASP A 10 -5.91 -2.58 21.69
C ASP A 10 -5.19 -3.12 20.46
N GLY A 11 -4.00 -3.66 20.68
CA GLY A 11 -3.22 -4.20 19.59
C GLY A 11 -2.69 -3.10 18.67
N GLN A 12 -2.24 -3.50 17.49
CA GLN A 12 -1.72 -2.54 16.53
C GLN A 12 -2.71 -2.35 15.37
N LEU A 13 -4.00 -2.42 15.69
CA LEU A 13 -5.05 -2.28 14.68
C LEU A 13 -4.95 -0.93 13.98
N LEU A 14 -5.15 0.14 14.72
CA LEU A 14 -5.08 1.47 14.13
C LEU A 14 -3.67 2.01 14.19
N ARG A 15 -2.93 1.62 15.22
CA ARG A 15 -1.55 2.07 15.40
C ARG A 15 -0.67 1.60 14.25
N GLY A 16 -0.86 0.35 13.85
CA GLY A 16 -0.07 -0.21 12.78
C GLY A 16 -0.78 -0.17 11.45
N VAL A 17 -1.86 -0.94 11.34
CA VAL A 17 -2.57 -1.08 10.08
C VAL A 17 -3.13 0.25 9.60
N GLY A 18 -3.85 0.94 10.48
CA GLY A 18 -4.45 2.22 10.13
C GLY A 18 -3.44 3.20 9.56
N ALA A 19 -2.34 3.36 10.27
CA ALA A 19 -1.29 4.30 9.85
C ALA A 19 -0.62 3.85 8.55
N ALA A 20 -0.32 2.55 8.46
CA ALA A 20 0.36 2.00 7.30
C ALA A 20 -0.54 2.07 6.06
N ALA A 21 -1.81 1.74 6.24
CA ALA A 21 -2.78 1.78 5.15
C ALA A 21 -2.92 3.20 4.61
N THR A 22 -2.98 4.17 5.52
CA THR A 22 -3.05 5.57 5.13
C THR A 22 -1.78 5.99 4.39
N ALA A 23 -0.65 5.46 4.84
CA ALA A 23 0.63 5.74 4.20
C ALA A 23 0.64 5.24 2.75
N VAL A 24 0.12 4.03 2.54
CA VAL A 24 0.01 3.48 1.20
C VAL A 24 -0.89 4.35 0.32
N THR A 25 -2.03 4.71 0.87
CA THR A 25 -2.99 5.56 0.16
C THR A 25 -2.34 6.88 -0.26
N GLN A 26 -1.58 7.48 0.64
CA GLN A 26 -0.91 8.74 0.36
C GLN A 26 0.21 8.55 -0.65
N ALA A 27 0.99 7.48 -0.49
CA ALA A 27 2.09 7.17 -1.40
C ALA A 27 1.57 6.98 -2.82
N LEU A 28 0.50 6.20 -2.95
CA LEU A 28 -0.12 5.95 -4.24
C LEU A 28 -0.66 7.25 -4.83
N ASN A 29 -1.32 8.04 -3.99
CA ASN A 29 -1.87 9.33 -4.40
C ASN A 29 -0.75 10.23 -4.93
N GLU A 30 0.37 10.24 -4.22
CA GLU A 30 1.54 11.01 -4.60
C GLU A 30 2.03 10.58 -5.99
N LEU A 31 2.23 9.28 -6.14
CA LEU A 31 2.74 8.72 -7.38
C LEU A 31 1.79 8.97 -8.54
N LEU A 32 0.49 8.88 -8.27
CA LEU A 32 -0.52 9.06 -9.31
C LEU A 32 -0.38 10.41 -10.01
N GLN A 33 -0.35 11.47 -9.22
CA GLN A 33 -0.20 12.82 -9.75
C GLN A 33 1.13 12.96 -10.47
N HIS A 34 2.17 12.40 -9.85
CA HIS A 34 3.52 12.46 -10.39
C HIS A 34 3.61 11.73 -11.73
N VAL A 35 3.08 10.52 -11.79
CA VAL A 35 3.15 9.69 -12.98
C VAL A 35 2.38 10.31 -14.15
N LYS A 36 1.19 10.81 -13.87
CA LYS A 36 0.30 11.34 -14.91
C LYS A 36 0.93 12.51 -15.66
N ALA A 37 1.87 13.18 -15.03
CA ALA A 37 2.55 14.30 -15.66
C ALA A 37 3.99 13.94 -16.02
N HIS A 38 4.56 12.98 -15.30
CA HIS A 38 5.94 12.59 -15.50
C HIS A 38 6.09 11.08 -15.42
N ALA A 39 6.36 10.46 -16.56
CA ALA A 39 6.53 9.02 -16.65
C ALA A 39 7.19 8.65 -17.97
N THR A 40 6.46 8.85 -19.06
CA THR A 40 6.98 8.59 -20.39
C THR A 40 7.02 9.88 -21.21
N GLY A 41 7.61 10.93 -20.64
CA GLY A 41 7.61 12.21 -21.29
C GLY A 41 6.21 12.79 -21.33
N ALA A 42 5.55 12.79 -20.17
CA ALA A 42 4.15 13.18 -20.06
C ALA A 42 3.28 12.26 -20.93
N GLY A 43 2.56 12.85 -21.89
CA GLY A 43 1.71 12.06 -22.77
C GLY A 43 0.63 11.31 -22.02
N PRO A 44 0.38 10.04 -22.38
CA PRO A 44 -0.61 9.21 -21.69
C PRO A 44 -0.07 8.67 -20.37
N ALA A 45 1.22 8.90 -20.13
CA ALA A 45 1.90 8.47 -18.92
C ALA A 45 1.75 6.97 -18.68
N GLY A 46 2.14 6.18 -19.68
CA GLY A 46 2.03 4.73 -19.60
C GLY A 46 0.60 4.29 -19.31
N ARG A 47 0.46 3.28 -18.47
CA ARG A 47 -0.87 2.81 -18.07
C ARG A 47 -0.79 2.12 -16.71
N TYR A 48 -0.99 2.90 -15.66
CA TYR A 48 -0.88 2.39 -14.29
C TYR A 48 -2.26 2.33 -13.66
N ASP A 49 -3.28 2.47 -14.50
CA ASP A 49 -4.67 2.59 -14.06
C ASP A 49 -5.11 1.40 -13.21
N GLN A 50 -4.87 0.20 -13.70
CA GLN A 50 -5.32 -1.00 -13.03
C GLN A 50 -4.52 -1.25 -11.77
N ALA A 51 -3.23 -0.93 -11.84
CA ALA A 51 -2.33 -1.11 -10.70
C ALA A 51 -2.75 -0.22 -9.54
N THR A 52 -2.92 1.07 -9.80
CA THR A 52 -3.28 2.02 -8.76
C THR A 52 -4.69 1.72 -8.25
N ASP A 53 -5.58 1.35 -9.17
CA ASP A 53 -6.95 1.02 -8.83
C ASP A 53 -7.01 -0.17 -7.89
N THR A 54 -6.24 -1.21 -8.19
CA THR A 54 -6.20 -2.40 -7.36
C THR A 54 -5.69 -2.05 -5.96
N ILE A 55 -4.59 -1.30 -5.89
CA ILE A 55 -4.02 -0.91 -4.60
C ILE A 55 -5.01 -0.11 -3.77
N LEU A 56 -5.52 0.98 -4.35
CA LEU A 56 -6.45 1.85 -3.62
C LEU A 56 -7.63 1.07 -3.10
N THR A 57 -8.29 0.32 -3.98
CA THR A 57 -9.45 -0.47 -3.59
C THR A 57 -9.09 -1.46 -2.47
N VAL A 58 -7.94 -2.10 -2.60
CA VAL A 58 -7.47 -3.06 -1.62
C VAL A 58 -7.19 -2.39 -0.28
N THR A 59 -6.40 -1.31 -0.29
CA THR A 59 -6.05 -0.61 0.94
C THR A 59 -7.28 -0.01 1.60
N GLU A 60 -8.16 0.55 0.77
CA GLU A 60 -9.40 1.14 1.25
C GLU A 60 -10.31 0.04 1.82
N ASN A 61 -10.19 -1.17 1.27
CA ASN A 61 -10.96 -2.31 1.75
C ASN A 61 -10.57 -2.66 3.18
N ILE A 62 -9.27 -2.55 3.48
CA ILE A 62 -8.77 -2.86 4.82
C ILE A 62 -9.38 -1.92 5.85
N PHE A 63 -9.64 -0.68 5.46
CA PHE A 63 -10.29 0.27 6.35
C PHE A 63 -11.71 -0.15 6.66
N SER A 64 -12.38 -0.71 5.67
CA SER A 64 -13.76 -1.16 5.83
C SER A 64 -13.80 -2.50 6.57
N SER A 65 -12.78 -3.32 6.37
CA SER A 65 -12.74 -4.64 6.97
C SER A 65 -11.81 -4.68 8.18
N MET A 66 -11.53 -3.51 8.75
CA MET A 66 -10.67 -3.42 9.93
C MET A 66 -11.32 -4.11 11.11
N GLY A 67 -10.90 -5.33 11.36
CA GLY A 67 -11.51 -6.14 12.37
C GLY A 67 -11.59 -7.58 11.94
N ASP A 68 -11.71 -7.79 10.63
CA ASP A 68 -11.68 -9.13 10.08
C ASP A 68 -10.26 -9.49 9.69
N ALA A 69 -9.66 -10.36 10.48
CA ALA A 69 -8.27 -10.76 10.31
C ALA A 69 -8.03 -11.35 8.93
N GLY A 70 -8.91 -12.26 8.53
CA GLY A 70 -8.73 -12.97 7.28
C GLY A 70 -8.83 -12.06 6.08
N GLU A 71 -9.84 -11.20 6.07
CA GLU A 71 -10.03 -10.27 4.97
C GLU A 71 -8.90 -9.25 4.92
N MET A 72 -8.51 -8.75 6.08
CA MET A 72 -7.44 -7.77 6.15
C MET A 72 -6.13 -8.34 5.63
N VAL A 73 -5.82 -9.57 6.03
CA VAL A 73 -4.63 -10.25 5.54
C VAL A 73 -4.77 -10.56 4.05
N ARG A 74 -5.98 -10.95 3.65
CA ARG A 74 -6.27 -11.21 2.25
C ARG A 74 -5.95 -9.99 1.39
N GLN A 75 -6.53 -8.85 1.76
CA GLN A 75 -6.31 -7.62 1.02
C GLN A 75 -4.84 -7.23 1.08
N ALA A 76 -4.24 -7.36 2.24
CA ALA A 76 -2.82 -7.05 2.41
C ALA A 76 -1.96 -7.85 1.45
N ARG A 77 -2.35 -9.09 1.21
CA ARG A 77 -1.64 -9.97 0.28
C ARG A 77 -1.78 -9.44 -1.14
N ILE A 78 -3.00 -9.07 -1.52
CA ILE A 78 -3.25 -8.51 -2.85
C ILE A 78 -2.54 -7.17 -3.01
N LEU A 79 -2.44 -6.43 -1.91
CA LEU A 79 -1.72 -5.17 -1.89
C LEU A 79 -0.26 -5.38 -2.27
N ALA A 80 0.36 -6.36 -1.62
CA ALA A 80 1.76 -6.69 -1.90
C ALA A 80 1.94 -7.10 -3.36
N GLN A 81 0.96 -7.84 -3.87
CA GLN A 81 0.96 -8.26 -5.26
C GLN A 81 0.86 -7.05 -6.20
N ALA A 82 -0.11 -6.19 -5.92
CA ALA A 82 -0.41 -5.06 -6.80
C ALA A 82 0.75 -4.06 -6.84
N THR A 83 1.24 -3.66 -5.68
CA THR A 83 2.30 -2.65 -5.60
C THR A 83 3.60 -3.16 -6.23
N SER A 84 3.84 -4.46 -6.14
CA SER A 84 5.05 -5.04 -6.71
C SER A 84 5.10 -4.81 -8.22
N ASP A 85 3.95 -4.96 -8.87
CA ASP A 85 3.85 -4.72 -10.31
C ASP A 85 3.93 -3.23 -10.60
N LEU A 86 3.28 -2.43 -9.76
CA LEU A 86 3.27 -0.99 -9.92
C LEU A 86 4.70 -0.44 -9.85
N VAL A 87 5.42 -0.81 -8.81
CA VAL A 87 6.78 -0.32 -8.61
C VAL A 87 7.70 -0.83 -9.72
N ASN A 88 7.47 -2.07 -10.16
CA ASN A 88 8.26 -2.65 -11.24
C ASN A 88 8.12 -1.84 -12.52
N ALA A 89 6.88 -1.45 -12.83
CA ALA A 89 6.61 -0.64 -14.01
C ALA A 89 7.32 0.70 -13.91
N ILE A 90 7.23 1.34 -12.75
CA ILE A 90 7.88 2.62 -12.51
C ILE A 90 9.40 2.49 -12.63
N LYS A 91 9.94 1.40 -12.09
CA LYS A 91 11.38 1.15 -12.15
C LYS A 91 11.87 1.13 -13.59
N ALA A 92 11.19 0.37 -14.43
CA ALA A 92 11.56 0.26 -15.84
C ALA A 92 11.35 1.59 -16.56
N ASP A 93 10.24 2.24 -16.25
CA ASP A 93 9.88 3.50 -16.90
C ASP A 93 10.88 4.60 -16.55
N ALA A 94 11.21 4.70 -15.28
CA ALA A 94 12.13 5.73 -14.81
C ALA A 94 13.54 5.50 -15.33
N GLU A 95 13.92 4.23 -15.49
CA GLU A 95 15.21 3.90 -16.07
C GLU A 95 15.27 4.34 -17.53
N GLY A 96 14.14 4.19 -18.21
CA GLY A 96 14.05 4.62 -19.60
C GLY A 96 13.62 6.06 -19.75
N GLU A 97 13.69 6.82 -18.66
CA GLU A 97 13.35 8.23 -18.69
C GLU A 97 14.51 9.04 -19.26
N SER A 98 14.28 10.32 -19.50
CA SER A 98 15.28 11.18 -20.11
C SER A 98 15.92 12.07 -19.06
N ASP A 99 15.14 12.49 -18.07
CA ASP A 99 15.65 13.38 -17.04
C ASP A 99 16.05 12.60 -15.79
N LEU A 100 17.14 13.02 -15.16
CA LEU A 100 17.64 12.34 -13.98
C LEU A 100 16.79 12.65 -12.76
N GLU A 101 16.49 13.92 -12.55
CA GLU A 101 15.71 14.35 -11.39
C GLU A 101 14.32 13.72 -11.41
N ASN A 102 13.67 13.75 -12.56
CA ASN A 102 12.35 13.11 -12.71
C ASN A 102 12.44 11.62 -12.43
N SER A 103 13.50 10.99 -12.91
CA SER A 103 13.73 9.58 -12.67
C SER A 103 13.86 9.31 -11.17
N ARG A 104 14.71 10.10 -10.50
CA ARG A 104 14.91 9.96 -9.06
C ARG A 104 13.60 10.14 -8.31
N LYS A 105 12.84 11.15 -8.70
CA LYS A 105 11.51 11.41 -8.15
C LYS A 105 10.63 10.18 -8.27
N LEU A 106 10.69 9.57 -9.45
CA LEU A 106 9.85 8.44 -9.78
C LEU A 106 10.14 7.24 -8.90
N LEU A 107 11.42 6.91 -8.80
CA LEU A 107 11.84 5.73 -8.09
C LEU A 107 11.77 5.93 -6.57
N SER A 108 11.87 7.17 -6.13
CA SER A 108 11.72 7.48 -4.71
C SER A 108 10.26 7.32 -4.29
N ALA A 109 9.35 7.78 -5.15
CA ALA A 109 7.93 7.62 -4.90
C ALA A 109 7.56 6.14 -4.88
N ALA A 110 8.13 5.40 -5.83
CA ALA A 110 7.92 3.96 -5.90
C ALA A 110 8.52 3.26 -4.68
N LYS A 111 9.58 3.84 -4.13
CA LYS A 111 10.20 3.30 -2.92
C LYS A 111 9.22 3.38 -1.76
N ILE A 112 8.55 4.52 -1.62
CA ILE A 112 7.53 4.67 -0.59
C ILE A 112 6.38 3.71 -0.83
N LEU A 113 5.99 3.58 -2.09
CA LEU A 113 4.93 2.65 -2.49
C LEU A 113 5.22 1.25 -1.98
N ALA A 114 6.38 0.72 -2.36
CA ALA A 114 6.76 -0.64 -2.00
C ALA A 114 6.94 -0.79 -0.50
N ASP A 115 7.66 0.14 0.11
CA ASP A 115 7.96 0.08 1.54
C ASP A 115 6.69 0.16 2.38
N ALA A 116 5.81 1.10 2.04
CA ALA A 116 4.56 1.26 2.76
C ALA A 116 3.70 0.01 2.62
N THR A 117 3.80 -0.65 1.48
CA THR A 117 3.07 -1.88 1.23
C THR A 117 3.57 -2.99 2.14
N ALA A 118 4.89 -3.11 2.27
CA ALA A 118 5.48 -4.09 3.18
C ALA A 118 5.10 -3.80 4.61
N LYS A 119 5.11 -2.52 4.97
CA LYS A 119 4.71 -2.09 6.29
C LYS A 119 3.22 -2.39 6.51
N MET A 120 2.45 -2.27 5.45
CA MET A 120 1.03 -2.57 5.49
C MET A 120 0.80 -4.06 5.71
N VAL A 121 1.49 -4.89 4.91
CA VAL A 121 1.38 -6.33 5.04
C VAL A 121 1.87 -6.78 6.42
N GLU A 122 2.93 -6.14 6.90
CA GLU A 122 3.50 -6.45 8.20
C GLU A 122 2.55 -6.03 9.32
N ALA A 123 1.88 -4.90 9.12
CA ALA A 123 0.93 -4.39 10.11
C ALA A 123 -0.33 -5.26 10.14
N ALA A 124 -0.91 -5.49 8.97
CA ALA A 124 -2.16 -6.26 8.87
C ALA A 124 -2.00 -7.66 9.44
N LYS A 125 -0.86 -8.30 9.16
CA LYS A 125 -0.60 -9.64 9.64
C LYS A 125 -0.28 -9.63 11.13
N GLY A 126 0.22 -8.51 11.62
CA GLY A 126 0.56 -8.40 13.03
C GLY A 126 -0.60 -7.94 13.87
N ALA A 127 -1.64 -7.44 13.23
CA ALA A 127 -2.83 -6.98 13.92
C ALA A 127 -4.07 -7.71 13.44
N ALA A 128 -3.84 -8.89 12.87
CA ALA A 128 -4.93 -9.71 12.38
C ALA A 128 -5.57 -10.50 13.52
N ALA A 129 -6.06 -9.76 14.52
CA ALA A 129 -6.66 -10.36 15.71
C ALA A 129 -5.77 -11.47 16.27
N HIS A 130 -6.30 -12.67 16.44
CA HIS A 130 -5.51 -13.81 16.85
C HIS A 130 -5.76 -14.97 15.90
N PRO A 131 -4.78 -15.86 15.71
CA PRO A 131 -4.92 -17.04 14.84
C PRO A 131 -5.83 -18.11 15.46
N ASP A 132 -7.04 -17.70 15.81
CA ASP A 132 -8.02 -18.59 16.41
C ASP A 132 -9.11 -18.92 15.39
N SER A 133 -8.84 -18.57 14.14
CA SER A 133 -9.78 -18.75 13.06
C SER A 133 -9.94 -20.23 12.70
N GLU A 134 -11.18 -20.65 12.52
CA GLU A 134 -11.47 -22.04 12.16
C GLU A 134 -11.64 -22.16 10.65
N GLU A 135 -10.52 -22.38 9.96
CA GLU A 135 -10.56 -22.53 8.52
C GLU A 135 -10.95 -23.94 8.14
N GLN A 136 -12.02 -24.06 7.38
CA GLN A 136 -12.50 -25.35 6.91
C GLN A 136 -12.97 -25.20 5.48
N GLN A 137 -12.27 -24.32 4.75
CA GLN A 137 -12.70 -23.92 3.42
C GLN A 137 -14.13 -23.41 3.50
N GLN A 138 -15.06 -24.08 2.83
CA GLN A 138 -16.47 -23.77 2.95
C GLN A 138 -17.29 -25.01 2.67
N ARG A 139 -16.88 -26.11 3.28
CA ARG A 139 -17.57 -27.38 3.11
C ARG A 139 -18.39 -27.68 4.35
N GLY A 1 -13.25 16.63 22.12
CA GLY A 1 -11.99 16.00 21.65
C GLY A 1 -11.93 14.54 22.03
N SER A 2 -11.19 13.76 21.24
CA SER A 2 -11.06 12.33 21.48
C SER A 2 -10.03 12.04 22.57
N HIS A 3 -10.03 12.87 23.61
CA HIS A 3 -9.06 12.79 24.70
C HIS A 3 -7.64 12.88 24.19
N MET A 4 -7.23 14.09 23.81
CA MET A 4 -5.88 14.32 23.33
C MET A 4 -4.88 14.15 24.48
N GLN A 5 -5.33 14.44 25.69
CA GLN A 5 -4.48 14.33 26.87
C GLN A 5 -4.91 13.14 27.74
N ALA A 6 -3.92 12.32 28.11
CA ALA A 6 -4.13 11.17 28.99
C ALA A 6 -5.10 10.16 28.37
N ALA A 7 -4.94 9.91 27.09
CA ALA A 7 -5.78 8.95 26.39
C ALA A 7 -5.34 7.52 26.69
N THR A 8 -6.29 6.61 26.67
CA THR A 8 -6.02 5.21 26.87
C THR A 8 -6.36 4.42 25.61
N GLU A 9 -6.95 5.10 24.64
CA GLU A 9 -7.42 4.47 23.42
C GLU A 9 -6.28 4.28 22.42
N ASP A 10 -5.24 3.59 22.86
CA ASP A 10 -4.11 3.28 22.01
C ASP A 10 -4.00 1.77 21.85
N GLY A 11 -3.99 1.31 20.61
CA GLY A 11 -3.95 -0.11 20.35
C GLY A 11 -3.03 -0.46 19.20
N GLN A 12 -3.35 -1.54 18.50
CA GLN A 12 -2.54 -2.01 17.39
C GLN A 12 -3.32 -1.90 16.09
N LEU A 13 -4.64 -2.08 16.18
CA LEU A 13 -5.51 -2.08 15.01
C LEU A 13 -5.44 -0.73 14.27
N LEU A 14 -5.76 0.34 14.97
CA LEU A 14 -5.81 1.65 14.34
C LEU A 14 -4.42 2.28 14.26
N ARG A 15 -3.62 2.07 15.30
CA ARG A 15 -2.29 2.66 15.36
C ARG A 15 -1.37 2.07 14.28
N GLY A 16 -1.37 0.74 14.18
CA GLY A 16 -0.50 0.09 13.22
C GLY A 16 -1.09 0.04 11.84
N VAL A 17 -2.21 -0.66 11.71
CA VAL A 17 -2.83 -0.87 10.40
C VAL A 17 -3.36 0.44 9.83
N GLY A 18 -4.00 1.23 10.67
CA GLY A 18 -4.57 2.49 10.22
C GLY A 18 -3.54 3.42 9.62
N ALA A 19 -2.43 3.59 10.32
CA ALA A 19 -1.35 4.46 9.86
C ALA A 19 -0.70 3.90 8.60
N ALA A 20 -0.49 2.59 8.58
CA ALA A 20 0.13 1.93 7.44
C ALA A 20 -0.74 1.99 6.20
N ALA A 21 -2.03 1.70 6.38
CA ALA A 21 -2.99 1.73 5.28
C ALA A 21 -3.08 3.11 4.67
N THR A 22 -3.22 4.12 5.53
CA THR A 22 -3.30 5.50 5.09
C THR A 22 -2.00 5.94 4.41
N ALA A 23 -0.88 5.39 4.87
CA ALA A 23 0.42 5.68 4.28
C ALA A 23 0.44 5.26 2.82
N VAL A 24 -0.09 4.06 2.54
CA VAL A 24 -0.17 3.56 1.17
C VAL A 24 -1.10 4.45 0.33
N THR A 25 -2.21 4.86 0.93
CA THR A 25 -3.16 5.73 0.25
C THR A 25 -2.49 7.04 -0.16
N GLN A 26 -1.78 7.66 0.78
CA GLN A 26 -1.09 8.91 0.52
C GLN A 26 0.05 8.71 -0.46
N ALA A 27 0.81 7.64 -0.28
CA ALA A 27 1.97 7.34 -1.13
C ALA A 27 1.55 7.11 -2.58
N LEU A 28 0.45 6.41 -2.78
CA LEU A 28 -0.06 6.15 -4.12
C LEU A 28 -0.47 7.46 -4.78
N ASN A 29 -1.20 8.28 -4.04
CA ASN A 29 -1.63 9.58 -4.53
C ASN A 29 -0.41 10.47 -4.81
N GLU A 30 0.63 10.29 -4.01
CA GLU A 30 1.89 10.98 -4.20
C GLU A 30 2.45 10.65 -5.58
N LEU A 31 2.57 9.36 -5.84
CA LEU A 31 3.11 8.87 -7.09
C LEU A 31 2.25 9.29 -8.28
N LEU A 32 0.94 9.09 -8.15
CA LEU A 32 0.02 9.38 -9.24
C LEU A 32 0.13 10.82 -9.72
N GLN A 33 -0.05 11.78 -8.81
CA GLN A 33 0.02 13.20 -9.15
C GLN A 33 1.41 13.56 -9.66
N HIS A 34 2.41 12.84 -9.17
CA HIS A 34 3.80 13.09 -9.55
C HIS A 34 4.07 12.58 -10.96
N VAL A 35 3.58 11.39 -11.28
CA VAL A 35 3.86 10.76 -12.57
C VAL A 35 3.21 11.53 -13.71
N LYS A 36 2.02 12.05 -13.48
CA LYS A 36 1.30 12.80 -14.50
C LYS A 36 2.08 14.06 -14.91
N ALA A 37 2.82 14.62 -13.97
CA ALA A 37 3.58 15.85 -14.24
C ALA A 37 5.04 15.56 -14.55
N HIS A 38 5.54 14.43 -14.05
CA HIS A 38 6.92 14.03 -14.29
C HIS A 38 6.94 12.63 -14.87
N ALA A 39 6.85 12.56 -16.18
CA ALA A 39 6.70 11.27 -16.86
C ALA A 39 7.93 10.93 -17.68
N THR A 40 7.88 9.77 -18.32
CA THR A 40 8.95 9.31 -19.18
C THR A 40 8.41 8.94 -20.56
N GLY A 41 7.48 9.74 -21.05
CA GLY A 41 6.87 9.47 -22.33
C GLY A 41 5.94 10.58 -22.75
N ALA A 42 5.09 10.31 -23.72
CA ALA A 42 4.14 11.31 -24.20
C ALA A 42 3.05 11.56 -23.17
N GLY A 43 2.65 10.50 -22.47
CA GLY A 43 1.61 10.62 -21.47
C GLY A 43 2.17 10.56 -20.07
N PRO A 44 1.47 9.91 -19.13
CA PRO A 44 1.92 9.74 -17.76
C PRO A 44 2.82 8.52 -17.58
N ALA A 45 3.99 8.57 -18.24
CA ALA A 45 4.98 7.48 -18.16
C ALA A 45 4.33 6.15 -18.53
N GLY A 46 3.69 6.13 -19.69
CA GLY A 46 2.83 5.02 -20.04
C GLY A 46 1.51 5.15 -19.32
N ARG A 47 1.25 4.24 -18.40
CA ARG A 47 0.10 4.34 -17.50
C ARG A 47 0.05 3.13 -16.58
N TYR A 48 -0.30 3.38 -15.33
CA TYR A 48 -0.50 2.33 -14.35
C TYR A 48 -1.82 2.56 -13.63
N ASP A 49 -2.76 3.12 -14.39
CA ASP A 49 -4.05 3.57 -13.85
C ASP A 49 -4.80 2.42 -13.20
N GLN A 50 -4.85 1.29 -13.88
CA GLN A 50 -5.54 0.12 -13.36
C GLN A 50 -4.82 -0.41 -12.13
N ALA A 51 -3.49 -0.36 -12.15
CA ALA A 51 -2.67 -0.87 -11.06
C ALA A 51 -2.86 -0.02 -9.80
N THR A 52 -2.78 1.30 -9.96
CA THR A 52 -2.97 2.21 -8.83
C THR A 52 -4.37 2.04 -8.25
N ASP A 53 -5.32 1.80 -9.13
CA ASP A 53 -6.70 1.57 -8.73
C ASP A 53 -6.80 0.31 -7.88
N THR A 54 -6.15 -0.77 -8.32
CA THR A 54 -6.19 -2.03 -7.60
C THR A 54 -5.65 -1.87 -6.17
N ILE A 55 -4.52 -1.18 -6.04
CA ILE A 55 -3.95 -0.93 -4.73
C ILE A 55 -4.92 -0.14 -3.87
N LEU A 56 -5.47 0.93 -4.43
CA LEU A 56 -6.43 1.76 -3.71
C LEU A 56 -7.63 0.94 -3.25
N THR A 57 -8.18 0.13 -4.15
CA THR A 57 -9.29 -0.74 -3.80
C THR A 57 -8.92 -1.68 -2.65
N VAL A 58 -7.76 -2.32 -2.77
CA VAL A 58 -7.31 -3.26 -1.76
C VAL A 58 -7.10 -2.58 -0.41
N THR A 59 -6.31 -1.51 -0.39
CA THR A 59 -6.03 -0.79 0.85
C THR A 59 -7.31 -0.22 1.45
N GLU A 60 -8.20 0.23 0.58
CA GLU A 60 -9.49 0.76 1.00
C GLU A 60 -10.37 -0.35 1.57
N ASN A 61 -10.23 -1.55 1.00
CA ASN A 61 -10.97 -2.73 1.48
C ASN A 61 -10.56 -3.08 2.90
N ILE A 62 -9.31 -2.80 3.25
CA ILE A 62 -8.81 -3.11 4.58
C ILE A 62 -9.46 -2.21 5.63
N PHE A 63 -9.89 -1.02 5.22
CA PHE A 63 -10.59 -0.11 6.12
C PHE A 63 -11.97 -0.67 6.43
N SER A 64 -12.57 -1.31 5.44
CA SER A 64 -13.87 -1.94 5.60
C SER A 64 -13.74 -3.28 6.32
N SER A 65 -12.62 -3.97 6.11
CA SER A 65 -12.41 -5.29 6.69
C SER A 65 -11.72 -5.20 8.06
N MET A 66 -11.30 -4.00 8.43
CA MET A 66 -10.59 -3.78 9.69
C MET A 66 -11.38 -4.35 10.86
N GLY A 67 -10.80 -5.36 11.49
CA GLY A 67 -11.48 -6.05 12.57
C GLY A 67 -11.59 -7.53 12.27
N ASP A 68 -11.56 -7.86 10.98
CA ASP A 68 -11.55 -9.25 10.55
C ASP A 68 -10.18 -9.61 10.00
N ALA A 69 -9.38 -10.24 10.85
CA ALA A 69 -8.01 -10.60 10.52
C ALA A 69 -7.92 -11.38 9.21
N GLY A 70 -8.82 -12.34 9.04
CA GLY A 70 -8.80 -13.19 7.87
C GLY A 70 -8.87 -12.42 6.56
N GLU A 71 -9.85 -11.51 6.45
CA GLU A 71 -10.01 -10.73 5.24
C GLU A 71 -8.89 -9.71 5.10
N MET A 72 -8.51 -9.10 6.21
CA MET A 72 -7.45 -8.10 6.22
C MET A 72 -6.15 -8.68 5.67
N VAL A 73 -5.82 -9.89 6.10
CA VAL A 73 -4.62 -10.58 5.62
C VAL A 73 -4.74 -10.88 4.13
N ARG A 74 -5.93 -11.30 3.70
CA ARG A 74 -6.17 -11.62 2.31
C ARG A 74 -5.89 -10.41 1.42
N GLN A 75 -6.48 -9.27 1.77
CA GLN A 75 -6.28 -8.05 1.01
C GLN A 75 -4.83 -7.61 1.07
N ALA A 76 -4.21 -7.73 2.24
CA ALA A 76 -2.81 -7.37 2.42
C ALA A 76 -1.92 -8.16 1.46
N ARG A 77 -2.27 -9.43 1.23
CA ARG A 77 -1.53 -10.28 0.31
C ARG A 77 -1.62 -9.73 -1.11
N ILE A 78 -2.83 -9.33 -1.50
CA ILE A 78 -3.06 -8.76 -2.83
C ILE A 78 -2.34 -7.43 -2.96
N LEU A 79 -2.34 -6.64 -1.90
CA LEU A 79 -1.64 -5.36 -1.88
C LEU A 79 -0.16 -5.54 -2.19
N ALA A 80 0.46 -6.49 -1.50
CA ALA A 80 1.88 -6.77 -1.68
C ALA A 80 2.18 -7.13 -3.14
N GLN A 81 1.29 -7.88 -3.76
CA GLN A 81 1.45 -8.28 -5.15
C GLN A 81 1.25 -7.09 -6.08
N ALA A 82 0.15 -6.37 -5.87
CA ALA A 82 -0.21 -5.25 -6.73
C ALA A 82 0.85 -4.16 -6.74
N THR A 83 1.30 -3.76 -5.55
CA THR A 83 2.30 -2.71 -5.44
C THR A 83 3.62 -3.11 -6.10
N SER A 84 3.99 -4.38 -5.95
CA SER A 84 5.22 -4.88 -6.56
C SER A 84 5.18 -4.69 -8.07
N ASP A 85 4.02 -4.96 -8.66
CA ASP A 85 3.83 -4.79 -10.09
C ASP A 85 3.90 -3.32 -10.48
N LEU A 86 3.23 -2.48 -9.68
CA LEU A 86 3.20 -1.05 -9.91
C LEU A 86 4.60 -0.45 -9.85
N VAL A 87 5.32 -0.74 -8.77
CA VAL A 87 6.66 -0.21 -8.57
C VAL A 87 7.61 -0.67 -9.67
N ASN A 88 7.52 -1.95 -10.03
CA ASN A 88 8.37 -2.50 -11.07
C ASN A 88 8.10 -1.85 -12.41
N ALA A 89 6.83 -1.57 -12.69
CA ALA A 89 6.43 -0.94 -13.95
C ALA A 89 7.10 0.42 -14.11
N ILE A 90 6.99 1.24 -13.07
CA ILE A 90 7.59 2.57 -13.09
C ILE A 90 9.11 2.48 -13.13
N LYS A 91 9.66 1.55 -12.35
CA LYS A 91 11.09 1.32 -12.31
C LYS A 91 11.63 0.96 -13.69
N ALA A 92 10.92 0.08 -14.38
CA ALA A 92 11.33 -0.37 -15.70
C ALA A 92 11.19 0.72 -16.75
N ASP A 93 10.19 1.58 -16.59
CA ASP A 93 10.00 2.68 -17.53
C ASP A 93 11.03 3.77 -17.30
N ALA A 94 11.38 4.00 -16.05
CA ALA A 94 12.42 4.95 -15.70
C ALA A 94 13.79 4.45 -16.15
N GLU A 95 13.88 3.15 -16.39
CA GLU A 95 15.08 2.56 -16.94
C GLU A 95 15.23 2.97 -18.40
N GLY A 96 15.99 4.03 -18.62
CA GLY A 96 16.06 4.63 -19.93
C GLY A 96 15.06 5.76 -20.06
N GLU A 97 15.21 6.73 -19.17
CA GLU A 97 14.25 7.81 -19.03
C GLU A 97 14.59 9.00 -19.92
N SER A 98 13.61 9.86 -20.13
CA SER A 98 13.83 11.09 -20.87
C SER A 98 14.73 12.04 -20.09
N ASP A 99 14.22 12.57 -18.99
CA ASP A 99 15.01 13.46 -18.15
C ASP A 99 15.23 12.81 -16.79
N LEU A 100 16.46 12.89 -16.31
CA LEU A 100 16.86 12.20 -15.08
C LEU A 100 16.26 12.85 -13.83
N GLU A 101 15.73 14.05 -13.96
CA GLU A 101 15.09 14.69 -12.82
C GLU A 101 13.79 13.96 -12.48
N ASN A 102 13.09 13.52 -13.52
CA ASN A 102 11.83 12.82 -13.34
C ASN A 102 12.07 11.45 -12.75
N SER A 103 13.04 10.75 -13.30
CA SER A 103 13.31 9.36 -12.94
C SER A 103 13.63 9.23 -11.46
N ARG A 104 14.49 10.11 -10.96
CA ARG A 104 14.90 10.05 -9.57
C ARG A 104 13.69 10.20 -8.65
N LYS A 105 12.82 11.14 -8.96
CA LYS A 105 11.57 11.29 -8.21
C LYS A 105 10.69 10.07 -8.42
N LEU A 106 10.70 9.58 -9.64
CA LEU A 106 9.86 8.45 -10.05
C LEU A 106 10.16 7.22 -9.21
N LEU A 107 11.43 6.92 -9.12
CA LEU A 107 11.90 5.73 -8.42
C LEU A 107 11.84 5.91 -6.91
N SER A 108 11.92 7.14 -6.45
CA SER A 108 11.82 7.42 -5.01
C SER A 108 10.37 7.30 -4.55
N ALA A 109 9.45 7.81 -5.36
CA ALA A 109 8.02 7.70 -5.06
C ALA A 109 7.58 6.24 -5.09
N ALA A 110 8.07 5.51 -6.08
CA ALA A 110 7.77 4.09 -6.19
C ALA A 110 8.32 3.33 -4.99
N LYS A 111 9.44 3.82 -4.46
CA LYS A 111 10.04 3.21 -3.28
C LYS A 111 9.12 3.33 -2.07
N ILE A 112 8.47 4.49 -1.94
CA ILE A 112 7.53 4.71 -0.84
C ILE A 112 6.35 3.77 -0.97
N LEU A 113 5.91 3.55 -2.21
CA LEU A 113 4.80 2.64 -2.49
C LEU A 113 5.08 1.26 -1.86
N ALA A 114 6.23 0.70 -2.21
CA ALA A 114 6.60 -0.62 -1.70
C ALA A 114 6.87 -0.59 -0.21
N ASP A 115 7.57 0.45 0.24
CA ASP A 115 7.93 0.60 1.65
C ASP A 115 6.67 0.64 2.53
N ALA A 116 5.69 1.42 2.11
CA ALA A 116 4.44 1.53 2.86
C ALA A 116 3.65 0.24 2.76
N THR A 117 3.70 -0.42 1.60
CA THR A 117 2.98 -1.67 1.40
C THR A 117 3.52 -2.78 2.29
N ALA A 118 4.84 -2.82 2.46
CA ALA A 118 5.45 -3.79 3.37
C ALA A 118 4.99 -3.54 4.79
N LYS A 119 4.95 -2.27 5.17
CA LYS A 119 4.49 -1.89 6.49
C LYS A 119 3.01 -2.22 6.65
N MET A 120 2.26 -2.06 5.57
CA MET A 120 0.85 -2.41 5.56
C MET A 120 0.66 -3.91 5.78
N VAL A 121 1.39 -4.70 5.02
CA VAL A 121 1.34 -6.16 5.15
C VAL A 121 1.85 -6.59 6.52
N GLU A 122 2.83 -5.86 7.04
CA GLU A 122 3.40 -6.13 8.35
C GLU A 122 2.39 -5.82 9.44
N ALA A 123 1.71 -4.68 9.32
CA ALA A 123 0.73 -4.26 10.29
C ALA A 123 -0.52 -5.14 10.25
N ALA A 124 -1.00 -5.42 9.05
CA ALA A 124 -2.19 -6.24 8.87
C ALA A 124 -1.99 -7.63 9.44
N LYS A 125 -0.80 -8.19 9.25
CA LYS A 125 -0.48 -9.52 9.76
C LYS A 125 -0.30 -9.48 11.27
N GLY A 126 0.32 -8.41 11.77
CA GLY A 126 0.57 -8.29 13.19
C GLY A 126 -0.71 -8.08 13.99
N ALA A 127 -1.67 -7.40 13.39
CA ALA A 127 -2.95 -7.17 14.05
C ALA A 127 -3.94 -8.28 13.72
N ALA A 128 -3.47 -9.28 12.97
CA ALA A 128 -4.31 -10.40 12.59
C ALA A 128 -4.16 -11.55 13.58
N ALA A 129 -3.36 -11.33 14.61
CA ALA A 129 -3.14 -12.34 15.62
C ALA A 129 -3.59 -11.85 16.99
N HIS A 130 -4.44 -12.64 17.63
CA HIS A 130 -4.95 -12.35 18.98
C HIS A 130 -5.81 -11.09 18.99
N PRO A 131 -7.15 -11.26 18.93
CA PRO A 131 -8.09 -10.15 18.98
C PRO A 131 -8.21 -9.58 20.38
N ASP A 132 -7.26 -8.73 20.75
CA ASP A 132 -7.26 -8.11 22.07
C ASP A 132 -7.98 -6.77 22.02
N SER A 133 -8.13 -6.26 20.81
CA SER A 133 -8.73 -4.95 20.58
C SER A 133 -10.24 -4.99 20.76
N GLU A 134 -10.84 -3.83 20.98
CA GLU A 134 -12.29 -3.71 21.03
C GLU A 134 -12.87 -3.95 19.64
N GLU A 135 -13.62 -5.04 19.50
CA GLU A 135 -14.15 -5.44 18.22
C GLU A 135 -15.60 -4.99 18.03
N GLN A 136 -16.11 -4.28 19.01
CA GLN A 136 -17.48 -3.80 18.96
C GLN A 136 -17.53 -2.32 18.63
N GLN A 137 -18.69 -1.87 18.20
CA GLN A 137 -18.87 -0.48 17.80
C GLN A 137 -19.19 0.39 19.02
N GLN A 138 -18.33 0.34 20.01
CA GLN A 138 -18.52 1.09 21.25
C GLN A 138 -17.72 2.39 21.21
N ARG A 139 -17.66 3.00 20.04
CA ARG A 139 -16.93 4.24 19.85
C ARG A 139 -17.80 5.43 20.21
N GLY A 1 8.39 -18.28 14.49
CA GLY A 1 8.99 -18.58 13.17
C GLY A 1 10.40 -19.10 13.30
N SER A 2 10.86 -19.82 12.29
CA SER A 2 12.20 -20.39 12.30
C SER A 2 13.26 -19.29 12.21
N HIS A 3 13.05 -18.36 11.29
CA HIS A 3 13.95 -17.24 11.12
C HIS A 3 13.24 -15.93 11.45
N MET A 4 11.92 -15.95 11.29
CA MET A 4 11.08 -14.80 11.62
C MET A 4 10.88 -14.74 13.13
N GLN A 5 11.18 -13.59 13.72
CA GLN A 5 11.04 -13.41 15.17
C GLN A 5 9.58 -13.21 15.56
N ALA A 6 9.36 -12.95 16.84
CA ALA A 6 8.02 -12.70 17.34
C ALA A 6 7.95 -11.34 18.02
N ALA A 7 7.04 -10.49 17.56
CA ALA A 7 6.92 -9.14 18.08
C ALA A 7 5.74 -9.05 19.04
N THR A 8 5.90 -8.28 20.09
CA THR A 8 4.84 -8.05 21.05
C THR A 8 3.81 -7.09 20.50
N GLU A 9 2.56 -7.52 20.46
CA GLU A 9 1.48 -6.71 19.95
C GLU A 9 0.67 -6.08 21.08
N ASP A 10 -0.18 -5.14 20.73
CA ASP A 10 -1.04 -4.47 21.70
C ASP A 10 -2.46 -4.42 21.17
N GLY A 11 -2.63 -4.89 19.94
CA GLY A 11 -3.93 -4.84 19.29
C GLY A 11 -4.10 -3.54 18.53
N GLN A 12 -3.05 -3.15 17.81
CA GLN A 12 -3.03 -1.89 17.10
C GLN A 12 -3.82 -1.97 15.79
N LEU A 13 -5.11 -2.27 15.91
CA LEU A 13 -5.99 -2.39 14.77
C LEU A 13 -6.09 -1.06 14.01
N LEU A 14 -6.39 0.01 14.73
CA LEU A 14 -6.52 1.31 14.12
C LEU A 14 -5.19 2.05 14.13
N ARG A 15 -4.29 1.67 15.03
CA ARG A 15 -3.00 2.34 15.15
C ARG A 15 -2.05 1.86 14.06
N GLY A 16 -1.66 0.59 14.14
CA GLY A 16 -0.68 0.05 13.22
C GLY A 16 -1.23 -0.06 11.81
N VAL A 17 -2.32 -0.80 11.68
CA VAL A 17 -2.96 -0.99 10.38
C VAL A 17 -3.40 0.34 9.79
N GLY A 18 -3.93 1.20 10.64
CA GLY A 18 -4.38 2.50 10.20
C GLY A 18 -3.25 3.34 9.63
N ALA A 19 -2.16 3.44 10.39
CA ALA A 19 -1.00 4.22 9.96
C ALA A 19 -0.39 3.63 8.69
N ALA A 20 -0.26 2.32 8.67
CA ALA A 20 0.33 1.62 7.53
C ALA A 20 -0.54 1.76 6.28
N ALA A 21 -1.83 1.52 6.43
CA ALA A 21 -2.77 1.63 5.32
C ALA A 21 -2.79 3.06 4.77
N THR A 22 -2.79 4.03 5.67
CA THR A 22 -2.76 5.43 5.28
C THR A 22 -1.47 5.74 4.52
N ALA A 23 -0.36 5.18 5.00
CA ALA A 23 0.94 5.40 4.38
C ALA A 23 0.94 4.92 2.93
N VAL A 24 0.36 3.75 2.70
CA VAL A 24 0.28 3.20 1.35
C VAL A 24 -0.59 4.07 0.46
N THR A 25 -1.78 4.39 0.96
CA THR A 25 -2.72 5.23 0.23
C THR A 25 -2.10 6.60 -0.08
N GLN A 26 -1.36 7.13 0.88
CA GLN A 26 -0.70 8.42 0.72
C GLN A 26 0.46 8.31 -0.27
N ALA A 27 1.28 7.28 -0.12
CA ALA A 27 2.40 7.05 -1.01
C ALA A 27 1.93 6.86 -2.45
N LEU A 28 0.85 6.10 -2.60
CA LEU A 28 0.26 5.87 -3.90
C LEU A 28 -0.27 7.18 -4.48
N ASN A 29 -0.93 7.96 -3.66
CA ASN A 29 -1.47 9.25 -4.08
C ASN A 29 -0.32 10.19 -4.48
N GLU A 30 0.78 10.11 -3.74
CA GLU A 30 1.97 10.90 -4.03
C GLU A 30 2.47 10.62 -5.43
N LEU A 31 2.57 9.33 -5.75
CA LEU A 31 3.00 8.90 -7.06
C LEU A 31 1.94 9.26 -8.10
N LEU A 32 0.67 9.13 -7.74
CA LEU A 32 -0.43 9.41 -8.65
C LEU A 32 -0.35 10.84 -9.18
N GLN A 33 -0.26 11.81 -8.28
CA GLN A 33 -0.17 13.22 -8.68
C GLN A 33 1.05 13.44 -9.55
N HIS A 34 2.16 12.85 -9.13
CA HIS A 34 3.44 13.00 -9.81
C HIS A 34 3.38 12.41 -11.22
N VAL A 35 2.86 11.19 -11.33
CA VAL A 35 2.82 10.49 -12.62
C VAL A 35 1.89 11.19 -13.60
N LYS A 36 0.73 11.62 -13.13
CA LYS A 36 -0.28 12.23 -13.98
C LYS A 36 0.26 13.44 -14.73
N ALA A 37 1.13 14.20 -14.08
CA ALA A 37 1.65 15.43 -14.66
C ALA A 37 3.12 15.31 -15.06
N HIS A 38 3.65 14.09 -14.98
CA HIS A 38 5.07 13.87 -15.31
C HIS A 38 5.26 12.54 -16.03
N ALA A 39 4.64 12.42 -17.19
CA ALA A 39 4.79 11.23 -18.01
C ALA A 39 5.07 11.62 -19.45
N THR A 40 6.27 11.34 -19.91
CA THR A 40 6.65 11.67 -21.27
C THR A 40 7.13 10.43 -22.01
N GLY A 41 7.24 10.53 -23.33
CA GLY A 41 7.80 9.46 -24.12
C GLY A 41 6.84 8.30 -24.31
N ALA A 42 7.02 7.26 -23.51
CA ALA A 42 6.24 6.03 -23.66
C ALA A 42 4.84 6.16 -23.06
N GLY A 43 4.07 7.12 -23.57
CA GLY A 43 2.68 7.26 -23.17
C GLY A 43 2.49 8.29 -22.07
N PRO A 44 1.55 9.22 -22.25
CA PRO A 44 1.23 10.24 -21.25
C PRO A 44 0.49 9.64 -20.06
N ALA A 45 -0.05 8.46 -20.28
CA ALA A 45 -0.77 7.72 -19.26
C ALA A 45 -0.86 6.26 -19.67
N GLY A 46 -1.69 5.49 -18.97
CA GLY A 46 -1.80 4.07 -19.26
C GLY A 46 -0.50 3.33 -18.99
N ARG A 47 0.26 3.84 -18.03
CA ARG A 47 1.54 3.26 -17.68
C ARG A 47 1.39 2.39 -16.45
N TYR A 48 0.85 2.95 -15.38
CA TYR A 48 0.64 2.22 -14.13
C TYR A 48 -0.75 2.52 -13.59
N ASP A 49 -1.64 2.90 -14.49
CA ASP A 49 -2.98 3.37 -14.13
C ASP A 49 -3.81 2.27 -13.49
N GLN A 50 -3.60 1.03 -13.94
CA GLN A 50 -4.33 -0.11 -13.39
C GLN A 50 -3.77 -0.50 -12.03
N ALA A 51 -2.45 -0.44 -11.91
CA ALA A 51 -1.79 -0.81 -10.67
C ALA A 51 -2.21 0.10 -9.53
N THR A 52 -2.20 1.41 -9.77
CA THR A 52 -2.58 2.38 -8.75
C THR A 52 -4.04 2.17 -8.34
N ASP A 53 -4.88 1.90 -9.33
CA ASP A 53 -6.29 1.66 -9.11
C ASP A 53 -6.50 0.48 -8.17
N THR A 54 -5.85 -0.63 -8.48
CA THR A 54 -5.97 -1.84 -7.69
C THR A 54 -5.49 -1.62 -6.26
N ILE A 55 -4.33 -1.01 -6.09
CA ILE A 55 -3.77 -0.78 -4.76
C ILE A 55 -4.70 0.07 -3.91
N LEU A 56 -5.14 1.19 -4.46
CA LEU A 56 -6.08 2.07 -3.76
C LEU A 56 -7.29 1.30 -3.27
N THR A 57 -7.92 0.56 -4.18
CA THR A 57 -9.10 -0.22 -3.84
C THR A 57 -8.81 -1.25 -2.76
N VAL A 58 -7.67 -1.93 -2.89
CA VAL A 58 -7.27 -2.94 -1.92
C VAL A 58 -7.08 -2.33 -0.53
N THR A 59 -6.29 -1.27 -0.45
CA THR A 59 -6.04 -0.59 0.81
C THR A 59 -7.34 0.00 1.37
N GLU A 60 -8.15 0.55 0.48
CA GLU A 60 -9.45 1.09 0.84
C GLU A 60 -10.33 0.00 1.45
N ASN A 61 -10.26 -1.20 0.89
CA ASN A 61 -11.02 -2.34 1.38
C ASN A 61 -10.59 -2.71 2.79
N ILE A 62 -9.30 -2.61 3.06
CA ILE A 62 -8.77 -2.91 4.39
C ILE A 62 -9.38 -1.98 5.44
N PHE A 63 -9.56 -0.72 5.06
CA PHE A 63 -10.15 0.27 5.95
C PHE A 63 -11.58 -0.12 6.31
N SER A 64 -12.34 -0.53 5.30
CA SER A 64 -13.73 -0.93 5.49
C SER A 64 -13.83 -2.26 6.25
N SER A 65 -12.82 -3.11 6.10
CA SER A 65 -12.84 -4.42 6.73
C SER A 65 -11.93 -4.46 7.96
N MET A 66 -11.65 -3.29 8.52
CA MET A 66 -10.84 -3.19 9.72
C MET A 66 -11.50 -3.92 10.88
N GLY A 67 -11.02 -5.11 11.18
CA GLY A 67 -11.61 -5.93 12.20
C GLY A 67 -11.72 -7.37 11.74
N ASP A 68 -11.94 -7.55 10.44
CA ASP A 68 -11.98 -8.88 9.85
C ASP A 68 -10.57 -9.27 9.43
N ALA A 69 -9.84 -9.87 10.37
CA ALA A 69 -8.44 -10.23 10.17
C ALA A 69 -8.25 -11.08 8.92
N GLY A 70 -9.15 -12.03 8.70
CA GLY A 70 -9.04 -12.91 7.54
C GLY A 70 -9.11 -12.13 6.23
N GLU A 71 -10.04 -11.19 6.15
CA GLU A 71 -10.21 -10.37 4.95
C GLU A 71 -9.07 -9.36 4.85
N MET A 72 -8.70 -8.78 5.98
CA MET A 72 -7.63 -7.79 6.02
C MET A 72 -6.33 -8.39 5.50
N VAL A 73 -6.00 -9.58 5.99
CA VAL A 73 -4.82 -10.30 5.55
C VAL A 73 -4.93 -10.64 4.06
N ARG A 74 -6.12 -11.05 3.64
CA ARG A 74 -6.38 -11.36 2.24
C ARG A 74 -6.04 -10.17 1.36
N GLN A 75 -6.62 -9.02 1.66
CA GLN A 75 -6.38 -7.80 0.89
C GLN A 75 -4.92 -7.38 1.00
N ALA A 76 -4.35 -7.50 2.20
CA ALA A 76 -2.94 -7.14 2.41
C ALA A 76 -2.03 -7.98 1.52
N ARG A 77 -2.35 -9.27 1.40
CA ARG A 77 -1.57 -10.17 0.56
C ARG A 77 -1.65 -9.73 -0.90
N ILE A 78 -2.83 -9.28 -1.31
CA ILE A 78 -3.01 -8.75 -2.66
C ILE A 78 -2.24 -7.43 -2.82
N LEU A 79 -2.33 -6.59 -1.80
CA LEU A 79 -1.64 -5.30 -1.79
C LEU A 79 -0.15 -5.46 -2.05
N ALA A 80 0.47 -6.38 -1.33
CA ALA A 80 1.90 -6.64 -1.48
C ALA A 80 2.26 -6.94 -2.93
N GLN A 81 1.48 -7.81 -3.56
CA GLN A 81 1.71 -8.18 -4.94
C GLN A 81 1.45 -7.00 -5.87
N ALA A 82 0.35 -6.29 -5.62
CA ALA A 82 -0.06 -5.17 -6.47
C ALA A 82 0.99 -4.07 -6.48
N THR A 83 1.49 -3.70 -5.31
CA THR A 83 2.51 -2.66 -5.22
C THR A 83 3.82 -3.11 -5.86
N SER A 84 4.14 -4.39 -5.72
CA SER A 84 5.34 -4.95 -6.34
C SER A 84 5.27 -4.77 -7.85
N ASP A 85 4.07 -4.95 -8.40
CA ASP A 85 3.85 -4.77 -9.83
C ASP A 85 3.99 -3.29 -10.21
N LEU A 86 3.43 -2.42 -9.36
CA LEU A 86 3.48 -0.98 -9.59
C LEU A 86 4.92 -0.49 -9.58
N VAL A 87 5.67 -0.84 -8.54
CA VAL A 87 7.05 -0.40 -8.39
C VAL A 87 7.92 -0.95 -9.51
N ASN A 88 7.75 -2.23 -9.83
CA ASN A 88 8.51 -2.87 -10.89
C ASN A 88 8.24 -2.19 -12.24
N ALA A 89 6.97 -1.89 -12.50
CA ALA A 89 6.57 -1.22 -13.72
C ALA A 89 7.28 0.12 -13.86
N ILE A 90 7.20 0.92 -12.80
CA ILE A 90 7.81 2.23 -12.78
C ILE A 90 9.32 2.13 -12.93
N LYS A 91 9.94 1.22 -12.20
CA LYS A 91 11.38 1.04 -12.24
C LYS A 91 11.86 0.80 -13.67
N ALA A 92 11.22 -0.14 -14.36
CA ALA A 92 11.63 -0.49 -15.71
C ALA A 92 11.27 0.61 -16.70
N ASP A 93 10.09 1.20 -16.54
CA ASP A 93 9.61 2.20 -17.47
C ASP A 93 10.36 3.53 -17.33
N ALA A 94 10.54 3.97 -16.09
CA ALA A 94 11.18 5.25 -15.83
C ALA A 94 12.63 5.26 -16.28
N GLU A 95 13.26 4.09 -16.28
CA GLU A 95 14.65 3.98 -16.73
C GLU A 95 14.76 4.25 -18.23
N GLY A 96 13.63 4.17 -18.92
CA GLY A 96 13.59 4.47 -20.33
C GLY A 96 12.92 5.79 -20.63
N GLU A 97 12.46 6.45 -19.58
CA GLU A 97 11.75 7.72 -19.72
C GLU A 97 12.71 8.82 -20.17
N SER A 98 12.26 9.57 -21.16
CA SER A 98 13.02 10.67 -21.73
C SER A 98 13.38 11.71 -20.66
N ASP A 99 12.41 12.05 -19.84
CA ASP A 99 12.58 13.05 -18.79
C ASP A 99 13.16 12.42 -17.53
N LEU A 100 14.47 12.56 -17.34
CA LEU A 100 15.16 11.92 -16.24
C LEU A 100 14.75 12.51 -14.89
N GLU A 101 14.30 13.76 -14.90
CA GLU A 101 13.81 14.40 -13.69
C GLU A 101 12.56 13.68 -13.21
N ASN A 102 11.71 13.30 -14.18
CA ASN A 102 10.51 12.54 -13.89
C ASN A 102 10.88 11.23 -13.23
N SER A 103 11.74 10.47 -13.90
CA SER A 103 12.13 9.13 -13.45
C SER A 103 12.75 9.16 -12.06
N ARG A 104 13.65 10.11 -11.81
CA ARG A 104 14.33 10.19 -10.52
C ARG A 104 13.33 10.27 -9.38
N LYS A 105 12.25 11.02 -9.61
CA LYS A 105 11.19 11.14 -8.61
C LYS A 105 10.31 9.89 -8.61
N LEU A 106 10.06 9.32 -9.78
CA LEU A 106 9.20 8.17 -9.93
C LEU A 106 9.72 7.00 -9.11
N LEU A 107 11.00 6.72 -9.26
CA LEU A 107 11.62 5.58 -8.60
C LEU A 107 11.73 5.82 -7.10
N SER A 108 11.86 7.09 -6.72
CA SER A 108 11.90 7.46 -5.30
C SER A 108 10.50 7.31 -4.67
N ALA A 109 9.49 7.75 -5.40
CA ALA A 109 8.11 7.60 -4.96
C ALA A 109 7.74 6.12 -4.85
N ALA A 110 8.22 5.34 -5.82
CA ALA A 110 8.00 3.90 -5.82
C ALA A 110 8.67 3.25 -4.61
N LYS A 111 9.78 3.83 -4.16
CA LYS A 111 10.47 3.35 -2.98
C LYS A 111 9.58 3.51 -1.75
N ILE A 112 8.84 4.61 -1.71
CA ILE A 112 7.88 4.84 -0.63
C ILE A 112 6.74 3.84 -0.73
N LEU A 113 6.28 3.62 -1.96
CA LEU A 113 5.21 2.66 -2.24
C LEU A 113 5.54 1.30 -1.62
N ALA A 114 6.72 0.77 -1.98
CA ALA A 114 7.14 -0.54 -1.50
C ALA A 114 7.34 -0.55 0.01
N ASP A 115 7.98 0.49 0.54
CA ASP A 115 8.29 0.58 1.97
C ASP A 115 7.01 0.61 2.79
N ALA A 116 6.04 1.39 2.36
CA ALA A 116 4.77 1.51 3.06
C ALA A 116 3.96 0.23 2.96
N THR A 117 4.01 -0.41 1.79
CA THR A 117 3.25 -1.63 1.56
C THR A 117 3.74 -2.77 2.45
N ALA A 118 5.05 -2.84 2.67
CA ALA A 118 5.60 -3.84 3.58
C ALA A 118 5.09 -3.60 4.99
N LYS A 119 5.09 -2.33 5.39
CA LYS A 119 4.56 -1.93 6.69
C LYS A 119 3.10 -2.32 6.79
N MET A 120 2.36 -2.10 5.71
CA MET A 120 0.95 -2.45 5.64
C MET A 120 0.74 -3.94 5.82
N VAL A 121 1.48 -4.73 5.04
CA VAL A 121 1.35 -6.17 5.09
C VAL A 121 1.78 -6.71 6.46
N GLU A 122 2.80 -6.10 7.03
CA GLU A 122 3.31 -6.52 8.33
C GLU A 122 2.33 -6.13 9.43
N ALA A 123 1.74 -4.95 9.32
CA ALA A 123 0.77 -4.46 10.29
C ALA A 123 -0.50 -5.30 10.26
N ALA A 124 -1.03 -5.51 9.06
CA ALA A 124 -2.26 -6.26 8.90
C ALA A 124 -2.12 -7.69 9.40
N LYS A 125 -1.01 -8.33 9.05
CA LYS A 125 -0.76 -9.71 9.47
C LYS A 125 -0.49 -9.77 10.97
N GLY A 126 0.23 -8.77 11.48
CA GLY A 126 0.56 -8.73 12.89
C GLY A 126 -0.67 -8.55 13.77
N ALA A 127 -1.63 -7.78 13.26
CA ALA A 127 -2.88 -7.52 13.99
C ALA A 127 -3.86 -8.66 13.79
N ALA A 128 -3.49 -9.60 12.92
CA ALA A 128 -4.34 -10.74 12.61
C ALA A 128 -3.89 -11.98 13.36
N ALA A 129 -3.74 -11.84 14.67
CA ALA A 129 -3.40 -12.97 15.51
C ALA A 129 -4.67 -13.69 15.96
N HIS A 130 -5.67 -12.89 16.32
CA HIS A 130 -6.98 -13.40 16.68
C HIS A 130 -8.02 -12.30 16.51
N PRO A 131 -9.22 -12.64 16.04
CA PRO A 131 -10.30 -11.67 15.81
C PRO A 131 -10.92 -11.17 17.11
N ASP A 132 -10.14 -10.41 17.87
CA ASP A 132 -10.59 -9.86 19.14
C ASP A 132 -11.21 -8.48 18.93
N SER A 133 -12.12 -8.41 17.98
CA SER A 133 -12.80 -7.16 17.66
C SER A 133 -14.07 -7.01 18.50
N GLU A 134 -15.02 -6.23 17.97
CA GLU A 134 -16.33 -6.02 18.62
C GLU A 134 -16.23 -5.07 19.81
N GLU A 135 -15.61 -5.53 20.89
CA GLU A 135 -15.55 -4.77 22.15
C GLU A 135 -16.97 -4.44 22.61
N GLN A 136 -17.36 -3.20 22.42
CA GLN A 136 -18.71 -2.75 22.72
C GLN A 136 -19.06 -1.54 21.87
N GLN A 137 -18.34 -0.44 22.10
CA GLN A 137 -18.52 0.79 21.35
C GLN A 137 -17.56 1.85 21.86
N GLN A 138 -16.51 2.11 21.09
CA GLN A 138 -15.53 3.13 21.46
C GLN A 138 -16.14 4.51 21.26
N ARG A 139 -16.99 4.63 20.25
CA ARG A 139 -17.70 5.85 19.95
C ARG A 139 -18.85 5.55 19.02
N GLY A 1 -26.95 11.83 8.66
CA GLY A 1 -26.53 11.28 9.97
C GLY A 1 -25.70 10.02 9.80
N SER A 2 -24.46 10.19 9.36
CA SER A 2 -23.58 9.06 9.12
C SER A 2 -22.40 9.07 10.09
N HIS A 3 -22.10 7.92 10.66
CA HIS A 3 -20.98 7.79 11.59
C HIS A 3 -20.23 6.49 11.33
N MET A 4 -19.82 6.30 10.09
CA MET A 4 -19.09 5.11 9.70
C MET A 4 -18.11 5.45 8.57
N GLN A 5 -16.93 5.93 8.96
CA GLN A 5 -15.92 6.32 8.00
C GLN A 5 -14.92 5.19 7.78
N ALA A 6 -13.75 5.53 7.25
CA ALA A 6 -12.70 4.55 7.01
C ALA A 6 -12.15 4.03 8.33
N ALA A 7 -12.00 4.93 9.29
CA ALA A 7 -11.60 4.56 10.63
C ALA A 7 -12.83 4.18 11.46
N THR A 8 -13.37 3.00 11.19
CA THR A 8 -14.55 2.51 11.88
C THR A 8 -14.28 2.32 13.38
N GLU A 9 -13.12 1.78 13.69
CA GLU A 9 -12.72 1.55 15.07
C GLU A 9 -11.40 2.24 15.36
N ASP A 10 -11.13 2.48 16.64
CA ASP A 10 -9.92 3.17 17.05
C ASP A 10 -9.19 2.38 18.12
N GLY A 11 -7.88 2.23 17.96
CA GLY A 11 -7.10 1.48 18.92
C GLY A 11 -5.90 0.84 18.27
N GLN A 12 -5.51 -0.32 18.79
CA GLN A 12 -4.36 -1.06 18.27
C GLN A 12 -4.49 -1.32 16.77
N LEU A 13 -5.69 -1.65 16.33
CA LEU A 13 -5.94 -1.96 14.93
C LEU A 13 -5.66 -0.76 14.03
N LEU A 14 -6.09 0.41 14.47
CA LEU A 14 -5.91 1.61 13.68
C LEU A 14 -4.54 2.23 13.93
N ARG A 15 -3.91 1.82 15.02
CA ARG A 15 -2.57 2.29 15.38
C ARG A 15 -1.57 1.88 14.31
N GLY A 16 -1.62 0.61 13.93
CA GLY A 16 -0.70 0.10 12.92
C GLY A 16 -1.35 0.05 11.55
N VAL A 17 -2.35 -0.80 11.41
CA VAL A 17 -3.03 -0.99 10.13
C VAL A 17 -3.59 0.32 9.59
N GLY A 18 -4.31 1.04 10.43
CA GLY A 18 -4.89 2.30 10.02
C GLY A 18 -3.86 3.29 9.49
N ALA A 19 -2.79 3.47 10.25
CA ALA A 19 -1.73 4.39 9.86
C ALA A 19 -1.01 3.92 8.60
N ALA A 20 -0.69 2.64 8.55
CA ALA A 20 0.03 2.07 7.41
C ALA A 20 -0.83 2.11 6.15
N ALA A 21 -2.11 1.80 6.29
CA ALA A 21 -3.04 1.84 5.16
C ALA A 21 -3.11 3.25 4.59
N THR A 22 -3.19 4.24 5.47
CA THR A 22 -3.22 5.63 5.04
C THR A 22 -1.92 6.02 4.36
N ALA A 23 -0.80 5.50 4.88
CA ALA A 23 0.51 5.76 4.30
C ALA A 23 0.57 5.28 2.86
N VAL A 24 0.05 4.08 2.61
CA VAL A 24 0.00 3.53 1.25
C VAL A 24 -0.89 4.38 0.37
N THR A 25 -2.07 4.71 0.88
CA THR A 25 -3.03 5.55 0.15
C THR A 25 -2.40 6.90 -0.21
N GLN A 26 -1.65 7.46 0.73
CA GLN A 26 -0.99 8.74 0.52
C GLN A 26 0.16 8.61 -0.45
N ALA A 27 0.97 7.57 -0.28
CA ALA A 27 2.09 7.31 -1.17
C ALA A 27 1.60 7.11 -2.60
N LEU A 28 0.50 6.39 -2.73
CA LEU A 28 -0.12 6.14 -4.03
C LEU A 28 -0.60 7.46 -4.64
N ASN A 29 -1.31 8.24 -3.85
CA ASN A 29 -1.81 9.54 -4.29
C ASN A 29 -0.64 10.44 -4.68
N GLU A 30 0.43 10.37 -3.88
CA GLU A 30 1.65 11.12 -4.14
C GLU A 30 2.23 10.76 -5.50
N LEU A 31 2.45 9.47 -5.70
CA LEU A 31 3.05 8.97 -6.92
C LEU A 31 2.16 9.28 -8.12
N LEU A 32 0.86 9.07 -7.96
CA LEU A 32 -0.10 9.28 -9.04
C LEU A 32 0.05 10.66 -9.67
N GLN A 33 -0.05 11.70 -8.83
CA GLN A 33 0.04 13.07 -9.30
C GLN A 33 1.42 13.34 -9.92
N HIS A 34 2.45 12.77 -9.30
CA HIS A 34 3.82 12.96 -9.74
C HIS A 34 4.04 12.34 -11.12
N VAL A 35 3.53 11.14 -11.31
CA VAL A 35 3.70 10.42 -12.57
C VAL A 35 2.84 11.04 -13.67
N LYS A 36 1.64 11.45 -13.33
CA LYS A 36 0.70 12.01 -14.29
C LYS A 36 1.16 13.37 -14.81
N ALA A 37 2.10 13.99 -14.09
CA ALA A 37 2.65 15.27 -14.50
C ALA A 37 3.99 15.09 -15.19
N HIS A 38 4.40 13.84 -15.36
CA HIS A 38 5.69 13.51 -15.97
C HIS A 38 5.57 12.19 -16.74
N ALA A 39 6.53 11.30 -16.53
CA ALA A 39 6.50 9.93 -17.06
C ALA A 39 6.77 9.89 -18.55
N THR A 40 6.92 8.68 -19.06
CA THR A 40 7.13 8.45 -20.48
C THR A 40 6.04 7.55 -21.04
N GLY A 41 4.80 8.02 -20.97
CA GLY A 41 3.69 7.22 -21.43
C GLY A 41 3.30 7.55 -22.85
N ALA A 42 2.74 6.57 -23.54
CA ALA A 42 2.27 6.77 -24.91
C ALA A 42 0.92 7.46 -24.90
N GLY A 43 0.19 7.28 -23.80
CA GLY A 43 -1.07 7.96 -23.63
C GLY A 43 -0.93 9.17 -22.73
N PRO A 44 -1.98 9.99 -22.60
CA PRO A 44 -1.95 11.21 -21.79
C PRO A 44 -2.02 10.87 -20.29
N ALA A 45 -0.85 10.59 -19.73
CA ALA A 45 -0.72 10.21 -18.32
C ALA A 45 -1.39 8.87 -18.06
N GLY A 46 -1.57 8.09 -19.13
CA GLY A 46 -2.08 6.75 -18.99
C GLY A 46 -0.95 5.78 -18.70
N ARG A 47 -0.61 5.66 -17.43
CA ARG A 47 0.58 4.92 -17.03
C ARG A 47 0.21 3.57 -16.43
N TYR A 48 -0.27 3.56 -15.20
CA TYR A 48 -0.53 2.33 -14.46
C TYR A 48 -1.86 2.44 -13.74
N ASP A 49 -2.89 2.81 -14.49
CA ASP A 49 -4.21 3.06 -13.93
C ASP A 49 -4.74 1.85 -13.17
N GLN A 50 -4.50 0.67 -13.72
CA GLN A 50 -4.97 -0.57 -13.11
C GLN A 50 -4.27 -0.82 -11.79
N ALA A 51 -2.95 -0.62 -11.77
CA ALA A 51 -2.16 -0.84 -10.58
C ALA A 51 -2.62 0.08 -9.44
N THR A 52 -2.72 1.38 -9.74
CA THR A 52 -3.10 2.35 -8.74
C THR A 52 -4.51 2.10 -8.23
N ASP A 53 -5.41 1.78 -9.16
CA ASP A 53 -6.81 1.47 -8.82
C ASP A 53 -6.88 0.27 -7.88
N THR A 54 -6.15 -0.79 -8.22
CA THR A 54 -6.14 -2.01 -7.43
C THR A 54 -5.64 -1.74 -6.02
N ILE A 55 -4.53 -1.02 -5.90
CA ILE A 55 -3.96 -0.69 -4.60
C ILE A 55 -4.97 0.08 -3.75
N LEU A 56 -5.50 1.16 -4.31
CA LEU A 56 -6.49 1.96 -3.60
C LEU A 56 -7.66 1.11 -3.13
N THR A 57 -8.26 0.35 -4.04
CA THR A 57 -9.40 -0.48 -3.71
C THR A 57 -9.04 -1.47 -2.60
N VAL A 58 -7.87 -2.08 -2.71
CA VAL A 58 -7.43 -3.06 -1.73
C VAL A 58 -7.16 -2.42 -0.36
N THR A 59 -6.41 -1.33 -0.36
CA THR A 59 -6.09 -0.64 0.89
C THR A 59 -7.34 -0.05 1.52
N GLU A 60 -8.22 0.48 0.69
CA GLU A 60 -9.49 1.00 1.15
C GLU A 60 -10.37 -0.15 1.66
N ASN A 61 -10.19 -1.33 1.05
CA ASN A 61 -10.89 -2.55 1.46
C ASN A 61 -10.50 -2.96 2.86
N ILE A 62 -9.25 -2.72 3.22
CA ILE A 62 -8.73 -3.10 4.53
C ILE A 62 -9.42 -2.29 5.62
N PHE A 63 -9.82 -1.07 5.29
CA PHE A 63 -10.56 -0.23 6.23
C PHE A 63 -11.92 -0.88 6.53
N SER A 64 -12.53 -1.45 5.50
CA SER A 64 -13.83 -2.09 5.64
C SER A 64 -13.68 -3.47 6.28
N SER A 65 -12.51 -4.09 6.10
CA SER A 65 -12.28 -5.44 6.58
C SER A 65 -11.62 -5.43 7.96
N MET A 66 -11.34 -4.23 8.48
CA MET A 66 -10.71 -4.10 9.79
C MET A 66 -11.57 -4.73 10.87
N GLY A 67 -11.18 -5.93 11.27
CA GLY A 67 -11.96 -6.74 12.18
C GLY A 67 -11.91 -8.19 11.77
N ASP A 68 -11.97 -8.41 10.46
CA ASP A 68 -11.75 -9.73 9.90
C ASP A 68 -10.32 -9.79 9.36
N ALA A 69 -9.41 -10.11 10.26
CA ALA A 69 -7.98 -10.07 9.95
C ALA A 69 -7.61 -11.04 8.84
N GLY A 70 -8.40 -12.08 8.68
CA GLY A 70 -8.17 -13.01 7.60
C GLY A 70 -8.32 -12.33 6.25
N GLU A 71 -9.35 -11.51 6.11
CA GLU A 71 -9.56 -10.74 4.90
C GLU A 71 -8.55 -9.60 4.83
N MET A 72 -8.19 -9.08 6.00
CA MET A 72 -7.18 -8.02 6.08
C MET A 72 -5.85 -8.49 5.52
N VAL A 73 -5.40 -9.65 6.00
CA VAL A 73 -4.15 -10.24 5.51
C VAL A 73 -4.31 -10.66 4.05
N ARG A 74 -5.49 -11.15 3.70
CA ARG A 74 -5.79 -11.50 2.33
C ARG A 74 -5.62 -10.29 1.42
N GLN A 75 -6.26 -9.19 1.79
CA GLN A 75 -6.15 -7.95 1.04
C GLN A 75 -4.71 -7.44 1.04
N ALA A 76 -4.06 -7.52 2.21
CA ALA A 76 -2.68 -7.10 2.35
C ALA A 76 -1.78 -7.85 1.37
N ARG A 77 -2.07 -9.13 1.16
CA ARG A 77 -1.33 -9.94 0.20
C ARG A 77 -1.51 -9.39 -1.22
N ILE A 78 -2.74 -9.00 -1.53
CA ILE A 78 -3.03 -8.42 -2.84
C ILE A 78 -2.35 -7.06 -2.98
N LEU A 79 -2.37 -6.29 -1.90
CA LEU A 79 -1.69 -5.00 -1.85
C LEU A 79 -0.20 -5.17 -2.17
N ALA A 80 0.42 -6.14 -1.51
CA ALA A 80 1.84 -6.41 -1.72
C ALA A 80 2.12 -6.72 -3.20
N GLN A 81 1.25 -7.53 -3.80
CA GLN A 81 1.41 -7.90 -5.20
C GLN A 81 1.16 -6.71 -6.10
N ALA A 82 0.14 -5.92 -5.77
CA ALA A 82 -0.23 -4.76 -6.57
C ALA A 82 0.88 -3.72 -6.60
N THR A 83 1.46 -3.42 -5.43
CA THR A 83 2.56 -2.47 -5.36
C THR A 83 3.80 -3.02 -6.07
N SER A 84 3.99 -4.33 -6.02
CA SER A 84 5.08 -4.97 -6.75
C SER A 84 4.94 -4.68 -8.25
N ASP A 85 3.71 -4.79 -8.73
CA ASP A 85 3.40 -4.49 -10.13
C ASP A 85 3.65 -3.01 -10.42
N LEU A 86 3.15 -2.15 -9.53
CA LEU A 86 3.26 -0.70 -9.69
C LEU A 86 4.71 -0.25 -9.73
N VAL A 87 5.49 -0.64 -8.73
CA VAL A 87 6.87 -0.18 -8.61
C VAL A 87 7.73 -0.70 -9.77
N ASN A 88 7.47 -1.93 -10.19
CA ASN A 88 8.21 -2.51 -11.32
C ASN A 88 7.81 -1.83 -12.62
N ALA A 89 6.53 -1.47 -12.73
CA ALA A 89 6.02 -0.76 -13.89
C ALA A 89 6.72 0.58 -14.04
N ILE A 90 6.85 1.29 -12.92
CA ILE A 90 7.55 2.56 -12.90
C ILE A 90 9.03 2.36 -13.20
N LYS A 91 9.61 1.32 -12.63
CA LYS A 91 11.02 1.00 -12.83
C LYS A 91 11.33 0.85 -14.33
N ALA A 92 10.52 0.03 -15.00
CA ALA A 92 10.72 -0.22 -16.43
C ALA A 92 10.48 1.05 -17.25
N ASP A 93 9.53 1.87 -16.81
CA ASP A 93 9.23 3.12 -17.48
C ASP A 93 10.36 4.12 -17.29
N ALA A 94 10.80 4.25 -16.04
CA ALA A 94 11.83 5.21 -15.66
C ALA A 94 13.15 4.92 -16.36
N GLU A 95 13.47 3.64 -16.53
CA GLU A 95 14.71 3.24 -17.18
C GLU A 95 14.74 3.70 -18.64
N GLY A 96 13.57 3.79 -19.25
CA GLY A 96 13.47 4.23 -20.63
C GLY A 96 12.91 5.64 -20.74
N GLU A 97 12.92 6.36 -19.63
CA GLU A 97 12.41 7.72 -19.59
C GLU A 97 13.46 8.69 -20.14
N SER A 98 13.01 9.83 -20.65
CA SER A 98 13.90 10.81 -21.25
C SER A 98 14.58 11.66 -20.18
N ASP A 99 13.82 12.13 -19.21
CA ASP A 99 14.36 12.93 -18.12
C ASP A 99 14.84 12.01 -17.00
N LEU A 100 16.12 11.66 -17.04
CA LEU A 100 16.67 10.68 -16.11
C LEU A 100 16.72 11.22 -14.68
N GLU A 101 16.44 12.50 -14.51
CA GLU A 101 16.30 13.06 -13.18
C GLU A 101 14.94 12.71 -12.59
N ASN A 102 13.91 12.79 -13.43
CA ASN A 102 12.54 12.52 -13.00
C ASN A 102 12.36 11.04 -12.68
N SER A 103 13.01 10.19 -13.46
CA SER A 103 12.93 8.76 -13.27
C SER A 103 13.42 8.39 -11.87
N ARG A 104 14.46 9.07 -11.41
CA ARG A 104 14.97 8.87 -10.06
C ARG A 104 13.89 9.24 -9.05
N LYS A 105 13.21 10.36 -9.31
CA LYS A 105 12.11 10.81 -8.46
C LYS A 105 10.98 9.78 -8.46
N LEU A 106 10.75 9.18 -9.63
CA LEU A 106 9.76 8.14 -9.78
C LEU A 106 10.06 6.98 -8.86
N LEU A 107 11.31 6.53 -8.88
CA LEU A 107 11.74 5.40 -8.08
C LEU A 107 11.81 5.76 -6.60
N SER A 108 12.11 7.03 -6.32
CA SER A 108 12.09 7.53 -4.95
C SER A 108 10.68 7.48 -4.37
N ALA A 109 9.70 7.80 -5.20
CA ALA A 109 8.30 7.74 -4.79
C ALA A 109 7.84 6.29 -4.67
N ALA A 110 8.27 5.46 -5.63
CA ALA A 110 7.95 4.05 -5.62
C ALA A 110 8.57 3.36 -4.40
N LYS A 111 9.67 3.92 -3.92
CA LYS A 111 10.32 3.43 -2.71
C LYS A 111 9.40 3.55 -1.52
N ILE A 112 8.69 4.69 -1.44
CA ILE A 112 7.72 4.92 -0.39
C ILE A 112 6.55 3.95 -0.55
N LEU A 113 6.13 3.76 -1.81
CA LEU A 113 5.06 2.82 -2.13
C LEU A 113 5.36 1.45 -1.55
N ALA A 114 6.55 0.94 -1.86
CA ALA A 114 6.97 -0.38 -1.41
C ALA A 114 7.10 -0.45 0.11
N ASP A 115 7.74 0.56 0.70
CA ASP A 115 7.95 0.59 2.14
C ASP A 115 6.62 0.65 2.89
N ALA A 116 5.73 1.52 2.42
CA ALA A 116 4.42 1.66 3.01
C ALA A 116 3.64 0.35 2.91
N THR A 117 3.80 -0.33 1.77
CA THR A 117 3.14 -1.61 1.55
C THR A 117 3.67 -2.67 2.52
N ALA A 118 4.98 -2.65 2.77
CA ALA A 118 5.57 -3.57 3.73
C ALA A 118 5.01 -3.30 5.12
N LYS A 119 4.98 -2.03 5.49
CA LYS A 119 4.42 -1.62 6.77
C LYS A 119 2.96 -2.05 6.86
N MET A 120 2.22 -1.84 5.78
CA MET A 120 0.82 -2.22 5.71
C MET A 120 0.65 -3.72 5.88
N VAL A 121 1.40 -4.49 5.08
CA VAL A 121 1.31 -5.94 5.14
C VAL A 121 1.75 -6.45 6.51
N GLU A 122 2.77 -5.82 7.07
CA GLU A 122 3.33 -6.24 8.35
C GLU A 122 2.40 -5.85 9.51
N ALA A 123 1.72 -4.72 9.37
CA ALA A 123 0.75 -4.28 10.36
C ALA A 123 -0.47 -5.18 10.35
N ALA A 124 -0.95 -5.49 9.15
CA ALA A 124 -2.10 -6.37 8.98
C ALA A 124 -1.79 -7.77 9.48
N LYS A 125 -0.55 -8.20 9.29
CA LYS A 125 -0.11 -9.51 9.77
C LYS A 125 -0.03 -9.52 11.29
N GLY A 126 0.50 -8.45 11.86
CA GLY A 126 0.60 -8.34 13.29
C GLY A 126 -0.76 -8.28 13.96
N ALA A 127 -1.65 -7.51 13.36
CA ALA A 127 -3.00 -7.35 13.89
C ALA A 127 -3.95 -8.41 13.29
N ALA A 128 -3.42 -9.61 13.08
CA ALA A 128 -4.21 -10.71 12.57
C ALA A 128 -4.93 -11.42 13.71
N ALA A 129 -5.83 -12.34 13.35
CA ALA A 129 -6.66 -13.05 14.32
C ALA A 129 -5.81 -13.86 15.30
N HIS A 130 -4.75 -14.48 14.78
CA HIS A 130 -3.84 -15.24 15.62
C HIS A 130 -2.46 -14.60 15.63
N PRO A 131 -2.17 -13.75 16.62
CA PRO A 131 -0.85 -13.18 16.80
C PRO A 131 0.15 -14.22 17.27
N ASP A 132 -0.32 -15.08 18.16
CA ASP A 132 0.49 -16.13 18.79
C ASP A 132 1.55 -15.50 19.70
N SER A 133 2.52 -14.88 19.08
CA SER A 133 3.55 -14.15 19.78
C SER A 133 2.98 -12.83 20.33
N GLU A 134 3.68 -12.24 21.30
CA GLU A 134 3.31 -10.91 21.80
C GLU A 134 3.84 -9.85 20.85
N GLU A 135 3.35 -9.88 19.62
CA GLU A 135 3.86 -9.04 18.56
C GLU A 135 3.45 -7.58 18.74
N GLN A 136 4.45 -6.71 18.79
CA GLN A 136 4.24 -5.27 18.86
C GLN A 136 5.04 -4.59 17.76
N GLN A 137 5.03 -5.20 16.58
CA GLN A 137 5.80 -4.74 15.43
C GLN A 137 7.29 -4.85 15.72
N GLN A 138 7.72 -6.03 16.12
CA GLN A 138 9.11 -6.27 16.45
C GLN A 138 9.67 -7.42 15.62
N ARG A 139 9.78 -7.21 14.33
CA ARG A 139 10.26 -8.24 13.44
C ARG A 139 11.56 -7.80 12.77
N GLY A 1 -14.85 -5.95 40.86
CA GLY A 1 -14.71 -6.47 39.48
C GLY A 1 -14.01 -7.81 39.44
N SER A 2 -14.76 -8.86 39.70
CA SER A 2 -14.22 -10.21 39.69
C SER A 2 -14.08 -10.71 38.26
N HIS A 3 -12.92 -10.46 37.67
CA HIS A 3 -12.62 -10.92 36.33
C HIS A 3 -11.14 -11.18 36.20
N MET A 4 -10.64 -12.08 37.05
CA MET A 4 -9.22 -12.40 37.09
C MET A 4 -8.84 -13.31 35.92
N GLN A 5 -8.44 -12.71 34.83
CA GLN A 5 -8.04 -13.45 33.65
C GLN A 5 -6.71 -12.94 33.13
N ALA A 6 -6.33 -13.37 31.93
CA ALA A 6 -5.10 -12.91 31.31
C ALA A 6 -5.28 -11.50 30.77
N ALA A 7 -4.32 -10.63 31.07
CA ALA A 7 -4.35 -9.26 30.58
C ALA A 7 -3.94 -9.24 29.11
N THR A 8 -4.91 -9.04 28.23
CA THR A 8 -4.65 -8.99 26.81
C THR A 8 -3.89 -7.72 26.44
N GLU A 9 -3.30 -7.70 25.25
CA GLU A 9 -2.60 -6.52 24.78
C GLU A 9 -3.60 -5.40 24.47
N ASP A 10 -4.12 -5.38 23.25
CA ASP A 10 -5.08 -4.37 22.81
C ASP A 10 -5.42 -4.59 21.35
N GLY A 11 -6.22 -3.69 20.79
CA GLY A 11 -6.55 -3.75 19.39
C GLY A 11 -5.88 -2.62 18.62
N GLN A 12 -4.70 -2.91 18.08
CA GLN A 12 -3.91 -1.91 17.37
C GLN A 12 -4.29 -1.88 15.88
N LEU A 13 -5.60 -1.91 15.63
CA LEU A 13 -6.10 -1.99 14.26
C LEU A 13 -5.84 -0.68 13.51
N LEU A 14 -6.46 0.39 13.95
CA LEU A 14 -6.34 1.66 13.25
C LEU A 14 -5.03 2.37 13.62
N ARG A 15 -4.44 1.93 14.72
CA ARG A 15 -3.14 2.47 15.15
C ARG A 15 -2.03 1.98 14.23
N GLY A 16 -1.93 0.66 14.08
CA GLY A 16 -0.90 0.08 13.24
C GLY A 16 -1.32 0.00 11.79
N VAL A 17 -2.33 -0.82 11.52
CA VAL A 17 -2.79 -1.04 10.14
C VAL A 17 -3.33 0.26 9.56
N GLY A 18 -4.05 1.01 10.38
CA GLY A 18 -4.61 2.28 9.93
C GLY A 18 -3.55 3.23 9.40
N ALA A 19 -2.47 3.38 10.17
CA ALA A 19 -1.38 4.26 9.77
C ALA A 19 -0.64 3.71 8.56
N ALA A 20 -0.38 2.41 8.57
CA ALA A 20 0.32 1.75 7.49
C ALA A 20 -0.48 1.83 6.19
N ALA A 21 -1.77 1.58 6.27
CA ALA A 21 -2.66 1.64 5.12
C ALA A 21 -2.69 3.05 4.53
N THR A 22 -2.82 4.04 5.40
CA THR A 22 -2.87 5.43 4.97
C THR A 22 -1.55 5.85 4.31
N ALA A 23 -0.46 5.28 4.77
CA ALA A 23 0.85 5.54 4.17
C ALA A 23 0.85 5.13 2.70
N VAL A 24 0.25 3.98 2.41
CA VAL A 24 0.11 3.51 1.04
C VAL A 24 -0.80 4.45 0.26
N THR A 25 -1.90 4.86 0.87
CA THR A 25 -2.83 5.79 0.25
C THR A 25 -2.12 7.07 -0.17
N GLN A 26 -1.29 7.60 0.73
CA GLN A 26 -0.53 8.80 0.44
C GLN A 26 0.50 8.57 -0.66
N ALA A 27 1.28 7.51 -0.52
CA ALA A 27 2.31 7.17 -1.49
C ALA A 27 1.72 7.00 -2.88
N LEU A 28 0.60 6.31 -2.96
CA LEU A 28 -0.09 6.05 -4.21
C LEU A 28 -0.58 7.36 -4.83
N ASN A 29 -1.12 8.23 -3.98
CA ASN A 29 -1.61 9.53 -4.43
C ASN A 29 -0.48 10.34 -5.06
N GLU A 30 0.69 10.28 -4.42
CA GLU A 30 1.89 10.96 -4.92
C GLU A 30 2.29 10.40 -6.27
N LEU A 31 2.30 9.07 -6.36
CA LEU A 31 2.76 8.38 -7.55
C LEU A 31 1.93 8.73 -8.78
N LEU A 32 0.62 8.83 -8.61
CA LEU A 32 -0.26 9.11 -9.73
C LEU A 32 0.09 10.44 -10.39
N GLN A 33 0.30 11.48 -9.59
CA GLN A 33 0.70 12.77 -10.11
C GLN A 33 2.12 12.69 -10.68
N HIS A 34 2.96 11.93 -9.99
CA HIS A 34 4.35 11.74 -10.38
C HIS A 34 4.45 11.21 -11.81
N VAL A 35 3.70 10.16 -12.09
CA VAL A 35 3.76 9.49 -13.37
C VAL A 35 3.11 10.31 -14.47
N LYS A 36 1.96 10.92 -14.17
CA LYS A 36 1.19 11.63 -15.17
C LYS A 36 1.83 12.95 -15.56
N ALA A 37 2.51 13.60 -14.62
CA ALA A 37 3.02 14.94 -14.85
C ALA A 37 4.54 14.97 -15.07
N HIS A 38 5.22 13.84 -14.87
CA HIS A 38 6.68 13.84 -14.96
C HIS A 38 7.19 12.66 -15.77
N ALA A 39 6.54 12.38 -16.89
CA ALA A 39 6.97 11.29 -17.76
C ALA A 39 7.09 11.78 -19.20
N THR A 40 7.33 10.86 -20.12
CA THR A 40 7.40 11.21 -21.53
C THR A 40 6.01 11.19 -22.16
N GLY A 41 5.04 10.63 -21.45
CA GLY A 41 3.69 10.56 -21.96
C GLY A 41 3.51 9.45 -22.97
N ALA A 42 4.02 9.68 -24.18
CA ALA A 42 3.93 8.69 -25.24
C ALA A 42 5.23 7.93 -25.39
N GLY A 43 5.17 6.62 -25.15
CA GLY A 43 6.35 5.79 -25.26
C GLY A 43 6.62 5.03 -23.98
N PRO A 44 7.82 5.20 -23.39
CA PRO A 44 8.19 4.50 -22.15
C PRO A 44 7.57 5.15 -20.91
N ALA A 45 6.25 5.30 -20.94
CA ALA A 45 5.53 5.93 -19.85
C ALA A 45 4.09 5.42 -19.81
N GLY A 46 3.89 4.28 -19.18
CA GLY A 46 2.57 3.71 -19.09
C GLY A 46 1.81 4.24 -17.89
N ARG A 47 0.54 4.55 -18.08
CA ARG A 47 -0.29 5.01 -16.98
C ARG A 47 -0.95 3.84 -16.29
N TYR A 48 -0.48 3.54 -15.09
CA TYR A 48 -0.99 2.41 -14.32
C TYR A 48 -2.19 2.86 -13.47
N ASP A 49 -3.11 3.56 -14.11
CA ASP A 49 -4.30 4.10 -13.44
C ASP A 49 -5.13 2.98 -12.82
N GLN A 50 -5.28 1.90 -13.58
CA GLN A 50 -6.03 0.74 -13.11
C GLN A 50 -5.31 0.08 -11.94
N ALA A 51 -3.98 -0.01 -12.05
CA ALA A 51 -3.17 -0.62 -11.00
C ALA A 51 -3.31 0.15 -9.69
N THR A 52 -3.20 1.48 -9.78
CA THR A 52 -3.34 2.33 -8.61
C THR A 52 -4.74 2.19 -8.03
N ASP A 53 -5.73 2.14 -8.91
CA ASP A 53 -7.13 1.97 -8.51
C ASP A 53 -7.32 0.67 -7.74
N THR A 54 -6.69 -0.39 -8.22
CA THR A 54 -6.75 -1.69 -7.56
C THR A 54 -6.20 -1.59 -6.14
N ILE A 55 -5.01 -1.00 -6.00
CA ILE A 55 -4.38 -0.83 -4.70
C ILE A 55 -5.29 -0.04 -3.75
N LEU A 56 -5.74 1.11 -4.21
CA LEU A 56 -6.63 1.96 -3.40
C LEU A 56 -7.85 1.17 -2.93
N THR A 57 -8.48 0.46 -3.85
CA THR A 57 -9.65 -0.36 -3.52
C THR A 57 -9.30 -1.44 -2.50
N VAL A 58 -8.12 -2.04 -2.65
CA VAL A 58 -7.66 -3.08 -1.73
C VAL A 58 -7.39 -2.48 -0.34
N THR A 59 -6.69 -1.37 -0.30
CA THR A 59 -6.38 -0.69 0.96
C THR A 59 -7.65 -0.24 1.66
N GLU A 60 -8.58 0.30 0.86
CA GLU A 60 -9.87 0.73 1.36
C GLU A 60 -10.68 -0.47 1.89
N ASN A 61 -10.46 -1.63 1.27
CA ASN A 61 -11.08 -2.88 1.71
C ASN A 61 -10.64 -3.21 3.12
N ILE A 62 -9.33 -3.05 3.38
CA ILE A 62 -8.77 -3.31 4.69
C ILE A 62 -9.40 -2.40 5.75
N PHE A 63 -9.58 -1.13 5.38
CA PHE A 63 -10.22 -0.16 6.27
C PHE A 63 -11.64 -0.61 6.62
N SER A 64 -12.31 -1.18 5.64
CA SER A 64 -13.70 -1.62 5.81
C SER A 64 -13.76 -3.01 6.43
N SER A 65 -12.61 -3.60 6.69
CA SER A 65 -12.54 -4.92 7.30
C SER A 65 -11.63 -4.91 8.53
N MET A 66 -11.51 -3.74 9.14
CA MET A 66 -10.64 -3.57 10.30
C MET A 66 -11.13 -4.41 11.47
N GLY A 67 -10.37 -5.45 11.78
CA GLY A 67 -10.74 -6.33 12.86
C GLY A 67 -11.09 -7.72 12.38
N ASP A 68 -11.22 -7.88 11.06
CA ASP A 68 -11.54 -9.19 10.49
C ASP A 68 -10.32 -10.09 10.47
N ALA A 69 -9.18 -9.45 10.33
CA ALA A 69 -7.88 -10.11 10.26
C ALA A 69 -7.72 -10.92 8.97
N GLY A 70 -8.56 -11.93 8.80
CA GLY A 70 -8.46 -12.82 7.66
C GLY A 70 -8.60 -12.09 6.32
N GLU A 71 -9.65 -11.28 6.20
CA GLU A 71 -9.86 -10.50 4.99
C GLU A 71 -8.74 -9.46 4.83
N MET A 72 -8.27 -8.95 5.96
CA MET A 72 -7.21 -7.95 5.96
C MET A 72 -5.94 -8.53 5.36
N VAL A 73 -5.55 -9.72 5.80
CA VAL A 73 -4.38 -10.39 5.28
C VAL A 73 -4.61 -10.77 3.81
N ARG A 74 -5.82 -11.21 3.50
CA ARG A 74 -6.20 -11.53 2.13
C ARG A 74 -5.96 -10.33 1.22
N GLN A 75 -6.49 -9.18 1.63
CA GLN A 75 -6.31 -7.96 0.87
C GLN A 75 -4.83 -7.54 0.87
N ALA A 76 -4.17 -7.73 1.99
CA ALA A 76 -2.75 -7.37 2.11
C ALA A 76 -1.90 -8.14 1.10
N ARG A 77 -2.31 -9.38 0.79
CA ARG A 77 -1.62 -10.17 -0.23
C ARG A 77 -1.77 -9.49 -1.59
N ILE A 78 -2.99 -9.07 -1.91
CA ILE A 78 -3.28 -8.39 -3.16
C ILE A 78 -2.53 -7.06 -3.22
N LEU A 79 -2.54 -6.35 -2.11
CA LEU A 79 -1.83 -5.08 -1.99
C LEU A 79 -0.34 -5.28 -2.27
N ALA A 80 0.24 -6.28 -1.62
CA ALA A 80 1.66 -6.58 -1.79
C ALA A 80 1.97 -6.90 -3.24
N GLN A 81 1.15 -7.77 -3.84
CA GLN A 81 1.33 -8.19 -5.22
C GLN A 81 1.24 -7.00 -6.17
N ALA A 82 0.20 -6.20 -6.02
CA ALA A 82 -0.05 -5.08 -6.90
C ALA A 82 1.07 -4.04 -6.85
N THR A 83 1.44 -3.65 -5.63
CA THR A 83 2.48 -2.63 -5.47
C THR A 83 3.85 -3.14 -5.93
N SER A 84 4.12 -4.42 -5.72
CA SER A 84 5.38 -5.01 -6.17
C SER A 84 5.51 -4.86 -7.67
N ASP A 85 4.42 -5.10 -8.38
CA ASP A 85 4.38 -4.96 -9.83
C ASP A 85 4.41 -3.49 -10.21
N LEU A 86 3.65 -2.69 -9.48
CA LEU A 86 3.57 -1.25 -9.71
C LEU A 86 4.96 -0.61 -9.64
N VAL A 87 5.69 -0.88 -8.57
CA VAL A 87 7.01 -0.32 -8.39
C VAL A 87 7.96 -0.77 -9.51
N ASN A 88 7.89 -2.05 -9.85
CA ASN A 88 8.73 -2.61 -10.89
C ASN A 88 8.39 -1.99 -12.24
N ALA A 89 7.11 -1.74 -12.47
CA ALA A 89 6.65 -1.12 -13.69
C ALA A 89 7.26 0.26 -13.87
N ILE A 90 7.16 1.08 -12.82
CA ILE A 90 7.75 2.42 -12.84
C ILE A 90 9.25 2.34 -12.98
N LYS A 91 9.85 1.33 -12.34
CA LYS A 91 11.29 1.11 -12.42
C LYS A 91 11.75 1.00 -13.86
N ALA A 92 11.05 0.17 -14.64
CA ALA A 92 11.40 -0.04 -16.04
C ALA A 92 11.01 1.16 -16.90
N ASP A 93 9.93 1.83 -16.53
CA ASP A 93 9.42 2.96 -17.31
C ASP A 93 10.29 4.20 -17.12
N ALA A 94 10.62 4.49 -15.86
CA ALA A 94 11.45 5.64 -15.53
C ALA A 94 12.85 5.47 -16.08
N GLU A 95 13.21 4.23 -16.40
CA GLU A 95 14.48 3.93 -17.03
C GLU A 95 14.51 4.44 -18.46
N GLY A 96 13.32 4.70 -19.01
CA GLY A 96 13.22 5.19 -20.36
C GLY A 96 12.93 6.68 -20.41
N GLU A 97 12.89 7.31 -19.25
CA GLU A 97 12.64 8.74 -19.18
C GLU A 97 13.88 9.51 -19.67
N SER A 98 13.64 10.63 -20.34
CA SER A 98 14.71 11.39 -20.95
C SER A 98 15.55 12.12 -19.91
N ASP A 99 14.92 12.55 -18.83
CA ASP A 99 15.62 13.24 -17.76
C ASP A 99 15.66 12.37 -16.51
N LEU A 100 16.79 12.41 -15.81
CA LEU A 100 17.00 11.53 -14.66
C LEU A 100 16.49 12.15 -13.37
N GLU A 101 16.38 13.48 -13.35
CA GLU A 101 15.95 14.18 -12.15
C GLU A 101 14.53 13.78 -11.76
N ASN A 102 13.62 13.82 -12.72
CA ASN A 102 12.22 13.47 -12.46
C ASN A 102 12.05 11.98 -12.30
N SER A 103 12.86 11.21 -13.03
CA SER A 103 12.78 9.76 -12.95
C SER A 103 13.24 9.27 -11.58
N ARG A 104 14.27 9.93 -11.03
CA ARG A 104 14.77 9.59 -9.71
C ARG A 104 13.68 9.80 -8.67
N LYS A 105 13.00 10.94 -8.73
CA LYS A 105 11.89 11.25 -7.84
C LYS A 105 10.82 10.18 -7.94
N LEU A 106 10.59 9.74 -9.16
CA LEU A 106 9.58 8.73 -9.46
C LEU A 106 9.83 7.46 -8.67
N LEU A 107 11.05 7.00 -8.72
CA LEU A 107 11.43 5.77 -8.06
C LEU A 107 11.57 5.98 -6.55
N SER A 108 11.79 7.23 -6.14
CA SER A 108 11.79 7.56 -4.73
C SER A 108 10.39 7.41 -4.15
N ALA A 109 9.39 7.75 -4.96
CA ALA A 109 8.00 7.55 -4.57
C ALA A 109 7.65 6.07 -4.61
N ALA A 110 8.18 5.36 -5.60
CA ALA A 110 7.99 3.92 -5.71
C ALA A 110 8.59 3.21 -4.50
N LYS A 111 9.69 3.76 -3.99
CA LYS A 111 10.31 3.23 -2.79
C LYS A 111 9.37 3.36 -1.59
N ILE A 112 8.67 4.49 -1.53
CA ILE A 112 7.67 4.70 -0.48
C ILE A 112 6.51 3.73 -0.68
N LEU A 113 6.11 3.55 -1.94
CA LEU A 113 5.06 2.61 -2.30
C LEU A 113 5.37 1.23 -1.71
N ALA A 114 6.56 0.72 -2.00
CA ALA A 114 6.99 -0.57 -1.50
C ALA A 114 7.10 -0.59 0.02
N ASP A 115 7.73 0.44 0.57
CA ASP A 115 7.95 0.54 2.02
C ASP A 115 6.62 0.53 2.78
N ALA A 116 5.69 1.36 2.32
CA ALA A 116 4.38 1.47 2.96
C ALA A 116 3.59 0.17 2.79
N THR A 117 3.71 -0.45 1.62
CA THR A 117 3.01 -1.71 1.37
C THR A 117 3.56 -2.82 2.25
N ALA A 118 4.87 -2.83 2.46
CA ALA A 118 5.48 -3.80 3.36
C ALA A 118 5.02 -3.57 4.78
N LYS A 119 4.98 -2.31 5.19
CA LYS A 119 4.51 -1.96 6.52
C LYS A 119 3.03 -2.29 6.65
N MET A 120 2.30 -2.15 5.56
CA MET A 120 0.89 -2.51 5.52
C MET A 120 0.72 -4.01 5.69
N VAL A 121 1.45 -4.78 4.89
CA VAL A 121 1.41 -6.23 4.97
C VAL A 121 1.89 -6.70 6.35
N GLU A 122 2.90 -6.02 6.87
CA GLU A 122 3.44 -6.33 8.19
C GLU A 122 2.44 -5.98 9.29
N ALA A 123 1.72 -4.88 9.10
CA ALA A 123 0.72 -4.43 10.06
C ALA A 123 -0.49 -5.35 10.06
N ALA A 124 -0.96 -5.70 8.87
CA ALA A 124 -2.14 -6.54 8.71
C ALA A 124 -1.95 -7.89 9.40
N LYS A 125 -0.76 -8.46 9.26
CA LYS A 125 -0.46 -9.76 9.86
C LYS A 125 -0.17 -9.60 11.35
N GLY A 126 0.42 -8.47 11.72
CA GLY A 126 0.74 -8.22 13.12
C GLY A 126 -0.48 -7.92 13.96
N ALA A 127 -1.46 -7.25 13.35
CA ALA A 127 -2.69 -6.91 14.06
C ALA A 127 -3.75 -7.98 13.86
N ALA A 128 -3.40 -9.04 13.14
CA ALA A 128 -4.29 -10.17 12.96
C ALA A 128 -4.18 -11.11 14.15
N ALA A 129 -4.41 -10.57 15.34
CA ALA A 129 -4.24 -11.32 16.57
C ALA A 129 -5.57 -11.81 17.10
N HIS A 130 -6.48 -10.88 17.36
CA HIS A 130 -7.76 -11.22 17.96
C HIS A 130 -8.86 -10.28 17.46
N PRO A 131 -9.77 -10.78 16.61
CA PRO A 131 -10.98 -10.05 16.24
C PRO A 131 -11.79 -9.73 17.48
N ASP A 132 -12.02 -10.78 18.27
CA ASP A 132 -12.70 -10.69 19.57
C ASP A 132 -13.82 -9.66 19.57
N SER A 133 -14.75 -9.83 18.66
CA SER A 133 -15.83 -8.88 18.47
C SER A 133 -16.89 -9.03 19.56
N GLU A 134 -16.49 -8.73 20.80
CA GLU A 134 -17.39 -8.77 21.95
C GLU A 134 -17.06 -7.63 22.89
N GLU A 135 -16.71 -6.48 22.33
CA GLU A 135 -16.45 -5.29 23.12
C GLU A 135 -17.77 -4.71 23.60
N GLN A 136 -18.81 -5.03 22.85
CA GLN A 136 -20.17 -4.71 23.22
C GLN A 136 -20.96 -6.00 23.33
N GLN A 137 -21.50 -6.27 24.51
CA GLN A 137 -22.22 -7.50 24.82
C GLN A 137 -23.06 -8.00 23.64
N GLN A 138 -22.62 -9.09 23.05
CA GLN A 138 -23.29 -9.66 21.88
C GLN A 138 -24.49 -10.51 22.29
N ARG A 139 -25.37 -9.92 23.08
CA ARG A 139 -26.54 -10.60 23.58
C ARG A 139 -27.65 -9.59 23.83
N GLY A 1 -10.43 13.74 31.61
CA GLY A 1 -9.18 14.32 31.06
C GLY A 1 -9.07 15.80 31.35
N SER A 2 -8.25 16.50 30.59
CA SER A 2 -8.08 17.92 30.78
C SER A 2 -8.43 18.68 29.49
N HIS A 3 -7.57 18.56 28.49
CA HIS A 3 -7.77 19.26 27.23
C HIS A 3 -7.64 18.32 26.04
N MET A 4 -6.72 17.38 26.14
CA MET A 4 -6.47 16.42 25.05
C MET A 4 -7.62 15.43 24.91
N GLN A 5 -8.40 15.29 25.99
CA GLN A 5 -9.54 14.39 26.00
C GLN A 5 -10.63 14.88 25.05
N ALA A 6 -10.72 14.22 23.90
CA ALA A 6 -11.75 14.51 22.91
C ALA A 6 -11.88 13.33 21.95
N ALA A 7 -10.77 13.00 21.31
CA ALA A 7 -10.71 11.84 20.44
C ALA A 7 -9.50 10.99 20.82
N THR A 8 -9.28 10.87 22.12
CA THR A 8 -8.14 10.14 22.64
C THR A 8 -8.50 8.69 22.93
N GLU A 9 -9.39 8.15 22.11
CA GLU A 9 -9.81 6.77 22.26
C GLU A 9 -8.68 5.84 21.82
N ASP A 10 -8.46 4.79 22.59
CA ASP A 10 -7.35 3.87 22.34
C ASP A 10 -7.55 3.11 21.04
N GLY A 11 -6.65 3.33 20.10
CA GLY A 11 -6.75 2.69 18.80
C GLY A 11 -5.42 2.23 18.27
N GLN A 12 -4.86 1.23 18.91
CA GLN A 12 -3.55 0.70 18.51
C GLN A 12 -3.64 0.01 17.15
N LEU A 13 -4.81 -0.52 16.85
CA LEU A 13 -5.06 -1.12 15.54
C LEU A 13 -4.91 -0.08 14.44
N LEU A 14 -5.30 1.15 14.75
CA LEU A 14 -5.18 2.25 13.82
C LEU A 14 -3.76 2.80 13.83
N ARG A 15 -3.07 2.63 14.96
CA ARG A 15 -1.70 3.06 15.09
C ARG A 15 -0.80 2.27 14.14
N GLY A 16 -1.02 0.96 14.08
CA GLY A 16 -0.25 0.13 13.19
C GLY A 16 -0.86 0.06 11.81
N VAL A 17 -2.03 -0.56 11.70
CA VAL A 17 -2.68 -0.79 10.42
C VAL A 17 -3.12 0.53 9.77
N GLY A 18 -3.73 1.39 10.58
CA GLY A 18 -4.23 2.65 10.06
C GLY A 18 -3.15 3.49 9.43
N ALA A 19 -2.08 3.76 10.18
CA ALA A 19 -0.97 4.54 9.68
C ALA A 19 -0.35 3.90 8.44
N ALA A 20 -0.20 2.58 8.49
CA ALA A 20 0.37 1.83 7.38
C ALA A 20 -0.48 1.94 6.12
N ALA A 21 -1.79 1.78 6.28
CA ALA A 21 -2.71 1.85 5.16
C ALA A 21 -2.75 3.25 4.57
N THR A 22 -2.81 4.26 5.44
CA THR A 22 -2.84 5.65 4.99
C THR A 22 -1.58 6.00 4.22
N ALA A 23 -0.45 5.42 4.64
CA ALA A 23 0.81 5.62 3.95
C ALA A 23 0.72 5.16 2.51
N VAL A 24 0.07 4.01 2.30
CA VAL A 24 -0.14 3.48 0.97
C VAL A 24 -1.03 4.42 0.15
N THR A 25 -2.11 4.88 0.76
CA THR A 25 -3.03 5.79 0.10
C THR A 25 -2.30 7.07 -0.35
N GLN A 26 -1.48 7.61 0.54
CA GLN A 26 -0.74 8.83 0.25
C GLN A 26 0.33 8.58 -0.81
N ALA A 27 1.11 7.52 -0.63
CA ALA A 27 2.18 7.19 -1.57
C ALA A 27 1.63 6.95 -2.96
N LEU A 28 0.54 6.20 -3.04
CA LEU A 28 -0.10 5.89 -4.30
C LEU A 28 -0.59 7.17 -4.98
N ASN A 29 -1.28 8.01 -4.21
CA ASN A 29 -1.82 9.25 -4.75
C ASN A 29 -0.71 10.18 -5.20
N GLU A 30 0.42 10.12 -4.50
CA GLU A 30 1.59 10.91 -4.85
C GLU A 30 2.15 10.49 -6.20
N LEU A 31 2.48 9.21 -6.29
CA LEU A 31 3.09 8.63 -7.48
C LEU A 31 2.18 8.79 -8.70
N LEU A 32 0.88 8.62 -8.50
CA LEU A 32 -0.08 8.68 -9.59
C LEU A 32 0.03 9.96 -10.40
N GLN A 33 -0.05 11.10 -9.73
CA GLN A 33 0.02 12.39 -10.42
C GLN A 33 1.41 12.58 -11.01
N HIS A 34 2.41 12.14 -10.27
CA HIS A 34 3.80 12.28 -10.68
C HIS A 34 4.10 11.49 -11.95
N VAL A 35 3.63 10.25 -11.99
CA VAL A 35 3.89 9.35 -13.12
C VAL A 35 3.19 9.82 -14.38
N LYS A 36 1.90 10.09 -14.27
CA LYS A 36 1.04 10.36 -15.43
C LYS A 36 1.44 11.63 -16.16
N ALA A 37 2.29 12.44 -15.56
CA ALA A 37 2.73 13.68 -16.17
C ALA A 37 4.24 13.73 -16.35
N HIS A 38 4.95 12.78 -15.76
CA HIS A 38 6.42 12.80 -15.77
C HIS A 38 6.99 11.41 -15.98
N ALA A 39 6.63 10.79 -17.08
CA ALA A 39 7.19 9.48 -17.43
C ALA A 39 8.11 9.63 -18.62
N THR A 40 8.26 8.57 -19.40
CA THR A 40 9.03 8.64 -20.64
C THR A 40 8.39 9.64 -21.60
N GLY A 41 9.15 10.66 -21.98
CA GLY A 41 8.63 11.67 -22.88
C GLY A 41 8.29 11.11 -24.24
N ALA A 42 9.10 10.16 -24.70
CA ALA A 42 8.86 9.48 -25.97
C ALA A 42 7.95 8.27 -25.78
N GLY A 43 7.22 8.25 -24.67
CA GLY A 43 6.32 7.15 -24.39
C GLY A 43 4.97 7.64 -23.93
N PRO A 44 3.96 6.75 -23.89
CA PRO A 44 2.61 7.11 -23.45
C PRO A 44 2.44 7.00 -21.94
N ALA A 45 3.57 6.95 -21.23
CA ALA A 45 3.62 6.80 -19.77
C ALA A 45 3.29 5.37 -19.34
N GLY A 46 2.22 4.83 -19.90
CA GLY A 46 1.82 3.47 -19.58
C GLY A 46 0.42 3.43 -18.99
N ARG A 47 0.12 2.38 -18.24
CA ARG A 47 -1.18 2.26 -17.59
C ARG A 47 -1.00 1.87 -16.14
N TYR A 48 -1.31 2.80 -15.25
CA TYR A 48 -1.14 2.58 -13.82
C TYR A 48 -2.48 2.69 -13.12
N ASP A 49 -3.47 3.18 -13.85
CA ASP A 49 -4.79 3.48 -13.28
C ASP A 49 -5.47 2.23 -12.76
N GLN A 50 -5.42 1.15 -13.54
CA GLN A 50 -6.03 -0.11 -13.14
C GLN A 50 -5.32 -0.69 -11.93
N ALA A 51 -3.98 -0.72 -11.98
CA ALA A 51 -3.18 -1.24 -10.88
C ALA A 51 -3.43 -0.45 -9.60
N THR A 52 -3.37 0.88 -9.71
CA THR A 52 -3.56 1.75 -8.55
C THR A 52 -4.98 1.64 -8.02
N ASP A 53 -5.95 1.47 -8.93
CA ASP A 53 -7.34 1.24 -8.54
C ASP A 53 -7.44 0.00 -7.67
N THR A 54 -6.81 -1.07 -8.13
CA THR A 54 -6.78 -2.31 -7.39
C THR A 54 -6.14 -2.12 -6.01
N ILE A 55 -5.01 -1.41 -5.99
CA ILE A 55 -4.31 -1.11 -4.75
C ILE A 55 -5.20 -0.32 -3.80
N LEU A 56 -5.71 0.82 -4.27
CA LEU A 56 -6.57 1.68 -3.46
C LEU A 56 -7.79 0.91 -2.94
N THR A 57 -8.40 0.11 -3.80
CA THR A 57 -9.53 -0.70 -3.38
C THR A 57 -9.10 -1.70 -2.31
N VAL A 58 -7.90 -2.23 -2.44
CA VAL A 58 -7.33 -3.14 -1.45
C VAL A 58 -7.19 -2.41 -0.10
N THR A 59 -6.57 -1.24 -0.12
CA THR A 59 -6.36 -0.46 1.09
C THR A 59 -7.70 -0.04 1.70
N GLU A 60 -8.60 0.40 0.82
CA GLU A 60 -9.95 0.79 1.23
C GLU A 60 -10.68 -0.42 1.83
N ASN A 61 -10.44 -1.59 1.26
CA ASN A 61 -11.01 -2.82 1.78
C ASN A 61 -10.53 -3.07 3.20
N ILE A 62 -9.22 -2.95 3.40
CA ILE A 62 -8.61 -3.15 4.72
C ILE A 62 -9.16 -2.11 5.71
N PHE A 63 -9.30 -0.87 5.26
CA PHE A 63 -9.86 0.19 6.09
C PHE A 63 -11.27 -0.17 6.55
N SER A 64 -12.07 -0.68 5.61
CA SER A 64 -13.45 -1.05 5.88
C SER A 64 -13.55 -2.34 6.71
N SER A 65 -12.64 -3.27 6.42
CA SER A 65 -12.65 -4.58 7.07
C SER A 65 -11.69 -4.63 8.26
N MET A 66 -11.37 -3.45 8.79
CA MET A 66 -10.45 -3.35 9.92
C MET A 66 -11.05 -4.00 11.15
N GLY A 67 -10.56 -5.19 11.48
CA GLY A 67 -11.10 -5.94 12.59
C GLY A 67 -11.40 -7.37 12.21
N ASP A 68 -11.64 -7.62 10.93
CA ASP A 68 -11.93 -8.96 10.44
C ASP A 68 -10.65 -9.79 10.41
N ALA A 69 -9.55 -9.08 10.24
CA ALA A 69 -8.20 -9.66 10.21
C ALA A 69 -7.95 -10.48 8.95
N GLY A 70 -8.73 -11.54 8.75
CA GLY A 70 -8.53 -12.43 7.61
C GLY A 70 -8.64 -11.70 6.28
N GLU A 71 -9.74 -10.97 6.09
CA GLU A 71 -9.96 -10.20 4.88
C GLU A 71 -8.86 -9.15 4.74
N MET A 72 -8.40 -8.63 5.87
CA MET A 72 -7.33 -7.64 5.89
C MET A 72 -6.06 -8.23 5.31
N VAL A 73 -5.67 -9.39 5.83
CA VAL A 73 -4.46 -10.07 5.38
C VAL A 73 -4.58 -10.46 3.91
N ARG A 74 -5.75 -10.94 3.53
CA ARG A 74 -6.02 -11.30 2.14
C ARG A 74 -5.71 -10.13 1.21
N GLN A 75 -6.31 -8.98 1.49
CA GLN A 75 -6.09 -7.79 0.69
C GLN A 75 -4.63 -7.34 0.77
N ALA A 76 -4.04 -7.45 1.96
CA ALA A 76 -2.64 -7.09 2.15
C ALA A 76 -1.73 -7.93 1.27
N ARG A 77 -2.12 -9.19 1.05
CA ARG A 77 -1.36 -10.08 0.18
C ARG A 77 -1.43 -9.60 -1.26
N ILE A 78 -2.62 -9.15 -1.68
CA ILE A 78 -2.81 -8.62 -3.01
C ILE A 78 -2.08 -7.28 -3.16
N LEU A 79 -2.07 -6.51 -2.08
CA LEU A 79 -1.34 -5.25 -2.04
C LEU A 79 0.14 -5.49 -2.36
N ALA A 80 0.73 -6.48 -1.70
CA ALA A 80 2.12 -6.84 -1.94
C ALA A 80 2.35 -7.21 -3.39
N GLN A 81 1.36 -7.89 -3.98
CA GLN A 81 1.43 -8.31 -5.37
C GLN A 81 1.36 -7.10 -6.30
N ALA A 82 0.31 -6.29 -6.13
CA ALA A 82 0.03 -5.18 -7.01
C ALA A 82 1.13 -4.13 -6.97
N THR A 83 1.58 -3.77 -5.77
CA THR A 83 2.62 -2.75 -5.61
C THR A 83 3.92 -3.18 -6.29
N SER A 84 4.25 -4.47 -6.20
CA SER A 84 5.46 -4.97 -6.83
C SER A 84 5.39 -4.80 -8.34
N ASP A 85 4.20 -4.99 -8.90
CA ASP A 85 3.99 -4.81 -10.33
C ASP A 85 4.00 -3.32 -10.67
N LEU A 86 3.39 -2.53 -9.81
CA LEU A 86 3.33 -1.08 -9.97
C LEU A 86 4.74 -0.48 -9.98
N VAL A 87 5.52 -0.81 -8.97
CA VAL A 87 6.88 -0.29 -8.84
C VAL A 87 7.74 -0.74 -10.02
N ASN A 88 7.47 -1.93 -10.53
CA ASN A 88 8.18 -2.46 -11.69
C ASN A 88 8.00 -1.54 -12.89
N ALA A 89 6.76 -1.12 -13.13
CA ALA A 89 6.43 -0.26 -14.25
C ALA A 89 7.16 1.07 -14.13
N ILE A 90 7.19 1.62 -12.92
CA ILE A 90 7.88 2.87 -12.64
C ILE A 90 9.38 2.73 -12.85
N LYS A 91 9.93 1.63 -12.34
CA LYS A 91 11.36 1.37 -12.45
C LYS A 91 11.79 1.29 -13.92
N ALA A 92 10.93 0.74 -14.74
CA ALA A 92 11.21 0.61 -16.17
C ALA A 92 11.10 1.96 -16.88
N ASP A 93 10.03 2.69 -16.60
CA ASP A 93 9.78 3.95 -17.29
C ASP A 93 10.74 5.05 -16.84
N ALA A 94 11.03 5.08 -15.54
CA ALA A 94 11.92 6.09 -14.98
C ALA A 94 13.33 5.96 -15.56
N GLU A 95 13.73 4.73 -15.88
CA GLU A 95 15.05 4.49 -16.46
C GLU A 95 15.08 4.87 -17.93
N GLY A 96 13.92 5.21 -18.47
CA GLY A 96 13.84 5.65 -19.85
C GLY A 96 13.77 7.16 -19.93
N GLU A 97 13.94 7.82 -18.80
CA GLU A 97 13.89 9.28 -18.74
C GLU A 97 15.26 9.88 -18.97
N SER A 98 16.27 9.36 -18.27
CA SER A 98 17.63 9.87 -18.33
C SER A 98 17.69 11.31 -17.83
N ASP A 99 16.67 11.71 -17.09
CA ASP A 99 16.59 13.06 -16.53
C ASP A 99 17.22 13.10 -15.15
N LEU A 100 17.20 11.94 -14.48
CA LEU A 100 17.75 11.75 -13.14
C LEU A 100 16.89 12.40 -12.07
N GLU A 101 16.65 13.70 -12.19
CA GLU A 101 15.89 14.42 -11.17
C GLU A 101 14.44 13.90 -11.10
N ASN A 102 13.80 13.79 -12.25
CA ASN A 102 12.44 13.26 -12.31
C ASN A 102 12.45 11.76 -12.05
N SER A 103 13.47 11.08 -12.56
CA SER A 103 13.57 9.64 -12.43
C SER A 103 13.72 9.25 -10.96
N ARG A 104 14.60 9.95 -10.24
CA ARG A 104 14.79 9.71 -8.82
C ARG A 104 13.49 9.92 -8.06
N LYS A 105 12.82 11.02 -8.39
CA LYS A 105 11.52 11.32 -7.80
C LYS A 105 10.56 10.16 -8.01
N LEU A 106 10.63 9.59 -9.21
CA LEU A 106 9.76 8.50 -9.60
C LEU A 106 10.02 7.26 -8.77
N LEU A 107 11.28 6.90 -8.69
CA LEU A 107 11.69 5.68 -8.03
C LEU A 107 11.64 5.83 -6.50
N SER A 108 11.89 7.03 -6.01
CA SER A 108 11.79 7.29 -4.58
C SER A 108 10.35 7.16 -4.12
N ALA A 109 9.42 7.66 -4.94
CA ALA A 109 8.00 7.51 -4.67
C ALA A 109 7.61 6.03 -4.71
N ALA A 110 8.17 5.31 -5.68
CA ALA A 110 7.95 3.87 -5.79
C ALA A 110 8.49 3.14 -4.56
N LYS A 111 9.58 3.65 -4.01
CA LYS A 111 10.17 3.09 -2.81
C LYS A 111 9.22 3.26 -1.64
N ILE A 112 8.56 4.41 -1.57
CA ILE A 112 7.56 4.65 -0.53
C ILE A 112 6.37 3.72 -0.73
N LEU A 113 6.00 3.51 -1.98
CA LEU A 113 4.94 2.57 -2.33
C LEU A 113 5.23 1.20 -1.75
N ALA A 114 6.44 0.71 -1.98
CA ALA A 114 6.85 -0.60 -1.49
C ALA A 114 6.97 -0.61 0.03
N ASP A 115 7.54 0.45 0.57
CA ASP A 115 7.71 0.58 2.02
C ASP A 115 6.37 0.51 2.74
N ALA A 116 5.43 1.32 2.27
CA ALA A 116 4.09 1.37 2.86
C ALA A 116 3.40 0.02 2.72
N THR A 117 3.61 -0.64 1.60
CA THR A 117 3.03 -1.95 1.36
C THR A 117 3.53 -2.97 2.38
N ALA A 118 4.83 -2.93 2.66
CA ALA A 118 5.40 -3.82 3.67
C ALA A 118 4.80 -3.53 5.04
N LYS A 119 4.65 -2.26 5.34
CA LYS A 119 4.04 -1.85 6.60
C LYS A 119 2.61 -2.37 6.68
N MET A 120 1.91 -2.29 5.56
CA MET A 120 0.54 -2.76 5.47
C MET A 120 0.46 -4.26 5.72
N VAL A 121 1.28 -5.01 5.01
CA VAL A 121 1.31 -6.47 5.15
C VAL A 121 1.74 -6.87 6.55
N GLU A 122 2.71 -6.13 7.11
CA GLU A 122 3.22 -6.42 8.44
C GLU A 122 2.15 -6.18 9.49
N ALA A 123 1.51 -5.02 9.42
CA ALA A 123 0.50 -4.64 10.40
C ALA A 123 -0.74 -5.52 10.29
N ALA A 124 -1.18 -5.77 9.06
CA ALA A 124 -2.37 -6.59 8.82
C ALA A 124 -2.17 -8.01 9.34
N LYS A 125 -1.02 -8.59 9.03
CA LYS A 125 -0.71 -9.95 9.46
C LYS A 125 -0.55 -10.01 10.97
N GLY A 126 -0.09 -8.92 11.55
CA GLY A 126 0.16 -8.88 12.98
C GLY A 126 -1.10 -8.66 13.80
N ALA A 127 -2.19 -8.31 13.11
CA ALA A 127 -3.46 -8.08 13.77
C ALA A 127 -4.43 -9.22 13.50
N ALA A 128 -3.95 -10.21 12.75
CA ALA A 128 -4.76 -11.36 12.39
C ALA A 128 -5.02 -12.24 13.61
N ALA A 129 -6.29 -12.32 14.00
CA ALA A 129 -6.73 -13.07 15.19
C ALA A 129 -6.28 -12.40 16.48
N HIS A 130 -4.98 -12.32 16.66
CA HIS A 130 -4.41 -11.71 17.85
C HIS A 130 -3.55 -10.51 17.46
N PRO A 131 -3.74 -9.36 18.13
CA PRO A 131 -2.90 -8.18 17.94
C PRO A 131 -1.50 -8.40 18.51
N ASP A 132 -0.73 -9.20 17.80
CA ASP A 132 0.62 -9.57 18.25
C ASP A 132 1.65 -8.71 17.55
N SER A 133 1.25 -7.51 17.19
CA SER A 133 2.14 -6.57 16.52
C SER A 133 2.70 -5.58 17.52
N GLU A 134 3.62 -4.73 17.07
CA GLU A 134 4.17 -3.69 17.92
C GLU A 134 3.27 -2.46 17.90
N GLU A 135 2.04 -2.66 18.35
CA GLU A 135 1.03 -1.60 18.29
C GLU A 135 1.23 -0.57 19.38
N GLN A 136 1.79 -1.00 20.50
CA GLN A 136 2.00 -0.11 21.63
C GLN A 136 3.47 -0.05 22.04
N GLN A 137 4.19 -1.15 21.84
CA GLN A 137 5.57 -1.23 22.28
C GLN A 137 6.53 -0.99 21.11
N GLN A 138 6.19 -0.02 20.27
CA GLN A 138 7.04 0.34 19.14
C GLN A 138 8.05 1.39 19.56
N ARG A 139 8.01 1.76 20.84
CA ARG A 139 8.92 2.77 21.38
C ARG A 139 9.34 2.37 22.78
N GLY A 1 -8.14 6.61 29.86
CA GLY A 1 -8.80 5.29 29.80
C GLY A 1 -9.08 4.86 28.37
N SER A 2 -9.27 3.57 28.17
CA SER A 2 -9.51 3.01 26.85
C SER A 2 -10.90 3.42 26.33
N HIS A 3 -11.75 3.90 27.22
CA HIS A 3 -13.08 4.34 26.85
C HIS A 3 -13.15 5.87 26.77
N MET A 4 -12.00 6.51 26.66
CA MET A 4 -11.94 7.96 26.51
C MET A 4 -12.50 8.36 25.15
N GLN A 5 -12.12 7.61 24.13
CA GLN A 5 -12.61 7.82 22.77
C GLN A 5 -12.73 6.49 22.05
N ALA A 6 -13.91 6.22 21.51
CA ALA A 6 -14.16 4.98 20.80
C ALA A 6 -13.48 4.99 19.43
N ALA A 7 -12.18 4.72 19.43
CA ALA A 7 -11.39 4.67 18.21
C ALA A 7 -10.00 4.09 18.49
N THR A 8 -9.00 4.96 18.47
CA THR A 8 -7.61 4.55 18.60
C THR A 8 -7.14 4.52 20.06
N GLU A 9 -8.05 4.77 20.99
CA GLU A 9 -7.69 4.77 22.41
C GLU A 9 -7.36 3.37 22.88
N ASP A 10 -6.05 3.10 22.95
CA ASP A 10 -5.52 1.78 23.31
C ASP A 10 -5.95 0.72 22.30
N GLY A 11 -6.20 1.16 21.07
CA GLY A 11 -6.58 0.25 20.02
C GLY A 11 -5.46 0.06 19.03
N GLN A 12 -4.86 -1.12 19.01
CA GLN A 12 -3.71 -1.40 18.16
C GLN A 12 -4.11 -1.58 16.71
N LEU A 13 -5.34 -2.04 16.47
CA LEU A 13 -5.81 -2.27 15.12
C LEU A 13 -5.87 -0.96 14.34
N LEU A 14 -6.57 0.02 14.89
CA LEU A 14 -6.71 1.32 14.25
C LEU A 14 -5.38 2.07 14.27
N ARG A 15 -4.47 1.64 15.13
CA ARG A 15 -3.16 2.26 15.23
C ARG A 15 -2.22 1.73 14.16
N GLY A 16 -1.87 0.46 14.26
CA GLY A 16 -0.90 -0.13 13.35
C GLY A 16 -1.40 -0.19 11.93
N VAL A 17 -2.55 -0.81 11.73
CA VAL A 17 -3.13 -0.95 10.40
C VAL A 17 -3.55 0.40 9.85
N GLY A 18 -4.11 1.23 10.73
CA GLY A 18 -4.57 2.55 10.31
C GLY A 18 -3.45 3.40 9.76
N ALA A 19 -2.37 3.54 10.53
CA ALA A 19 -1.23 4.35 10.12
C ALA A 19 -0.60 3.79 8.84
N ALA A 20 -0.47 2.48 8.78
CA ALA A 20 0.13 1.82 7.64
C ALA A 20 -0.71 1.99 6.38
N ALA A 21 -2.02 1.79 6.52
CA ALA A 21 -2.94 1.89 5.40
C ALA A 21 -2.97 3.31 4.85
N THR A 22 -3.05 4.29 5.74
CA THR A 22 -3.03 5.69 5.37
C THR A 22 -1.73 6.06 4.65
N ALA A 23 -0.62 5.48 5.11
CA ALA A 23 0.69 5.73 4.52
C ALA A 23 0.73 5.30 3.05
N VAL A 24 0.18 4.11 2.77
CA VAL A 24 0.12 3.61 1.41
C VAL A 24 -0.77 4.48 0.55
N THR A 25 -1.93 4.84 1.09
CA THR A 25 -2.87 5.70 0.42
C THR A 25 -2.22 7.03 0.03
N GLN A 26 -1.44 7.59 0.96
CA GLN A 26 -0.74 8.83 0.71
C GLN A 26 0.30 8.65 -0.40
N ALA A 27 1.05 7.57 -0.33
CA ALA A 27 2.08 7.27 -1.33
C ALA A 27 1.47 7.11 -2.72
N LEU A 28 0.33 6.42 -2.78
CA LEU A 28 -0.37 6.21 -4.03
C LEU A 28 -0.81 7.53 -4.64
N ASN A 29 -1.38 8.39 -3.81
CA ASN A 29 -1.85 9.70 -4.26
C ASN A 29 -0.72 10.50 -4.86
N GLU A 30 0.46 10.38 -4.26
CA GLU A 30 1.66 11.06 -4.75
C GLU A 30 2.04 10.57 -6.13
N LEU A 31 2.20 9.26 -6.25
CA LEU A 31 2.63 8.64 -7.50
C LEU A 31 1.60 8.86 -8.60
N LEU A 32 0.32 8.72 -8.27
CA LEU A 32 -0.75 8.93 -9.24
C LEU A 32 -0.66 10.31 -9.85
N GLN A 33 -0.46 11.31 -9.00
CA GLN A 33 -0.30 12.69 -9.46
C GLN A 33 0.97 12.82 -10.27
N HIS A 34 2.04 12.22 -9.75
CA HIS A 34 3.36 12.30 -10.35
C HIS A 34 3.38 11.68 -11.75
N VAL A 35 2.77 10.52 -11.90
CA VAL A 35 2.75 9.82 -13.19
C VAL A 35 1.84 10.53 -14.19
N LYS A 36 0.80 11.17 -13.68
CA LYS A 36 -0.14 11.88 -14.55
C LYS A 36 0.53 13.05 -15.26
N ALA A 37 1.58 13.59 -14.66
CA ALA A 37 2.32 14.69 -15.26
C ALA A 37 3.69 14.24 -15.75
N HIS A 38 4.21 13.18 -15.14
CA HIS A 38 5.52 12.63 -15.51
C HIS A 38 5.51 11.12 -15.35
N ALA A 39 4.90 10.44 -16.30
CA ALA A 39 4.91 8.98 -16.30
C ALA A 39 6.32 8.46 -16.48
N THR A 40 6.88 8.69 -17.67
CA THR A 40 8.27 8.40 -17.92
C THR A 40 9.10 9.66 -17.72
N GLY A 41 8.72 10.72 -18.42
CA GLY A 41 9.40 11.99 -18.32
C GLY A 41 9.31 12.77 -19.61
N ALA A 42 10.38 12.74 -20.38
CA ALA A 42 10.39 13.42 -21.68
C ALA A 42 9.99 12.44 -22.77
N GLY A 43 9.88 11.17 -22.40
CA GLY A 43 9.46 10.16 -23.34
C GLY A 43 7.96 9.97 -23.38
N PRO A 44 7.49 8.71 -23.28
CA PRO A 44 6.08 8.38 -23.33
C PRO A 44 5.37 8.52 -21.98
N ALA A 45 4.28 7.79 -21.81
CA ALA A 45 3.52 7.80 -20.58
C ALA A 45 3.11 6.39 -20.18
N GLY A 46 4.00 5.70 -19.48
CA GLY A 46 3.65 4.41 -18.94
C GLY A 46 2.66 4.53 -17.81
N ARG A 47 1.40 4.27 -18.09
CA ARG A 47 0.35 4.42 -17.09
C ARG A 47 0.12 3.12 -16.36
N TYR A 48 0.17 3.19 -15.04
CA TYR A 48 -0.11 2.05 -14.18
C TYR A 48 -1.34 2.34 -13.35
N ASP A 49 -2.29 3.04 -13.96
CA ASP A 49 -3.47 3.56 -13.28
C ASP A 49 -4.31 2.44 -12.68
N GLN A 50 -4.37 1.32 -13.38
CA GLN A 50 -5.13 0.16 -12.90
C GLN A 50 -4.45 -0.44 -11.68
N ALA A 51 -3.13 -0.50 -11.70
CA ALA A 51 -2.38 -1.02 -10.57
C ALA A 51 -2.58 -0.17 -9.32
N THR A 52 -2.46 1.14 -9.49
CA THR A 52 -2.67 2.07 -8.39
C THR A 52 -4.11 2.00 -7.91
N ASP A 53 -5.05 1.87 -8.85
CA ASP A 53 -6.46 1.75 -8.53
C ASP A 53 -6.71 0.52 -7.66
N THR A 54 -6.14 -0.60 -8.05
CA THR A 54 -6.28 -1.85 -7.31
C THR A 54 -5.75 -1.69 -5.88
N ILE A 55 -4.59 -1.08 -5.74
CA ILE A 55 -3.99 -0.85 -4.42
C ILE A 55 -4.90 0.02 -3.56
N LEU A 56 -5.28 1.17 -4.09
CA LEU A 56 -6.13 2.11 -3.37
C LEU A 56 -7.42 1.41 -2.90
N THR A 57 -8.06 0.67 -3.79
CA THR A 57 -9.26 -0.09 -3.45
C THR A 57 -8.96 -1.12 -2.36
N VAL A 58 -7.87 -1.86 -2.54
CA VAL A 58 -7.47 -2.90 -1.58
C VAL A 58 -7.27 -2.30 -0.19
N THR A 59 -6.53 -1.20 -0.12
CA THR A 59 -6.25 -0.55 1.15
C THR A 59 -7.53 -0.04 1.80
N GLU A 60 -8.44 0.49 0.99
CA GLU A 60 -9.73 0.94 1.47
C GLU A 60 -10.52 -0.22 2.05
N ASN A 61 -10.46 -1.36 1.37
CA ASN A 61 -11.14 -2.58 1.82
C ASN A 61 -10.64 -2.99 3.20
N ILE A 62 -9.34 -2.82 3.42
CA ILE A 62 -8.73 -3.15 4.70
C ILE A 62 -9.29 -2.24 5.80
N PHE A 63 -9.53 -0.97 5.47
CA PHE A 63 -10.13 -0.03 6.41
C PHE A 63 -11.51 -0.52 6.85
N SER A 64 -12.32 -0.91 5.88
CA SER A 64 -13.66 -1.41 6.13
C SER A 64 -13.63 -2.73 6.90
N SER A 65 -12.65 -3.56 6.59
CA SER A 65 -12.52 -4.88 7.20
C SER A 65 -11.53 -4.87 8.35
N MET A 66 -11.28 -3.70 8.92
CA MET A 66 -10.35 -3.55 10.03
C MET A 66 -10.90 -4.25 11.27
N GLY A 67 -10.45 -5.48 11.48
CA GLY A 67 -10.94 -6.28 12.58
C GLY A 67 -11.44 -7.63 12.13
N ASP A 68 -11.47 -7.84 10.82
CA ASP A 68 -11.87 -9.13 10.27
C ASP A 68 -10.69 -10.08 10.25
N ALA A 69 -9.50 -9.49 10.26
CA ALA A 69 -8.22 -10.20 10.24
C ALA A 69 -7.98 -10.92 8.92
N GLY A 70 -8.82 -11.92 8.63
CA GLY A 70 -8.66 -12.72 7.42
C GLY A 70 -8.70 -11.90 6.15
N GLU A 71 -9.73 -11.07 6.02
CA GLU A 71 -9.88 -10.20 4.87
C GLU A 71 -8.70 -9.24 4.77
N MET A 72 -8.26 -8.75 5.93
CA MET A 72 -7.17 -7.80 5.99
C MET A 72 -5.90 -8.39 5.40
N VAL A 73 -5.54 -9.58 5.87
CA VAL A 73 -4.36 -10.27 5.37
C VAL A 73 -4.55 -10.64 3.90
N ARG A 74 -5.75 -11.05 3.55
CA ARG A 74 -6.09 -11.39 2.17
C ARG A 74 -5.82 -10.20 1.25
N GLN A 75 -6.42 -9.06 1.58
CA GLN A 75 -6.23 -7.84 0.79
C GLN A 75 -4.78 -7.40 0.83
N ALA A 76 -4.15 -7.51 2.00
CA ALA A 76 -2.76 -7.11 2.16
C ALA A 76 -1.83 -7.91 1.24
N ARG A 77 -2.15 -9.18 1.04
CA ARG A 77 -1.38 -10.04 0.15
C ARG A 77 -1.50 -9.55 -1.28
N ILE A 78 -2.70 -9.17 -1.68
CA ILE A 78 -2.94 -8.59 -3.00
C ILE A 78 -2.28 -7.22 -3.10
N LEU A 79 -2.33 -6.47 -2.01
CA LEU A 79 -1.71 -5.16 -1.91
C LEU A 79 -0.22 -5.26 -2.22
N ALA A 80 0.45 -6.20 -1.56
CA ALA A 80 1.87 -6.41 -1.78
C ALA A 80 2.16 -6.82 -3.22
N GLN A 81 1.28 -7.65 -3.76
CA GLN A 81 1.41 -8.14 -5.13
C GLN A 81 1.26 -6.98 -6.13
N ALA A 82 0.25 -6.15 -5.91
CA ALA A 82 -0.05 -5.05 -6.82
C ALA A 82 1.07 -4.03 -6.84
N THR A 83 1.51 -3.59 -5.66
CA THR A 83 2.58 -2.60 -5.58
C THR A 83 3.89 -3.12 -6.18
N SER A 84 4.11 -4.43 -6.08
CA SER A 84 5.29 -5.04 -6.66
C SER A 84 5.33 -4.80 -8.16
N ASP A 85 4.20 -4.99 -8.83
CA ASP A 85 4.11 -4.76 -10.26
C ASP A 85 4.18 -3.27 -10.56
N LEU A 86 3.53 -2.47 -9.72
CA LEU A 86 3.51 -1.03 -9.88
C LEU A 86 4.92 -0.44 -9.84
N VAL A 87 5.67 -0.78 -8.80
CA VAL A 87 7.02 -0.26 -8.62
C VAL A 87 7.94 -0.80 -9.71
N ASN A 88 7.79 -2.08 -10.02
CA ASN A 88 8.60 -2.72 -11.05
C ASN A 88 8.38 -2.06 -12.41
N ALA A 89 7.13 -1.72 -12.70
CA ALA A 89 6.78 -1.07 -13.95
C ALA A 89 7.40 0.32 -14.03
N ILE A 90 7.36 1.04 -12.91
CA ILE A 90 7.98 2.36 -12.83
C ILE A 90 9.48 2.27 -13.08
N LYS A 91 10.10 1.27 -12.45
CA LYS A 91 11.53 1.03 -12.64
C LYS A 91 11.85 0.76 -14.10
N ALA A 92 10.97 0.02 -14.77
CA ALA A 92 11.15 -0.34 -16.16
C ALA A 92 11.00 0.88 -17.06
N ASP A 93 10.03 1.74 -16.74
CA ASP A 93 9.78 2.93 -17.56
C ASP A 93 10.88 3.97 -17.36
N ALA A 94 11.19 4.26 -16.10
CA ALA A 94 12.21 5.26 -15.78
C ALA A 94 13.58 4.88 -16.33
N GLU A 95 13.76 3.60 -16.65
CA GLU A 95 15.01 3.10 -17.20
C GLU A 95 15.25 3.66 -18.61
N GLY A 96 14.16 3.90 -19.33
CA GLY A 96 14.27 4.41 -20.69
C GLY A 96 14.28 5.92 -20.75
N GLU A 97 13.99 6.55 -19.61
CA GLU A 97 13.93 7.99 -19.52
C GLU A 97 15.33 8.60 -19.45
N SER A 98 15.54 9.67 -20.20
CA SER A 98 16.81 10.38 -20.19
C SER A 98 16.83 11.42 -19.07
N ASP A 99 15.64 11.85 -18.66
CA ASP A 99 15.50 12.78 -17.55
C ASP A 99 15.81 12.07 -16.24
N LEU A 100 17.08 12.11 -15.84
CA LEU A 100 17.54 11.41 -14.65
C LEU A 100 16.98 12.02 -13.38
N GLU A 101 16.65 13.29 -13.44
CA GLU A 101 16.05 13.96 -12.30
C GLU A 101 14.63 13.44 -12.10
N ASN A 102 13.84 13.41 -13.17
CA ASN A 102 12.47 12.93 -13.09
C ASN A 102 12.42 11.44 -12.76
N SER A 103 13.33 10.67 -13.37
CA SER A 103 13.39 9.24 -13.10
C SER A 103 13.71 8.99 -11.63
N ARG A 104 14.62 9.81 -11.09
CA ARG A 104 14.96 9.73 -9.68
C ARG A 104 13.73 9.94 -8.82
N LYS A 105 12.94 10.97 -9.14
CA LYS A 105 11.69 11.24 -8.44
C LYS A 105 10.76 10.04 -8.54
N LEU A 106 10.71 9.48 -9.74
CA LEU A 106 9.83 8.37 -10.05
C LEU A 106 10.12 7.17 -9.15
N LEU A 107 11.39 6.82 -9.08
CA LEU A 107 11.81 5.66 -8.33
C LEU A 107 11.80 5.93 -6.82
N SER A 108 11.88 7.21 -6.46
CA SER A 108 11.78 7.60 -5.06
C SER A 108 10.34 7.45 -4.59
N ALA A 109 9.40 7.91 -5.41
CA ALA A 109 7.99 7.78 -5.11
C ALA A 109 7.59 6.30 -5.06
N ALA A 110 8.15 5.53 -5.98
CA ALA A 110 7.92 4.09 -6.02
C ALA A 110 8.50 3.42 -4.77
N LYS A 111 9.59 3.98 -4.25
CA LYS A 111 10.20 3.48 -3.03
C LYS A 111 9.24 3.64 -1.85
N ILE A 112 8.57 4.79 -1.80
CA ILE A 112 7.58 5.03 -0.77
C ILE A 112 6.43 4.02 -0.90
N LEU A 113 6.02 3.78 -2.14
CA LEU A 113 4.98 2.81 -2.43
C LEU A 113 5.33 1.45 -1.84
N ALA A 114 6.52 0.96 -2.20
CA ALA A 114 6.98 -0.36 -1.75
C ALA A 114 7.14 -0.43 -0.24
N ASP A 115 7.82 0.58 0.32
CA ASP A 115 8.11 0.60 1.75
C ASP A 115 6.83 0.65 2.57
N ALA A 116 5.91 1.50 2.16
CA ALA A 116 4.63 1.64 2.85
C ALA A 116 3.82 0.35 2.75
N THR A 117 3.92 -0.32 1.60
CA THR A 117 3.21 -1.57 1.38
C THR A 117 3.66 -2.63 2.38
N ALA A 118 4.96 -2.69 2.64
CA ALA A 118 5.50 -3.65 3.61
C ALA A 118 5.02 -3.30 5.01
N LYS A 119 4.92 -2.01 5.29
CA LYS A 119 4.40 -1.55 6.58
C LYS A 119 2.95 -1.98 6.73
N MET A 120 2.21 -1.84 5.64
CA MET A 120 0.80 -2.22 5.62
C MET A 120 0.64 -3.73 5.73
N VAL A 121 1.36 -4.47 4.90
CA VAL A 121 1.27 -5.92 4.90
C VAL A 121 1.65 -6.50 6.26
N GLU A 122 2.66 -5.89 6.89
CA GLU A 122 3.11 -6.35 8.18
C GLU A 122 2.12 -5.96 9.28
N ALA A 123 1.46 -4.82 9.11
CA ALA A 123 0.46 -4.38 10.07
C ALA A 123 -0.75 -5.30 10.03
N ALA A 124 -1.20 -5.63 8.82
CA ALA A 124 -2.33 -6.52 8.64
C ALA A 124 -2.02 -7.93 9.16
N LYS A 125 -0.82 -8.41 8.85
CA LYS A 125 -0.39 -9.73 9.29
C LYS A 125 -0.24 -9.77 10.82
N GLY A 126 0.21 -8.66 11.39
CA GLY A 126 0.36 -8.57 12.83
C GLY A 126 -0.95 -8.36 13.55
N ALA A 127 -2.03 -8.28 12.79
CA ALA A 127 -3.36 -8.10 13.35
C ALA A 127 -4.25 -9.29 13.01
N ALA A 128 -3.65 -10.32 12.44
CA ALA A 128 -4.38 -11.52 12.05
C ALA A 128 -4.89 -12.27 13.28
N ALA A 129 -4.18 -12.11 14.38
CA ALA A 129 -4.56 -12.75 15.63
C ALA A 129 -5.39 -11.80 16.50
N HIS A 130 -5.84 -10.69 15.92
CA HIS A 130 -6.62 -9.72 16.66
C HIS A 130 -7.82 -9.23 15.87
N PRO A 131 -8.95 -9.94 15.96
CA PRO A 131 -10.19 -9.52 15.33
C PRO A 131 -10.86 -8.40 16.13
N ASP A 132 -12.03 -7.96 15.68
CA ASP A 132 -12.81 -6.97 16.41
C ASP A 132 -13.49 -7.61 17.60
N SER A 133 -12.68 -8.05 18.55
CA SER A 133 -13.14 -8.77 19.74
C SER A 133 -11.96 -8.94 20.70
N GLU A 134 -12.22 -9.62 21.82
CA GLU A 134 -11.19 -9.97 22.80
C GLU A 134 -10.54 -8.73 23.40
N GLU A 135 -11.33 -7.69 23.60
CA GLU A 135 -10.85 -6.48 24.22
C GLU A 135 -11.14 -6.52 25.72
N GLN A 136 -10.28 -5.90 26.51
CA GLN A 136 -10.46 -5.89 27.95
C GLN A 136 -10.19 -4.50 28.51
N GLN A 137 -10.01 -4.42 29.83
CA GLN A 137 -9.74 -3.15 30.50
C GLN A 137 -8.24 -2.90 30.60
N GLN A 138 -7.46 -3.87 30.15
CA GLN A 138 -5.99 -3.79 30.19
C GLN A 138 -5.49 -3.77 31.63
N ARG A 139 -6.10 -4.61 32.46
CA ARG A 139 -5.73 -4.67 33.86
C ARG A 139 -5.80 -6.12 34.35
N GLY A 1 -4.55 -12.22 21.49
CA GLY A 1 -4.00 -11.59 22.70
C GLY A 1 -4.70 -12.06 23.95
N SER A 2 -4.33 -11.50 25.09
CA SER A 2 -4.94 -11.86 26.35
C SER A 2 -6.33 -11.23 26.47
N HIS A 3 -6.35 -9.92 26.71
CA HIS A 3 -7.59 -9.18 26.83
C HIS A 3 -7.32 -7.69 26.78
N MET A 4 -6.75 -7.15 27.84
CA MET A 4 -6.48 -5.72 27.93
C MET A 4 -5.28 -5.46 28.82
N GLN A 5 -4.17 -5.08 28.20
CA GLN A 5 -2.94 -4.82 28.93
C GLN A 5 -2.43 -3.42 28.62
N ALA A 6 -1.33 -3.04 29.25
CA ALA A 6 -0.72 -1.73 29.01
C ALA A 6 0.03 -1.73 27.69
N ALA A 7 0.47 -2.91 27.27
CA ALA A 7 1.21 -3.04 26.02
C ALA A 7 0.63 -4.17 25.16
N THR A 8 -0.68 -4.24 25.08
CA THR A 8 -1.34 -5.22 24.24
C THR A 8 -1.24 -4.82 22.77
N GLU A 9 -0.19 -5.29 22.10
CA GLU A 9 0.06 -4.93 20.72
C GLU A 9 -0.85 -5.71 19.77
N ASP A 10 -1.59 -6.66 20.31
CA ASP A 10 -2.59 -7.39 19.52
C ASP A 10 -3.75 -6.48 19.19
N GLY A 11 -3.91 -5.42 19.97
CA GLY A 11 -4.90 -4.40 19.69
C GLY A 11 -4.34 -3.35 18.76
N GLN A 12 -3.84 -3.78 17.61
CA GLN A 12 -3.22 -2.88 16.65
C GLN A 12 -4.09 -2.72 15.42
N LEU A 13 -5.38 -2.97 15.57
CA LEU A 13 -6.34 -2.88 14.47
C LEU A 13 -6.32 -1.49 13.86
N LEU A 14 -6.51 -0.48 14.68
CA LEU A 14 -6.50 0.89 14.22
C LEU A 14 -5.13 1.52 14.49
N ARG A 15 -4.54 1.12 15.61
CA ARG A 15 -3.24 1.66 16.02
C ARG A 15 -2.16 1.41 14.98
N GLY A 16 -2.12 0.20 14.45
CA GLY A 16 -1.10 -0.15 13.48
C GLY A 16 -1.59 -0.06 12.05
N VAL A 17 -2.62 -0.84 11.74
CA VAL A 17 -3.13 -0.94 10.36
C VAL A 17 -3.59 0.42 9.85
N GLY A 18 -4.29 1.18 10.69
CA GLY A 18 -4.80 2.47 10.27
C GLY A 18 -3.69 3.39 9.81
N ALA A 19 -2.62 3.48 10.58
CA ALA A 19 -1.49 4.33 10.25
C ALA A 19 -0.76 3.81 9.02
N ALA A 20 -0.55 2.50 8.96
CA ALA A 20 0.18 1.89 7.85
C ALA A 20 -0.60 2.00 6.54
N ALA A 21 -1.90 1.75 6.62
CA ALA A 21 -2.77 1.83 5.44
C ALA A 21 -2.78 3.24 4.88
N THR A 22 -2.87 4.22 5.76
CA THR A 22 -2.85 5.62 5.34
C THR A 22 -1.50 6.00 4.73
N ALA A 23 -0.43 5.41 5.26
CA ALA A 23 0.90 5.65 4.73
C ALA A 23 0.98 5.24 3.27
N VAL A 24 0.39 4.09 2.96
CA VAL A 24 0.33 3.61 1.57
C VAL A 24 -0.51 4.56 0.73
N THR A 25 -1.65 4.98 1.29
CA THR A 25 -2.55 5.89 0.60
C THR A 25 -1.83 7.21 0.25
N GLN A 26 -1.10 7.75 1.21
CA GLN A 26 -0.38 9.01 1.01
C GLN A 26 0.77 8.83 0.02
N ALA A 27 1.49 7.72 0.14
CA ALA A 27 2.60 7.42 -0.75
C ALA A 27 2.11 7.23 -2.18
N LEU A 28 1.03 6.49 -2.33
CA LEU A 28 0.44 6.23 -3.63
C LEU A 28 -0.10 7.51 -4.24
N ASN A 29 -0.77 8.31 -3.41
CA ASN A 29 -1.33 9.59 -3.85
C ASN A 29 -0.23 10.48 -4.41
N GLU A 30 0.93 10.44 -3.78
CA GLU A 30 2.08 11.22 -4.22
C GLU A 30 2.47 10.84 -5.64
N LEU A 31 2.66 9.55 -5.86
CA LEU A 31 3.10 9.04 -7.16
C LEU A 31 2.04 9.23 -8.22
N LEU A 32 0.77 9.04 -7.84
CA LEU A 32 -0.34 9.11 -8.79
C LEU A 32 -0.35 10.43 -9.57
N GLN A 33 -0.31 11.55 -8.86
CA GLN A 33 -0.33 12.85 -9.51
C GLN A 33 0.98 13.09 -10.25
N HIS A 34 2.05 12.59 -9.67
CA HIS A 34 3.38 12.73 -10.26
C HIS A 34 3.46 12.00 -11.60
N VAL A 35 2.75 10.88 -11.70
CA VAL A 35 2.70 10.11 -12.94
C VAL A 35 1.73 10.75 -13.94
N LYS A 36 0.52 11.04 -13.48
CA LYS A 36 -0.54 11.55 -14.34
C LYS A 36 -0.13 12.84 -15.06
N ALA A 37 0.66 13.68 -14.38
CA ALA A 37 1.08 14.95 -14.96
C ALA A 37 2.46 14.85 -15.61
N HIS A 38 2.93 13.64 -15.84
CA HIS A 38 4.24 13.43 -16.45
C HIS A 38 4.23 12.20 -17.36
N ALA A 39 4.30 11.03 -16.73
CA ALA A 39 4.24 9.74 -17.42
C ALA A 39 5.38 9.60 -18.44
N THR A 40 5.11 9.95 -19.68
CA THR A 40 6.08 9.85 -20.75
C THR A 40 6.62 11.24 -21.10
N GLY A 41 6.86 12.05 -20.09
CA GLY A 41 7.20 13.45 -20.31
C GLY A 41 5.98 14.26 -20.71
N ALA A 42 5.41 13.92 -21.84
CA ALA A 42 4.20 14.55 -22.32
C ALA A 42 3.05 13.55 -22.33
N GLY A 43 3.10 12.60 -21.39
CA GLY A 43 2.07 11.59 -21.31
C GLY A 43 0.80 12.13 -20.69
N PRO A 44 -0.33 12.02 -21.40
CA PRO A 44 -1.62 12.54 -20.94
C PRO A 44 -2.06 11.94 -19.61
N ALA A 45 -1.98 10.62 -19.54
CA ALA A 45 -2.37 9.87 -18.36
C ALA A 45 -1.98 8.41 -18.54
N GLY A 46 -2.61 7.53 -17.75
CA GLY A 46 -2.27 6.13 -17.81
C GLY A 46 -0.96 5.83 -17.11
N ARG A 47 -0.31 4.74 -17.52
CA ARG A 47 0.97 4.32 -16.93
C ARG A 47 0.81 3.96 -15.46
N TYR A 48 0.75 2.65 -15.20
CA TYR A 48 0.59 2.10 -13.84
C TYR A 48 -0.63 2.70 -13.12
N ASP A 49 -1.54 3.26 -13.89
CA ASP A 49 -2.71 3.95 -13.33
C ASP A 49 -3.73 2.96 -12.80
N GLN A 50 -3.78 1.77 -13.40
CA GLN A 50 -4.66 0.72 -12.92
C GLN A 50 -4.08 0.07 -11.68
N ALA A 51 -2.77 -0.11 -11.69
CA ALA A 51 -2.05 -0.68 -10.56
C ALA A 51 -2.29 0.16 -9.31
N THR A 52 -2.16 1.47 -9.45
CA THR A 52 -2.37 2.39 -8.35
C THR A 52 -3.81 2.31 -7.85
N ASP A 53 -4.74 2.26 -8.79
CA ASP A 53 -6.16 2.14 -8.47
C ASP A 53 -6.44 0.84 -7.73
N THR A 54 -5.78 -0.23 -8.14
CA THR A 54 -5.90 -1.52 -7.49
C THR A 54 -5.47 -1.41 -6.02
N ILE A 55 -4.29 -0.82 -5.81
CA ILE A 55 -3.76 -0.63 -4.46
C ILE A 55 -4.71 0.19 -3.63
N LEU A 56 -5.12 1.34 -4.16
CA LEU A 56 -6.07 2.21 -3.47
C LEU A 56 -7.31 1.43 -3.05
N THR A 57 -7.88 0.68 -3.97
CA THR A 57 -9.06 -0.12 -3.70
C THR A 57 -8.78 -1.14 -2.59
N VAL A 58 -7.66 -1.83 -2.68
CA VAL A 58 -7.30 -2.86 -1.71
C VAL A 58 -7.08 -2.25 -0.32
N THR A 59 -6.32 -1.16 -0.25
CA THR A 59 -6.08 -0.50 1.03
C THR A 59 -7.39 0.05 1.60
N GLU A 60 -8.23 0.59 0.72
CA GLU A 60 -9.55 1.06 1.10
C GLU A 60 -10.40 -0.11 1.60
N ASN A 61 -10.23 -1.27 0.95
CA ASN A 61 -10.92 -2.49 1.33
C ASN A 61 -10.55 -2.90 2.74
N ILE A 62 -9.26 -2.79 3.07
CA ILE A 62 -8.78 -3.11 4.41
C ILE A 62 -9.38 -2.15 5.43
N PHE A 63 -9.53 -0.89 5.05
CA PHE A 63 -10.18 0.11 5.90
C PHE A 63 -11.62 -0.32 6.21
N SER A 64 -12.34 -0.73 5.18
CA SER A 64 -13.72 -1.16 5.34
C SER A 64 -13.80 -2.47 6.14
N SER A 65 -12.99 -3.45 5.76
CA SER A 65 -13.00 -4.74 6.43
C SER A 65 -12.03 -4.77 7.62
N MET A 66 -11.86 -3.62 8.26
CA MET A 66 -10.98 -3.52 9.43
C MET A 66 -11.57 -4.29 10.60
N GLY A 67 -10.98 -5.44 10.88
CA GLY A 67 -11.51 -6.32 11.90
C GLY A 67 -11.69 -7.71 11.35
N ASP A 68 -11.81 -7.78 10.03
CA ASP A 68 -11.91 -9.04 9.31
C ASP A 68 -10.50 -9.58 9.06
N ALA A 69 -9.94 -10.25 10.05
CA ALA A 69 -8.54 -10.65 10.04
C ALA A 69 -8.13 -11.38 8.76
N GLY A 70 -8.81 -12.48 8.46
CA GLY A 70 -8.48 -13.26 7.28
C GLY A 70 -8.62 -12.47 5.99
N GLU A 71 -9.72 -11.74 5.87
CA GLU A 71 -9.97 -10.91 4.69
C GLU A 71 -8.92 -9.82 4.57
N MET A 72 -8.59 -9.19 5.69
CA MET A 72 -7.58 -8.13 5.72
C MET A 72 -6.24 -8.66 5.24
N VAL A 73 -5.84 -9.82 5.75
CA VAL A 73 -4.60 -10.45 5.34
C VAL A 73 -4.67 -10.82 3.86
N ARG A 74 -5.82 -11.33 3.44
CA ARG A 74 -6.05 -11.67 2.04
C ARG A 74 -5.79 -10.46 1.14
N GLN A 75 -6.42 -9.34 1.48
CA GLN A 75 -6.22 -8.12 0.71
C GLN A 75 -4.78 -7.63 0.85
N ALA A 76 -4.20 -7.82 2.02
CA ALA A 76 -2.83 -7.37 2.29
C ALA A 76 -1.81 -8.08 1.39
N ARG A 77 -1.96 -9.39 1.22
CA ARG A 77 -1.05 -10.14 0.36
C ARG A 77 -1.25 -9.76 -1.11
N ILE A 78 -2.48 -9.37 -1.44
CA ILE A 78 -2.76 -8.84 -2.77
C ILE A 78 -2.11 -7.45 -2.91
N LEU A 79 -2.23 -6.66 -1.85
CA LEU A 79 -1.62 -5.33 -1.80
C LEU A 79 -0.12 -5.42 -2.06
N ALA A 80 0.54 -6.36 -1.37
CA ALA A 80 1.97 -6.57 -1.54
C ALA A 80 2.31 -6.90 -2.99
N GLN A 81 1.44 -7.67 -3.63
CA GLN A 81 1.65 -8.08 -5.00
C GLN A 81 1.42 -6.92 -5.96
N ALA A 82 0.30 -6.24 -5.79
CA ALA A 82 -0.09 -5.16 -6.67
C ALA A 82 0.93 -4.01 -6.63
N THR A 83 1.34 -3.65 -5.43
CA THR A 83 2.32 -2.59 -5.27
C THR A 83 3.67 -2.98 -5.85
N SER A 84 4.00 -4.27 -5.75
CA SER A 84 5.23 -4.78 -6.32
C SER A 84 5.22 -4.60 -7.84
N ASP A 85 4.06 -4.84 -8.44
CA ASP A 85 3.89 -4.66 -9.88
C ASP A 85 4.02 -3.19 -10.23
N LEU A 86 3.42 -2.34 -9.41
CA LEU A 86 3.48 -0.90 -9.60
C LEU A 86 4.92 -0.40 -9.58
N VAL A 87 5.65 -0.78 -8.53
CA VAL A 87 7.05 -0.35 -8.39
C VAL A 87 7.91 -0.93 -9.50
N ASN A 88 7.68 -2.20 -9.83
CA ASN A 88 8.41 -2.86 -10.92
C ASN A 88 8.15 -2.16 -12.25
N ALA A 89 6.88 -1.84 -12.50
CA ALA A 89 6.49 -1.14 -13.72
C ALA A 89 7.21 0.19 -13.82
N ILE A 90 7.25 0.92 -12.71
CA ILE A 90 7.92 2.21 -12.66
C ILE A 90 9.41 2.06 -12.91
N LYS A 91 10.03 1.12 -12.19
CA LYS A 91 11.48 0.90 -12.29
C LYS A 91 11.89 0.61 -13.72
N ALA A 92 11.07 -0.16 -14.43
CA ALA A 92 11.33 -0.50 -15.81
C ALA A 92 11.04 0.67 -16.74
N ASP A 93 9.86 1.25 -16.59
CA ASP A 93 9.40 2.32 -17.48
C ASP A 93 10.28 3.55 -17.38
N ALA A 94 10.71 3.86 -16.17
CA ALA A 94 11.54 5.05 -15.93
C ALA A 94 12.91 4.91 -16.57
N GLU A 95 13.34 3.68 -16.82
CA GLU A 95 14.64 3.43 -17.44
C GLU A 95 14.60 3.74 -18.93
N GLY A 96 13.40 3.97 -19.44
CA GLY A 96 13.24 4.36 -20.83
C GLY A 96 12.28 5.53 -20.95
N GLU A 97 12.36 6.44 -19.99
CA GLU A 97 11.44 7.56 -19.91
C GLU A 97 11.90 8.71 -20.81
N SER A 98 11.03 9.70 -20.97
CA SER A 98 11.30 10.82 -21.85
C SER A 98 11.70 12.06 -21.05
N ASP A 99 11.04 12.27 -19.91
CA ASP A 99 11.33 13.43 -19.07
C ASP A 99 12.68 13.26 -18.38
N LEU A 100 12.93 12.05 -17.89
CA LEU A 100 14.19 11.68 -17.23
C LEU A 100 14.22 12.18 -15.79
N GLU A 101 13.97 13.47 -15.60
CA GLU A 101 13.90 14.03 -14.27
C GLU A 101 12.71 13.43 -13.52
N ASN A 102 11.59 13.37 -14.23
CA ASN A 102 10.38 12.73 -13.70
C ASN A 102 10.68 11.32 -13.24
N SER A 103 11.42 10.58 -14.08
CA SER A 103 11.73 9.19 -13.82
C SER A 103 12.55 9.02 -12.54
N ARG A 104 13.52 9.90 -12.34
CA ARG A 104 14.35 9.85 -11.14
C ARG A 104 13.48 10.01 -9.90
N LYS A 105 12.43 10.81 -10.01
CA LYS A 105 11.49 11.00 -8.92
C LYS A 105 10.56 9.81 -8.78
N LEU A 106 10.24 9.19 -9.92
CA LEU A 106 9.35 8.06 -9.96
C LEU A 106 9.87 6.93 -9.09
N LEU A 107 11.15 6.63 -9.26
CA LEU A 107 11.78 5.54 -8.54
C LEU A 107 11.88 5.85 -7.05
N SER A 108 12.13 7.12 -6.73
CA SER A 108 12.14 7.56 -5.34
C SER A 108 10.77 7.37 -4.71
N ALA A 109 9.73 7.80 -5.42
CA ALA A 109 8.37 7.66 -4.95
C ALA A 109 7.97 6.18 -4.86
N ALA A 110 8.42 5.40 -5.84
CA ALA A 110 8.15 3.96 -5.85
C ALA A 110 8.82 3.28 -4.66
N LYS A 111 9.96 3.80 -4.24
CA LYS A 111 10.66 3.28 -3.08
C LYS A 111 9.78 3.42 -1.83
N ILE A 112 9.15 4.58 -1.69
CA ILE A 112 8.23 4.82 -0.58
C ILE A 112 7.00 3.93 -0.71
N LEU A 113 6.57 3.73 -1.95
CA LEU A 113 5.43 2.87 -2.24
C LEU A 113 5.66 1.48 -1.67
N ALA A 114 6.76 0.85 -2.05
CA ALA A 114 7.07 -0.51 -1.63
C ALA A 114 7.35 -0.58 -0.12
N ASP A 115 7.97 0.46 0.43
CA ASP A 115 8.23 0.53 1.87
C ASP A 115 6.92 0.54 2.64
N ALA A 116 5.97 1.32 2.14
CA ALA A 116 4.66 1.41 2.75
C ALA A 116 3.92 0.07 2.69
N THR A 117 4.14 -0.67 1.61
CA THR A 117 3.51 -1.98 1.45
C THR A 117 3.92 -2.94 2.54
N ALA A 118 5.22 -2.97 2.84
CA ALA A 118 5.74 -3.84 3.89
C ALA A 118 5.18 -3.43 5.24
N LYS A 119 5.05 -2.12 5.44
CA LYS A 119 4.48 -1.60 6.67
C LYS A 119 3.02 -2.02 6.79
N MET A 120 2.29 -1.91 5.69
CA MET A 120 0.87 -2.28 5.65
C MET A 120 0.70 -3.78 5.87
N VAL A 121 1.46 -4.57 5.12
CA VAL A 121 1.37 -6.02 5.21
C VAL A 121 1.77 -6.50 6.61
N GLU A 122 2.74 -5.82 7.21
CA GLU A 122 3.19 -6.13 8.56
C GLU A 122 2.11 -5.82 9.57
N ALA A 123 1.42 -4.70 9.36
CA ALA A 123 0.37 -4.26 10.26
C ALA A 123 -0.86 -5.16 10.13
N ALA A 124 -1.25 -5.46 8.91
CA ALA A 124 -2.41 -6.30 8.65
C ALA A 124 -2.22 -7.69 9.25
N LYS A 125 -1.04 -8.27 9.06
CA LYS A 125 -0.74 -9.59 9.60
C LYS A 125 -0.64 -9.55 11.11
N GLY A 126 -0.28 -8.38 11.64
CA GLY A 126 -0.15 -8.22 13.08
C GLY A 126 -1.49 -7.98 13.74
N ALA A 127 -2.45 -7.47 12.98
CA ALA A 127 -3.79 -7.22 13.50
C ALA A 127 -4.54 -8.54 13.68
N ALA A 128 -4.10 -9.56 12.96
CA ALA A 128 -4.67 -10.89 13.10
C ALA A 128 -4.17 -11.54 14.38
N ALA A 129 -4.77 -11.15 15.50
CA ALA A 129 -4.41 -11.69 16.81
C ALA A 129 -4.50 -13.21 16.83
N HIS A 130 -5.51 -13.72 16.14
CA HIS A 130 -5.66 -15.16 15.97
C HIS A 130 -5.03 -15.57 14.64
N PRO A 131 -3.93 -16.33 14.67
CA PRO A 131 -3.24 -16.77 13.45
C PRO A 131 -4.03 -17.81 12.67
N ASP A 132 -5.18 -17.39 12.15
CA ASP A 132 -6.04 -18.28 11.38
C ASP A 132 -5.98 -17.89 9.90
N SER A 133 -5.23 -16.85 9.60
CA SER A 133 -5.06 -16.40 8.23
C SER A 133 -3.97 -17.22 7.54
N GLU A 134 -4.07 -18.52 7.67
CA GLU A 134 -3.05 -19.43 7.18
C GLU A 134 -3.49 -20.09 5.88
N GLU A 135 -2.52 -20.47 5.06
CA GLU A 135 -2.80 -21.18 3.82
C GLU A 135 -3.08 -22.65 4.12
N GLN A 136 -2.63 -23.07 5.30
CA GLN A 136 -2.92 -24.41 5.79
C GLN A 136 -4.41 -24.55 6.06
N GLN A 137 -5.05 -23.41 6.37
CA GLN A 137 -6.50 -23.37 6.48
C GLN A 137 -7.09 -23.11 5.11
N GLN A 138 -7.82 -24.08 4.59
CA GLN A 138 -8.30 -24.00 3.22
C GLN A 138 -9.79 -23.62 3.19
N ARG A 139 -10.14 -22.69 4.06
CA ARG A 139 -11.50 -22.19 4.13
C ARG A 139 -11.50 -20.81 4.78
N GLY A 1 -1.32 -16.30 13.99
CA GLY A 1 -0.53 -15.71 15.11
C GLY A 1 0.48 -16.68 15.66
N SER A 2 0.95 -16.41 16.89
CA SER A 2 1.92 -17.27 17.57
C SER A 2 3.21 -17.43 16.76
N HIS A 3 3.63 -16.35 16.11
CA HIS A 3 4.86 -16.36 15.34
C HIS A 3 5.42 -14.94 15.27
N MET A 4 6.39 -14.72 14.39
CA MET A 4 6.97 -13.39 14.22
C MET A 4 6.17 -12.57 13.22
N GLN A 5 4.84 -12.68 13.30
CA GLN A 5 3.96 -11.93 12.42
C GLN A 5 3.93 -10.46 12.82
N ALA A 6 4.17 -10.21 14.11
CA ALA A 6 4.19 -8.87 14.66
C ALA A 6 4.54 -8.93 16.14
N ALA A 7 5.82 -8.78 16.45
CA ALA A 7 6.27 -8.80 17.84
C ALA A 7 5.73 -7.58 18.59
N THR A 8 5.46 -7.79 19.87
CA THR A 8 4.88 -6.75 20.73
C THR A 8 3.61 -6.16 20.12
N GLU A 9 2.68 -7.03 19.78
CA GLU A 9 1.41 -6.60 19.23
C GLU A 9 0.30 -6.75 20.27
N ASP A 10 -0.09 -5.62 20.86
CA ASP A 10 -1.04 -5.62 21.95
C ASP A 10 -2.39 -5.06 21.53
N GLY A 11 -2.65 -5.07 20.23
CA GLY A 11 -3.94 -4.61 19.74
C GLY A 11 -3.87 -3.25 19.12
N GLN A 12 -2.77 -2.98 18.43
CA GLN A 12 -2.57 -1.69 17.78
C GLN A 12 -3.14 -1.72 16.37
N LEU A 13 -4.46 -1.92 16.29
CA LEU A 13 -5.15 -2.05 15.02
C LEU A 13 -5.03 -0.77 14.20
N LEU A 14 -5.61 0.31 14.70
CA LEU A 14 -5.62 1.56 13.95
C LEU A 14 -4.28 2.28 14.10
N ARG A 15 -3.55 1.95 15.14
CA ARG A 15 -2.23 2.52 15.35
C ARG A 15 -1.22 1.96 14.35
N GLY A 16 -1.23 0.65 14.19
CA GLY A 16 -0.31 0.02 13.26
C GLY A 16 -0.86 -0.06 11.85
N VAL A 17 -1.98 -0.76 11.71
CA VAL A 17 -2.60 -0.95 10.41
C VAL A 17 -3.09 0.36 9.83
N GLY A 18 -3.77 1.15 10.67
CA GLY A 18 -4.30 2.43 10.24
C GLY A 18 -3.24 3.32 9.62
N ALA A 19 -2.14 3.51 10.34
CA ALA A 19 -1.04 4.33 9.85
C ALA A 19 -0.44 3.75 8.57
N ALA A 20 -0.23 2.44 8.56
CA ALA A 20 0.37 1.76 7.43
C ALA A 20 -0.53 1.84 6.20
N ALA A 21 -1.82 1.60 6.39
CA ALA A 21 -2.79 1.67 5.32
C ALA A 21 -2.87 3.08 4.75
N THR A 22 -2.83 4.07 5.63
CA THR A 22 -2.83 5.46 5.20
C THR A 22 -1.58 5.76 4.39
N ALA A 23 -0.44 5.29 4.86
CA ALA A 23 0.83 5.50 4.18
C ALA A 23 0.79 5.01 2.74
N VAL A 24 0.28 3.81 2.54
CA VAL A 24 0.18 3.23 1.21
C VAL A 24 -0.74 4.08 0.32
N THR A 25 -1.94 4.37 0.83
CA THR A 25 -2.91 5.17 0.11
C THR A 25 -2.34 6.55 -0.25
N GLN A 26 -1.61 7.14 0.70
CA GLN A 26 -1.02 8.46 0.49
C GLN A 26 0.15 8.37 -0.50
N ALA A 27 0.94 7.31 -0.40
CA ALA A 27 2.05 7.09 -1.31
C ALA A 27 1.53 6.89 -2.73
N LEU A 28 0.47 6.10 -2.84
CA LEU A 28 -0.18 5.87 -4.12
C LEU A 28 -0.73 7.19 -4.68
N ASN A 29 -1.37 7.96 -3.81
CA ASN A 29 -1.90 9.26 -4.18
C ASN A 29 -0.79 10.16 -4.71
N GLU A 30 0.35 10.13 -4.02
CA GLU A 30 1.52 10.91 -4.42
C GLU A 30 1.96 10.53 -5.83
N LEU A 31 2.20 9.24 -6.02
CA LEU A 31 2.66 8.72 -7.30
C LEU A 31 1.65 9.01 -8.41
N LEU A 32 0.37 8.80 -8.12
CA LEU A 32 -0.68 9.03 -9.11
C LEU A 32 -0.66 10.46 -9.62
N GLN A 33 -0.56 11.42 -8.71
CA GLN A 33 -0.51 12.83 -9.08
C GLN A 33 0.77 13.14 -9.85
N HIS A 34 1.83 12.41 -9.52
CA HIS A 34 3.12 12.63 -10.15
C HIS A 34 3.16 12.05 -11.56
N VAL A 35 2.67 10.82 -11.71
CA VAL A 35 2.71 10.13 -12.99
C VAL A 35 1.73 10.75 -13.99
N LYS A 36 0.62 11.29 -13.48
CA LYS A 36 -0.36 11.94 -14.32
C LYS A 36 0.24 13.18 -14.99
N ALA A 37 1.19 13.81 -14.31
CA ALA A 37 1.85 14.99 -14.84
C ALA A 37 3.17 14.62 -15.52
N HIS A 38 3.75 13.50 -15.11
CA HIS A 38 5.01 13.03 -15.68
C HIS A 38 4.99 11.53 -15.88
N ALA A 39 5.01 11.10 -17.12
CA ALA A 39 5.06 9.69 -17.44
C ALA A 39 6.02 9.45 -18.58
N THR A 40 6.14 8.19 -18.99
CA THR A 40 6.98 7.84 -20.11
C THR A 40 6.32 8.24 -21.42
N GLY A 41 6.93 9.18 -22.11
CA GLY A 41 6.35 9.71 -23.32
C GLY A 41 5.64 11.01 -23.03
N ALA A 42 6.36 11.93 -22.36
CA ALA A 42 5.84 13.22 -21.95
C ALA A 42 4.90 13.09 -20.76
N GLY A 43 3.75 12.49 -20.99
CA GLY A 43 2.81 12.28 -19.92
C GLY A 43 1.46 11.77 -20.41
N PRO A 44 1.41 10.52 -20.92
CA PRO A 44 0.15 9.91 -21.39
C PRO A 44 -0.77 9.55 -20.23
N ALA A 45 -0.26 9.71 -19.01
CA ALA A 45 -1.00 9.41 -17.77
C ALA A 45 -1.20 7.92 -17.57
N GLY A 46 -1.90 7.28 -18.50
CA GLY A 46 -2.16 5.86 -18.41
C GLY A 46 -0.92 5.03 -18.68
N ARG A 47 -0.49 4.28 -17.68
CA ARG A 47 0.68 3.42 -17.79
C ARG A 47 0.60 2.32 -16.74
N TYR A 48 0.30 2.72 -15.52
CA TYR A 48 0.16 1.79 -14.40
C TYR A 48 -1.12 2.12 -13.66
N ASP A 49 -2.10 2.55 -14.44
CA ASP A 49 -3.36 3.09 -13.92
C ASP A 49 -4.24 1.99 -13.37
N GLN A 50 -4.00 0.77 -13.82
CA GLN A 50 -4.74 -0.38 -13.32
C GLN A 50 -4.22 -0.78 -11.95
N ALA A 51 -2.90 -0.76 -11.80
CA ALA A 51 -2.26 -1.10 -10.53
C ALA A 51 -2.64 -0.12 -9.44
N THR A 52 -2.57 1.18 -9.75
CA THR A 52 -2.88 2.21 -8.78
C THR A 52 -4.30 2.07 -8.26
N ASP A 53 -5.24 1.88 -9.18
CA ASP A 53 -6.65 1.70 -8.82
C ASP A 53 -6.82 0.50 -7.89
N THR A 54 -6.16 -0.60 -8.23
CA THR A 54 -6.25 -1.83 -7.46
C THR A 54 -5.70 -1.65 -6.05
N ILE A 55 -4.52 -1.05 -5.94
CA ILE A 55 -3.89 -0.82 -4.64
C ILE A 55 -4.81 -0.02 -3.73
N LEU A 56 -5.26 1.13 -4.22
CA LEU A 56 -6.15 1.99 -3.44
C LEU A 56 -7.39 1.21 -3.00
N THR A 57 -8.01 0.50 -3.94
CA THR A 57 -9.20 -0.30 -3.65
C THR A 57 -8.91 -1.32 -2.55
N VAL A 58 -7.78 -2.00 -2.65
CA VAL A 58 -7.40 -3.01 -1.67
C VAL A 58 -7.15 -2.41 -0.29
N THR A 59 -6.37 -1.33 -0.25
CA THR A 59 -6.07 -0.66 1.01
C THR A 59 -7.33 -0.10 1.65
N GLU A 60 -8.22 0.46 0.83
CA GLU A 60 -9.49 0.98 1.31
C GLU A 60 -10.35 -0.15 1.88
N ASN A 61 -10.22 -1.34 1.28
CA ASN A 61 -10.94 -2.52 1.76
C ASN A 61 -10.52 -2.86 3.18
N ILE A 62 -9.23 -2.73 3.45
CA ILE A 62 -8.69 -2.98 4.78
C ILE A 62 -9.23 -1.98 5.79
N PHE A 63 -9.45 -0.75 5.34
CA PHE A 63 -10.05 0.27 6.18
C PHE A 63 -11.48 -0.10 6.56
N SER A 64 -12.25 -0.52 5.56
CA SER A 64 -13.64 -0.92 5.76
C SER A 64 -13.73 -2.16 6.65
N SER A 65 -12.79 -3.09 6.47
CA SER A 65 -12.82 -4.34 7.20
C SER A 65 -11.71 -4.42 8.25
N MET A 66 -11.38 -3.29 8.86
CA MET A 66 -10.40 -3.26 9.93
C MET A 66 -10.96 -3.98 11.16
N GLY A 67 -10.57 -5.23 11.29
CA GLY A 67 -11.12 -6.09 12.32
C GLY A 67 -11.45 -7.45 11.77
N ASP A 68 -11.65 -7.48 10.46
CA ASP A 68 -11.89 -8.73 9.74
C ASP A 68 -10.55 -9.32 9.31
N ALA A 69 -9.92 -10.04 10.24
CA ALA A 69 -8.57 -10.57 10.08
C ALA A 69 -8.34 -11.22 8.72
N GLY A 70 -9.15 -12.22 8.41
CA GLY A 70 -8.94 -12.99 7.19
C GLY A 70 -8.92 -12.13 5.95
N GLU A 71 -9.90 -11.24 5.82
CA GLU A 71 -9.96 -10.34 4.67
C GLU A 71 -8.83 -9.33 4.72
N MET A 72 -8.55 -8.83 5.92
CA MET A 72 -7.47 -7.84 6.09
C MET A 72 -6.14 -8.40 5.61
N VAL A 73 -5.81 -9.60 6.07
CA VAL A 73 -4.58 -10.27 5.64
C VAL A 73 -4.67 -10.64 4.17
N ARG A 74 -5.85 -11.10 3.74
CA ARG A 74 -6.11 -11.45 2.36
C ARG A 74 -5.78 -10.29 1.43
N GLN A 75 -6.41 -9.14 1.70
CA GLN A 75 -6.18 -7.94 0.91
C GLN A 75 -4.72 -7.50 1.00
N ALA A 76 -4.13 -7.63 2.18
CA ALA A 76 -2.74 -7.26 2.38
C ALA A 76 -1.83 -8.00 1.40
N ARG A 77 -2.08 -9.29 1.20
CA ARG A 77 -1.31 -10.09 0.26
C ARG A 77 -1.46 -9.55 -1.16
N ILE A 78 -2.69 -9.19 -1.51
CA ILE A 78 -2.98 -8.64 -2.83
C ILE A 78 -2.31 -7.27 -2.99
N LEU A 79 -2.36 -6.48 -1.92
CA LEU A 79 -1.71 -5.18 -1.89
C LEU A 79 -0.22 -5.32 -2.19
N ALA A 80 0.42 -6.25 -1.49
CA ALA A 80 1.84 -6.51 -1.69
C ALA A 80 2.14 -6.85 -3.14
N GLN A 81 1.32 -7.73 -3.72
CA GLN A 81 1.49 -8.14 -5.10
C GLN A 81 1.23 -6.98 -6.06
N ALA A 82 0.20 -6.19 -5.76
CA ALA A 82 -0.17 -5.07 -6.61
C ALA A 82 0.93 -4.01 -6.64
N THR A 83 1.41 -3.61 -5.47
CA THR A 83 2.46 -2.62 -5.39
C THR A 83 3.76 -3.15 -6.00
N SER A 84 3.96 -4.46 -5.93
CA SER A 84 5.13 -5.07 -6.57
C SER A 84 5.11 -4.79 -8.06
N ASP A 85 3.94 -4.94 -8.67
CA ASP A 85 3.78 -4.68 -10.10
C ASP A 85 3.90 -3.19 -10.39
N LEU A 86 3.31 -2.38 -9.53
CA LEU A 86 3.36 -0.92 -9.69
C LEU A 86 4.80 -0.41 -9.65
N VAL A 87 5.53 -0.80 -8.61
CA VAL A 87 6.91 -0.35 -8.44
C VAL A 87 7.79 -0.92 -9.53
N ASN A 88 7.59 -2.19 -9.85
CA ASN A 88 8.36 -2.86 -10.89
C ASN A 88 8.19 -2.17 -12.23
N ALA A 89 6.95 -1.80 -12.54
CA ALA A 89 6.65 -1.11 -13.79
C ALA A 89 7.37 0.23 -13.86
N ILE A 90 7.26 1.01 -12.78
CA ILE A 90 7.88 2.33 -12.73
C ILE A 90 9.40 2.22 -12.83
N LYS A 91 9.99 1.33 -12.05
CA LYS A 91 11.44 1.14 -12.02
C LYS A 91 11.98 0.78 -13.40
N ALA A 92 11.21 -0.03 -14.13
CA ALA A 92 11.61 -0.45 -15.47
C ALA A 92 11.40 0.66 -16.48
N ASP A 93 10.30 1.39 -16.33
CA ASP A 93 9.92 2.43 -17.28
C ASP A 93 10.79 3.67 -17.14
N ALA A 94 10.99 4.11 -15.90
CA ALA A 94 11.77 5.30 -15.62
C ALA A 94 13.23 5.13 -16.04
N GLU A 95 13.65 3.87 -16.16
CA GLU A 95 15.00 3.54 -16.61
C GLU A 95 15.23 4.04 -18.04
N GLY A 96 14.14 4.22 -18.77
CA GLY A 96 14.24 4.70 -20.14
C GLY A 96 13.65 6.09 -20.30
N GLU A 97 13.69 6.88 -19.24
CA GLU A 97 13.18 8.24 -19.28
C GLU A 97 14.23 9.19 -19.83
N SER A 98 13.78 10.24 -20.51
CA SER A 98 14.68 11.22 -21.09
C SER A 98 15.24 12.15 -20.02
N ASP A 99 14.46 12.35 -18.95
CA ASP A 99 14.90 13.19 -17.84
C ASP A 99 15.25 12.36 -16.63
N LEU A 100 16.45 12.55 -16.11
CA LEU A 100 16.94 11.78 -14.98
C LEU A 100 16.36 12.31 -13.67
N GLU A 101 16.06 13.59 -13.65
CA GLU A 101 15.51 14.22 -12.46
C GLU A 101 14.09 13.75 -12.22
N ASN A 102 13.28 13.77 -13.26
CA ASN A 102 11.92 13.25 -13.20
C ASN A 102 11.94 11.77 -12.84
N SER A 103 12.91 11.06 -13.40
CA SER A 103 13.11 9.66 -13.08
C SER A 103 13.35 9.49 -11.58
N ARG A 104 14.23 10.32 -11.03
CA ARG A 104 14.55 10.27 -9.60
C ARG A 104 13.29 10.45 -8.76
N LYS A 105 12.44 11.39 -9.16
CA LYS A 105 11.16 11.60 -8.48
C LYS A 105 10.32 10.34 -8.56
N LEU A 106 10.29 9.77 -9.75
CA LEU A 106 9.48 8.60 -10.05
C LEU A 106 9.86 7.42 -9.18
N LEU A 107 11.14 7.15 -9.13
CA LEU A 107 11.66 5.99 -8.43
C LEU A 107 11.65 6.20 -6.92
N SER A 108 11.79 7.45 -6.50
CA SER A 108 11.72 7.77 -5.08
C SER A 108 10.31 7.55 -4.55
N ALA A 109 9.32 7.92 -5.36
CA ALA A 109 7.92 7.70 -5.00
C ALA A 109 7.62 6.21 -4.93
N ALA A 110 8.19 5.46 -5.87
CA ALA A 110 8.02 4.00 -5.90
C ALA A 110 8.68 3.35 -4.69
N LYS A 111 9.73 3.99 -4.18
CA LYS A 111 10.40 3.51 -2.98
C LYS A 111 9.46 3.58 -1.78
N ILE A 112 8.77 4.71 -1.65
CA ILE A 112 7.78 4.88 -0.59
C ILE A 112 6.68 3.84 -0.74
N LEU A 113 6.22 3.66 -1.97
CA LEU A 113 5.19 2.68 -2.29
C LEU A 113 5.56 1.30 -1.74
N ALA A 114 6.76 0.85 -2.07
CA ALA A 114 7.22 -0.47 -1.68
C ALA A 114 7.34 -0.64 -0.17
N ASP A 115 7.98 0.32 0.48
CA ASP A 115 8.24 0.23 1.92
C ASP A 115 6.95 0.37 2.72
N ALA A 116 6.05 1.25 2.28
CA ALA A 116 4.77 1.44 2.95
C ALA A 116 3.93 0.18 2.84
N THR A 117 4.04 -0.51 1.71
CA THR A 117 3.29 -1.75 1.48
C THR A 117 3.75 -2.85 2.44
N ALA A 118 5.06 -2.91 2.71
CA ALA A 118 5.55 -3.87 3.69
C ALA A 118 4.98 -3.57 5.05
N LYS A 119 4.99 -2.28 5.41
CA LYS A 119 4.40 -1.83 6.66
C LYS A 119 2.96 -2.29 6.76
N MET A 120 2.25 -2.21 5.64
CA MET A 120 0.85 -2.62 5.58
C MET A 120 0.71 -4.13 5.71
N VAL A 121 1.44 -4.89 4.90
CA VAL A 121 1.35 -6.34 4.91
C VAL A 121 1.81 -6.90 6.26
N GLU A 122 2.78 -6.24 6.87
CA GLU A 122 3.32 -6.68 8.14
C GLU A 122 2.35 -6.33 9.28
N ALA A 123 1.65 -5.21 9.13
CA ALA A 123 0.71 -4.76 10.16
C ALA A 123 -0.60 -5.55 10.08
N ALA A 124 -1.18 -5.61 8.88
CA ALA A 124 -2.48 -6.24 8.69
C ALA A 124 -2.45 -7.73 9.02
N LYS A 125 -1.34 -8.37 8.69
CA LYS A 125 -1.19 -9.78 8.90
C LYS A 125 -0.87 -10.08 10.37
N GLY A 126 -0.28 -9.09 11.04
CA GLY A 126 0.04 -9.23 12.44
C GLY A 126 -1.14 -8.93 13.34
N ALA A 127 -1.78 -7.79 13.08
CA ALA A 127 -2.93 -7.35 13.86
C ALA A 127 -4.22 -7.95 13.33
N ALA A 128 -4.15 -9.21 12.94
CA ALA A 128 -5.31 -9.92 12.43
C ALA A 128 -6.19 -10.43 13.57
N ALA A 129 -7.29 -9.72 13.83
CA ALA A 129 -8.26 -10.06 14.86
C ALA A 129 -7.66 -9.93 16.25
N HIS A 130 -6.85 -10.90 16.63
CA HIS A 130 -6.17 -10.90 17.91
C HIS A 130 -4.77 -11.44 17.73
N PRO A 131 -3.76 -10.58 17.87
CA PRO A 131 -2.36 -10.99 17.86
C PRO A 131 -2.02 -11.70 19.16
N ASP A 132 -1.30 -11.01 20.04
CA ASP A 132 -1.16 -11.48 21.40
C ASP A 132 -2.05 -10.63 22.29
N SER A 133 -1.96 -9.33 22.05
CA SER A 133 -2.87 -8.33 22.62
C SER A 133 -3.18 -8.58 24.10
N GLU A 134 -2.18 -8.38 24.95
CA GLU A 134 -2.37 -8.53 26.37
C GLU A 134 -3.29 -7.42 26.87
N GLU A 135 -4.41 -7.83 27.47
CA GLU A 135 -5.46 -6.91 27.88
C GLU A 135 -4.91 -5.80 28.78
N GLN A 136 -5.00 -4.58 28.28
CA GLN A 136 -4.43 -3.41 28.96
C GLN A 136 -5.22 -3.08 30.22
N GLN A 137 -6.54 -3.18 30.12
CA GLN A 137 -7.40 -2.91 31.26
C GLN A 137 -7.35 -4.04 32.26
N GLN A 138 -6.98 -5.23 31.76
CA GLN A 138 -6.88 -6.43 32.59
C GLN A 138 -8.19 -6.71 33.32
N ARG A 139 -9.29 -6.52 32.61
CA ARG A 139 -10.61 -6.71 33.18
C ARG A 139 -11.33 -7.84 32.46
N GLY A 1 -20.78 10.57 10.38
CA GLY A 1 -19.63 11.18 9.69
C GLY A 1 -20.04 11.94 8.44
N SER A 2 -20.21 13.24 8.57
CA SER A 2 -20.64 14.09 7.46
C SER A 2 -19.47 14.39 6.53
N HIS A 3 -18.33 14.69 7.10
CA HIS A 3 -17.16 15.07 6.32
C HIS A 3 -16.02 14.07 6.51
N MET A 4 -15.91 13.54 7.71
CA MET A 4 -14.84 12.59 8.03
C MET A 4 -15.39 11.42 8.83
N GLN A 5 -15.04 10.22 8.42
CA GLN A 5 -15.43 9.03 9.15
C GLN A 5 -14.47 8.82 10.33
N ALA A 6 -15.00 8.88 11.52
CA ALA A 6 -14.20 8.70 12.72
C ALA A 6 -14.45 7.31 13.31
N ALA A 7 -13.67 6.34 12.88
CA ALA A 7 -13.76 4.99 13.43
C ALA A 7 -13.06 4.94 14.78
N THR A 8 -13.85 4.69 15.82
CA THR A 8 -13.34 4.69 17.18
C THR A 8 -12.52 3.43 17.47
N GLU A 9 -11.27 3.47 17.05
CA GLU A 9 -10.35 2.37 17.30
C GLU A 9 -8.93 2.91 17.43
N ASP A 10 -8.04 2.11 17.99
CA ASP A 10 -6.65 2.50 18.15
C ASP A 10 -5.79 1.26 18.36
N GLY A 11 -5.86 0.69 19.58
CA GLY A 11 -5.08 -0.49 20.00
C GLY A 11 -3.90 -0.81 19.11
N GLN A 12 -4.10 -1.77 18.21
CA GLN A 12 -3.10 -2.11 17.22
C GLN A 12 -3.68 -1.99 15.82
N LEU A 13 -4.99 -1.98 15.74
CA LEU A 13 -5.68 -1.91 14.46
C LEU A 13 -5.44 -0.56 13.79
N LEU A 14 -5.94 0.50 14.42
CA LEU A 14 -5.78 1.83 13.86
C LEU A 14 -4.37 2.35 14.10
N ARG A 15 -3.70 1.78 15.10
CA ARG A 15 -2.34 2.16 15.42
C ARG A 15 -1.38 1.74 14.32
N GLY A 16 -1.34 0.45 14.02
CA GLY A 16 -0.43 -0.04 13.01
C GLY A 16 -1.02 -0.03 11.63
N VAL A 17 -2.11 -0.78 11.45
CA VAL A 17 -2.74 -0.92 10.14
C VAL A 17 -3.22 0.42 9.63
N GLY A 18 -3.82 1.21 10.52
CA GLY A 18 -4.33 2.51 10.14
C GLY A 18 -3.25 3.42 9.55
N ALA A 19 -2.14 3.53 10.25
CA ALA A 19 -1.04 4.38 9.81
C ALA A 19 -0.45 3.86 8.50
N ALA A 20 -0.23 2.55 8.44
CA ALA A 20 0.36 1.92 7.27
C ALA A 20 -0.55 2.05 6.05
N ALA A 21 -1.84 1.82 6.25
CA ALA A 21 -2.81 1.91 5.17
C ALA A 21 -2.89 3.32 4.62
N THR A 22 -2.90 4.30 5.52
CA THR A 22 -2.92 5.70 5.13
C THR A 22 -1.66 6.06 4.34
N ALA A 23 -0.54 5.47 4.72
CA ALA A 23 0.72 5.69 4.04
C ALA A 23 0.65 5.25 2.58
N VAL A 24 0.08 4.06 2.36
CA VAL A 24 -0.09 3.54 1.01
C VAL A 24 -1.04 4.44 0.21
N THR A 25 -2.14 4.83 0.85
CA THR A 25 -3.12 5.70 0.22
C THR A 25 -2.49 7.02 -0.23
N GLN A 26 -1.66 7.60 0.62
CA GLN A 26 -1.00 8.87 0.32
C GLN A 26 0.10 8.68 -0.70
N ALA A 27 0.81 7.55 -0.62
CA ALA A 27 1.85 7.23 -1.59
C ALA A 27 1.24 7.05 -2.97
N LEU A 28 0.07 6.42 -3.02
CA LEU A 28 -0.67 6.26 -4.26
C LEU A 28 -1.04 7.62 -4.82
N ASN A 29 -1.53 8.50 -3.96
CA ASN A 29 -1.87 9.86 -4.33
C ASN A 29 -0.65 10.56 -4.92
N GLU A 30 0.48 10.43 -4.23
CA GLU A 30 1.72 11.04 -4.66
C GLU A 30 2.14 10.54 -6.04
N LEU A 31 2.28 9.23 -6.17
CA LEU A 31 2.77 8.63 -7.40
C LEU A 31 1.84 8.93 -8.59
N LEU A 32 0.53 8.80 -8.38
CA LEU A 32 -0.43 9.00 -9.45
C LEU A 32 -0.34 10.40 -10.03
N GLN A 33 -0.23 11.40 -9.16
CA GLN A 33 -0.07 12.78 -9.60
C GLN A 33 1.30 12.97 -10.23
N HIS A 34 2.31 12.42 -9.57
CA HIS A 34 3.69 12.56 -10.02
C HIS A 34 3.89 11.97 -11.42
N VAL A 35 3.31 10.81 -11.67
CA VAL A 35 3.46 10.15 -12.97
C VAL A 35 2.67 10.88 -14.05
N LYS A 36 1.38 11.09 -13.78
CA LYS A 36 0.47 11.66 -14.77
C LYS A 36 0.86 13.09 -15.16
N ALA A 37 1.58 13.77 -14.28
CA ALA A 37 1.99 15.14 -14.52
C ALA A 37 3.48 15.26 -14.80
N HIS A 38 4.11 14.17 -15.24
CA HIS A 38 5.54 14.21 -15.55
C HIS A 38 5.87 13.30 -16.73
N ALA A 39 5.40 12.06 -16.68
CA ALA A 39 5.67 11.10 -17.75
C ALA A 39 5.02 11.55 -19.05
N THR A 40 3.77 11.97 -18.96
CA THR A 40 3.04 12.48 -20.10
C THR A 40 3.69 13.76 -20.63
N GLY A 41 4.04 13.75 -21.91
CA GLY A 41 4.71 14.89 -22.50
C GLY A 41 6.16 14.59 -22.79
N ALA A 42 6.78 13.79 -21.92
CA ALA A 42 8.17 13.40 -22.10
C ALA A 42 8.24 12.18 -23.01
N GLY A 43 7.51 11.14 -22.64
CA GLY A 43 7.50 9.93 -23.44
C GLY A 43 6.10 9.37 -23.59
N PRO A 44 5.98 8.05 -23.84
CA PRO A 44 4.68 7.39 -24.01
C PRO A 44 3.87 7.37 -22.72
N ALA A 45 4.57 7.58 -21.61
CA ALA A 45 3.96 7.60 -20.28
C ALA A 45 3.40 6.23 -19.91
N GLY A 46 4.22 5.41 -19.26
CA GLY A 46 3.77 4.13 -18.77
C GLY A 46 2.60 4.28 -17.82
N ARG A 47 1.47 3.71 -18.17
CA ARG A 47 0.26 3.90 -17.39
C ARG A 47 -0.01 2.68 -16.50
N TYR A 48 -0.06 2.93 -15.20
CA TYR A 48 -0.37 1.89 -14.23
C TYR A 48 -1.59 2.32 -13.42
N ASP A 49 -2.45 3.09 -14.07
CA ASP A 49 -3.61 3.69 -13.43
C ASP A 49 -4.51 2.62 -12.81
N GLN A 50 -4.71 1.54 -13.56
CA GLN A 50 -5.53 0.42 -13.09
C GLN A 50 -4.89 -0.23 -11.86
N ALA A 51 -3.58 -0.45 -11.93
CA ALA A 51 -2.85 -1.07 -10.83
C ALA A 51 -2.99 -0.27 -9.54
N THR A 52 -2.83 1.05 -9.65
CA THR A 52 -2.97 1.92 -8.50
C THR A 52 -4.40 1.87 -7.96
N ASP A 53 -5.37 1.76 -8.86
CA ASP A 53 -6.77 1.66 -8.47
C ASP A 53 -7.02 0.39 -7.66
N THR A 54 -6.46 -0.71 -8.14
CA THR A 54 -6.58 -2.00 -7.46
C THR A 54 -5.98 -1.93 -6.07
N ILE A 55 -4.83 -1.29 -5.95
CA ILE A 55 -4.16 -1.12 -4.66
C ILE A 55 -5.03 -0.33 -3.69
N LEU A 56 -5.40 0.90 -4.10
CA LEU A 56 -6.21 1.76 -3.25
C LEU A 56 -7.51 1.07 -2.83
N THR A 57 -8.11 0.33 -3.77
CA THR A 57 -9.31 -0.44 -3.45
C THR A 57 -9.03 -1.44 -2.34
N VAL A 58 -7.87 -2.08 -2.41
CA VAL A 58 -7.46 -3.03 -1.40
C VAL A 58 -7.29 -2.35 -0.04
N THR A 59 -6.62 -1.19 -0.04
CA THR A 59 -6.41 -0.44 1.20
C THR A 59 -7.74 0.03 1.78
N GLU A 60 -8.61 0.51 0.91
CA GLU A 60 -9.95 0.91 1.30
C GLU A 60 -10.73 -0.28 1.85
N ASN A 61 -10.52 -1.44 1.24
CA ASN A 61 -11.15 -2.67 1.68
C ASN A 61 -10.71 -3.01 3.10
N ILE A 62 -9.41 -2.93 3.34
CA ILE A 62 -8.85 -3.18 4.66
C ILE A 62 -9.45 -2.23 5.69
N PHE A 63 -9.57 -0.96 5.31
CA PHE A 63 -10.16 0.06 6.17
C PHE A 63 -11.58 -0.31 6.55
N SER A 64 -12.32 -0.87 5.60
CA SER A 64 -13.70 -1.26 5.81
C SER A 64 -13.80 -2.66 6.41
N SER A 65 -12.66 -3.29 6.65
CA SER A 65 -12.62 -4.62 7.24
C SER A 65 -11.69 -4.66 8.45
N MET A 66 -11.48 -3.49 9.06
CA MET A 66 -10.59 -3.36 10.21
C MET A 66 -11.11 -4.20 11.37
N GLY A 67 -10.45 -5.32 11.60
CA GLY A 67 -10.88 -6.24 12.63
C GLY A 67 -10.95 -7.65 12.09
N ASP A 68 -11.37 -7.76 10.83
CA ASP A 68 -11.42 -9.05 10.16
C ASP A 68 -10.05 -9.38 9.59
N ALA A 69 -9.22 -9.96 10.43
CA ALA A 69 -7.84 -10.28 10.09
C ALA A 69 -7.75 -11.08 8.79
N GLY A 70 -8.66 -12.04 8.63
CA GLY A 70 -8.68 -12.87 7.45
C GLY A 70 -8.84 -12.07 6.18
N GLU A 71 -9.77 -11.13 6.18
CA GLU A 71 -10.00 -10.28 5.02
C GLU A 71 -8.86 -9.29 4.87
N MET A 72 -8.40 -8.73 5.99
CA MET A 72 -7.33 -7.76 6.00
C MET A 72 -6.06 -8.34 5.38
N VAL A 73 -5.65 -9.51 5.87
CA VAL A 73 -4.46 -10.18 5.37
C VAL A 73 -4.66 -10.61 3.93
N ARG A 74 -5.89 -11.04 3.61
CA ARG A 74 -6.25 -11.42 2.24
C ARG A 74 -5.97 -10.26 1.29
N GLN A 75 -6.52 -9.10 1.62
CA GLN A 75 -6.33 -7.91 0.80
C GLN A 75 -4.88 -7.45 0.83
N ALA A 76 -4.27 -7.50 2.02
CA ALA A 76 -2.88 -7.08 2.18
C ALA A 76 -1.93 -7.91 1.31
N ARG A 77 -2.25 -9.19 1.15
CA ARG A 77 -1.47 -10.07 0.29
C ARG A 77 -1.61 -9.65 -1.17
N ILE A 78 -2.82 -9.28 -1.55
CA ILE A 78 -3.06 -8.74 -2.88
C ILE A 78 -2.34 -7.42 -3.06
N LEU A 79 -2.37 -6.61 -2.01
CA LEU A 79 -1.69 -5.32 -1.98
C LEU A 79 -0.19 -5.49 -2.25
N ALA A 80 0.43 -6.42 -1.53
CA ALA A 80 1.85 -6.69 -1.69
C ALA A 80 2.19 -7.07 -3.12
N GLN A 81 1.33 -7.88 -3.72
CA GLN A 81 1.51 -8.33 -5.10
C GLN A 81 1.29 -7.18 -6.09
N ALA A 82 0.21 -6.43 -5.88
CA ALA A 82 -0.16 -5.34 -6.78
C ALA A 82 0.90 -4.25 -6.80
N THR A 83 1.36 -3.83 -5.62
CA THR A 83 2.38 -2.79 -5.54
C THR A 83 3.71 -3.26 -6.12
N SER A 84 3.99 -4.56 -6.02
CA SER A 84 5.21 -5.12 -6.61
C SER A 84 5.21 -4.88 -8.11
N ASP A 85 4.06 -5.13 -8.74
CA ASP A 85 3.90 -4.91 -10.17
C ASP A 85 4.01 -3.42 -10.48
N LEU A 86 3.32 -2.61 -9.68
CA LEU A 86 3.32 -1.16 -9.86
C LEU A 86 4.73 -0.59 -9.80
N VAL A 87 5.46 -0.94 -8.76
CA VAL A 87 6.80 -0.39 -8.55
C VAL A 87 7.78 -0.88 -9.61
N ASN A 88 7.67 -2.16 -9.97
CA ASN A 88 8.54 -2.75 -10.99
C ASN A 88 8.32 -2.08 -12.35
N ALA A 89 7.05 -1.77 -12.64
CA ALA A 89 6.70 -1.09 -13.88
C ALA A 89 7.34 0.30 -13.93
N ILE A 90 7.19 1.06 -12.85
CA ILE A 90 7.78 2.39 -12.75
C ILE A 90 9.30 2.30 -12.83
N LYS A 91 9.87 1.34 -12.10
CA LYS A 91 11.31 1.14 -12.07
C LYS A 91 11.87 0.97 -13.49
N ALA A 92 11.20 0.13 -14.27
CA ALA A 92 11.65 -0.15 -15.62
C ALA A 92 11.44 1.04 -16.55
N ASP A 93 10.32 1.75 -16.35
CA ASP A 93 9.97 2.87 -17.22
C ASP A 93 10.84 4.09 -16.92
N ALA A 94 11.13 4.31 -15.65
CA ALA A 94 11.95 5.45 -15.22
C ALA A 94 13.41 5.22 -15.60
N GLU A 95 13.82 3.96 -15.64
CA GLU A 95 15.15 3.60 -16.10
C GLU A 95 15.25 3.81 -17.60
N GLY A 96 15.65 5.01 -17.98
CA GLY A 96 15.69 5.38 -19.39
C GLY A 96 14.79 6.56 -19.70
N GLU A 97 14.48 7.33 -18.66
CA GLU A 97 13.65 8.53 -18.81
C GLU A 97 14.40 9.61 -19.57
N SER A 98 13.67 10.61 -20.04
CA SER A 98 14.26 11.72 -20.76
C SER A 98 14.81 12.74 -19.78
N ASP A 99 14.13 12.89 -18.65
CA ASP A 99 14.59 13.77 -17.58
C ASP A 99 15.09 12.93 -16.41
N LEU A 100 16.39 13.03 -16.14
CA LEU A 100 17.01 12.22 -15.11
C LEU A 100 16.52 12.62 -13.72
N GLU A 101 16.28 13.91 -13.53
CA GLU A 101 15.81 14.40 -12.25
C GLU A 101 14.45 13.81 -11.92
N ASN A 102 13.53 13.87 -12.87
CA ASN A 102 12.18 13.32 -12.69
C ASN A 102 12.24 11.81 -12.47
N SER A 103 13.09 11.13 -13.24
CA SER A 103 13.23 9.69 -13.12
C SER A 103 13.66 9.29 -11.71
N ARG A 104 14.54 10.09 -11.12
CA ARG A 104 15.00 9.82 -9.76
C ARG A 104 13.85 9.97 -8.77
N LYS A 105 13.08 11.05 -8.91
CA LYS A 105 11.90 11.30 -8.08
C LYS A 105 10.92 10.15 -8.19
N LEU A 106 10.80 9.66 -9.41
CA LEU A 106 9.89 8.59 -9.74
C LEU A 106 10.11 7.37 -8.87
N LEU A 107 11.35 6.96 -8.80
CA LEU A 107 11.71 5.75 -8.09
C LEU A 107 11.68 5.94 -6.58
N SER A 108 11.83 7.18 -6.11
CA SER A 108 11.66 7.45 -4.69
C SER A 108 10.20 7.24 -4.31
N ALA A 109 9.30 7.74 -5.15
CA ALA A 109 7.86 7.55 -4.92
C ALA A 109 7.51 6.08 -4.95
N ALA A 110 8.09 5.36 -5.91
CA ALA A 110 7.89 3.92 -6.01
C ALA A 110 8.43 3.22 -4.77
N LYS A 111 9.52 3.74 -4.21
CA LYS A 111 10.09 3.20 -2.99
C LYS A 111 9.10 3.37 -1.83
N ILE A 112 8.48 4.54 -1.74
CA ILE A 112 7.45 4.80 -0.75
C ILE A 112 6.31 3.81 -0.91
N LEU A 113 5.88 3.61 -2.16
CA LEU A 113 4.83 2.66 -2.47
C LEU A 113 5.15 1.28 -1.91
N ALA A 114 6.34 0.78 -2.24
CA ALA A 114 6.76 -0.55 -1.82
C ALA A 114 6.97 -0.63 -0.31
N ASP A 115 7.57 0.40 0.27
CA ASP A 115 7.86 0.41 1.70
C ASP A 115 6.57 0.44 2.52
N ALA A 116 5.67 1.33 2.13
CA ALA A 116 4.39 1.45 2.83
C ALA A 116 3.57 0.19 2.69
N THR A 117 3.68 -0.46 1.53
CA THR A 117 2.98 -1.72 1.28
C THR A 117 3.49 -2.81 2.23
N ALA A 118 4.80 -2.85 2.44
CA ALA A 118 5.39 -3.81 3.37
C ALA A 118 4.90 -3.52 4.78
N LYS A 119 4.87 -2.25 5.14
CA LYS A 119 4.36 -1.83 6.43
C LYS A 119 2.89 -2.21 6.56
N MET A 120 2.14 -2.03 5.48
CA MET A 120 0.73 -2.39 5.44
C MET A 120 0.55 -3.88 5.67
N VAL A 121 1.29 -4.69 4.92
CA VAL A 121 1.21 -6.14 5.05
C VAL A 121 1.71 -6.58 6.43
N GLU A 122 2.75 -5.92 6.93
CA GLU A 122 3.32 -6.24 8.23
C GLU A 122 2.32 -5.94 9.34
N ALA A 123 1.71 -4.77 9.27
CA ALA A 123 0.75 -4.35 10.29
C ALA A 123 -0.52 -5.19 10.23
N ALA A 124 -0.96 -5.51 9.02
CA ALA A 124 -2.17 -6.30 8.83
C ALA A 124 -1.97 -7.74 9.31
N LYS A 125 -0.81 -8.30 8.97
CA LYS A 125 -0.49 -9.67 9.37
C LYS A 125 -0.27 -9.75 10.87
N GLY A 126 0.32 -8.71 11.44
CA GLY A 126 0.53 -8.66 12.88
C GLY A 126 -0.77 -8.42 13.64
N ALA A 127 -1.79 -7.96 12.92
CA ALA A 127 -3.10 -7.73 13.51
C ALA A 127 -4.01 -8.92 13.26
N ALA A 128 -3.40 -10.05 12.89
CA ALA A 128 -4.14 -11.27 12.64
C ALA A 128 -3.90 -12.28 13.75
N ALA A 129 -4.38 -13.49 13.57
CA ALA A 129 -4.24 -14.54 14.58
C ALA A 129 -2.92 -15.29 14.40
N HIS A 130 -1.82 -14.55 14.30
CA HIS A 130 -0.50 -15.14 14.16
C HIS A 130 0.57 -14.07 14.32
N PRO A 131 1.73 -14.45 14.91
CA PRO A 131 2.87 -13.55 15.06
C PRO A 131 3.62 -13.39 13.74
N ASP A 132 3.09 -14.06 12.71
CA ASP A 132 3.68 -14.06 11.36
C ASP A 132 4.90 -14.96 11.31
N SER A 133 5.74 -14.81 12.32
CA SER A 133 6.85 -15.71 12.52
C SER A 133 6.34 -17.06 13.02
N GLU A 134 6.75 -18.13 12.34
CA GLU A 134 6.29 -19.46 12.68
C GLU A 134 7.12 -20.05 13.81
N GLU A 135 7.17 -19.32 14.92
CA GLU A 135 7.88 -19.75 16.10
C GLU A 135 7.12 -19.32 17.35
N GLN A 136 5.80 -19.50 17.29
CA GLN A 136 4.93 -19.12 18.40
C GLN A 136 4.97 -20.18 19.48
N GLN A 137 5.08 -21.42 19.05
CA GLN A 137 5.18 -22.55 19.97
C GLN A 137 5.85 -23.71 19.26
N GLN A 138 7.07 -24.01 19.66
CA GLN A 138 7.88 -25.00 18.99
C GLN A 138 7.57 -26.40 19.50
N ARG A 139 7.72 -27.37 18.62
CA ARG A 139 7.50 -28.77 18.98
C ARG A 139 8.55 -29.63 18.30
N GLY A 1 -21.28 -15.76 21.46
CA GLY A 1 -20.16 -15.45 22.37
C GLY A 1 -20.08 -13.98 22.69
N SER A 2 -18.90 -13.41 22.56
CA SER A 2 -18.71 -11.98 22.82
C SER A 2 -18.12 -11.28 21.61
N HIS A 3 -18.96 -10.52 20.91
CA HIS A 3 -18.51 -9.71 19.78
C HIS A 3 -18.22 -8.29 20.25
N MET A 4 -17.22 -7.67 19.63
CA MET A 4 -16.83 -6.29 19.96
C MET A 4 -16.12 -6.24 21.31
N GLN A 5 -14.80 -6.19 21.27
CA GLN A 5 -13.99 -6.17 22.47
C GLN A 5 -14.28 -4.93 23.31
N ALA A 6 -14.68 -5.14 24.55
CA ALA A 6 -14.96 -4.05 25.48
C ALA A 6 -13.68 -3.52 26.10
N ALA A 7 -12.73 -3.17 25.25
CA ALA A 7 -11.43 -2.67 25.70
C ALA A 7 -11.03 -1.44 24.90
N THR A 8 -11.24 -0.27 25.49
CA THR A 8 -10.92 0.99 24.83
C THR A 8 -9.40 1.16 24.70
N GLU A 9 -8.67 0.66 25.68
CA GLU A 9 -7.23 0.87 25.75
C GLU A 9 -6.47 -0.10 24.86
N ASP A 10 -7.19 -0.99 24.18
CA ASP A 10 -6.55 -1.96 23.30
C ASP A 10 -6.09 -1.29 22.00
N GLY A 11 -7.04 -0.96 21.15
CA GLY A 11 -6.72 -0.32 19.89
C GLY A 11 -5.96 -1.23 18.96
N GLN A 12 -4.73 -0.82 18.63
CA GLN A 12 -3.80 -1.61 17.79
C GLN A 12 -4.22 -1.60 16.32
N LEU A 13 -5.48 -1.89 16.06
CA LEU A 13 -5.99 -2.01 14.69
C LEU A 13 -5.75 -0.74 13.89
N LEU A 14 -6.26 0.38 14.37
CA LEU A 14 -6.10 1.63 13.65
C LEU A 14 -4.71 2.21 13.85
N ARG A 15 -4.15 2.03 15.04
CA ARG A 15 -2.81 2.51 15.34
C ARG A 15 -1.78 1.88 14.41
N GLY A 16 -1.88 0.57 14.20
CA GLY A 16 -0.95 -0.10 13.33
C GLY A 16 -1.43 -0.15 11.89
N VAL A 17 -2.52 -0.88 11.65
CA VAL A 17 -3.02 -1.08 10.29
C VAL A 17 -3.51 0.22 9.69
N GLY A 18 -4.27 0.99 10.47
CA GLY A 18 -4.81 2.25 9.98
C GLY A 18 -3.75 3.18 9.46
N ALA A 19 -2.74 3.44 10.28
CA ALA A 19 -1.65 4.32 9.89
C ALA A 19 -0.88 3.77 8.70
N ALA A 20 -0.65 2.45 8.71
CA ALA A 20 0.09 1.80 7.64
C ALA A 20 -0.68 1.82 6.33
N ALA A 21 -1.99 1.60 6.42
CA ALA A 21 -2.86 1.61 5.24
C ALA A 21 -2.92 3.00 4.64
N THR A 22 -3.08 4.01 5.49
CA THR A 22 -3.12 5.40 5.04
C THR A 22 -1.81 5.79 4.35
N ALA A 23 -0.70 5.24 4.84
CA ALA A 23 0.61 5.50 4.25
C ALA A 23 0.62 5.05 2.78
N VAL A 24 0.03 3.89 2.51
CA VAL A 24 -0.06 3.37 1.15
C VAL A 24 -0.93 4.29 0.30
N THR A 25 -2.06 4.71 0.87
CA THR A 25 -2.97 5.62 0.18
C THR A 25 -2.26 6.91 -0.21
N GLN A 26 -1.53 7.49 0.75
CA GLN A 26 -0.81 8.74 0.53
C GLN A 26 0.33 8.55 -0.46
N ALA A 27 1.06 7.45 -0.34
CA ALA A 27 2.16 7.15 -1.23
C ALA A 27 1.67 6.95 -2.67
N LEU A 28 0.63 6.14 -2.82
CA LEU A 28 0.04 5.88 -4.12
C LEU A 28 -0.46 7.18 -4.74
N ASN A 29 -1.15 7.97 -3.93
CA ASN A 29 -1.67 9.27 -4.37
C ASN A 29 -0.53 10.15 -4.86
N GLU A 30 0.55 10.18 -4.10
CA GLU A 30 1.72 11.00 -4.40
C GLU A 30 2.30 10.62 -5.76
N LEU A 31 2.51 9.33 -5.95
CA LEU A 31 3.09 8.81 -7.17
C LEU A 31 2.22 9.12 -8.38
N LEU A 32 0.90 9.00 -8.21
CA LEU A 32 -0.04 9.22 -9.29
C LEU A 32 0.10 10.62 -9.89
N GLN A 33 0.19 11.64 -9.04
CA GLN A 33 0.38 13.00 -9.54
C GLN A 33 1.82 13.20 -9.98
N HIS A 34 2.74 12.54 -9.30
CA HIS A 34 4.16 12.65 -9.60
C HIS A 34 4.46 12.17 -11.02
N VAL A 35 3.84 11.06 -11.41
CA VAL A 35 4.03 10.50 -12.74
C VAL A 35 3.40 11.41 -13.79
N LYS A 36 2.11 11.71 -13.61
CA LYS A 36 1.34 12.45 -14.60
C LYS A 36 1.82 13.90 -14.73
N ALA A 37 2.65 14.36 -13.81
CA ALA A 37 3.14 15.73 -13.84
C ALA A 37 4.60 15.78 -14.28
N HIS A 38 5.16 14.65 -14.68
CA HIS A 38 6.57 14.60 -15.05
C HIS A 38 6.79 13.74 -16.29
N ALA A 39 6.24 12.54 -16.29
CA ALA A 39 6.45 11.59 -17.38
C ALA A 39 5.46 11.82 -18.51
N THR A 40 4.70 12.90 -18.41
CA THR A 40 3.65 13.21 -19.36
C THR A 40 4.21 13.52 -20.74
N GLY A 41 3.35 13.54 -21.74
CA GLY A 41 3.78 13.79 -23.09
C GLY A 41 3.53 12.58 -23.98
N ALA A 42 4.38 12.39 -24.96
CA ALA A 42 4.30 11.24 -25.84
C ALA A 42 5.37 10.23 -25.49
N GLY A 43 4.98 8.97 -25.34
CA GLY A 43 5.92 7.94 -25.02
C GLY A 43 5.65 7.31 -23.66
N PRO A 44 6.34 7.77 -22.60
CA PRO A 44 6.17 7.26 -21.24
C PRO A 44 4.74 7.39 -20.75
N ALA A 45 4.39 8.60 -20.33
CA ALA A 45 3.07 8.95 -19.79
C ALA A 45 2.87 8.36 -18.40
N GLY A 46 3.21 7.09 -18.24
CA GLY A 46 3.09 6.44 -16.96
C GLY A 46 1.66 6.18 -16.58
N ARG A 47 1.05 5.18 -17.21
CA ARG A 47 -0.33 4.86 -16.92
C ARG A 47 -0.44 3.47 -16.30
N TYR A 48 -0.79 3.45 -15.02
CA TYR A 48 -0.97 2.21 -14.29
C TYR A 48 -2.32 2.27 -13.58
N ASP A 49 -3.33 2.65 -14.34
CA ASP A 49 -4.67 2.94 -13.80
C ASP A 49 -5.23 1.73 -13.08
N GLN A 50 -5.05 0.55 -13.67
CA GLN A 50 -5.55 -0.67 -13.06
C GLN A 50 -4.80 -0.97 -11.77
N ALA A 51 -3.48 -0.87 -11.84
CA ALA A 51 -2.63 -1.16 -10.67
C ALA A 51 -2.99 -0.25 -9.50
N THR A 52 -3.06 1.05 -9.75
CA THR A 52 -3.38 2.01 -8.71
C THR A 52 -4.79 1.78 -8.16
N ASP A 53 -5.71 1.46 -9.06
CA ASP A 53 -7.09 1.20 -8.69
C ASP A 53 -7.18 -0.04 -7.81
N THR A 54 -6.49 -1.11 -8.21
CA THR A 54 -6.49 -2.34 -7.43
C THR A 54 -5.95 -2.09 -6.03
N ILE A 55 -4.84 -1.37 -5.94
CA ILE A 55 -4.24 -1.03 -4.66
C ILE A 55 -5.23 -0.28 -3.78
N LEU A 56 -5.70 0.86 -4.28
CA LEU A 56 -6.61 1.73 -3.53
C LEU A 56 -7.84 0.98 -3.05
N THR A 57 -8.48 0.24 -3.96
CA THR A 57 -9.68 -0.51 -3.60
C THR A 57 -9.38 -1.54 -2.50
N VAL A 58 -8.22 -2.17 -2.60
CA VAL A 58 -7.81 -3.16 -1.61
C VAL A 58 -7.62 -2.50 -0.24
N THR A 59 -6.91 -1.36 -0.21
CA THR A 59 -6.70 -0.63 1.03
C THR A 59 -8.03 -0.15 1.59
N GLU A 60 -8.88 0.33 0.69
CA GLU A 60 -10.22 0.79 1.04
C GLU A 60 -11.02 -0.35 1.68
N ASN A 61 -10.87 -1.56 1.16
CA ASN A 61 -11.56 -2.74 1.68
C ASN A 61 -11.02 -3.13 3.05
N ILE A 62 -9.71 -2.99 3.23
CA ILE A 62 -9.07 -3.31 4.51
C ILE A 62 -9.64 -2.43 5.63
N PHE A 63 -9.99 -1.20 5.28
CA PHE A 63 -10.58 -0.28 6.25
C PHE A 63 -11.94 -0.79 6.72
N SER A 64 -12.73 -1.32 5.79
CA SER A 64 -14.06 -1.83 6.11
C SER A 64 -13.96 -3.16 6.86
N SER A 65 -12.99 -3.98 6.47
CA SER A 65 -12.79 -5.28 7.09
C SER A 65 -11.75 -5.21 8.22
N MET A 66 -11.53 -4.00 8.72
CA MET A 66 -10.55 -3.79 9.79
C MET A 66 -11.01 -4.44 11.08
N GLY A 67 -10.23 -5.39 11.54
CA GLY A 67 -10.58 -6.11 12.76
C GLY A 67 -10.95 -7.55 12.46
N ASP A 68 -11.23 -7.85 11.20
CA ASP A 68 -11.61 -9.20 10.79
C ASP A 68 -10.40 -10.10 10.72
N ALA A 69 -9.25 -9.47 10.57
CA ALA A 69 -7.95 -10.15 10.47
C ALA A 69 -7.81 -10.93 9.17
N GLY A 70 -8.69 -11.90 8.95
CA GLY A 70 -8.59 -12.77 7.79
C GLY A 70 -8.67 -12.02 6.49
N GLU A 71 -9.72 -11.21 6.32
CA GLU A 71 -9.89 -10.42 5.11
C GLU A 71 -8.76 -9.41 4.97
N MET A 72 -8.25 -8.95 6.10
CA MET A 72 -7.17 -7.97 6.10
C MET A 72 -5.90 -8.58 5.54
N VAL A 73 -5.58 -9.79 6.01
CA VAL A 73 -4.39 -10.49 5.54
C VAL A 73 -4.54 -10.85 4.06
N ARG A 74 -5.73 -11.33 3.69
CA ARG A 74 -6.02 -11.68 2.31
C ARG A 74 -5.86 -10.47 1.40
N GLN A 75 -6.50 -9.37 1.76
CA GLN A 75 -6.43 -8.14 0.99
C GLN A 75 -5.00 -7.61 0.95
N ALA A 76 -4.32 -7.65 2.09
CA ALA A 76 -2.94 -7.16 2.18
C ALA A 76 -2.02 -7.93 1.24
N ARG A 77 -2.27 -9.22 1.09
CA ARG A 77 -1.49 -10.06 0.18
C ARG A 77 -1.68 -9.58 -1.25
N ILE A 78 -2.90 -9.17 -1.58
CA ILE A 78 -3.21 -8.63 -2.90
C ILE A 78 -2.59 -7.24 -3.04
N LEU A 79 -2.61 -6.47 -1.96
CA LEU A 79 -2.00 -5.15 -1.91
C LEU A 79 -0.52 -5.25 -2.28
N ALA A 80 0.18 -6.19 -1.66
CA ALA A 80 1.59 -6.41 -1.94
C ALA A 80 1.79 -6.79 -3.41
N GLN A 81 0.92 -7.65 -3.92
CA GLN A 81 1.00 -8.12 -5.30
C GLN A 81 0.83 -6.97 -6.29
N ALA A 82 -0.20 -6.17 -6.06
CA ALA A 82 -0.50 -5.06 -6.96
C ALA A 82 0.62 -4.02 -6.97
N THR A 83 1.08 -3.63 -5.79
CA THR A 83 2.12 -2.63 -5.67
C THR A 83 3.46 -3.13 -6.23
N SER A 84 3.71 -4.43 -6.11
CA SER A 84 4.92 -5.02 -6.66
C SER A 84 4.98 -4.77 -8.17
N ASP A 85 3.84 -4.92 -8.82
CA ASP A 85 3.74 -4.68 -10.26
C ASP A 85 3.87 -3.18 -10.56
N LEU A 86 3.19 -2.39 -9.75
CA LEU A 86 3.20 -0.93 -9.91
C LEU A 86 4.61 -0.37 -9.86
N VAL A 87 5.35 -0.72 -8.81
CA VAL A 87 6.70 -0.22 -8.61
C VAL A 87 7.62 -0.65 -9.75
N ASN A 88 7.48 -1.90 -10.16
CA ASN A 88 8.31 -2.45 -11.23
C ASN A 88 8.11 -1.70 -12.54
N ALA A 89 6.85 -1.41 -12.86
CA ALA A 89 6.50 -0.71 -14.09
C ALA A 89 7.13 0.68 -14.13
N ILE A 90 7.08 1.38 -13.01
CA ILE A 90 7.66 2.70 -12.91
C ILE A 90 9.18 2.62 -13.02
N LYS A 91 9.76 1.68 -12.29
CA LYS A 91 11.21 1.51 -12.27
C LYS A 91 11.77 1.24 -13.67
N ALA A 92 11.11 0.35 -14.40
CA ALA A 92 11.55 -0.03 -15.73
C ALA A 92 11.54 1.17 -16.68
N ASP A 93 10.54 2.02 -16.56
CA ASP A 93 10.40 3.18 -17.42
C ASP A 93 11.30 4.32 -16.97
N ALA A 94 11.41 4.47 -15.65
CA ALA A 94 12.26 5.50 -15.06
C ALA A 94 13.73 5.23 -15.36
N GLU A 95 14.03 4.00 -15.74
CA GLU A 95 15.37 3.63 -16.17
C GLU A 95 15.64 4.20 -17.58
N GLY A 96 15.51 5.51 -17.69
CA GLY A 96 15.66 6.19 -18.96
C GLY A 96 15.02 7.56 -18.93
N GLU A 97 13.71 7.59 -19.19
CA GLU A 97 12.90 8.81 -19.07
C GLU A 97 13.30 9.87 -20.08
N SER A 98 12.62 11.00 -20.01
CA SER A 98 12.92 12.15 -20.83
C SER A 98 13.91 13.05 -20.10
N ASP A 99 13.70 13.17 -18.80
CA ASP A 99 14.57 13.99 -17.96
C ASP A 99 15.04 13.18 -16.76
N LEU A 100 16.29 13.38 -16.37
CA LEU A 100 16.86 12.64 -15.24
C LEU A 100 16.29 13.16 -13.92
N GLU A 101 15.78 14.39 -13.94
CA GLU A 101 15.10 14.94 -12.78
C GLU A 101 13.85 14.13 -12.48
N ASN A 102 13.17 13.71 -13.54
CA ASN A 102 11.97 12.92 -13.40
C ASN A 102 12.31 11.51 -12.94
N SER A 103 13.25 10.89 -13.64
CA SER A 103 13.58 9.49 -13.45
C SER A 103 13.99 9.21 -12.01
N ARG A 104 14.93 10.00 -11.51
CA ARG A 104 15.47 9.80 -10.17
C ARG A 104 14.36 9.91 -9.13
N LYS A 105 13.54 10.94 -9.26
CA LYS A 105 12.43 11.15 -8.35
C LYS A 105 11.39 10.05 -8.45
N LEU A 106 11.21 9.54 -9.66
CA LEU A 106 10.22 8.51 -9.92
C LEU A 106 10.58 7.23 -9.19
N LEU A 107 11.86 6.94 -9.10
CA LEU A 107 12.34 5.76 -8.40
C LEU A 107 12.11 5.91 -6.90
N SER A 108 12.35 7.10 -6.38
CA SER A 108 12.13 7.37 -4.96
C SER A 108 10.65 7.24 -4.61
N ALA A 109 9.79 7.79 -5.48
CA ALA A 109 8.35 7.70 -5.29
C ALA A 109 7.90 6.24 -5.23
N ALA A 110 8.40 5.44 -6.15
CA ALA A 110 8.07 4.02 -6.19
C ALA A 110 8.67 3.30 -4.98
N LYS A 111 9.77 3.84 -4.45
CA LYS A 111 10.41 3.25 -3.28
C LYS A 111 9.52 3.40 -2.05
N ILE A 112 8.83 4.53 -1.96
CA ILE A 112 7.88 4.74 -0.87
C ILE A 112 6.70 3.77 -1.01
N LEU A 113 6.29 3.54 -2.25
CA LEU A 113 5.21 2.60 -2.54
C LEU A 113 5.54 1.22 -1.99
N ALA A 114 6.71 0.71 -2.36
CA ALA A 114 7.14 -0.62 -1.92
C ALA A 114 7.32 -0.68 -0.40
N ASP A 115 7.79 0.42 0.17
CA ASP A 115 8.02 0.51 1.60
C ASP A 115 6.70 0.52 2.37
N ALA A 116 5.80 1.40 1.97
CA ALA A 116 4.53 1.58 2.65
C ALA A 116 3.71 0.30 2.63
N THR A 117 3.71 -0.37 1.49
CA THR A 117 2.96 -1.61 1.34
C THR A 117 3.49 -2.71 2.27
N ALA A 118 4.79 -2.73 2.49
CA ALA A 118 5.38 -3.70 3.40
C ALA A 118 4.96 -3.38 4.83
N LYS A 119 4.98 -2.10 5.18
CA LYS A 119 4.52 -1.65 6.49
C LYS A 119 3.05 -2.02 6.67
N MET A 120 2.29 -1.88 5.59
CA MET A 120 0.87 -2.21 5.58
C MET A 120 0.67 -3.70 5.78
N VAL A 121 1.34 -4.51 4.97
CA VAL A 121 1.20 -5.96 5.04
C VAL A 121 1.68 -6.48 6.39
N GLU A 122 2.74 -5.88 6.92
CA GLU A 122 3.30 -6.27 8.20
C GLU A 122 2.35 -5.91 9.33
N ALA A 123 1.70 -4.75 9.20
CA ALA A 123 0.75 -4.30 10.20
C ALA A 123 -0.52 -5.13 10.18
N ALA A 124 -1.03 -5.41 8.98
CA ALA A 124 -2.26 -6.17 8.83
C ALA A 124 -2.12 -7.58 9.38
N LYS A 125 -0.99 -8.21 9.09
CA LYS A 125 -0.72 -9.56 9.56
C LYS A 125 -0.40 -9.56 11.05
N GLY A 126 0.33 -8.54 11.50
CA GLY A 126 0.71 -8.45 12.89
C GLY A 126 -0.47 -8.20 13.81
N ALA A 127 -1.37 -7.32 13.39
CA ALA A 127 -2.52 -6.97 14.21
C ALA A 127 -3.67 -7.94 14.03
N ALA A 128 -3.43 -8.98 13.23
CA ALA A 128 -4.42 -10.02 13.02
C ALA A 128 -4.44 -10.98 14.20
N ALA A 129 -5.56 -11.01 14.92
CA ALA A 129 -5.70 -11.88 16.08
C ALA A 129 -5.67 -13.35 15.67
N HIS A 130 -6.16 -13.63 14.47
CA HIS A 130 -6.15 -14.99 13.95
C HIS A 130 -5.70 -14.99 12.49
N PRO A 131 -4.38 -15.00 12.25
CA PRO A 131 -3.82 -15.04 10.91
C PRO A 131 -3.74 -16.46 10.38
N ASP A 132 -4.60 -16.78 9.42
CA ASP A 132 -4.60 -18.11 8.81
C ASP A 132 -3.48 -18.25 7.80
N SER A 133 -2.25 -18.12 8.29
CA SER A 133 -1.07 -18.25 7.47
C SER A 133 -0.07 -19.17 8.14
N GLU A 134 -0.57 -20.02 9.03
CA GLU A 134 0.26 -20.95 9.77
C GLU A 134 0.51 -22.21 8.97
N GLU A 135 1.34 -23.10 9.51
CA GLU A 135 1.73 -24.31 8.80
C GLU A 135 1.19 -25.55 9.51
N GLN A 136 -0.06 -25.48 9.94
CA GLN A 136 -0.69 -26.61 10.62
C GLN A 136 -1.46 -27.48 9.64
N GLN A 137 -0.72 -28.25 8.85
CA GLN A 137 -1.31 -29.19 7.88
C GLN A 137 -2.25 -28.47 6.91
N GLN A 138 -1.82 -27.32 6.41
CA GLN A 138 -2.64 -26.54 5.49
C GLN A 138 -2.49 -27.07 4.06
N ARG A 139 -2.59 -28.38 3.92
CA ARG A 139 -2.44 -29.03 2.62
C ARG A 139 -3.79 -29.10 1.91
N GLY A 1 13.21 -11.51 16.68
CA GLY A 1 11.88 -11.45 17.33
C GLY A 1 11.38 -10.02 17.46
N SER A 2 10.40 -9.82 18.33
CA SER A 2 9.80 -8.51 18.53
C SER A 2 10.70 -7.64 19.41
N HIS A 3 10.78 -6.37 19.07
CA HIS A 3 11.56 -5.43 19.87
C HIS A 3 10.65 -4.63 20.80
N MET A 4 9.52 -5.25 21.13
CA MET A 4 8.55 -4.72 22.06
C MET A 4 7.86 -3.47 21.52
N GLN A 5 6.79 -3.67 20.77
CA GLN A 5 5.97 -2.56 20.30
C GLN A 5 4.54 -2.75 20.80
N ALA A 6 4.39 -3.59 21.80
CA ALA A 6 3.08 -3.95 22.32
C ALA A 6 2.61 -2.94 23.37
N ALA A 7 2.73 -1.66 23.03
CA ALA A 7 2.26 -0.59 23.89
C ALA A 7 1.16 0.17 23.16
N THR A 8 0.44 -0.54 22.31
CA THR A 8 -0.58 0.07 21.49
C THR A 8 -1.97 -0.36 21.95
N GLU A 9 -2.26 -0.13 23.22
CA GLU A 9 -3.54 -0.51 23.81
C GLU A 9 -4.64 0.42 23.30
N ASP A 10 -4.26 1.64 22.93
CA ASP A 10 -5.18 2.60 22.34
C ASP A 10 -5.96 1.99 21.18
N GLY A 11 -5.25 1.20 20.38
CA GLY A 11 -5.87 0.53 19.26
C GLY A 11 -4.85 0.04 18.27
N GLN A 12 -4.35 -1.17 18.48
CA GLN A 12 -3.32 -1.75 17.63
C GLN A 12 -3.79 -1.80 16.17
N LEU A 13 -5.09 -1.98 15.99
CA LEU A 13 -5.69 -1.98 14.67
C LEU A 13 -5.54 -0.62 14.00
N LEU A 14 -6.16 0.40 14.58
CA LEU A 14 -6.18 1.72 13.98
C LEU A 14 -4.79 2.37 13.99
N ARG A 15 -3.99 2.04 14.99
CA ARG A 15 -2.64 2.59 15.09
C ARG A 15 -1.72 1.94 14.06
N GLY A 16 -1.67 0.61 14.06
CA GLY A 16 -0.78 -0.10 13.17
C GLY A 16 -1.29 -0.11 11.74
N VAL A 17 -2.44 -0.72 11.54
CA VAL A 17 -3.01 -0.87 10.21
C VAL A 17 -3.43 0.48 9.66
N GLY A 18 -4.08 1.28 10.50
CA GLY A 18 -4.55 2.58 10.07
C GLY A 18 -3.44 3.46 9.53
N ALA A 19 -2.36 3.58 10.29
CA ALA A 19 -1.23 4.40 9.86
C ALA A 19 -0.56 3.83 8.63
N ALA A 20 -0.37 2.51 8.63
CA ALA A 20 0.28 1.84 7.51
C ALA A 20 -0.55 1.95 6.24
N ALA A 21 -1.85 1.72 6.37
CA ALA A 21 -2.77 1.80 5.24
C ALA A 21 -2.81 3.22 4.67
N THR A 22 -2.92 4.20 5.57
CA THR A 22 -2.91 5.59 5.16
C THR A 22 -1.57 5.97 4.52
N ALA A 23 -0.49 5.40 5.03
CA ALA A 23 0.83 5.61 4.46
C ALA A 23 0.90 5.12 3.02
N VAL A 24 0.38 3.92 2.78
CA VAL A 24 0.32 3.37 1.43
C VAL A 24 -0.52 4.26 0.52
N THR A 25 -1.69 4.63 1.00
CA THR A 25 -2.60 5.50 0.24
C THR A 25 -1.93 6.83 -0.08
N GLN A 26 -1.21 7.40 0.88
CA GLN A 26 -0.51 8.66 0.70
C GLN A 26 0.65 8.51 -0.29
N ALA A 27 1.38 7.41 -0.15
CA ALA A 27 2.49 7.12 -1.07
C ALA A 27 1.96 6.95 -2.49
N LEU A 28 0.83 6.27 -2.61
CA LEU A 28 0.19 6.07 -3.89
C LEU A 28 -0.31 7.40 -4.46
N ASN A 29 -0.95 8.19 -3.61
CA ASN A 29 -1.45 9.51 -3.99
C ASN A 29 -0.30 10.39 -4.47
N GLU A 30 0.83 10.26 -3.78
CA GLU A 30 2.05 10.98 -4.14
C GLU A 30 2.48 10.65 -5.57
N LEU A 31 2.59 9.35 -5.84
CA LEU A 31 3.06 8.88 -7.13
C LEU A 31 2.02 9.11 -8.23
N LEU A 32 0.76 8.86 -7.91
CA LEU A 32 -0.33 8.97 -8.88
C LEU A 32 -0.34 10.34 -9.56
N GLN A 33 -0.35 11.40 -8.74
CA GLN A 33 -0.36 12.75 -9.26
C GLN A 33 0.95 13.08 -9.96
N HIS A 34 2.03 12.47 -9.50
CA HIS A 34 3.34 12.71 -10.07
C HIS A 34 3.43 12.11 -11.47
N VAL A 35 2.86 10.92 -11.65
CA VAL A 35 2.86 10.26 -12.95
C VAL A 35 1.89 10.97 -13.90
N LYS A 36 0.72 11.32 -13.40
CA LYS A 36 -0.31 11.97 -14.21
C LYS A 36 0.17 13.35 -14.69
N ALA A 37 0.93 14.03 -13.87
CA ALA A 37 1.41 15.36 -14.20
C ALA A 37 2.76 15.30 -14.91
N HIS A 38 3.20 14.11 -15.30
CA HIS A 38 4.49 13.97 -15.94
C HIS A 38 4.43 13.03 -17.14
N ALA A 39 5.29 12.00 -17.15
CA ALA A 39 5.47 11.16 -18.32
C ALA A 39 5.92 12.01 -19.49
N THR A 40 7.20 12.30 -19.55
CA THR A 40 7.68 13.34 -20.42
C THR A 40 8.21 12.81 -21.76
N GLY A 41 9.40 12.21 -21.75
CA GLY A 41 10.07 11.85 -22.97
C GLY A 41 9.52 10.59 -23.62
N ALA A 42 10.15 9.46 -23.35
CA ALA A 42 9.76 8.19 -23.94
C ALA A 42 8.52 7.62 -23.25
N GLY A 43 7.37 8.21 -23.55
CA GLY A 43 6.13 7.77 -22.97
C GLY A 43 5.29 8.93 -22.49
N PRO A 44 4.26 9.32 -23.27
CA PRO A 44 3.41 10.47 -22.94
C PRO A 44 2.42 10.17 -21.84
N ALA A 45 2.30 8.90 -21.47
CA ALA A 45 1.35 8.48 -20.45
C ALA A 45 1.68 7.08 -19.94
N GLY A 46 2.84 6.95 -19.30
CA GLY A 46 3.20 5.69 -18.68
C GLY A 46 2.44 5.49 -17.38
N ARG A 47 1.12 5.38 -17.50
CA ARG A 47 0.25 5.30 -16.34
C ARG A 47 0.01 3.86 -15.94
N TYR A 48 0.30 3.56 -14.69
CA TYR A 48 0.05 2.23 -14.12
C TYR A 48 -1.30 2.26 -13.42
N ASP A 49 -2.30 2.78 -14.14
CA ASP A 49 -3.62 3.06 -13.60
C ASP A 49 -4.28 1.85 -12.97
N GLN A 50 -4.18 0.71 -13.65
CA GLN A 50 -4.81 -0.51 -13.17
C GLN A 50 -4.17 -0.99 -11.87
N ALA A 51 -2.88 -0.75 -11.73
CA ALA A 51 -2.15 -1.15 -10.54
C ALA A 51 -2.49 -0.23 -9.37
N THR A 52 -2.45 1.06 -9.60
CA THR A 52 -2.73 2.04 -8.57
C THR A 52 -4.17 1.93 -8.08
N ASP A 53 -5.09 1.72 -9.02
CA ASP A 53 -6.50 1.55 -8.70
C ASP A 53 -6.68 0.35 -7.78
N THR A 54 -6.03 -0.76 -8.13
CA THR A 54 -6.09 -1.98 -7.34
C THR A 54 -5.59 -1.74 -5.92
N ILE A 55 -4.44 -1.08 -5.79
CA ILE A 55 -3.87 -0.77 -4.49
C ILE A 55 -4.85 0.04 -3.66
N LEU A 56 -5.38 1.11 -4.24
CA LEU A 56 -6.36 1.95 -3.56
C LEU A 56 -7.55 1.12 -3.09
N THR A 57 -8.10 0.32 -4.00
CA THR A 57 -9.24 -0.52 -3.67
C THR A 57 -8.90 -1.47 -2.51
N VAL A 58 -7.74 -2.11 -2.60
CA VAL A 58 -7.31 -3.05 -1.59
C VAL A 58 -7.12 -2.37 -0.23
N THR A 59 -6.37 -1.29 -0.21
CA THR A 59 -6.12 -0.56 1.03
C THR A 59 -7.40 0.02 1.60
N GLU A 60 -8.23 0.57 0.72
CA GLU A 60 -9.52 1.14 1.11
C GLU A 60 -10.46 0.03 1.58
N ASN A 61 -10.26 -1.19 1.04
CA ASN A 61 -11.01 -2.37 1.48
C ASN A 61 -10.66 -2.69 2.92
N ILE A 62 -9.38 -2.64 3.25
CA ILE A 62 -8.92 -2.92 4.62
C ILE A 62 -9.48 -1.88 5.59
N PHE A 63 -9.57 -0.64 5.14
CA PHE A 63 -10.18 0.42 5.95
C PHE A 63 -11.62 0.05 6.29
N SER A 64 -12.25 -0.70 5.39
CA SER A 64 -13.63 -1.11 5.54
C SER A 64 -13.72 -2.53 6.11
N SER A 65 -12.58 -3.10 6.48
CA SER A 65 -12.55 -4.47 6.99
C SER A 65 -11.66 -4.55 8.23
N MET A 66 -11.29 -3.40 8.77
CA MET A 66 -10.34 -3.34 9.88
C MET A 66 -10.92 -4.01 11.12
N GLY A 67 -10.47 -5.22 11.36
CA GLY A 67 -10.98 -6.01 12.46
C GLY A 67 -11.07 -7.46 12.05
N ASP A 68 -11.49 -7.69 10.82
CA ASP A 68 -11.55 -9.03 10.28
C ASP A 68 -10.19 -9.43 9.74
N ALA A 69 -9.55 -10.34 10.45
CA ALA A 69 -8.20 -10.76 10.13
C ALA A 69 -8.13 -11.39 8.75
N GLY A 70 -9.12 -12.22 8.43
CA GLY A 70 -9.09 -12.99 7.21
C GLY A 70 -9.06 -12.13 5.96
N GLU A 71 -10.04 -11.22 5.84
CA GLU A 71 -10.12 -10.34 4.66
C GLU A 71 -8.95 -9.36 4.65
N MET A 72 -8.58 -8.87 5.83
CA MET A 72 -7.49 -7.91 5.95
C MET A 72 -6.18 -8.51 5.43
N VAL A 73 -5.88 -9.73 5.89
CA VAL A 73 -4.68 -10.44 5.43
C VAL A 73 -4.81 -10.75 3.94
N ARG A 74 -6.01 -11.14 3.52
CA ARG A 74 -6.30 -11.43 2.13
C ARG A 74 -5.93 -10.25 1.25
N GLN A 75 -6.50 -9.09 1.52
CA GLN A 75 -6.23 -7.90 0.75
C GLN A 75 -4.75 -7.51 0.84
N ALA A 76 -4.17 -7.70 2.03
CA ALA A 76 -2.76 -7.38 2.24
C ALA A 76 -1.86 -8.17 1.27
N ARG A 77 -2.28 -9.39 0.95
CA ARG A 77 -1.53 -10.20 -0.02
C ARG A 77 -1.58 -9.56 -1.40
N ILE A 78 -2.78 -9.16 -1.79
CA ILE A 78 -2.99 -8.52 -3.09
C ILE A 78 -2.29 -7.16 -3.15
N LEU A 79 -2.32 -6.44 -2.02
CA LEU A 79 -1.65 -5.16 -1.92
C LEU A 79 -0.17 -5.28 -2.24
N ALA A 80 0.47 -6.27 -1.62
CA ALA A 80 1.89 -6.52 -1.85
C ALA A 80 2.16 -6.87 -3.30
N GLN A 81 1.28 -7.67 -3.88
CA GLN A 81 1.42 -8.09 -5.27
C GLN A 81 1.30 -6.90 -6.21
N ALA A 82 0.29 -6.07 -5.96
CA ALA A 82 0.02 -4.93 -6.83
C ALA A 82 1.15 -3.91 -6.78
N THR A 83 1.57 -3.54 -5.58
CA THR A 83 2.65 -2.56 -5.42
C THR A 83 3.97 -3.11 -5.95
N SER A 84 4.19 -4.41 -5.79
CA SER A 84 5.39 -5.05 -6.31
C SER A 84 5.50 -4.83 -7.81
N ASP A 85 4.38 -4.96 -8.51
CA ASP A 85 4.34 -4.74 -9.95
C ASP A 85 4.46 -3.26 -10.26
N LEU A 86 3.82 -2.44 -9.43
CA LEU A 86 3.84 -0.99 -9.61
C LEU A 86 5.26 -0.45 -9.54
N VAL A 87 5.98 -0.81 -8.49
CA VAL A 87 7.36 -0.35 -8.31
C VAL A 87 8.26 -0.90 -9.40
N ASN A 88 8.05 -2.16 -9.77
CA ASN A 88 8.81 -2.77 -10.85
C ASN A 88 8.51 -2.08 -12.17
N ALA A 89 7.23 -1.75 -12.38
CA ALA A 89 6.79 -1.07 -13.58
C ALA A 89 7.45 0.29 -13.70
N ILE A 90 7.49 1.01 -12.58
CA ILE A 90 8.14 2.31 -12.54
C ILE A 90 9.63 2.17 -12.81
N LYS A 91 10.27 1.18 -12.19
CA LYS A 91 11.70 0.94 -12.39
C LYS A 91 12.01 0.69 -13.86
N ALA A 92 11.13 -0.03 -14.54
CA ALA A 92 11.31 -0.28 -15.96
C ALA A 92 10.96 0.94 -16.81
N ASP A 93 9.83 1.55 -16.50
CA ASP A 93 9.30 2.66 -17.30
C ASP A 93 10.14 3.92 -17.15
N ALA A 94 10.50 4.24 -15.92
CA ALA A 94 11.27 5.45 -15.62
C ALA A 94 12.66 5.38 -16.24
N GLU A 95 13.18 4.18 -16.42
CA GLU A 95 14.50 4.00 -17.01
C GLU A 95 14.45 4.22 -18.51
N GLY A 96 13.24 4.18 -19.08
CA GLY A 96 13.06 4.51 -20.47
C GLY A 96 12.78 5.99 -20.66
N GLU A 97 12.19 6.60 -19.64
CA GLU A 97 11.90 8.03 -19.64
C GLU A 97 13.19 8.83 -19.84
N SER A 98 13.09 9.92 -20.59
CA SER A 98 14.25 10.72 -20.95
C SER A 98 14.56 11.76 -19.88
N ASP A 99 13.52 12.26 -19.22
CA ASP A 99 13.71 13.25 -18.17
C ASP A 99 14.07 12.58 -16.85
N LEU A 100 15.34 12.67 -16.48
CA LEU A 100 15.85 12.00 -15.29
C LEU A 100 15.27 12.59 -14.01
N GLU A 101 14.91 13.87 -14.04
CA GLU A 101 14.31 14.49 -12.86
C GLU A 101 12.99 13.82 -12.54
N ASN A 102 12.19 13.59 -13.58
CA ASN A 102 10.92 12.91 -13.42
C ASN A 102 11.12 11.47 -12.97
N SER A 103 12.02 10.77 -13.65
CA SER A 103 12.26 9.36 -13.39
C SER A 103 12.81 9.14 -11.99
N ARG A 104 13.78 9.94 -11.58
CA ARG A 104 14.33 9.85 -10.23
C ARG A 104 13.22 9.97 -9.20
N LYS A 105 12.36 10.95 -9.40
CA LYS A 105 11.20 11.16 -8.54
C LYS A 105 10.31 9.94 -8.52
N LEU A 106 10.11 9.34 -9.69
CA LEU A 106 9.27 8.18 -9.84
C LEU A 106 9.75 7.03 -8.97
N LEU A 107 11.04 6.75 -9.07
CA LEU A 107 11.65 5.65 -8.33
C LEU A 107 11.68 5.95 -6.84
N SER A 108 11.85 7.23 -6.50
CA SER A 108 11.85 7.65 -5.11
C SER A 108 10.47 7.47 -4.49
N ALA A 109 9.43 7.78 -5.25
CA ALA A 109 8.06 7.58 -4.80
C ALA A 109 7.74 6.10 -4.73
N ALA A 110 8.20 5.35 -5.72
CA ALA A 110 8.02 3.91 -5.76
C ALA A 110 8.69 3.23 -4.56
N LYS A 111 9.81 3.79 -4.13
CA LYS A 111 10.52 3.27 -2.96
C LYS A 111 9.62 3.36 -1.72
N ILE A 112 8.92 4.48 -1.58
CA ILE A 112 7.97 4.64 -0.48
C ILE A 112 6.84 3.65 -0.63
N LEU A 113 6.36 3.49 -1.87
CA LEU A 113 5.29 2.55 -2.19
C LEU A 113 5.62 1.15 -1.67
N ALA A 114 6.78 0.64 -2.05
CA ALA A 114 7.20 -0.71 -1.68
C ALA A 114 7.33 -0.87 -0.17
N ASP A 115 8.01 0.07 0.46
CA ASP A 115 8.26 0.00 1.91
C ASP A 115 6.96 0.13 2.70
N ALA A 116 6.13 1.09 2.31
CA ALA A 116 4.87 1.33 2.99
C ALA A 116 3.94 0.11 2.86
N THR A 117 3.98 -0.53 1.70
CA THR A 117 3.14 -1.70 1.46
C THR A 117 3.55 -2.86 2.37
N ALA A 118 4.84 -3.00 2.63
CA ALA A 118 5.30 -4.05 3.54
C ALA A 118 4.93 -3.71 4.97
N LYS A 119 4.92 -2.41 5.28
CA LYS A 119 4.46 -1.95 6.57
C LYS A 119 2.99 -2.31 6.76
N MET A 120 2.22 -2.11 5.70
CA MET A 120 0.80 -2.47 5.68
C MET A 120 0.65 -3.99 5.78
N VAL A 121 1.43 -4.70 4.95
CA VAL A 121 1.44 -6.15 4.96
C VAL A 121 1.73 -6.69 6.35
N GLU A 122 2.77 -6.13 6.98
CA GLU A 122 3.16 -6.52 8.33
C GLU A 122 2.08 -6.14 9.34
N ALA A 123 1.50 -4.95 9.17
CA ALA A 123 0.48 -4.46 10.08
C ALA A 123 -0.78 -5.31 10.03
N ALA A 124 -1.21 -5.64 8.81
CA ALA A 124 -2.42 -6.43 8.61
C ALA A 124 -2.24 -7.85 9.15
N LYS A 125 -1.07 -8.42 8.88
CA LYS A 125 -0.75 -9.77 9.36
C LYS A 125 -0.65 -9.80 10.87
N GLY A 126 0.00 -8.78 11.43
CA GLY A 126 0.15 -8.68 12.87
C GLY A 126 -1.17 -8.44 13.57
N ALA A 127 -1.95 -7.49 13.06
CA ALA A 127 -3.21 -7.12 13.69
C ALA A 127 -4.30 -8.14 13.38
N ALA A 128 -3.96 -9.14 12.58
CA ALA A 128 -4.88 -10.24 12.31
C ALA A 128 -5.02 -11.12 13.55
N ALA A 129 -3.92 -11.29 14.25
CA ALA A 129 -3.92 -12.09 15.47
C ALA A 129 -4.47 -11.28 16.63
N HIS A 130 -5.78 -11.34 16.80
CA HIS A 130 -6.48 -10.57 17.81
C HIS A 130 -7.91 -11.06 17.93
N PRO A 131 -8.61 -10.74 19.03
CA PRO A 131 -10.04 -11.02 19.17
C PRO A 131 -10.86 -10.20 18.18
N ASP A 132 -11.38 -10.88 17.17
CA ASP A 132 -12.27 -10.22 16.21
C ASP A 132 -13.62 -9.96 16.84
N SER A 133 -13.90 -10.71 17.89
CA SER A 133 -15.07 -10.49 18.72
C SER A 133 -14.77 -9.44 19.77
N GLU A 134 -15.58 -8.38 19.80
CA GLU A 134 -15.39 -7.32 20.80
C GLU A 134 -16.00 -7.74 22.13
N GLU A 135 -15.52 -8.84 22.66
CA GLU A 135 -15.99 -9.38 23.92
C GLU A 135 -14.84 -9.49 24.91
N GLN A 136 -14.29 -8.34 25.28
CA GLN A 136 -13.19 -8.27 26.24
C GLN A 136 -13.65 -7.48 27.44
N GLN A 137 -14.35 -6.40 27.18
CA GLN A 137 -15.03 -5.65 28.22
C GLN A 137 -16.44 -6.19 28.38
N GLN A 138 -17.21 -5.64 29.30
CA GLN A 138 -18.57 -6.10 29.53
C GLN A 138 -19.51 -4.93 29.74
N ARG A 139 -20.46 -4.78 28.83
CA ARG A 139 -21.42 -3.69 28.89
C ARG A 139 -22.52 -4.02 29.88
N GLY A 1 -10.16 -3.78 29.33
CA GLY A 1 -9.77 -2.54 28.63
C GLY A 1 -10.80 -2.12 27.61
N SER A 2 -10.33 -1.51 26.52
CA SER A 2 -11.20 -1.03 25.44
C SER A 2 -12.26 -0.06 25.96
N HIS A 3 -11.92 0.68 27.01
CA HIS A 3 -12.86 1.61 27.60
C HIS A 3 -12.31 3.03 27.58
N MET A 4 -11.07 3.15 27.13
CA MET A 4 -10.42 4.45 27.01
C MET A 4 -9.84 4.62 25.62
N GLN A 5 -9.89 5.84 25.10
CA GLN A 5 -9.32 6.11 23.78
C GLN A 5 -7.82 6.35 23.89
N ALA A 6 -7.37 6.63 25.11
CA ALA A 6 -5.96 6.88 25.41
C ALA A 6 -5.42 7.98 24.50
N ALA A 7 -6.11 9.12 24.52
CA ALA A 7 -5.80 10.24 23.63
C ALA A 7 -5.98 9.81 22.18
N THR A 8 -4.87 9.56 21.50
CA THR A 8 -4.92 9.12 20.11
C THR A 8 -4.22 7.78 19.94
N GLU A 9 -4.23 6.98 21.00
CA GLU A 9 -3.62 5.65 20.96
C GLU A 9 -4.58 4.64 20.36
N ASP A 10 -5.88 4.90 20.51
CA ASP A 10 -6.93 4.07 19.90
C ASP A 10 -6.93 2.66 20.51
N GLY A 11 -7.59 1.74 19.83
CA GLY A 11 -7.60 0.36 20.27
C GLY A 11 -6.31 -0.34 19.91
N GLN A 12 -6.23 -0.81 18.67
CA GLN A 12 -5.02 -1.47 18.18
C GLN A 12 -5.10 -1.63 16.66
N LEU A 13 -6.29 -1.89 16.17
CA LEU A 13 -6.52 -2.08 14.74
C LEU A 13 -6.18 -0.83 13.96
N LEU A 14 -6.76 0.29 14.35
CA LEU A 14 -6.54 1.55 13.66
C LEU A 14 -5.17 2.13 14.00
N ARG A 15 -4.60 1.66 15.10
CA ARG A 15 -3.30 2.13 15.54
C ARG A 15 -2.20 1.62 14.62
N GLY A 16 -2.19 0.31 14.37
CA GLY A 16 -1.17 -0.27 13.52
C GLY A 16 -1.55 -0.24 12.06
N VAL A 17 -2.67 -0.86 11.72
CA VAL A 17 -3.09 -0.99 10.33
C VAL A 17 -3.48 0.37 9.76
N GLY A 18 -4.16 1.18 10.56
CA GLY A 18 -4.59 2.50 10.11
C GLY A 18 -3.44 3.35 9.60
N ALA A 19 -2.39 3.44 10.41
CA ALA A 19 -1.23 4.23 10.04
C ALA A 19 -0.51 3.61 8.83
N ALA A 20 -0.35 2.29 8.86
CA ALA A 20 0.34 1.59 7.79
C ALA A 20 -0.41 1.72 6.46
N ALA A 21 -1.73 1.60 6.52
CA ALA A 21 -2.56 1.70 5.34
C ALA A 21 -2.49 3.10 4.73
N THR A 22 -2.58 4.12 5.59
CA THR A 22 -2.54 5.51 5.14
C THR A 22 -1.23 5.82 4.42
N ALA A 23 -0.15 5.19 4.87
CA ALA A 23 1.15 5.37 4.23
C ALA A 23 1.10 4.97 2.76
N VAL A 24 0.38 3.88 2.49
CA VAL A 24 0.21 3.41 1.11
C VAL A 24 -0.69 4.36 0.33
N THR A 25 -1.80 4.77 0.95
CA THR A 25 -2.72 5.72 0.34
C THR A 25 -2.00 7.02 -0.03
N GLN A 26 -1.15 7.48 0.87
CA GLN A 26 -0.39 8.71 0.67
C GLN A 26 0.63 8.54 -0.45
N ALA A 27 1.38 7.43 -0.41
CA ALA A 27 2.38 7.14 -1.42
C ALA A 27 1.75 6.99 -2.79
N LEU A 28 0.61 6.32 -2.84
CA LEU A 28 -0.10 6.10 -4.10
C LEU A 28 -0.62 7.41 -4.67
N ASN A 29 -1.21 8.25 -3.81
CA ASN A 29 -1.70 9.56 -4.23
C ASN A 29 -0.57 10.39 -4.79
N GLU A 30 0.58 10.30 -4.13
CA GLU A 30 1.78 10.98 -4.56
C GLU A 30 2.20 10.49 -5.94
N LEU A 31 2.38 9.19 -6.06
CA LEU A 31 2.85 8.58 -7.30
C LEU A 31 1.88 8.82 -8.45
N LEU A 32 0.58 8.68 -8.17
CA LEU A 32 -0.44 8.85 -9.19
C LEU A 32 -0.36 10.24 -9.83
N GLN A 33 -0.37 11.27 -9.01
CA GLN A 33 -0.29 12.64 -9.50
C GLN A 33 1.07 12.90 -10.14
N HIS A 34 2.09 12.21 -9.66
CA HIS A 34 3.44 12.33 -10.18
C HIS A 34 3.52 11.75 -11.59
N VAL A 35 3.06 10.52 -11.76
CA VAL A 35 3.11 9.84 -13.06
C VAL A 35 2.15 10.47 -14.04
N LYS A 36 1.11 11.13 -13.54
CA LYS A 36 0.14 11.81 -14.39
C LYS A 36 0.78 13.01 -15.12
N ALA A 37 2.05 13.25 -14.84
CA ALA A 37 2.77 14.38 -15.41
C ALA A 37 3.84 13.92 -16.39
N HIS A 38 3.99 12.62 -16.61
CA HIS A 38 5.09 12.11 -17.42
C HIS A 38 4.83 10.67 -17.89
N ALA A 39 5.63 10.25 -18.86
CA ALA A 39 5.66 8.87 -19.33
C ALA A 39 6.57 8.74 -20.53
N THR A 40 7.74 8.17 -20.32
CA THR A 40 8.70 7.94 -21.39
C THR A 40 8.91 9.20 -22.25
N GLY A 41 9.14 10.32 -21.59
CA GLY A 41 9.25 11.58 -22.29
C GLY A 41 8.18 12.56 -21.89
N ALA A 42 7.21 12.76 -22.76
CA ALA A 42 6.12 13.70 -22.51
C ALA A 42 4.86 13.28 -23.26
N GLY A 43 4.50 12.02 -23.11
CA GLY A 43 3.32 11.50 -23.77
C GLY A 43 2.22 11.14 -22.80
N PRO A 44 1.05 10.72 -23.33
CA PRO A 44 -0.09 10.23 -22.56
C PRO A 44 0.29 9.51 -21.28
N ALA A 45 -0.01 10.16 -20.17
CA ALA A 45 0.28 9.62 -18.85
C ALA A 45 -0.72 8.53 -18.45
N GLY A 46 -0.82 7.51 -19.28
CA GLY A 46 -1.64 6.36 -18.96
C GLY A 46 -0.78 5.15 -18.67
N ARG A 47 -0.21 5.13 -17.49
CA ARG A 47 0.77 4.11 -17.13
C ARG A 47 0.12 3.00 -16.29
N TYR A 48 -0.11 3.27 -15.02
CA TYR A 48 -0.62 2.26 -14.11
C TYR A 48 -1.83 2.78 -13.36
N ASP A 49 -2.78 3.33 -14.12
CA ASP A 49 -3.99 3.88 -13.53
C ASP A 49 -4.87 2.78 -12.98
N GLN A 50 -4.92 1.67 -13.70
CA GLN A 50 -5.68 0.51 -13.26
C GLN A 50 -4.99 -0.17 -12.07
N ALA A 51 -3.68 -0.29 -12.15
CA ALA A 51 -2.89 -0.90 -11.08
C ALA A 51 -3.05 -0.12 -9.78
N THR A 52 -2.94 1.20 -9.85
CA THR A 52 -3.10 2.05 -8.67
C THR A 52 -4.51 1.93 -8.11
N ASP A 53 -5.49 1.90 -9.01
CA ASP A 53 -6.88 1.71 -8.63
C ASP A 53 -7.05 0.43 -7.83
N THR A 54 -6.39 -0.63 -8.30
CA THR A 54 -6.42 -1.92 -7.63
C THR A 54 -5.87 -1.79 -6.21
N ILE A 55 -4.74 -1.11 -6.07
CA ILE A 55 -4.13 -0.90 -4.77
C ILE A 55 -5.05 -0.12 -3.84
N LEU A 56 -5.50 1.05 -4.31
CA LEU A 56 -6.38 1.91 -3.52
C LEU A 56 -7.60 1.13 -3.01
N THR A 57 -8.25 0.42 -3.92
CA THR A 57 -9.41 -0.38 -3.57
C THR A 57 -9.05 -1.46 -2.54
N VAL A 58 -7.85 -2.01 -2.67
CA VAL A 58 -7.37 -3.01 -1.73
C VAL A 58 -7.17 -2.39 -0.34
N THR A 59 -6.52 -1.24 -0.29
CA THR A 59 -6.29 -0.56 0.98
C THR A 59 -7.62 -0.09 1.58
N GLU A 60 -8.49 0.42 0.72
CA GLU A 60 -9.82 0.83 1.13
C GLU A 60 -10.61 -0.38 1.64
N ASN A 61 -10.37 -1.53 1.02
CA ASN A 61 -10.95 -2.80 1.47
C ASN A 61 -10.50 -3.11 2.89
N ILE A 62 -9.21 -2.95 3.15
CA ILE A 62 -8.67 -3.19 4.48
C ILE A 62 -9.24 -2.19 5.49
N PHE A 63 -9.47 -0.96 5.04
CA PHE A 63 -10.08 0.06 5.88
C PHE A 63 -11.50 -0.35 6.27
N SER A 64 -12.11 -1.17 5.42
CA SER A 64 -13.46 -1.65 5.67
C SER A 64 -13.43 -2.99 6.42
N SER A 65 -12.35 -3.74 6.22
CA SER A 65 -12.21 -5.06 6.81
C SER A 65 -11.40 -4.98 8.09
N MET A 66 -11.20 -3.76 8.59
CA MET A 66 -10.39 -3.53 9.79
C MET A 66 -11.03 -4.18 11.00
N GLY A 67 -10.55 -5.36 11.33
CA GLY A 67 -11.11 -6.12 12.43
C GLY A 67 -11.56 -7.49 12.00
N ASP A 68 -11.77 -7.65 10.69
CA ASP A 68 -12.23 -8.94 10.15
C ASP A 68 -11.08 -9.92 10.07
N ALA A 69 -9.88 -9.37 10.20
CA ALA A 69 -8.63 -10.14 10.23
C ALA A 69 -8.32 -10.82 8.90
N GLY A 70 -9.07 -11.87 8.57
CA GLY A 70 -8.80 -12.67 7.39
C GLY A 70 -8.76 -11.85 6.12
N GLU A 71 -9.83 -11.09 5.88
CA GLU A 71 -9.93 -10.24 4.70
C GLU A 71 -8.82 -9.21 4.68
N MET A 72 -8.47 -8.70 5.85
CA MET A 72 -7.41 -7.70 5.98
C MET A 72 -6.09 -8.26 5.46
N VAL A 73 -5.72 -9.43 5.95
CA VAL A 73 -4.50 -10.08 5.52
C VAL A 73 -4.59 -10.49 4.05
N ARG A 74 -5.78 -10.92 3.64
CA ARG A 74 -6.02 -11.30 2.25
C ARG A 74 -5.71 -10.13 1.32
N GLN A 75 -6.36 -9.00 1.56
CA GLN A 75 -6.15 -7.82 0.74
C GLN A 75 -4.72 -7.31 0.85
N ALA A 76 -4.15 -7.41 2.04
CA ALA A 76 -2.77 -7.00 2.27
C ALA A 76 -1.80 -7.80 1.38
N ARG A 77 -2.12 -9.08 1.19
CA ARG A 77 -1.32 -9.94 0.33
C ARG A 77 -1.44 -9.51 -1.12
N ILE A 78 -2.66 -9.14 -1.50
CA ILE A 78 -2.92 -8.62 -2.85
C ILE A 78 -2.21 -7.29 -3.03
N LEU A 79 -2.20 -6.49 -1.97
CA LEU A 79 -1.50 -5.21 -1.96
C LEU A 79 -0.02 -5.43 -2.27
N ALA A 80 0.59 -6.39 -1.57
CA ALA A 80 1.99 -6.71 -1.78
C ALA A 80 2.24 -7.16 -3.21
N GLN A 81 1.30 -7.93 -3.75
CA GLN A 81 1.38 -8.41 -5.13
C GLN A 81 1.32 -7.25 -6.12
N ALA A 82 0.39 -6.33 -5.88
CA ALA A 82 0.17 -5.21 -6.79
C ALA A 82 1.34 -4.23 -6.79
N THR A 83 1.77 -3.81 -5.60
CA THR A 83 2.84 -2.83 -5.49
C THR A 83 4.17 -3.38 -6.01
N SER A 84 4.39 -4.67 -5.86
CA SER A 84 5.60 -5.30 -6.38
C SER A 84 5.68 -5.12 -7.89
N ASP A 85 4.53 -5.20 -8.54
CA ASP A 85 4.45 -5.02 -9.99
C ASP A 85 4.44 -3.53 -10.33
N LEU A 86 3.79 -2.74 -9.48
CA LEU A 86 3.70 -1.29 -9.66
C LEU A 86 5.08 -0.65 -9.65
N VAL A 87 5.86 -0.95 -8.61
CA VAL A 87 7.19 -0.36 -8.45
C VAL A 87 8.10 -0.79 -9.61
N ASN A 88 7.96 -2.03 -10.04
CA ASN A 88 8.76 -2.54 -11.15
C ASN A 88 8.40 -1.81 -12.45
N ALA A 89 7.11 -1.56 -12.63
CA ALA A 89 6.64 -0.85 -13.81
C ALA A 89 7.14 0.59 -13.82
N ILE A 90 7.26 1.18 -12.64
CA ILE A 90 7.83 2.52 -12.50
C ILE A 90 9.30 2.51 -12.91
N LYS A 91 10.02 1.49 -12.44
CA LYS A 91 11.43 1.33 -12.77
C LYS A 91 11.62 1.18 -14.28
N ALA A 92 10.65 0.57 -14.93
CA ALA A 92 10.70 0.36 -16.37
C ALA A 92 10.57 1.69 -17.12
N ASP A 93 9.62 2.52 -16.70
CA ASP A 93 9.41 3.81 -17.36
C ASP A 93 10.51 4.80 -17.00
N ALA A 94 10.88 4.82 -15.72
CA ALA A 94 11.94 5.71 -15.23
C ALA A 94 13.24 5.47 -15.99
N GLU A 95 13.53 4.20 -16.27
CA GLU A 95 14.67 3.84 -17.07
C GLU A 95 14.36 4.10 -18.54
N GLY A 96 14.68 5.29 -19.01
CA GLY A 96 14.34 5.69 -20.35
C GLY A 96 13.59 7.00 -20.35
N GLU A 97 13.20 7.44 -19.16
CA GLU A 97 12.56 8.73 -18.99
C GLU A 97 13.54 9.84 -19.38
N SER A 98 13.06 10.77 -20.19
CA SER A 98 13.90 11.83 -20.74
C SER A 98 14.38 12.78 -19.65
N ASP A 99 13.49 13.15 -18.74
CA ASP A 99 13.86 14.00 -17.61
C ASP A 99 14.57 13.18 -16.54
N LEU A 100 15.87 13.40 -16.40
CA LEU A 100 16.70 12.58 -15.52
C LEU A 100 16.43 12.87 -14.05
N GLU A 101 15.89 14.04 -13.75
CA GLU A 101 15.52 14.34 -12.39
C GLU A 101 14.20 13.67 -12.04
N ASN A 102 13.23 13.81 -12.94
CA ASN A 102 11.91 13.21 -12.74
C ASN A 102 12.02 11.68 -12.70
N SER A 103 12.92 11.12 -13.49
CA SER A 103 13.15 9.68 -13.49
C SER A 103 13.57 9.22 -12.11
N ARG A 104 14.41 10.02 -11.45
CA ARG A 104 14.84 9.74 -10.09
C ARG A 104 13.64 9.81 -9.14
N LYS A 105 12.84 10.86 -9.30
CA LYS A 105 11.63 11.07 -8.48
C LYS A 105 10.73 9.86 -8.56
N LEU A 106 10.66 9.32 -9.75
CA LEU A 106 9.84 8.16 -10.03
C LEU A 106 10.19 7.02 -9.10
N LEU A 107 11.47 6.74 -9.02
CA LEU A 107 11.97 5.64 -8.22
C LEU A 107 11.93 5.97 -6.73
N SER A 108 11.97 7.26 -6.39
CA SER A 108 11.84 7.69 -5.00
C SER A 108 10.41 7.43 -4.50
N ALA A 109 9.44 7.82 -5.31
CA ALA A 109 8.04 7.61 -4.98
C ALA A 109 7.74 6.11 -4.90
N ALA A 110 8.30 5.34 -5.81
CA ALA A 110 8.14 3.89 -5.82
C ALA A 110 8.81 3.26 -4.60
N LYS A 111 9.88 3.90 -4.14
CA LYS A 111 10.59 3.44 -2.94
C LYS A 111 9.69 3.52 -1.73
N ILE A 112 8.87 4.57 -1.67
CA ILE A 112 7.89 4.70 -0.60
C ILE A 112 6.77 3.70 -0.79
N LEU A 113 6.34 3.52 -2.04
CA LEU A 113 5.29 2.58 -2.38
C LEU A 113 5.61 1.18 -1.84
N ALA A 114 6.76 0.65 -2.23
CA ALA A 114 7.17 -0.69 -1.85
C ALA A 114 7.33 -0.80 -0.33
N ASP A 115 7.96 0.21 0.27
CA ASP A 115 8.22 0.18 1.71
C ASP A 115 6.92 0.22 2.50
N ALA A 116 6.02 1.12 2.14
CA ALA A 116 4.75 1.26 2.84
C ALA A 116 3.92 -0.01 2.73
N THR A 117 4.01 -0.66 1.58
CA THR A 117 3.29 -1.91 1.34
C THR A 117 3.73 -3.00 2.33
N ALA A 118 5.02 -3.06 2.62
CA ALA A 118 5.52 -4.04 3.58
C ALA A 118 4.98 -3.74 4.97
N LYS A 119 4.91 -2.46 5.30
CA LYS A 119 4.37 -2.04 6.59
C LYS A 119 2.88 -2.39 6.68
N MET A 120 2.18 -2.21 5.56
CA MET A 120 0.76 -2.55 5.48
C MET A 120 0.55 -4.04 5.74
N VAL A 121 1.33 -4.87 5.05
CA VAL A 121 1.23 -6.31 5.20
C VAL A 121 1.66 -6.74 6.60
N GLU A 122 2.69 -6.08 7.14
CA GLU A 122 3.21 -6.41 8.45
C GLU A 122 2.20 -6.04 9.54
N ALA A 123 1.66 -4.83 9.46
CA ALA A 123 0.69 -4.36 10.44
C ALA A 123 -0.60 -5.15 10.37
N ALA A 124 -1.04 -5.48 9.16
CA ALA A 124 -2.26 -6.25 8.97
C ALA A 124 -2.14 -7.61 9.64
N LYS A 125 -1.06 -8.32 9.36
CA LYS A 125 -0.83 -9.65 9.93
C LYS A 125 -0.62 -9.56 11.43
N GLY A 126 0.02 -8.49 11.87
CA GLY A 126 0.31 -8.31 13.29
C GLY A 126 -0.92 -8.00 14.11
N ALA A 127 -1.77 -7.10 13.61
CA ALA A 127 -2.98 -6.75 14.32
C ALA A 127 -4.00 -7.88 14.26
N ALA A 128 -4.02 -8.58 13.13
CA ALA A 128 -4.94 -9.69 12.94
C ALA A 128 -4.36 -11.00 13.48
N ALA A 129 -3.31 -10.87 14.30
CA ALA A 129 -2.70 -12.03 14.93
C ALA A 129 -3.66 -12.66 15.91
N HIS A 130 -4.54 -11.85 16.48
CA HIS A 130 -5.59 -12.33 17.36
C HIS A 130 -6.93 -12.26 16.62
N PRO A 131 -7.43 -13.38 16.12
CA PRO A 131 -8.75 -13.44 15.52
C PRO A 131 -9.83 -13.47 16.60
N ASP A 132 -9.81 -12.46 17.45
CA ASP A 132 -10.72 -12.38 18.58
C ASP A 132 -12.09 -11.88 18.13
N SER A 133 -12.11 -11.31 16.94
CA SER A 133 -13.34 -10.83 16.35
C SER A 133 -14.25 -12.00 16.00
N GLU A 134 -15.55 -11.77 15.99
CA GLU A 134 -16.52 -12.84 15.81
C GLU A 134 -16.72 -13.15 14.33
N GLU A 135 -15.62 -13.39 13.62
CA GLU A 135 -15.68 -13.81 12.23
C GLU A 135 -16.02 -15.29 12.17
N GLN A 136 -17.30 -15.59 12.42
CA GLN A 136 -17.80 -16.97 12.46
C GLN A 136 -17.05 -17.79 13.50
N GLN A 137 -16.70 -17.13 14.61
CA GLN A 137 -16.03 -17.79 15.72
C GLN A 137 -17.07 -18.52 16.56
N GLN A 138 -18.28 -18.00 16.53
CA GLN A 138 -19.39 -18.61 17.25
C GLN A 138 -20.05 -19.66 16.36
N ARG A 139 -20.37 -20.80 16.94
CA ARG A 139 -20.95 -21.91 16.19
C ARG A 139 -22.06 -22.54 17.00
N GLY A 1 18.49 1.33 13.78
CA GLY A 1 17.54 2.22 13.07
C GLY A 1 16.33 1.47 12.55
N SER A 2 15.73 0.67 13.41
CA SER A 2 14.57 -0.11 13.04
C SER A 2 13.33 0.40 13.75
N HIS A 3 12.24 0.56 13.01
CA HIS A 3 10.97 0.96 13.60
C HIS A 3 10.40 -0.18 14.44
N MET A 4 10.57 -0.06 15.75
CA MET A 4 10.25 -1.13 16.68
C MET A 4 8.78 -1.56 16.57
N GLN A 5 8.58 -2.83 16.26
CA GLN A 5 7.25 -3.42 16.26
C GLN A 5 6.98 -4.01 17.63
N ALA A 6 5.71 -4.05 18.04
CA ALA A 6 5.34 -4.56 19.35
C ALA A 6 5.78 -6.00 19.53
N ALA A 7 5.60 -6.81 18.48
CA ALA A 7 5.96 -8.24 18.47
C ALA A 7 4.95 -9.04 19.28
N THR A 8 4.68 -8.59 20.49
CA THR A 8 3.60 -9.12 21.31
C THR A 8 2.27 -8.55 20.82
N GLU A 9 2.00 -8.76 19.54
CA GLU A 9 0.85 -8.20 18.86
C GLU A 9 -0.45 -8.54 19.57
N ASP A 10 -1.27 -7.54 19.78
CA ASP A 10 -2.53 -7.71 20.49
C ASP A 10 -3.64 -6.97 19.76
N GLY A 11 -3.44 -5.68 19.53
CA GLY A 11 -4.44 -4.88 18.85
C GLY A 11 -3.83 -3.69 18.15
N GLN A 12 -3.03 -3.94 17.12
CA GLN A 12 -2.44 -2.87 16.34
C GLN A 12 -3.35 -2.52 15.16
N LEU A 13 -4.65 -2.61 15.38
CA LEU A 13 -5.65 -2.37 14.34
C LEU A 13 -5.50 -0.98 13.73
N LEU A 14 -5.53 0.04 14.57
CA LEU A 14 -5.40 1.41 14.08
C LEU A 14 -3.97 1.89 14.22
N ARG A 15 -3.30 1.43 15.27
CA ARG A 15 -1.92 1.82 15.52
C ARG A 15 -1.00 1.36 14.41
N GLY A 16 -1.16 0.10 14.00
CA GLY A 16 -0.30 -0.45 12.97
C GLY A 16 -0.93 -0.36 11.59
N VAL A 17 -2.06 -1.05 11.41
CA VAL A 17 -2.71 -1.12 10.11
C VAL A 17 -3.13 0.26 9.62
N GLY A 18 -3.69 1.06 10.52
CA GLY A 18 -4.14 2.38 10.17
C GLY A 18 -3.04 3.24 9.56
N ALA A 19 -1.95 3.40 10.30
CA ALA A 19 -0.83 4.21 9.84
C ALA A 19 -0.25 3.66 8.54
N ALA A 20 -0.10 2.34 8.48
CA ALA A 20 0.47 1.69 7.30
C ALA A 20 -0.43 1.86 6.08
N ALA A 21 -1.73 1.70 6.27
CA ALA A 21 -2.69 1.84 5.19
C ALA A 21 -2.71 3.27 4.66
N THR A 22 -2.69 4.23 5.57
CA THR A 22 -2.63 5.63 5.19
C THR A 22 -1.37 5.92 4.38
N ALA A 23 -0.25 5.36 4.83
CA ALA A 23 1.03 5.55 4.16
C ALA A 23 0.95 5.06 2.70
N VAL A 24 0.36 3.90 2.50
CA VAL A 24 0.19 3.35 1.15
C VAL A 24 -0.69 4.24 0.30
N THR A 25 -1.84 4.63 0.86
CA THR A 25 -2.78 5.50 0.14
C THR A 25 -2.11 6.84 -0.21
N GLN A 26 -1.29 7.35 0.70
CA GLN A 26 -0.56 8.59 0.48
C GLN A 26 0.48 8.41 -0.62
N ALA A 27 1.24 7.33 -0.53
CA ALA A 27 2.27 7.04 -1.52
C ALA A 27 1.67 6.86 -2.91
N LEU A 28 0.57 6.10 -2.98
CA LEU A 28 -0.09 5.85 -4.25
C LEU A 28 -0.66 7.13 -4.84
N ASN A 29 -1.27 7.95 -3.98
CA ASN A 29 -1.81 9.24 -4.41
C ASN A 29 -0.70 10.12 -4.96
N GLU A 30 0.41 10.15 -4.23
CA GLU A 30 1.57 10.92 -4.63
C GLU A 30 2.08 10.48 -5.99
N LEU A 31 2.27 9.17 -6.13
CA LEU A 31 2.77 8.60 -7.37
C LEU A 31 1.79 8.82 -8.51
N LEU A 32 0.50 8.70 -8.23
CA LEU A 32 -0.53 8.91 -9.24
C LEU A 32 -0.41 10.29 -9.86
N GLN A 33 -0.24 11.31 -9.02
CA GLN A 33 -0.06 12.67 -9.50
C GLN A 33 1.26 12.80 -10.25
N HIS A 34 2.28 12.13 -9.74
CA HIS A 34 3.61 12.17 -10.32
C HIS A 34 3.63 11.59 -11.73
N VAL A 35 2.96 10.46 -11.89
CA VAL A 35 2.89 9.78 -13.19
C VAL A 35 1.97 10.52 -14.14
N LYS A 36 0.86 11.02 -13.61
CA LYS A 36 -0.11 11.75 -14.43
C LYS A 36 0.49 13.03 -15.02
N ALA A 37 1.31 13.71 -14.23
CA ALA A 37 1.95 14.94 -14.67
C ALA A 37 3.21 14.63 -15.49
N HIS A 38 3.66 13.39 -15.44
CA HIS A 38 4.86 12.99 -16.13
C HIS A 38 4.58 11.82 -17.07
N ALA A 39 5.38 10.75 -16.96
CA ALA A 39 5.25 9.58 -17.84
C ALA A 39 5.27 10.00 -19.29
N THR A 40 6.39 10.58 -19.72
CA THR A 40 6.47 11.13 -21.05
C THR A 40 6.74 10.05 -22.09
N GLY A 41 5.84 9.09 -22.17
CA GLY A 41 5.94 8.04 -23.13
C GLY A 41 4.57 7.54 -23.52
N ALA A 42 4.15 7.88 -24.73
CA ALA A 42 2.84 7.47 -25.23
C ALA A 42 2.82 5.98 -25.54
N GLY A 43 2.65 5.17 -24.50
CA GLY A 43 2.60 3.74 -24.67
C GLY A 43 2.56 2.98 -23.35
N PRO A 44 3.73 2.65 -22.78
CA PRO A 44 3.81 1.83 -21.57
C PRO A 44 3.60 2.62 -20.28
N ALA A 45 2.60 3.48 -20.28
CA ALA A 45 2.29 4.29 -19.10
C ALA A 45 0.83 4.10 -18.68
N GLY A 46 -0.05 4.90 -19.25
CA GLY A 46 -1.47 4.81 -18.92
C GLY A 46 -1.74 5.04 -17.45
N ARG A 47 -0.87 5.84 -16.82
CA ARG A 47 -0.90 6.13 -15.38
C ARG A 47 -1.10 4.87 -14.53
N TYR A 48 -0.71 3.71 -15.09
CA TYR A 48 -0.87 2.42 -14.41
C TYR A 48 -2.26 2.32 -13.79
N ASP A 49 -3.27 2.52 -14.64
CA ASP A 49 -4.66 2.66 -14.23
C ASP A 49 -5.13 1.48 -13.39
N GLN A 50 -4.84 0.26 -13.85
CA GLN A 50 -5.30 -0.93 -13.15
C GLN A 50 -4.50 -1.15 -11.86
N ALA A 51 -3.19 -0.98 -11.94
CA ALA A 51 -2.32 -1.17 -10.78
C ALA A 51 -2.73 -0.24 -9.64
N THR A 52 -2.86 1.05 -9.95
CA THR A 52 -3.22 2.04 -8.95
C THR A 52 -4.62 1.77 -8.40
N ASP A 53 -5.55 1.44 -9.29
CA ASP A 53 -6.91 1.12 -8.92
C ASP A 53 -6.95 -0.07 -7.95
N THR A 54 -6.20 -1.10 -8.28
CA THR A 54 -6.15 -2.30 -7.45
C THR A 54 -5.68 -1.97 -6.04
N ILE A 55 -4.57 -1.24 -5.95
CA ILE A 55 -4.01 -0.85 -4.65
C ILE A 55 -5.03 -0.10 -3.82
N LEU A 56 -5.55 1.01 -4.37
CA LEU A 56 -6.51 1.85 -3.65
C LEU A 56 -7.72 1.04 -3.18
N THR A 57 -8.27 0.24 -4.08
CA THR A 57 -9.43 -0.59 -3.74
C THR A 57 -9.09 -1.54 -2.59
N VAL A 58 -7.85 -2.01 -2.56
CA VAL A 58 -7.40 -2.92 -1.50
C VAL A 58 -7.20 -2.16 -0.19
N THR A 59 -6.51 -1.02 -0.23
CA THR A 59 -6.29 -0.22 0.97
C THR A 59 -7.63 0.25 1.53
N GLU A 60 -8.49 0.70 0.65
CA GLU A 60 -9.84 1.11 1.02
C GLU A 60 -10.62 -0.09 1.56
N ASN A 61 -10.38 -1.26 0.96
CA ASN A 61 -11.00 -2.51 1.41
C ASN A 61 -10.61 -2.82 2.84
N ILE A 62 -9.31 -2.73 3.14
CA ILE A 62 -8.81 -3.03 4.48
C ILE A 62 -9.34 -2.01 5.49
N PHE A 63 -9.44 -0.76 5.07
CA PHE A 63 -10.03 0.28 5.93
C PHE A 63 -11.46 -0.08 6.30
N SER A 64 -12.12 -0.80 5.40
CA SER A 64 -13.51 -1.22 5.60
C SER A 64 -13.57 -2.56 6.33
N SER A 65 -12.60 -3.43 6.05
CA SER A 65 -12.57 -4.77 6.64
C SER A 65 -11.93 -4.73 8.02
N MET A 66 -11.47 -3.55 8.43
CA MET A 66 -10.85 -3.34 9.73
C MET A 66 -11.70 -3.98 10.83
N GLY A 67 -11.19 -5.06 11.37
CA GLY A 67 -11.94 -5.84 12.34
C GLY A 67 -11.91 -7.30 11.98
N ASP A 68 -12.12 -7.59 10.71
CA ASP A 68 -12.02 -8.95 10.21
C ASP A 68 -10.59 -9.23 9.80
N ALA A 69 -9.85 -9.82 10.72
CA ALA A 69 -8.43 -10.12 10.53
C ALA A 69 -8.20 -10.95 9.27
N GLY A 70 -9.09 -11.90 9.03
CA GLY A 70 -8.97 -12.76 7.86
C GLY A 70 -8.91 -11.97 6.57
N GLU A 71 -9.92 -11.12 6.33
CA GLU A 71 -9.96 -10.30 5.12
C GLU A 71 -8.81 -9.32 5.10
N MET A 72 -8.54 -8.71 6.24
CA MET A 72 -7.48 -7.71 6.34
C MET A 72 -6.15 -8.28 5.89
N VAL A 73 -5.83 -9.48 6.37
CA VAL A 73 -4.59 -10.16 5.98
C VAL A 73 -4.65 -10.58 4.51
N ARG A 74 -5.81 -11.09 4.10
CA ARG A 74 -6.02 -11.53 2.73
C ARG A 74 -5.77 -10.40 1.75
N GLN A 75 -6.46 -9.28 1.96
CA GLN A 75 -6.36 -8.13 1.07
C GLN A 75 -4.95 -7.53 1.12
N ALA A 76 -4.31 -7.60 2.29
CA ALA A 76 -2.95 -7.09 2.44
C ALA A 76 -2.00 -7.76 1.46
N ARG A 77 -2.18 -9.07 1.24
CA ARG A 77 -1.36 -9.81 0.30
C ARG A 77 -1.63 -9.34 -1.12
N ILE A 78 -2.90 -9.06 -1.40
CA ILE A 78 -3.31 -8.54 -2.70
C ILE A 78 -2.68 -7.16 -2.92
N LEU A 79 -2.61 -6.38 -1.85
CA LEU A 79 -1.96 -5.07 -1.88
C LEU A 79 -0.48 -5.24 -2.24
N ALA A 80 0.18 -6.16 -1.55
CA ALA A 80 1.60 -6.42 -1.78
C ALA A 80 1.86 -6.78 -3.23
N GLN A 81 1.04 -7.66 -3.78
CA GLN A 81 1.18 -8.10 -5.17
C GLN A 81 1.00 -6.94 -6.13
N ALA A 82 0.00 -6.11 -5.87
CA ALA A 82 -0.32 -4.98 -6.74
C ALA A 82 0.82 -3.97 -6.78
N THR A 83 1.30 -3.58 -5.60
CA THR A 83 2.38 -2.60 -5.51
C THR A 83 3.68 -3.15 -6.08
N SER A 84 3.88 -4.46 -5.96
CA SER A 84 5.08 -5.11 -6.49
C SER A 84 5.15 -4.93 -8.01
N ASP A 85 3.99 -5.02 -8.65
CA ASP A 85 3.92 -4.82 -10.10
C ASP A 85 3.99 -3.34 -10.44
N LEU A 86 3.33 -2.53 -9.62
CA LEU A 86 3.31 -1.09 -9.82
C LEU A 86 4.72 -0.51 -9.76
N VAL A 87 5.44 -0.83 -8.69
CA VAL A 87 6.78 -0.29 -8.46
C VAL A 87 7.73 -0.73 -9.57
N ASN A 88 7.66 -2.00 -9.95
CA ASN A 88 8.53 -2.56 -10.98
C ASN A 88 8.28 -1.89 -12.32
N ALA A 89 7.02 -1.55 -12.59
CA ALA A 89 6.65 -0.90 -13.84
C ALA A 89 7.31 0.48 -13.95
N ILE A 90 7.19 1.27 -12.89
CA ILE A 90 7.80 2.60 -12.86
C ILE A 90 9.32 2.49 -12.83
N LYS A 91 9.82 1.49 -12.11
CA LYS A 91 11.25 1.24 -12.01
C LYS A 91 11.86 1.04 -13.39
N ALA A 92 11.14 0.34 -14.25
CA ALA A 92 11.59 0.10 -15.61
C ALA A 92 11.41 1.35 -16.46
N ASP A 93 10.24 1.98 -16.36
CA ASP A 93 9.89 3.13 -17.19
C ASP A 93 10.85 4.30 -16.98
N ALA A 94 11.09 4.63 -15.72
CA ALA A 94 11.90 5.79 -15.37
C ALA A 94 13.35 5.65 -15.85
N GLU A 95 13.76 4.41 -16.14
CA GLU A 95 15.11 4.17 -16.66
C GLU A 95 15.23 4.67 -18.09
N GLY A 96 14.10 4.70 -18.79
CA GLY A 96 14.09 5.16 -20.17
C GLY A 96 13.93 6.66 -20.25
N GLU A 97 13.47 7.26 -19.17
CA GLU A 97 13.31 8.71 -19.09
C GLU A 97 14.67 9.37 -18.97
N SER A 98 14.99 10.22 -19.93
CA SER A 98 16.27 10.93 -19.94
C SER A 98 16.31 12.00 -18.85
N ASP A 99 15.12 12.43 -18.43
CA ASP A 99 14.99 13.38 -17.33
C ASP A 99 15.29 12.70 -16.01
N LEU A 100 16.52 12.84 -15.54
CA LEU A 100 16.95 12.18 -14.31
C LEU A 100 16.35 12.86 -13.09
N GLU A 101 15.98 14.12 -13.22
CA GLU A 101 15.34 14.82 -12.13
C GLU A 101 13.97 14.19 -11.86
N ASN A 102 13.19 14.03 -12.92
CA ASN A 102 11.88 13.40 -12.83
C ASN A 102 12.00 11.95 -12.40
N SER A 103 12.91 11.22 -13.05
CA SER A 103 13.06 9.80 -12.82
C SER A 103 13.41 9.52 -11.36
N ARG A 104 14.34 10.30 -10.81
CA ARG A 104 14.76 10.10 -9.43
C ARG A 104 13.58 10.25 -8.47
N LYS A 105 12.78 11.29 -8.69
CA LYS A 105 11.58 11.49 -7.88
C LYS A 105 10.66 10.28 -8.00
N LEU A 106 10.53 9.81 -9.22
CA LEU A 106 9.66 8.70 -9.54
C LEU A 106 10.04 7.44 -8.79
N LEU A 107 11.30 7.11 -8.86
CA LEU A 107 11.81 5.88 -8.29
C LEU A 107 11.92 5.98 -6.77
N SER A 108 12.15 7.17 -6.26
CA SER A 108 12.16 7.39 -4.82
C SER A 108 10.73 7.32 -4.27
N ALA A 109 9.77 7.74 -5.09
CA ALA A 109 8.36 7.63 -4.74
C ALA A 109 7.95 6.16 -4.75
N ALA A 110 8.37 5.44 -5.78
CA ALA A 110 8.13 4.00 -5.87
C ALA A 110 8.78 3.28 -4.70
N LYS A 111 9.91 3.82 -4.24
CA LYS A 111 10.59 3.27 -3.07
C LYS A 111 9.67 3.32 -1.85
N ILE A 112 8.92 4.40 -1.72
CA ILE A 112 7.96 4.54 -0.62
C ILE A 112 6.76 3.64 -0.86
N LEU A 113 6.35 3.52 -2.12
CA LEU A 113 5.23 2.70 -2.51
C LEU A 113 5.39 1.28 -1.96
N ALA A 114 6.50 0.64 -2.30
CA ALA A 114 6.78 -0.72 -1.85
C ALA A 114 7.02 -0.77 -0.36
N ASP A 115 7.76 0.22 0.15
CA ASP A 115 8.10 0.29 1.57
C ASP A 115 6.84 0.35 2.43
N ALA A 116 5.95 1.28 2.11
CA ALA A 116 4.72 1.45 2.84
C ALA A 116 3.86 0.19 2.75
N THR A 117 3.88 -0.46 1.59
CA THR A 117 3.10 -1.66 1.39
C THR A 117 3.65 -2.83 2.22
N ALA A 118 4.96 -2.88 2.42
CA ALA A 118 5.55 -3.90 3.28
C ALA A 118 5.16 -3.66 4.72
N LYS A 119 5.19 -2.40 5.13
CA LYS A 119 4.75 -2.03 6.46
C LYS A 119 3.27 -2.37 6.61
N MET A 120 2.52 -2.13 5.55
CA MET A 120 1.10 -2.44 5.50
C MET A 120 0.86 -3.94 5.63
N VAL A 121 1.54 -4.71 4.80
CA VAL A 121 1.37 -6.17 4.80
C VAL A 121 1.82 -6.78 6.13
N GLU A 122 2.86 -6.20 6.72
CA GLU A 122 3.38 -6.69 7.98
C GLU A 122 2.42 -6.34 9.11
N ALA A 123 1.90 -5.12 9.10
CA ALA A 123 0.99 -4.64 10.13
C ALA A 123 -0.33 -5.39 10.09
N ALA A 124 -0.87 -5.59 8.89
CA ALA A 124 -2.15 -6.26 8.72
C ALA A 124 -2.11 -7.69 9.26
N LYS A 125 -1.02 -8.39 8.99
CA LYS A 125 -0.86 -9.76 9.47
C LYS A 125 -0.65 -9.76 10.98
N GLY A 126 0.11 -8.80 11.47
CA GLY A 126 0.40 -8.72 12.89
C GLY A 126 -0.82 -8.42 13.72
N ALA A 127 -1.69 -7.55 13.21
CA ALA A 127 -2.89 -7.14 13.95
C ALA A 127 -4.04 -8.12 13.77
N ALA A 128 -3.76 -9.28 13.19
CA ALA A 128 -4.78 -10.30 12.99
C ALA A 128 -5.18 -10.93 14.33
N ALA A 129 -4.22 -11.50 15.02
CA ALA A 129 -4.46 -12.14 16.31
C ALA A 129 -3.12 -12.45 16.99
N HIS A 130 -2.26 -13.15 16.27
CA HIS A 130 -0.94 -13.50 16.77
C HIS A 130 -0.05 -13.92 15.61
N PRO A 131 1.17 -13.37 15.53
CA PRO A 131 2.13 -13.75 14.49
C PRO A 131 2.73 -15.13 14.75
N ASP A 132 1.87 -16.14 14.70
CA ASP A 132 2.25 -17.51 14.98
C ASP A 132 2.04 -18.36 13.73
N SER A 133 2.54 -17.87 12.61
CA SER A 133 2.34 -18.53 11.33
C SER A 133 3.65 -19.16 10.85
N GLU A 134 3.67 -19.66 9.62
CA GLU A 134 4.88 -20.19 9.04
C GLU A 134 5.91 -19.07 8.87
N GLU A 135 7.18 -19.42 9.04
CA GLU A 135 8.23 -18.42 9.02
C GLU A 135 9.40 -18.86 8.15
N GLN A 136 10.13 -17.87 7.63
CA GLN A 136 11.37 -18.07 6.87
C GLN A 136 11.12 -18.68 5.48
N GLN A 137 10.50 -19.84 5.44
CA GLN A 137 10.25 -20.51 4.17
C GLN A 137 9.02 -19.93 3.50
N GLN A 138 9.24 -19.13 2.47
CA GLN A 138 8.15 -18.51 1.75
C GLN A 138 8.47 -18.47 0.26
N ARG A 139 8.07 -19.50 -0.45
CA ARG A 139 8.32 -19.58 -1.88
C ARG A 139 7.00 -19.60 -2.64
N GLY A 1 -4.73 -3.16 30.42
CA GLY A 1 -3.98 -4.24 31.10
C GLY A 1 -4.89 -5.37 31.55
N SER A 2 -5.38 -6.15 30.59
CA SER A 2 -6.22 -7.30 30.90
C SER A 2 -5.42 -8.34 31.67
N HIS A 3 -4.26 -8.69 31.14
CA HIS A 3 -3.36 -9.62 31.79
C HIS A 3 -2.09 -8.90 32.18
N MET A 4 -1.53 -8.18 31.22
CA MET A 4 -0.31 -7.41 31.42
C MET A 4 -0.22 -6.32 30.35
N GLN A 5 1.00 -5.94 30.00
CA GLN A 5 1.23 -4.95 28.95
C GLN A 5 2.07 -5.58 27.84
N ALA A 6 1.57 -6.68 27.28
CA ALA A 6 2.30 -7.40 26.26
C ALA A 6 1.71 -7.14 24.88
N ALA A 7 0.47 -7.56 24.68
CA ALA A 7 -0.20 -7.40 23.40
C ALA A 7 -0.97 -6.07 23.35
N THR A 8 -0.97 -5.37 24.49
CA THR A 8 -1.63 -4.08 24.63
C THR A 8 -3.15 -4.21 24.68
N GLU A 9 -3.71 -4.86 23.66
CA GLU A 9 -5.16 -5.07 23.56
C GLU A 9 -5.89 -3.73 23.46
N ASP A 10 -5.39 -2.85 22.61
CA ASP A 10 -6.00 -1.54 22.39
C ASP A 10 -6.50 -1.45 20.95
N GLY A 11 -6.70 -0.23 20.47
CA GLY A 11 -7.12 -0.02 19.09
C GLY A 11 -5.95 -0.08 18.12
N GLN A 12 -5.24 -1.20 18.14
CA GLN A 12 -4.06 -1.39 17.31
C GLN A 12 -4.44 -1.46 15.83
N LEU A 13 -5.72 -1.76 15.57
CA LEU A 13 -6.24 -1.79 14.21
C LEU A 13 -6.01 -0.45 13.53
N LEU A 14 -6.34 0.63 14.22
CA LEU A 14 -6.20 1.95 13.65
C LEU A 14 -4.78 2.48 13.86
N ARG A 15 -4.19 2.13 15.00
CA ARG A 15 -2.85 2.59 15.34
C ARG A 15 -1.82 2.05 14.36
N GLY A 16 -1.89 0.75 14.09
CA GLY A 16 -0.92 0.13 13.21
C GLY A 16 -1.41 0.05 11.77
N VAL A 17 -2.47 -0.70 11.55
CA VAL A 17 -3.00 -0.91 10.20
C VAL A 17 -3.49 0.39 9.59
N GLY A 18 -4.21 1.18 10.39
CA GLY A 18 -4.71 2.45 9.91
C GLY A 18 -3.60 3.36 9.42
N ALA A 19 -2.55 3.51 10.24
CA ALA A 19 -1.43 4.35 9.88
C ALA A 19 -0.70 3.80 8.65
N ALA A 20 -0.47 2.50 8.64
CA ALA A 20 0.23 1.85 7.54
C ALA A 20 -0.57 1.97 6.24
N ALA A 21 -1.88 1.76 6.34
CA ALA A 21 -2.76 1.85 5.18
C ALA A 21 -2.78 3.27 4.61
N THR A 22 -2.83 4.26 5.50
CA THR A 22 -2.84 5.64 5.07
C THR A 22 -1.51 6.00 4.40
N ALA A 23 -0.42 5.39 4.88
CA ALA A 23 0.90 5.58 4.29
C ALA A 23 0.91 5.15 2.83
N VAL A 24 0.28 4.00 2.55
CA VAL A 24 0.16 3.50 1.19
C VAL A 24 -0.73 4.43 0.37
N THR A 25 -1.87 4.80 0.95
CA THR A 25 -2.82 5.70 0.31
C THR A 25 -2.16 7.01 -0.09
N GLN A 26 -1.30 7.53 0.79
CA GLN A 26 -0.60 8.78 0.54
C GLN A 26 0.52 8.57 -0.49
N ALA A 27 1.25 7.48 -0.35
CA ALA A 27 2.34 7.17 -1.28
C ALA A 27 1.81 7.02 -2.71
N LEU A 28 0.70 6.30 -2.85
CA LEU A 28 0.08 6.10 -4.14
C LEU A 28 -0.40 7.42 -4.72
N ASN A 29 -0.93 8.29 -3.85
CA ASN A 29 -1.41 9.60 -4.26
C ASN A 29 -0.27 10.42 -4.88
N GLU A 30 0.90 10.30 -4.27
CA GLU A 30 2.09 11.01 -4.75
C GLU A 30 2.50 10.53 -6.12
N LEU A 31 2.63 9.21 -6.26
CA LEU A 31 3.10 8.61 -7.50
C LEU A 31 2.12 8.85 -8.63
N LEU A 32 0.82 8.76 -8.34
CA LEU A 32 -0.22 8.89 -9.36
C LEU A 32 -0.09 10.20 -10.13
N GLN A 33 -0.07 11.31 -9.40
CA GLN A 33 0.03 12.63 -10.03
C GLN A 33 1.40 12.81 -10.68
N HIS A 34 2.40 12.18 -10.09
CA HIS A 34 3.78 12.29 -10.56
C HIS A 34 3.97 11.55 -11.89
N VAL A 35 3.27 10.43 -12.06
CA VAL A 35 3.37 9.64 -13.27
C VAL A 35 2.54 10.27 -14.39
N LYS A 36 1.31 10.64 -14.06
CA LYS A 36 0.37 11.19 -15.04
C LYS A 36 0.93 12.44 -15.73
N ALA A 37 1.73 13.20 -14.99
CA ALA A 37 2.29 14.43 -15.51
C ALA A 37 3.71 14.24 -16.05
N HIS A 38 4.15 12.99 -16.12
CA HIS A 38 5.50 12.70 -16.59
C HIS A 38 5.55 11.35 -17.31
N ALA A 39 6.35 10.41 -16.78
CA ALA A 39 6.53 9.08 -17.37
C ALA A 39 7.15 9.17 -18.76
N THR A 40 7.12 8.08 -19.50
CA THR A 40 7.59 8.09 -20.88
C THR A 40 6.48 8.55 -21.82
N GLY A 41 5.25 8.31 -21.43
CA GLY A 41 4.12 8.64 -22.27
C GLY A 41 3.61 7.42 -23.02
N ALA A 42 4.35 7.00 -24.03
CA ALA A 42 4.00 5.82 -24.80
C ALA A 42 5.08 4.75 -24.67
N GLY A 43 4.80 3.71 -23.90
CA GLY A 43 5.76 2.66 -23.68
C GLY A 43 5.41 1.82 -22.46
N PRO A 44 6.36 1.64 -21.53
CA PRO A 44 6.14 0.86 -20.31
C PRO A 44 5.26 1.59 -19.31
N ALA A 45 5.11 2.89 -19.53
CA ALA A 45 4.28 3.72 -18.67
C ALA A 45 2.81 3.57 -18.98
N GLY A 46 2.33 4.33 -19.95
CA GLY A 46 0.91 4.39 -20.21
C GLY A 46 0.18 5.07 -19.09
N ARG A 47 -0.53 4.29 -18.28
CA ARG A 47 -1.24 4.80 -17.13
C ARG A 47 -1.75 3.65 -16.29
N TYR A 48 -1.03 3.32 -15.23
CA TYR A 48 -1.41 2.23 -14.34
C TYR A 48 -2.53 2.67 -13.39
N ASP A 49 -3.48 3.42 -13.93
CA ASP A 49 -4.56 4.00 -13.14
C ASP A 49 -5.48 2.90 -12.60
N GLN A 50 -5.53 1.80 -13.32
CA GLN A 50 -6.32 0.65 -12.90
C GLN A 50 -5.59 -0.07 -11.79
N ALA A 51 -4.28 -0.18 -11.96
CA ALA A 51 -3.42 -0.83 -10.97
C ALA A 51 -3.43 -0.07 -9.66
N THR A 52 -3.26 1.25 -9.75
CA THR A 52 -3.27 2.10 -8.58
C THR A 52 -4.65 2.07 -7.91
N ASP A 53 -5.69 2.06 -8.74
CA ASP A 53 -7.05 1.97 -8.23
C ASP A 53 -7.26 0.65 -7.50
N THR A 54 -6.73 -0.42 -8.06
CA THR A 54 -6.81 -1.73 -7.42
C THR A 54 -6.15 -1.69 -6.05
N ILE A 55 -4.98 -1.07 -5.98
CA ILE A 55 -4.28 -0.88 -4.71
C ILE A 55 -5.16 -0.10 -3.73
N LEU A 56 -5.63 1.05 -4.18
CA LEU A 56 -6.50 1.89 -3.36
C LEU A 56 -7.73 1.12 -2.89
N THR A 57 -8.30 0.31 -3.78
CA THR A 57 -9.45 -0.51 -3.43
C THR A 57 -9.08 -1.54 -2.36
N VAL A 58 -7.85 -2.04 -2.43
CA VAL A 58 -7.36 -3.02 -1.46
C VAL A 58 -7.13 -2.37 -0.10
N THR A 59 -6.41 -1.26 -0.07
CA THR A 59 -6.18 -0.54 1.17
C THR A 59 -7.50 -0.07 1.78
N GLU A 60 -8.39 0.42 0.93
CA GLU A 60 -9.73 0.82 1.33
C GLU A 60 -10.51 -0.39 1.85
N ASN A 61 -10.27 -1.54 1.22
CA ASN A 61 -10.88 -2.81 1.64
C ASN A 61 -10.52 -3.12 3.07
N ILE A 62 -9.23 -3.04 3.38
CA ILE A 62 -8.74 -3.30 4.73
C ILE A 62 -9.38 -2.33 5.72
N PHE A 63 -9.59 -1.09 5.27
CA PHE A 63 -10.23 -0.07 6.09
C PHE A 63 -11.68 -0.48 6.40
N SER A 64 -12.34 -1.10 5.43
CA SER A 64 -13.71 -1.53 5.60
C SER A 64 -13.78 -2.83 6.42
N SER A 65 -12.83 -3.71 6.20
CA SER A 65 -12.76 -4.98 6.92
C SER A 65 -11.87 -4.87 8.16
N MET A 66 -11.79 -3.67 8.72
CA MET A 66 -10.98 -3.42 9.92
C MET A 66 -11.53 -4.22 11.11
N GLY A 67 -10.95 -5.38 11.34
CA GLY A 67 -11.42 -6.24 12.40
C GLY A 67 -11.45 -7.69 11.97
N ASP A 68 -11.43 -7.91 10.67
CA ASP A 68 -11.34 -9.26 10.12
C ASP A 68 -9.91 -9.54 9.72
N ALA A 69 -9.13 -10.07 10.67
CA ALA A 69 -7.71 -10.31 10.48
C ALA A 69 -7.45 -11.14 9.23
N GLY A 70 -8.24 -12.18 9.03
CA GLY A 70 -8.05 -13.07 7.90
C GLY A 70 -8.25 -12.36 6.57
N GLU A 71 -9.38 -11.66 6.45
CA GLU A 71 -9.68 -10.93 5.23
C GLU A 71 -8.68 -9.81 5.02
N MET A 72 -8.27 -9.18 6.10
CA MET A 72 -7.29 -8.09 6.06
C MET A 72 -5.95 -8.61 5.53
N VAL A 73 -5.49 -9.73 6.10
CA VAL A 73 -4.24 -10.35 5.67
C VAL A 73 -4.32 -10.73 4.19
N ARG A 74 -5.44 -11.34 3.81
CA ARG A 74 -5.67 -11.73 2.42
C ARG A 74 -5.63 -10.51 1.51
N GLN A 75 -6.33 -9.45 1.91
CA GLN A 75 -6.37 -8.21 1.14
C GLN A 75 -4.97 -7.62 1.03
N ALA A 76 -4.27 -7.56 2.17
CA ALA A 76 -2.92 -7.01 2.22
C ALA A 76 -1.97 -7.78 1.32
N ARG A 77 -2.22 -9.07 1.16
CA ARG A 77 -1.41 -9.90 0.27
C ARG A 77 -1.69 -9.56 -1.19
N ILE A 78 -2.94 -9.21 -1.47
CA ILE A 78 -3.32 -8.72 -2.80
C ILE A 78 -2.65 -7.37 -3.04
N LEU A 79 -2.61 -6.54 -2.00
CA LEU A 79 -1.93 -5.26 -2.05
C LEU A 79 -0.46 -5.45 -2.41
N ALA A 80 0.19 -6.38 -1.72
CA ALA A 80 1.61 -6.66 -1.94
C ALA A 80 1.87 -7.02 -3.40
N GLN A 81 1.01 -7.88 -3.95
CA GLN A 81 1.15 -8.33 -5.34
C GLN A 81 0.99 -7.16 -6.30
N ALA A 82 -0.02 -6.33 -6.06
CA ALA A 82 -0.33 -5.22 -6.95
C ALA A 82 0.79 -4.18 -6.97
N THR A 83 1.24 -3.77 -5.79
CA THR A 83 2.29 -2.76 -5.69
C THR A 83 3.62 -3.27 -6.25
N SER A 84 3.92 -4.55 -6.04
CA SER A 84 5.15 -5.14 -6.56
C SER A 84 5.22 -4.99 -8.07
N ASP A 85 4.06 -5.15 -8.72
CA ASP A 85 3.96 -4.97 -10.16
C ASP A 85 4.10 -3.49 -10.51
N LEU A 86 3.39 -2.65 -9.78
CA LEU A 86 3.39 -1.20 -10.02
C LEU A 86 4.80 -0.63 -9.96
N VAL A 87 5.51 -0.94 -8.88
CA VAL A 87 6.85 -0.41 -8.66
C VAL A 87 7.81 -0.83 -9.78
N ASN A 88 7.65 -2.06 -10.27
CA ASN A 88 8.53 -2.56 -11.33
C ASN A 88 8.32 -1.79 -12.62
N ALA A 89 7.07 -1.45 -12.91
CA ALA A 89 6.73 -0.70 -14.11
C ALA A 89 7.43 0.65 -14.11
N ILE A 90 7.37 1.35 -12.99
CA ILE A 90 8.02 2.64 -12.85
C ILE A 90 9.54 2.50 -12.92
N LYS A 91 10.05 1.42 -12.31
CA LYS A 91 11.48 1.14 -12.32
C LYS A 91 11.99 0.97 -13.75
N ALA A 92 11.19 0.32 -14.58
CA ALA A 92 11.53 0.12 -15.98
C ALA A 92 11.32 1.39 -16.79
N ASP A 93 10.27 2.12 -16.47
CA ASP A 93 9.90 3.33 -17.20
C ASP A 93 10.91 4.45 -17.00
N ALA A 94 11.23 4.73 -15.74
CA ALA A 94 12.13 5.83 -15.38
C ALA A 94 13.52 5.61 -15.96
N GLU A 95 13.82 4.37 -16.34
CA GLU A 95 15.09 4.03 -16.97
C GLU A 95 15.25 4.76 -18.29
N GLY A 96 14.14 4.93 -19.01
CA GLY A 96 14.19 5.55 -20.31
C GLY A 96 13.30 6.78 -20.41
N GLU A 97 13.41 7.66 -19.42
CA GLU A 97 12.58 8.87 -19.39
C GLU A 97 13.38 10.07 -19.89
N SER A 98 12.77 11.25 -19.91
CA SER A 98 13.41 12.44 -20.46
C SER A 98 13.75 13.46 -19.36
N ASP A 99 14.51 13.01 -18.36
CA ASP A 99 14.94 13.86 -17.26
C ASP A 99 15.94 13.08 -16.40
N LEU A 100 16.17 13.54 -15.18
CA LEU A 100 17.08 12.86 -14.26
C LEU A 100 16.55 12.97 -12.83
N GLU A 101 16.24 14.19 -12.42
CA GLU A 101 15.69 14.43 -11.10
C GLU A 101 14.27 13.89 -11.03
N ASN A 102 13.54 14.01 -12.14
CA ASN A 102 12.20 13.46 -12.24
C ASN A 102 12.23 11.95 -12.12
N SER A 103 13.22 11.35 -12.77
CA SER A 103 13.41 9.92 -12.74
C SER A 103 13.77 9.46 -11.33
N ARG A 104 14.68 10.20 -10.69
CA ARG A 104 15.04 9.92 -9.30
C ARG A 104 13.79 10.03 -8.42
N LYS A 105 13.02 11.09 -8.64
CA LYS A 105 11.74 11.29 -7.96
C LYS A 105 10.84 10.09 -8.13
N LEU A 106 10.79 9.59 -9.36
CA LEU A 106 9.93 8.50 -9.73
C LEU A 106 10.25 7.25 -8.94
N LEU A 107 11.52 6.91 -8.92
CA LEU A 107 11.97 5.70 -8.26
C LEU A 107 11.99 5.87 -6.75
N SER A 108 12.08 7.11 -6.30
CA SER A 108 11.95 7.41 -4.88
C SER A 108 10.51 7.16 -4.44
N ALA A 109 9.56 7.65 -5.22
CA ALA A 109 8.15 7.44 -4.94
C ALA A 109 7.79 5.95 -5.00
N ALA A 110 8.33 5.27 -6.01
CA ALA A 110 8.11 3.83 -6.17
C ALA A 110 8.66 3.08 -4.96
N LYS A 111 9.78 3.56 -4.43
CA LYS A 111 10.38 2.97 -3.24
C LYS A 111 9.42 3.07 -2.05
N ILE A 112 8.78 4.23 -1.93
CA ILE A 112 7.80 4.45 -0.87
C ILE A 112 6.62 3.50 -1.05
N LEU A 113 6.17 3.34 -2.29
CA LEU A 113 5.08 2.44 -2.62
C LEU A 113 5.36 1.04 -2.07
N ALA A 114 6.54 0.54 -2.36
CA ALA A 114 6.95 -0.80 -1.92
C ALA A 114 7.08 -0.87 -0.40
N ASP A 115 7.76 0.12 0.18
CA ASP A 115 7.98 0.14 1.63
C ASP A 115 6.67 0.21 2.39
N ALA A 116 5.80 1.11 1.97
CA ALA A 116 4.50 1.29 2.60
C ALA A 116 3.66 0.02 2.51
N THR A 117 3.78 -0.67 1.39
CA THR A 117 3.04 -1.91 1.19
C THR A 117 3.53 -3.00 2.14
N ALA A 118 4.84 -3.07 2.35
CA ALA A 118 5.41 -4.00 3.32
C ALA A 118 4.92 -3.64 4.72
N LYS A 119 4.92 -2.35 5.01
CA LYS A 119 4.41 -1.85 6.28
C LYS A 119 2.96 -2.26 6.45
N MET A 120 2.19 -2.12 5.38
CA MET A 120 0.78 -2.47 5.39
C MET A 120 0.58 -3.97 5.65
N VAL A 121 1.32 -4.80 4.91
CA VAL A 121 1.23 -6.24 5.07
C VAL A 121 1.69 -6.66 6.46
N GLU A 122 2.73 -6.00 6.96
CA GLU A 122 3.27 -6.30 8.28
C GLU A 122 2.29 -5.89 9.37
N ALA A 123 1.66 -4.73 9.20
CA ALA A 123 0.69 -4.23 10.17
C ALA A 123 -0.57 -5.08 10.17
N ALA A 124 -1.06 -5.42 8.98
CA ALA A 124 -2.27 -6.22 8.85
C ALA A 124 -2.07 -7.60 9.48
N LYS A 125 -0.92 -8.21 9.24
CA LYS A 125 -0.60 -9.51 9.79
C LYS A 125 -0.34 -9.41 11.29
N GLY A 126 0.13 -8.25 11.73
CA GLY A 126 0.41 -8.05 13.13
C GLY A 126 -0.85 -7.83 13.94
N ALA A 127 -1.90 -7.36 13.28
CA ALA A 127 -3.17 -7.12 13.94
C ALA A 127 -4.03 -8.37 13.97
N ALA A 128 -3.49 -9.47 13.44
CA ALA A 128 -4.19 -10.74 13.45
C ALA A 128 -4.08 -11.40 14.82
N ALA A 129 -4.96 -11.00 15.73
CA ALA A 129 -4.96 -11.54 17.08
C ALA A 129 -5.44 -12.98 17.09
N HIS A 130 -4.53 -13.90 17.34
CA HIS A 130 -4.86 -15.32 17.37
C HIS A 130 -4.20 -16.00 18.56
N PRO A 131 -4.80 -15.87 19.75
CA PRO A 131 -4.28 -16.46 20.98
C PRO A 131 -4.76 -17.88 21.19
N ASP A 132 -4.84 -18.66 20.11
CA ASP A 132 -5.31 -20.04 20.19
C ASP A 132 -4.15 -20.99 20.42
N SER A 133 -2.99 -20.42 20.73
CA SER A 133 -1.80 -21.20 20.97
C SER A 133 -1.81 -21.82 22.36
N GLU A 134 -2.58 -22.89 22.52
CA GLU A 134 -2.65 -23.61 23.78
C GLU A 134 -1.33 -24.32 24.03
N GLU A 135 -0.97 -25.20 23.10
CA GLU A 135 0.32 -25.90 23.09
C GLU A 135 0.57 -26.71 24.36
N GLN A 136 -0.50 -27.17 24.99
CA GLN A 136 -0.38 -28.08 26.12
C GLN A 136 -0.86 -29.45 25.71
N GLN A 137 -1.82 -29.47 24.80
CA GLN A 137 -2.33 -30.71 24.23
C GLN A 137 -1.80 -30.86 22.80
N GLN A 138 -0.48 -30.87 22.68
CA GLN A 138 0.16 -30.96 21.36
C GLN A 138 0.73 -32.36 21.14
N ARG A 139 1.22 -32.96 22.21
CA ARG A 139 1.81 -34.28 22.12
C ARG A 139 1.38 -35.12 23.32
N GLY A 1 -21.15 -6.88 21.58
CA GLY A 1 -19.86 -7.11 20.90
C GLY A 1 -19.87 -8.39 20.10
N SER A 2 -18.87 -8.57 19.25
CA SER A 2 -18.77 -9.77 18.44
C SER A 2 -17.79 -10.76 19.09
N HIS A 3 -16.62 -10.25 19.46
CA HIS A 3 -15.56 -11.05 20.06
C HIS A 3 -14.38 -10.16 20.39
N MET A 4 -13.67 -10.48 21.48
CA MET A 4 -12.49 -9.72 21.85
C MET A 4 -11.26 -10.22 21.11
N GLN A 5 -11.20 -9.93 19.82
CA GLN A 5 -10.07 -10.34 18.99
C GLN A 5 -9.21 -9.13 18.65
N ALA A 6 -9.82 -8.13 18.05
CA ALA A 6 -9.12 -6.91 17.66
C ALA A 6 -9.60 -5.74 18.52
N ALA A 7 -9.93 -6.03 19.76
CA ALA A 7 -10.42 -5.02 20.68
C ALA A 7 -9.81 -5.22 22.06
N THR A 8 -8.61 -5.77 22.08
CA THR A 8 -7.93 -6.07 23.33
C THR A 8 -6.77 -5.10 23.58
N GLU A 9 -6.52 -4.23 22.61
CA GLU A 9 -5.50 -3.20 22.75
C GLU A 9 -6.14 -1.82 22.60
N ASP A 10 -5.31 -0.79 22.58
CA ASP A 10 -5.79 0.57 22.43
C ASP A 10 -5.96 0.92 20.95
N GLY A 11 -6.86 0.20 20.30
CA GLY A 11 -7.14 0.44 18.88
C GLY A 11 -5.96 0.11 18.00
N GLN A 12 -5.36 -1.06 18.25
CA GLN A 12 -4.14 -1.46 17.55
C GLN A 12 -4.37 -1.53 16.04
N LEU A 13 -5.60 -1.83 15.64
CA LEU A 13 -5.94 -1.91 14.22
C LEU A 13 -5.72 -0.57 13.55
N LEU A 14 -6.08 0.51 14.23
CA LEU A 14 -5.92 1.84 13.67
C LEU A 14 -4.50 2.34 13.90
N ARG A 15 -3.93 1.96 15.03
CA ARG A 15 -2.57 2.37 15.38
C ARG A 15 -1.57 1.83 14.36
N GLY A 16 -1.64 0.53 14.10
CA GLY A 16 -0.73 -0.08 13.16
C GLY A 16 -1.24 -0.06 11.74
N VAL A 17 -2.32 -0.79 11.49
CA VAL A 17 -2.86 -0.92 10.14
C VAL A 17 -3.31 0.42 9.59
N GLY A 18 -4.04 1.18 10.41
CA GLY A 18 -4.51 2.49 10.00
C GLY A 18 -3.39 3.38 9.47
N ALA A 19 -2.30 3.46 10.23
CA ALA A 19 -1.16 4.29 9.85
C ALA A 19 -0.49 3.74 8.60
N ALA A 20 -0.25 2.43 8.57
CA ALA A 20 0.41 1.78 7.46
C ALA A 20 -0.42 1.88 6.18
N ALA A 21 -1.73 1.69 6.33
CA ALA A 21 -2.65 1.76 5.19
C ALA A 21 -2.65 3.16 4.60
N THR A 22 -2.75 4.17 5.47
CA THR A 22 -2.75 5.56 5.03
C THR A 22 -1.45 5.92 4.32
N ALA A 23 -0.36 5.25 4.71
CA ALA A 23 0.93 5.47 4.07
C ALA A 23 0.88 5.03 2.62
N VAL A 24 0.14 3.96 2.35
CA VAL A 24 -0.02 3.45 0.99
C VAL A 24 -0.92 4.39 0.19
N THR A 25 -2.05 4.79 0.79
CA THR A 25 -2.96 5.75 0.15
C THR A 25 -2.22 7.04 -0.21
N GLN A 26 -1.38 7.50 0.70
CA GLN A 26 -0.59 8.71 0.49
C GLN A 26 0.41 8.49 -0.63
N ALA A 27 1.16 7.40 -0.57
CA ALA A 27 2.19 7.09 -1.55
C ALA A 27 1.59 6.90 -2.94
N LEU A 28 0.45 6.21 -3.02
CA LEU A 28 -0.23 5.98 -4.28
C LEU A 28 -0.65 7.30 -4.91
N ASN A 29 -1.27 8.17 -4.10
CA ASN A 29 -1.73 9.46 -4.57
C ASN A 29 -0.55 10.35 -4.94
N GLU A 30 0.54 10.21 -4.18
CA GLU A 30 1.78 10.92 -4.46
C GLU A 30 2.30 10.57 -5.85
N LEU A 31 2.47 9.27 -6.07
CA LEU A 31 2.97 8.76 -7.33
C LEU A 31 2.02 9.13 -8.47
N LEU A 32 0.72 9.02 -8.21
CA LEU A 32 -0.29 9.37 -9.18
C LEU A 32 -0.12 10.81 -9.64
N GLN A 33 -0.11 11.73 -8.68
CA GLN A 33 0.06 13.16 -8.98
C GLN A 33 1.35 13.40 -9.75
N HIS A 34 2.39 12.68 -9.34
CA HIS A 34 3.70 12.79 -9.94
C HIS A 34 3.71 12.27 -11.38
N VAL A 35 3.10 11.13 -11.59
CA VAL A 35 3.07 10.51 -12.91
C VAL A 35 2.20 11.32 -13.87
N LYS A 36 1.09 11.84 -13.37
CA LYS A 36 0.13 12.60 -14.18
C LYS A 36 0.80 13.75 -14.94
N ALA A 37 1.88 14.29 -14.37
CA ALA A 37 2.54 15.43 -14.96
C ALA A 37 3.98 15.10 -15.37
N HIS A 38 4.40 13.86 -15.15
CA HIS A 38 5.79 13.48 -15.42
C HIS A 38 5.88 12.07 -15.95
N ALA A 39 4.96 11.70 -16.82
CA ALA A 39 4.95 10.38 -17.43
C ALA A 39 3.89 10.30 -18.51
N THR A 40 2.63 10.38 -18.10
CA THR A 40 1.50 10.28 -19.03
C THR A 40 1.56 11.40 -20.07
N GLY A 41 1.89 11.02 -21.30
CA GLY A 41 1.98 11.98 -22.38
C GLY A 41 2.95 11.52 -23.45
N ALA A 42 4.18 11.23 -23.04
CA ALA A 42 5.21 10.77 -23.96
C ALA A 42 6.33 10.09 -23.18
N GLY A 43 7.00 9.13 -23.80
CA GLY A 43 8.08 8.43 -23.15
C GLY A 43 7.56 7.37 -22.19
N PRO A 44 7.86 7.51 -20.89
CA PRO A 44 7.35 6.60 -19.86
C PRO A 44 5.88 6.89 -19.52
N ALA A 45 5.04 6.89 -20.56
CA ALA A 45 3.64 7.25 -20.41
C ALA A 45 2.78 6.05 -20.03
N GLY A 46 3.36 5.14 -19.26
CA GLY A 46 2.62 3.99 -18.80
C GLY A 46 1.66 4.38 -17.69
N ARG A 47 0.39 4.48 -18.01
CA ARG A 47 -0.61 4.84 -17.03
C ARG A 47 -1.17 3.58 -16.37
N TYR A 48 -0.76 3.35 -15.14
CA TYR A 48 -1.14 2.15 -14.39
C TYR A 48 -2.54 2.32 -13.80
N ASP A 49 -3.50 2.58 -14.68
CA ASP A 49 -4.88 2.87 -14.30
C ASP A 49 -5.45 1.80 -13.36
N GLN A 50 -5.30 0.55 -13.76
CA GLN A 50 -5.85 -0.56 -12.99
C GLN A 50 -4.99 -0.86 -11.78
N ALA A 51 -3.68 -0.70 -11.92
CA ALA A 51 -2.74 -0.99 -10.85
C ALA A 51 -2.99 -0.10 -9.64
N THR A 52 -3.06 1.21 -9.86
CA THR A 52 -3.28 2.14 -8.77
C THR A 52 -4.66 1.92 -8.16
N ASP A 53 -5.64 1.66 -9.03
CA ASP A 53 -7.01 1.42 -8.59
C ASP A 53 -7.08 0.21 -7.68
N THR A 54 -6.49 -0.89 -8.12
CA THR A 54 -6.51 -2.14 -7.36
C THR A 54 -5.87 -1.96 -5.98
N ILE A 55 -4.71 -1.32 -5.94
CA ILE A 55 -4.02 -1.07 -4.68
C ILE A 55 -4.87 -0.22 -3.76
N LEU A 56 -5.29 0.94 -4.26
CA LEU A 56 -6.10 1.87 -3.49
C LEU A 56 -7.39 1.18 -2.98
N THR A 57 -8.07 0.45 -3.86
CA THR A 57 -9.29 -0.25 -3.47
C THR A 57 -8.99 -1.32 -2.42
N VAL A 58 -7.91 -2.07 -2.61
CA VAL A 58 -7.53 -3.11 -1.66
C VAL A 58 -7.28 -2.50 -0.28
N THR A 59 -6.52 -1.41 -0.24
CA THR A 59 -6.26 -0.71 1.02
C THR A 59 -7.56 -0.18 1.63
N GLU A 60 -8.42 0.35 0.78
CA GLU A 60 -9.73 0.84 1.21
C GLU A 60 -10.58 -0.30 1.75
N ASN A 61 -10.39 -1.49 1.18
CA ASN A 61 -11.10 -2.70 1.62
C ASN A 61 -10.64 -3.10 3.01
N ILE A 62 -9.34 -2.98 3.25
CA ILE A 62 -8.77 -3.27 4.56
C ILE A 62 -9.32 -2.28 5.59
N PHE A 63 -9.49 -1.03 5.17
CA PHE A 63 -10.06 -0.01 6.03
C PHE A 63 -11.48 -0.38 6.47
N SER A 64 -12.26 -0.92 5.55
CA SER A 64 -13.63 -1.30 5.84
C SER A 64 -13.68 -2.63 6.60
N SER A 65 -12.75 -3.52 6.29
CA SER A 65 -12.69 -4.82 6.93
C SER A 65 -11.76 -4.81 8.14
N MET A 66 -11.56 -3.62 8.72
CA MET A 66 -10.75 -3.47 9.92
C MET A 66 -11.46 -4.10 11.11
N GLY A 67 -11.23 -5.39 11.28
CA GLY A 67 -11.91 -6.15 12.29
C GLY A 67 -11.87 -7.62 11.94
N ASP A 68 -11.87 -7.89 10.64
CA ASP A 68 -11.69 -9.24 10.14
C ASP A 68 -10.23 -9.42 9.73
N ALA A 69 -9.45 -9.99 10.63
CA ALA A 69 -8.03 -10.17 10.42
C ALA A 69 -7.75 -11.04 9.20
N GLY A 70 -8.62 -12.02 8.96
CA GLY A 70 -8.44 -12.91 7.85
C GLY A 70 -8.58 -12.18 6.51
N GLU A 71 -9.65 -11.42 6.37
CA GLU A 71 -9.86 -10.63 5.16
C GLU A 71 -8.76 -9.58 5.01
N MET A 72 -8.32 -9.02 6.13
CA MET A 72 -7.28 -8.02 6.12
C MET A 72 -5.97 -8.58 5.56
N VAL A 73 -5.55 -9.72 6.10
CA VAL A 73 -4.33 -10.37 5.62
C VAL A 73 -4.51 -10.85 4.17
N ARG A 74 -5.70 -11.35 3.87
CA ARG A 74 -6.04 -11.78 2.51
C ARG A 74 -5.80 -10.66 1.51
N GLN A 75 -6.38 -9.49 1.79
CA GLN A 75 -6.28 -8.36 0.90
C GLN A 75 -4.89 -7.74 0.95
N ALA A 76 -4.25 -7.80 2.13
CA ALA A 76 -2.88 -7.31 2.28
C ALA A 76 -1.94 -8.07 1.35
N ARG A 77 -2.19 -9.35 1.17
CA ARG A 77 -1.40 -10.18 0.26
C ARG A 77 -1.63 -9.74 -1.19
N ILE A 78 -2.87 -9.38 -1.50
CA ILE A 78 -3.21 -8.87 -2.82
C ILE A 78 -2.55 -7.51 -3.03
N LEU A 79 -2.56 -6.70 -1.97
CA LEU A 79 -1.91 -5.40 -1.96
C LEU A 79 -0.42 -5.53 -2.32
N ALA A 80 0.25 -6.48 -1.65
CA ALA A 80 1.66 -6.72 -1.89
C ALA A 80 1.93 -7.05 -3.36
N GLN A 81 1.08 -7.92 -3.92
CA GLN A 81 1.22 -8.31 -5.32
C GLN A 81 1.05 -7.11 -6.25
N ALA A 82 -0.07 -6.41 -6.08
CA ALA A 82 -0.41 -5.28 -6.94
C ALA A 82 0.66 -4.18 -6.89
N THR A 83 1.19 -3.91 -5.70
CA THR A 83 2.20 -2.87 -5.54
C THR A 83 3.51 -3.27 -6.20
N SER A 84 3.89 -4.54 -6.06
CA SER A 84 5.15 -5.01 -6.61
C SER A 84 5.18 -4.82 -8.13
N ASP A 85 4.05 -5.09 -8.78
CA ASP A 85 3.95 -4.92 -10.22
C ASP A 85 3.99 -3.44 -10.59
N LEU A 86 3.38 -2.61 -9.76
CA LEU A 86 3.36 -1.17 -9.96
C LEU A 86 4.77 -0.59 -9.86
N VAL A 87 5.45 -0.90 -8.77
CA VAL A 87 6.79 -0.40 -8.52
C VAL A 87 7.76 -0.88 -9.60
N ASN A 88 7.66 -2.15 -9.97
CA ASN A 88 8.51 -2.72 -11.00
C ASN A 88 8.31 -2.01 -12.34
N ALA A 89 7.07 -1.69 -12.65
CA ALA A 89 6.73 -1.02 -13.91
C ALA A 89 7.40 0.35 -13.98
N ILE A 90 7.28 1.11 -12.90
CA ILE A 90 7.89 2.44 -12.84
C ILE A 90 9.41 2.33 -12.85
N LYS A 91 9.92 1.35 -12.11
CA LYS A 91 11.37 1.12 -12.02
C LYS A 91 11.99 1.00 -13.41
N ALA A 92 11.37 0.20 -14.26
CA ALA A 92 11.89 -0.06 -15.60
C ALA A 92 11.66 1.14 -16.51
N ASP A 93 10.48 1.75 -16.41
CA ASP A 93 10.09 2.83 -17.31
C ASP A 93 10.82 4.13 -17.01
N ALA A 94 11.11 4.35 -15.73
CA ALA A 94 11.82 5.56 -15.31
C ALA A 94 13.31 5.45 -15.60
N GLU A 95 13.79 4.22 -15.81
CA GLU A 95 15.19 3.99 -16.14
C GLU A 95 15.45 4.30 -17.60
N GLY A 96 15.22 5.56 -17.98
CA GLY A 96 15.39 5.98 -19.35
C GLY A 96 14.57 7.23 -19.63
N GLU A 97 14.66 8.18 -18.73
CA GLU A 97 13.90 9.41 -18.83
C GLU A 97 14.75 10.53 -19.43
N SER A 98 14.10 11.60 -19.83
CA SER A 98 14.78 12.78 -20.32
C SER A 98 15.57 13.41 -19.17
N ASP A 99 14.93 13.53 -18.01
CA ASP A 99 15.56 14.14 -16.86
C ASP A 99 15.84 13.10 -15.78
N LEU A 100 17.03 13.18 -15.19
CA LEU A 100 17.44 12.20 -14.17
C LEU A 100 16.86 12.56 -12.80
N GLU A 101 16.58 13.83 -12.58
CA GLU A 101 16.02 14.26 -11.31
C GLU A 101 14.55 13.84 -11.24
N ASN A 102 13.85 14.00 -12.34
CA ASN A 102 12.46 13.58 -12.44
C ASN A 102 12.36 12.06 -12.34
N SER A 103 13.29 11.36 -12.99
CA SER A 103 13.33 9.91 -12.94
C SER A 103 13.60 9.45 -11.50
N ARG A 104 14.56 10.11 -10.84
CA ARG A 104 14.85 9.83 -9.45
C ARG A 104 13.60 10.03 -8.59
N LYS A 105 12.90 11.14 -8.83
CA LYS A 105 11.64 11.43 -8.16
C LYS A 105 10.66 10.28 -8.34
N LEU A 106 10.64 9.74 -9.54
CA LEU A 106 9.74 8.68 -9.91
C LEU A 106 10.01 7.41 -9.11
N LEU A 107 11.26 7.04 -9.08
CA LEU A 107 11.68 5.81 -8.43
C LEU A 107 11.68 5.95 -6.92
N SER A 108 11.90 7.17 -6.43
CA SER A 108 11.78 7.44 -5.00
C SER A 108 10.37 7.14 -4.53
N ALA A 109 9.38 7.64 -5.29
CA ALA A 109 7.98 7.44 -4.97
C ALA A 109 7.64 5.95 -5.04
N ALA A 110 8.17 5.27 -6.04
CA ALA A 110 7.96 3.84 -6.20
C ALA A 110 8.57 3.08 -5.03
N LYS A 111 9.70 3.56 -4.53
CA LYS A 111 10.33 2.96 -3.37
C LYS A 111 9.46 3.11 -2.14
N ILE A 112 8.83 4.28 -2.00
CA ILE A 112 7.88 4.52 -0.90
C ILE A 112 6.70 3.57 -1.02
N LEU A 113 6.22 3.39 -2.26
CA LEU A 113 5.11 2.48 -2.54
C LEU A 113 5.43 1.09 -1.98
N ALA A 114 6.56 0.54 -2.39
CA ALA A 114 6.96 -0.80 -1.97
C ALA A 114 7.18 -0.87 -0.46
N ASP A 115 7.79 0.17 0.09
CA ASP A 115 8.06 0.23 1.53
C ASP A 115 6.77 0.30 2.33
N ALA A 116 5.85 1.13 1.88
CA ALA A 116 4.58 1.33 2.56
C ALA A 116 3.75 0.05 2.54
N THR A 117 3.73 -0.63 1.40
CA THR A 117 2.99 -1.86 1.27
C THR A 117 3.56 -2.98 2.16
N ALA A 118 4.87 -2.98 2.36
CA ALA A 118 5.49 -3.93 3.28
C ALA A 118 5.02 -3.65 4.70
N LYS A 119 4.95 -2.37 5.03
CA LYS A 119 4.47 -1.95 6.33
C LYS A 119 3.00 -2.30 6.48
N MET A 120 2.26 -2.13 5.39
CA MET A 120 0.84 -2.46 5.37
C MET A 120 0.62 -3.95 5.56
N VAL A 121 1.35 -4.76 4.80
CA VAL A 121 1.25 -6.20 4.92
C VAL A 121 1.68 -6.65 6.32
N GLU A 122 2.68 -5.98 6.86
CA GLU A 122 3.20 -6.30 8.17
C GLU A 122 2.22 -5.86 9.26
N ALA A 123 1.60 -4.71 9.06
CA ALA A 123 0.61 -4.20 10.00
C ALA A 123 -0.61 -5.10 10.04
N ALA A 124 -1.10 -5.49 8.87
CA ALA A 124 -2.27 -6.36 8.78
C ALA A 124 -2.00 -7.70 9.45
N LYS A 125 -0.80 -8.23 9.23
CA LYS A 125 -0.40 -9.50 9.82
C LYS A 125 -0.20 -9.37 11.33
N GLY A 126 0.53 -8.33 11.73
CA GLY A 126 0.89 -8.14 13.12
C GLY A 126 -0.30 -7.79 14.00
N ALA A 127 -1.31 -7.17 13.40
CA ALA A 127 -2.50 -6.77 14.14
C ALA A 127 -3.63 -7.78 13.95
N ALA A 128 -3.34 -8.87 13.25
CA ALA A 128 -4.34 -9.89 13.01
C ALA A 128 -4.62 -10.67 14.29
N ALA A 129 -3.66 -10.64 15.22
CA ALA A 129 -3.75 -11.35 16.49
C ALA A 129 -4.04 -12.83 16.27
N HIS A 130 -5.28 -13.25 16.52
CA HIS A 130 -5.67 -14.64 16.32
C HIS A 130 -7.19 -14.75 16.12
N PRO A 131 -7.64 -14.60 14.87
CA PRO A 131 -9.06 -14.68 14.53
C PRO A 131 -9.54 -16.13 14.36
N ASP A 132 -9.20 -16.97 15.33
CA ASP A 132 -9.53 -18.39 15.27
C ASP A 132 -10.98 -18.64 15.68
N SER A 133 -11.90 -17.95 15.03
CA SER A 133 -13.31 -18.09 15.27
C SER A 133 -14.08 -17.63 14.04
N GLU A 134 -15.11 -18.37 13.66
CA GLU A 134 -15.89 -18.05 12.47
C GLU A 134 -16.95 -17.01 12.81
N GLU A 135 -16.56 -15.75 12.76
CA GLU A 135 -17.47 -14.64 13.03
C GLU A 135 -18.02 -14.12 11.70
N GLN A 136 -18.77 -14.97 11.03
CA GLN A 136 -19.30 -14.66 9.71
C GLN A 136 -20.43 -13.64 9.79
N GLN A 137 -20.71 -13.01 8.66
CA GLN A 137 -21.80 -12.04 8.55
C GLN A 137 -21.51 -10.82 9.42
N GLN A 138 -22.47 -10.44 10.27
CA GLN A 138 -22.34 -9.25 11.11
C GLN A 138 -22.10 -8.01 10.26
N ARG A 139 -22.73 -8.00 9.09
CA ARG A 139 -22.59 -6.89 8.16
C ARG A 139 -23.96 -6.52 7.61
N GLY A 1 -21.10 -15.07 27.31
CA GLY A 1 -19.90 -15.01 28.17
C GLY A 1 -18.86 -14.08 27.59
N SER A 2 -17.81 -13.83 28.35
CA SER A 2 -16.72 -12.98 27.89
C SER A 2 -15.77 -13.77 26.99
N HIS A 3 -15.88 -13.56 25.69
CA HIS A 3 -15.07 -14.28 24.72
C HIS A 3 -14.80 -13.43 23.48
N MET A 4 -15.81 -12.68 23.06
CA MET A 4 -15.67 -11.82 21.89
C MET A 4 -15.18 -10.44 22.33
N GLN A 5 -13.94 -10.40 22.80
CA GLN A 5 -13.37 -9.17 23.32
C GLN A 5 -12.01 -8.89 22.69
N ALA A 6 -11.83 -7.65 22.26
CA ALA A 6 -10.55 -7.21 21.72
C ALA A 6 -9.95 -6.16 22.64
N ALA A 7 -10.42 -6.16 23.87
CA ALA A 7 -10.00 -5.17 24.87
C ALA A 7 -8.69 -5.58 25.54
N THR A 8 -7.83 -6.23 24.79
CA THR A 8 -6.51 -6.61 25.29
C THR A 8 -5.60 -5.39 25.33
N GLU A 9 -5.97 -4.37 24.57
CA GLU A 9 -5.25 -3.12 24.51
C GLU A 9 -6.17 -2.02 23.99
N ASP A 10 -5.72 -0.78 24.08
CA ASP A 10 -6.46 0.37 23.54
C ASP A 10 -6.83 0.12 22.08
N GLY A 11 -5.86 -0.31 21.30
CA GLY A 11 -6.10 -0.63 19.91
C GLY A 11 -4.82 -0.95 19.17
N GLN A 12 -4.95 -1.73 18.11
CA GLN A 12 -3.81 -2.02 17.25
C GLN A 12 -4.25 -2.03 15.80
N LEU A 13 -5.55 -2.05 15.58
CA LEU A 13 -6.11 -2.11 14.23
C LEU A 13 -5.87 -0.81 13.49
N LEU A 14 -6.34 0.30 14.03
CA LEU A 14 -6.17 1.59 13.40
C LEU A 14 -4.81 2.17 13.74
N ARG A 15 -4.26 1.74 14.88
CA ARG A 15 -2.96 2.22 15.33
C ARG A 15 -1.87 1.79 14.36
N GLY A 16 -1.79 0.49 14.09
CA GLY A 16 -0.76 -0.02 13.20
C GLY A 16 -1.23 -0.09 11.76
N VAL A 17 -2.26 -0.89 11.52
CA VAL A 17 -2.77 -1.09 10.16
C VAL A 17 -3.27 0.21 9.56
N GLY A 18 -3.96 1.00 10.38
CA GLY A 18 -4.45 2.30 9.93
C GLY A 18 -3.34 3.17 9.39
N ALA A 19 -2.29 3.34 10.19
CA ALA A 19 -1.14 4.13 9.79
C ALA A 19 -0.48 3.56 8.53
N ALA A 20 -0.31 2.25 8.51
CA ALA A 20 0.30 1.57 7.38
C ALA A 20 -0.52 1.76 6.10
N ALA A 21 -1.83 1.62 6.23
CA ALA A 21 -2.74 1.77 5.09
C ALA A 21 -2.77 3.20 4.61
N THR A 22 -2.72 4.15 5.54
CA THR A 22 -2.71 5.56 5.21
C THR A 22 -1.45 5.91 4.41
N ALA A 23 -0.34 5.29 4.80
CA ALA A 23 0.93 5.51 4.10
C ALA A 23 0.83 5.10 2.65
N VAL A 24 0.21 3.94 2.39
CA VAL A 24 0.01 3.46 1.03
C VAL A 24 -0.89 4.40 0.25
N THR A 25 -2.00 4.78 0.88
CA THR A 25 -2.98 5.67 0.26
C THR A 25 -2.33 6.99 -0.16
N GLN A 26 -1.47 7.53 0.69
CA GLN A 26 -0.79 8.78 0.40
C GLN A 26 0.33 8.59 -0.61
N ALA A 27 1.09 7.51 -0.47
CA ALA A 27 2.19 7.21 -1.38
C ALA A 27 1.67 6.99 -2.80
N LEU A 28 0.58 6.24 -2.91
CA LEU A 28 -0.05 5.97 -4.20
C LEU A 28 -0.53 7.28 -4.82
N ASN A 29 -1.15 8.12 -4.00
CA ASN A 29 -1.61 9.42 -4.46
C ASN A 29 -0.44 10.31 -4.86
N GLU A 30 0.66 10.17 -4.13
CA GLU A 30 1.90 10.89 -4.43
C GLU A 30 2.41 10.51 -5.81
N LEU A 31 2.41 9.21 -6.08
CA LEU A 31 2.89 8.68 -7.34
C LEU A 31 1.92 9.01 -8.47
N LEU A 32 0.63 8.84 -8.21
CA LEU A 32 -0.39 9.10 -9.22
C LEU A 32 -0.32 10.54 -9.73
N GLN A 33 -0.24 11.49 -8.80
CA GLN A 33 -0.15 12.90 -9.16
C GLN A 33 1.20 13.19 -9.83
N HIS A 34 2.22 12.42 -9.45
CA HIS A 34 3.56 12.61 -9.97
C HIS A 34 3.68 12.07 -11.39
N VAL A 35 3.28 10.82 -11.59
CA VAL A 35 3.38 10.17 -12.90
C VAL A 35 2.48 10.88 -13.91
N LYS A 36 1.37 11.43 -13.41
CA LYS A 36 0.39 12.12 -14.25
C LYS A 36 1.03 13.28 -15.03
N ALA A 37 2.09 13.85 -14.48
CA ALA A 37 2.75 14.98 -15.11
C ALA A 37 4.20 14.67 -15.46
N HIS A 38 4.79 13.72 -14.75
CA HIS A 38 6.21 13.43 -14.91
C HIS A 38 6.42 12.00 -15.37
N ALA A 39 6.18 11.78 -16.65
CA ALA A 39 6.39 10.49 -17.27
C ALA A 39 6.31 10.66 -18.77
N THR A 40 7.44 10.64 -19.42
CA THR A 40 7.44 10.85 -20.85
C THR A 40 7.26 9.53 -21.58
N GLY A 41 7.86 8.47 -21.04
CA GLY A 41 7.60 7.15 -21.58
C GLY A 41 8.84 6.35 -21.87
N ALA A 42 8.95 5.21 -21.21
CA ALA A 42 9.96 4.21 -21.53
C ALA A 42 9.35 2.81 -21.43
N GLY A 43 8.50 2.63 -20.43
CA GLY A 43 7.78 1.39 -20.29
C GLY A 43 6.32 1.55 -20.64
N PRO A 44 5.42 1.41 -19.66
CA PRO A 44 3.99 1.64 -19.87
C PRO A 44 3.68 3.10 -20.19
N ALA A 45 4.34 3.99 -19.44
CA ALA A 45 4.20 5.44 -19.60
C ALA A 45 2.78 5.92 -19.30
N GLY A 46 2.62 7.24 -19.31
CA GLY A 46 1.30 7.84 -19.12
C GLY A 46 0.79 7.70 -17.70
N ARG A 47 0.20 6.56 -17.41
CA ARG A 47 -0.39 6.30 -16.10
C ARG A 47 -0.55 4.81 -15.90
N TYR A 48 -0.59 4.38 -14.65
CA TYR A 48 -0.82 2.99 -14.32
C TYR A 48 -2.12 2.88 -13.54
N ASP A 49 -3.21 3.35 -14.16
CA ASP A 49 -4.50 3.47 -13.49
C ASP A 49 -5.00 2.14 -12.95
N GLN A 50 -4.82 1.08 -13.73
CA GLN A 50 -5.28 -0.24 -13.32
C GLN A 50 -4.53 -0.71 -12.10
N ALA A 51 -3.23 -0.39 -12.05
CA ALA A 51 -2.41 -0.75 -10.92
C ALA A 51 -2.83 0.01 -9.67
N THR A 52 -2.96 1.33 -9.81
CA THR A 52 -3.32 2.19 -8.70
C THR A 52 -4.73 1.87 -8.21
N ASP A 53 -5.63 1.62 -9.15
CA ASP A 53 -7.02 1.26 -8.82
C ASP A 53 -7.07 -0.01 -7.99
N THR A 54 -6.30 -1.01 -8.41
CA THR A 54 -6.24 -2.28 -7.71
C THR A 54 -5.76 -2.09 -6.27
N ILE A 55 -4.70 -1.30 -6.12
CA ILE A 55 -4.15 -1.02 -4.80
C ILE A 55 -5.13 -0.26 -3.93
N LEU A 56 -5.57 0.90 -4.41
CA LEU A 56 -6.45 1.78 -3.64
C LEU A 56 -7.71 1.04 -3.18
N THR A 57 -8.31 0.27 -4.07
CA THR A 57 -9.49 -0.51 -3.73
C THR A 57 -9.19 -1.47 -2.59
N VAL A 58 -7.98 -2.02 -2.58
CA VAL A 58 -7.56 -2.97 -1.55
C VAL A 58 -7.30 -2.25 -0.22
N THR A 59 -6.56 -1.15 -0.26
CA THR A 59 -6.26 -0.38 0.94
C THR A 59 -7.54 0.16 1.56
N GLU A 60 -8.42 0.69 0.70
CA GLU A 60 -9.72 1.15 1.13
C GLU A 60 -10.51 0.00 1.73
N ASN A 61 -10.38 -1.18 1.13
CA ASN A 61 -11.04 -2.39 1.63
C ASN A 61 -10.59 -2.71 3.05
N ILE A 62 -9.29 -2.62 3.28
CA ILE A 62 -8.72 -2.92 4.59
C ILE A 62 -9.32 -2.01 5.68
N PHE A 63 -9.60 -0.77 5.31
CA PHE A 63 -10.24 0.17 6.23
C PHE A 63 -11.66 -0.28 6.55
N SER A 64 -12.39 -0.69 5.52
CA SER A 64 -13.77 -1.14 5.69
C SER A 64 -13.83 -2.51 6.39
N SER A 65 -12.82 -3.34 6.15
CA SER A 65 -12.77 -4.67 6.73
C SER A 65 -11.93 -4.69 8.01
N MET A 66 -11.64 -3.49 8.53
CA MET A 66 -10.84 -3.36 9.74
C MET A 66 -11.51 -4.09 10.90
N GLY A 67 -10.81 -5.10 11.40
CA GLY A 67 -11.37 -5.94 12.44
C GLY A 67 -11.28 -7.39 12.04
N ASP A 68 -11.59 -7.65 10.77
CA ASP A 68 -11.43 -8.98 10.20
C ASP A 68 -10.00 -9.11 9.68
N ALA A 69 -9.07 -9.29 10.61
CA ALA A 69 -7.66 -9.38 10.27
C ALA A 69 -7.39 -10.50 9.28
N GLY A 70 -8.21 -11.54 9.32
CA GLY A 70 -8.05 -12.65 8.40
C GLY A 70 -8.23 -12.21 6.97
N GLU A 71 -9.29 -11.46 6.70
CA GLU A 71 -9.53 -10.91 5.38
C GLU A 71 -8.49 -9.81 5.08
N MET A 72 -8.18 -9.02 6.10
CA MET A 72 -7.21 -7.94 5.97
C MET A 72 -5.87 -8.45 5.47
N VAL A 73 -5.40 -9.56 6.05
CA VAL A 73 -4.15 -10.17 5.64
C VAL A 73 -4.21 -10.64 4.19
N ARG A 74 -5.35 -11.20 3.81
CA ARG A 74 -5.56 -11.65 2.44
C ARG A 74 -5.50 -10.47 1.48
N GLN A 75 -6.22 -9.42 1.83
CA GLN A 75 -6.24 -8.20 1.03
C GLN A 75 -4.84 -7.61 0.95
N ALA A 76 -4.14 -7.59 2.08
CA ALA A 76 -2.78 -7.08 2.14
C ALA A 76 -1.85 -7.89 1.25
N ARG A 77 -2.11 -9.20 1.13
CA ARG A 77 -1.33 -10.06 0.25
C ARG A 77 -1.52 -9.65 -1.20
N ILE A 78 -2.76 -9.31 -1.56
CA ILE A 78 -3.07 -8.80 -2.88
C ILE A 78 -2.40 -7.44 -3.09
N LEU A 79 -2.41 -6.63 -2.03
CA LEU A 79 -1.74 -5.33 -2.04
C LEU A 79 -0.26 -5.50 -2.37
N ALA A 80 0.40 -6.42 -1.67
CA ALA A 80 1.82 -6.70 -1.88
C ALA A 80 2.08 -7.09 -3.33
N GLN A 81 1.18 -7.88 -3.89
CA GLN A 81 1.28 -8.31 -5.28
C GLN A 81 1.13 -7.13 -6.24
N ALA A 82 0.07 -6.36 -6.04
CA ALA A 82 -0.26 -5.26 -6.93
C ALA A 82 0.81 -4.18 -6.94
N THR A 83 1.28 -3.79 -5.76
CA THR A 83 2.28 -2.74 -5.65
C THR A 83 3.63 -3.19 -6.22
N SER A 84 3.98 -4.46 -6.02
CA SER A 84 5.23 -4.97 -6.54
C SER A 84 5.26 -4.90 -8.07
N ASP A 85 4.09 -5.11 -8.67
CA ASP A 85 3.93 -5.01 -10.11
C ASP A 85 3.93 -3.54 -10.54
N LEU A 86 3.31 -2.70 -9.71
CA LEU A 86 3.25 -1.25 -9.98
C LEU A 86 4.64 -0.63 -9.96
N VAL A 87 5.38 -0.88 -8.88
CA VAL A 87 6.70 -0.29 -8.70
C VAL A 87 7.66 -0.71 -9.81
N ASN A 88 7.58 -1.97 -10.21
CA ASN A 88 8.46 -2.49 -11.25
C ASN A 88 8.18 -1.83 -12.60
N ALA A 89 6.92 -1.48 -12.83
CA ALA A 89 6.53 -0.79 -14.05
C ALA A 89 7.17 0.59 -14.11
N ILE A 90 7.06 1.32 -13.00
CA ILE A 90 7.67 2.65 -12.91
C ILE A 90 9.19 2.55 -12.95
N LYS A 91 9.71 1.46 -12.40
CA LYS A 91 11.15 1.20 -12.42
C LYS A 91 11.65 1.12 -13.86
N ALA A 92 10.92 0.39 -14.69
CA ALA A 92 11.29 0.24 -16.10
C ALA A 92 11.09 1.53 -16.86
N ASP A 93 10.07 2.29 -16.46
CA ASP A 93 9.77 3.58 -17.08
C ASP A 93 10.85 4.59 -16.77
N ALA A 94 11.20 4.70 -15.49
CA ALA A 94 12.21 5.65 -15.04
C ALA A 94 13.60 5.25 -15.53
N GLU A 95 13.76 3.98 -15.89
CA GLU A 95 15.03 3.47 -16.41
C GLU A 95 15.39 4.21 -17.69
N GLY A 96 14.39 4.54 -18.49
CA GLY A 96 14.64 5.24 -19.73
C GLY A 96 13.83 6.52 -19.83
N GLU A 97 13.73 7.23 -18.72
CA GLU A 97 13.01 8.50 -18.69
C GLU A 97 13.77 9.55 -19.49
N SER A 98 13.05 10.54 -19.99
CA SER A 98 13.66 11.61 -20.74
C SER A 98 14.34 12.59 -19.79
N ASP A 99 13.81 12.69 -18.57
CA ASP A 99 14.39 13.55 -17.55
C ASP A 99 15.08 12.70 -16.49
N LEU A 100 16.39 12.89 -16.36
CA LEU A 100 17.19 12.12 -15.41
C LEU A 100 16.94 12.58 -13.98
N GLU A 101 16.36 13.76 -13.86
CA GLU A 101 15.95 14.26 -12.55
C GLU A 101 14.64 13.61 -12.14
N ASN A 102 13.71 13.55 -13.09
CA ASN A 102 12.40 12.96 -12.86
C ASN A 102 12.51 11.49 -12.48
N SER A 103 13.45 10.78 -13.09
CA SER A 103 13.60 9.35 -12.84
C SER A 103 13.83 9.10 -11.35
N ARG A 104 14.67 9.92 -10.73
CA ARG A 104 14.94 9.79 -9.30
C ARG A 104 13.69 10.03 -8.49
N LYS A 105 12.92 11.05 -8.87
CA LYS A 105 11.64 11.34 -8.21
C LYS A 105 10.70 10.16 -8.34
N LEU A 106 10.65 9.62 -9.54
CA LEU A 106 9.76 8.52 -9.88
C LEU A 106 10.00 7.32 -8.99
N LEU A 107 11.26 6.95 -8.87
CA LEU A 107 11.64 5.78 -8.10
C LEU A 107 11.59 6.05 -6.61
N SER A 108 11.74 7.32 -6.23
CA SER A 108 11.64 7.71 -4.82
C SER A 108 10.23 7.44 -4.30
N ALA A 109 9.23 7.84 -5.09
CA ALA A 109 7.85 7.61 -4.74
C ALA A 109 7.52 6.12 -4.82
N ALA A 110 8.07 5.45 -5.82
CA ALA A 110 7.88 4.02 -6.00
C ALA A 110 8.44 3.24 -4.82
N LYS A 111 9.55 3.72 -4.26
CA LYS A 111 10.15 3.10 -3.09
C LYS A 111 9.20 3.15 -1.90
N ILE A 112 8.57 4.30 -1.71
CA ILE A 112 7.59 4.47 -0.64
C ILE A 112 6.40 3.56 -0.87
N LEU A 113 6.01 3.43 -2.14
CA LEU A 113 4.92 2.54 -2.54
C LEU A 113 5.17 1.13 -2.03
N ALA A 114 6.33 0.58 -2.39
CA ALA A 114 6.68 -0.79 -2.03
C ALA A 114 6.88 -0.93 -0.52
N ASP A 115 7.53 0.05 0.08
CA ASP A 115 7.83 0.02 1.51
C ASP A 115 6.55 0.06 2.34
N ALA A 116 5.68 1.02 2.05
CA ALA A 116 4.43 1.18 2.77
C ALA A 116 3.54 -0.05 2.59
N THR A 117 3.62 -0.67 1.43
CA THR A 117 2.87 -1.88 1.15
C THR A 117 3.35 -3.04 2.03
N ALA A 118 4.66 -3.15 2.21
CA ALA A 118 5.21 -4.17 3.09
C ALA A 118 4.82 -3.90 4.53
N LYS A 119 4.75 -2.61 4.87
CA LYS A 119 4.30 -2.20 6.19
C LYS A 119 2.84 -2.58 6.39
N MET A 120 2.05 -2.41 5.32
CA MET A 120 0.65 -2.80 5.34
C MET A 120 0.52 -4.29 5.65
N VAL A 121 1.24 -5.11 4.90
CA VAL A 121 1.22 -6.55 5.07
C VAL A 121 1.73 -6.93 6.46
N GLU A 122 2.76 -6.24 6.93
CA GLU A 122 3.36 -6.55 8.21
C GLU A 122 2.44 -6.16 9.37
N ALA A 123 1.89 -4.95 9.29
CA ALA A 123 1.02 -4.43 10.36
C ALA A 123 -0.30 -5.18 10.42
N ALA A 124 -0.85 -5.52 9.26
CA ALA A 124 -2.11 -6.24 9.19
C ALA A 124 -1.98 -7.62 9.81
N LYS A 125 -0.84 -8.26 9.57
CA LYS A 125 -0.57 -9.58 10.13
C LYS A 125 -0.24 -9.48 11.61
N GLY A 126 0.32 -8.34 12.00
CA GLY A 126 0.65 -8.10 13.39
C GLY A 126 -0.60 -7.94 14.24
N ALA A 127 -1.60 -7.24 13.70
CA ALA A 127 -2.84 -7.02 14.41
C ALA A 127 -3.87 -8.08 14.04
N ALA A 128 -3.41 -9.31 13.89
CA ALA A 128 -4.28 -10.42 13.53
C ALA A 128 -5.13 -10.88 14.71
N ALA A 129 -6.26 -10.20 14.89
CA ALA A 129 -7.24 -10.60 15.90
C ALA A 129 -8.17 -11.67 15.34
N HIS A 130 -8.11 -11.86 14.03
CA HIS A 130 -8.91 -12.86 13.34
C HIS A 130 -7.99 -13.83 12.61
N PRO A 131 -7.61 -14.94 13.25
CA PRO A 131 -6.75 -15.96 12.65
C PRO A 131 -7.37 -16.54 11.38
N ASP A 132 -6.57 -16.69 10.34
CA ASP A 132 -7.05 -17.26 9.08
C ASP A 132 -7.22 -18.78 9.22
N SER A 133 -8.24 -19.16 9.97
CA SER A 133 -8.57 -20.55 10.17
C SER A 133 -10.07 -20.74 10.04
N GLU A 134 -10.69 -19.81 9.33
CA GLU A 134 -12.14 -19.81 9.15
C GLU A 134 -12.54 -20.85 8.12
N GLU A 135 -11.75 -20.99 7.06
CA GLU A 135 -12.03 -21.94 5.98
C GLU A 135 -13.42 -21.70 5.40
N GLN A 136 -14.36 -22.54 5.80
CA GLN A 136 -15.76 -22.37 5.44
C GLN A 136 -16.61 -22.63 6.66
N GLN A 137 -17.65 -21.83 6.85
CA GLN A 137 -18.52 -21.94 8.02
C GLN A 137 -19.47 -23.14 7.88
N GLN A 138 -18.90 -24.33 7.90
CA GLN A 138 -19.67 -25.56 7.81
C GLN A 138 -18.93 -26.70 8.51
N ARG A 139 -19.68 -27.51 9.24
CA ARG A 139 -19.11 -28.66 9.94
C ARG A 139 -20.16 -29.73 10.08
#